data_2H6J
#
_entry.id   2H6J
#
_cell.length_a   149.437
_cell.length_b   210.714
_cell.length_c   248.126
_cell.angle_alpha   90.00
_cell.angle_beta   90.00
_cell.angle_gamma   90.00
#
_symmetry.space_group_name_H-M   'C 2 2 21'
#
loop_
_entity.id
_entity.type
_entity.pdbx_description
1 polymer 'Proteasome alpha-type subunit 1'
2 polymer 'Proteasome beta-type subunit 1'
3 water water
#
loop_
_entity_poly.entity_id
_entity_poly.type
_entity_poly.pdbx_seq_one_letter_code
_entity_poly.pdbx_strand_id
1 'polypeptide(L)'
;MTMPYYASAEQIMRDRSELARKGIARGRSVVVLTFRDGVLFVAENPSTALHKVSELYDRLGFAAVGKYNEFENLRRAGIV
HADMRGYSYDRRDVTGRSLANAYAQTLGTIFTEQPKPYEVEICVAEVGRVGSPKAPQLYRITYDGSIVDEQHFVVMGGTT
EPIATAMRESYRADLDLEAAVGIAVNALRQGGAGEGEKRNVDVASLEVAVLDQSRPRRAFRRIAGTALEQLVPAEPAAAS
ESAPEPKPDTETKPADTQD
;
A,B,C,D,E,F,G
2 'polypeptide(L)'
;MTADRPALRTGDRDTRLSFGSNLSSFTDYLRGHAPELLPENRIGHRSHSTRGGDGMESGDLAPHGTTIVALTYKGGVLLA
GDRRATQGNLIASRDVEKVYVTDEYSAAGIAGTAGIAIELVRLFAVELEHYEKIEGVPLTFDGKANRLASMVRGNLGAAM
QGLAVVPLLVGYDLDADDESRAGRIVSYDVVGGRYEERAGYHAVGSGSLAAKSALKKIYSPDSDEETALRAAIESLYDAA
DDDSATGGPDLTRGIYPTAVTITQAGAVHVSEETTSELARRIVAERTEQGGSAR
;
H,I,J,K,L,M,N
#
# COMPACT_ATOMS: atom_id res chain seq x y z
N ALA A 9 -7.29 -1.84 -40.31
CA ALA A 9 -6.87 -1.87 -38.87
C ALA A 9 -6.79 -0.45 -38.32
N GLU A 10 -7.77 -0.10 -37.51
CA GLU A 10 -7.91 1.21 -36.89
C GLU A 10 -9.40 1.47 -36.91
N GLN A 11 -9.99 1.18 -38.07
CA GLN A 11 -11.41 1.32 -38.27
C GLN A 11 -12.05 0.04 -37.72
N ILE A 12 -11.61 -0.28 -36.52
CA ILE A 12 -12.11 -1.41 -35.79
C ILE A 12 -13.41 -0.85 -35.27
N MET A 13 -13.41 0.47 -35.14
CA MET A 13 -14.58 1.22 -34.68
C MET A 13 -15.73 0.92 -35.63
N ARG A 14 -15.39 0.69 -36.90
CA ARG A 14 -16.40 0.34 -37.90
C ARG A 14 -16.97 -0.98 -37.45
N ASP A 15 -16.08 -1.96 -37.27
CA ASP A 15 -16.48 -3.28 -36.83
C ASP A 15 -17.29 -3.25 -35.56
N ARG A 16 -16.63 -2.99 -34.43
CA ARG A 16 -17.28 -2.94 -33.11
C ARG A 16 -18.66 -2.28 -33.27
N SER A 17 -18.65 -1.11 -33.90
CA SER A 17 -19.87 -0.37 -34.13
C SER A 17 -20.94 -1.33 -34.62
N GLU A 18 -20.69 -1.91 -35.79
CA GLU A 18 -21.63 -2.85 -36.41
C GLU A 18 -22.06 -3.92 -35.41
N LEU A 19 -21.10 -4.43 -34.65
CA LEU A 19 -21.39 -5.47 -33.68
C LEU A 19 -22.55 -5.06 -32.78
N ALA A 20 -22.55 -3.81 -32.33
CA ALA A 20 -23.61 -3.31 -31.47
C ALA A 20 -24.89 -3.06 -32.26
N ARG A 21 -24.79 -2.22 -33.27
CA ARG A 21 -25.94 -1.90 -34.12
C ARG A 21 -26.71 -3.18 -34.40
N LYS A 22 -25.98 -4.20 -34.84
CA LYS A 22 -26.57 -5.50 -35.17
C LYS A 22 -27.30 -6.16 -34.00
N GLY A 23 -26.60 -6.39 -32.90
CA GLY A 23 -27.27 -7.02 -31.76
C GLY A 23 -28.47 -6.24 -31.21
N ILE A 24 -28.43 -4.92 -31.40
CA ILE A 24 -29.51 -4.07 -30.92
C ILE A 24 -30.68 -4.37 -31.82
N ALA A 25 -30.47 -4.15 -33.11
CA ALA A 25 -31.49 -4.38 -34.13
C ALA A 25 -32.23 -5.72 -34.00
N ARG A 26 -31.48 -6.82 -33.91
CA ARG A 26 -32.08 -8.13 -33.82
C ARG A 26 -32.63 -8.34 -32.42
N GLY A 27 -33.54 -7.45 -32.01
CA GLY A 27 -34.14 -7.54 -30.67
C GLY A 27 -35.34 -6.63 -30.52
N ARG A 28 -36.25 -6.94 -29.59
CA ARG A 28 -37.45 -6.13 -29.38
C ARG A 28 -37.18 -4.59 -29.34
N SER A 29 -38.23 -3.76 -29.42
CA SER A 29 -38.04 -2.29 -29.44
C SER A 29 -38.67 -1.48 -28.31
N VAL A 30 -38.29 -0.21 -28.22
CA VAL A 30 -38.88 0.60 -27.19
C VAL A 30 -39.20 1.98 -27.67
N VAL A 31 -40.32 2.51 -27.17
CA VAL A 31 -40.80 3.86 -27.50
C VAL A 31 -41.07 4.65 -26.24
N VAL A 32 -40.60 5.90 -26.23
CA VAL A 32 -40.78 6.81 -25.11
C VAL A 32 -41.38 8.09 -25.67
N LEU A 33 -42.28 8.71 -24.92
CA LEU A 33 -42.90 9.92 -25.44
C LEU A 33 -43.27 11.02 -24.45
N THR A 34 -43.50 12.22 -24.98
CA THR A 34 -43.86 13.38 -24.18
C THR A 34 -45.35 13.66 -24.27
N PHE A 35 -46.04 13.73 -23.14
CA PHE A 35 -47.45 14.04 -23.17
C PHE A 35 -48.00 14.97 -22.09
N ARG A 36 -49.26 14.76 -21.72
CA ARG A 36 -49.94 15.58 -20.72
C ARG A 36 -49.50 15.31 -19.28
N ASP A 37 -49.60 14.07 -18.84
CA ASP A 37 -49.20 13.72 -17.48
C ASP A 37 -47.70 13.90 -17.26
N GLY A 38 -46.90 13.59 -18.27
CA GLY A 38 -45.46 13.72 -18.16
C GLY A 38 -44.64 12.93 -19.17
N VAL A 39 -44.47 11.62 -18.93
CA VAL A 39 -43.70 10.77 -19.83
C VAL A 39 -44.13 9.31 -19.80
N LEU A 40 -44.36 8.73 -20.97
CA LEU A 40 -44.81 7.35 -21.09
C LEU A 40 -43.79 6.38 -21.67
N PHE A 41 -43.67 5.25 -20.99
CA PHE A 41 -42.75 4.19 -21.39
C PHE A 41 -43.48 2.96 -21.85
N VAL A 42 -43.29 2.65 -23.13
CA VAL A 42 -43.89 1.47 -23.72
C VAL A 42 -42.80 0.70 -24.46
N ALA A 43 -42.63 -0.56 -24.07
CA ALA A 43 -41.64 -1.41 -24.67
C ALA A 43 -42.06 -2.88 -24.59
N GLU A 44 -41.83 -3.57 -25.68
CA GLU A 44 -42.13 -4.98 -25.82
C GLU A 44 -41.47 -5.86 -24.78
N ASN A 45 -42.17 -6.25 -23.74
CA ASN A 45 -41.51 -7.10 -22.78
C ASN A 45 -42.29 -8.34 -22.38
N PRO A 46 -41.98 -9.46 -23.03
CA PRO A 46 -42.63 -10.75 -22.76
C PRO A 46 -42.42 -11.20 -21.33
N SER A 47 -41.26 -10.83 -20.77
CA SER A 47 -40.93 -11.23 -19.41
C SER A 47 -41.95 -10.83 -18.37
N THR A 48 -42.09 -11.69 -17.38
CA THR A 48 -43.02 -11.44 -16.31
C THR A 48 -42.26 -10.90 -15.11
N ALA A 49 -40.93 -11.13 -15.07
CA ALA A 49 -40.10 -10.69 -13.93
C ALA A 49 -39.01 -9.65 -14.21
N LEU A 50 -38.36 -9.72 -15.38
CA LEU A 50 -37.29 -8.80 -15.70
C LEU A 50 -37.80 -7.62 -16.49
N HIS A 51 -37.68 -6.42 -15.91
CA HIS A 51 -38.15 -5.19 -16.59
C HIS A 51 -37.13 -4.61 -17.51
N LYS A 52 -37.56 -3.58 -18.21
CA LYS A 52 -36.71 -2.93 -19.18
C LYS A 52 -36.81 -1.41 -18.97
N VAL A 53 -37.71 -1.01 -18.08
CA VAL A 53 -37.87 0.39 -17.77
C VAL A 53 -37.86 0.45 -16.27
N SER A 54 -37.22 1.48 -15.73
CA SER A 54 -37.13 1.59 -14.29
C SER A 54 -37.16 3.02 -13.77
N GLU A 55 -37.46 3.15 -12.49
CA GLU A 55 -37.48 4.44 -11.86
C GLU A 55 -36.00 4.70 -11.74
N LEU A 56 -35.52 5.82 -12.24
CA LEU A 56 -34.10 6.09 -12.05
C LEU A 56 -34.00 7.00 -10.83
N TYR A 57 -34.93 7.95 -10.70
CA TYR A 57 -34.90 8.84 -9.56
C TYR A 57 -36.25 9.49 -9.25
N ASP A 58 -36.22 10.65 -8.60
CA ASP A 58 -37.42 11.38 -8.22
C ASP A 58 -38.19 11.81 -9.41
N ARG A 59 -37.49 12.35 -10.40
CA ARG A 59 -38.17 12.80 -11.60
C ARG A 59 -37.45 12.17 -12.77
N LEU A 60 -36.93 10.97 -12.57
CA LEU A 60 -36.19 10.36 -13.63
C LEU A 60 -36.60 8.93 -13.96
N GLY A 61 -36.75 8.67 -15.25
CA GLY A 61 -37.12 7.34 -15.69
C GLY A 61 -36.05 6.81 -16.62
N PHE A 62 -35.92 5.50 -16.67
CA PHE A 62 -34.90 4.90 -17.51
C PHE A 62 -35.42 3.70 -18.28
N ALA A 63 -34.97 3.61 -19.51
CA ALA A 63 -35.34 2.52 -20.39
C ALA A 63 -34.23 2.29 -21.42
N ALA A 64 -33.86 1.03 -21.60
CA ALA A 64 -32.81 0.67 -22.53
C ALA A 64 -33.20 -0.47 -23.47
N VAL A 65 -32.22 -0.98 -24.22
CA VAL A 65 -32.44 -2.09 -25.15
C VAL A 65 -31.11 -2.67 -25.50
N GLY A 66 -31.11 -3.97 -25.78
CA GLY A 66 -29.87 -4.63 -26.13
C GLY A 66 -29.68 -5.78 -25.19
N LYS A 67 -28.45 -6.24 -24.98
CA LYS A 67 -28.30 -7.35 -24.07
C LYS A 67 -28.67 -6.92 -22.65
N TYR A 68 -29.59 -7.65 -22.03
CA TYR A 68 -30.05 -7.36 -20.68
C TYR A 68 -28.92 -7.04 -19.74
N ASN A 69 -28.19 -8.06 -19.32
CA ASN A 69 -27.10 -7.87 -18.38
C ASN A 69 -26.31 -6.59 -18.64
N GLU A 70 -26.06 -6.28 -19.91
CA GLU A 70 -25.32 -5.08 -20.21
C GLU A 70 -26.06 -3.76 -19.88
N PHE A 71 -27.34 -3.62 -20.17
CA PHE A 71 -28.00 -2.35 -19.77
C PHE A 71 -28.49 -2.43 -18.32
N GLU A 72 -28.64 -3.65 -17.79
CA GLU A 72 -29.07 -3.83 -16.40
C GLU A 72 -28.07 -3.08 -15.54
N ASN A 73 -26.79 -3.36 -15.77
CA ASN A 73 -25.69 -2.71 -15.09
C ASN A 73 -25.95 -1.20 -15.21
N LEU A 74 -25.78 -0.68 -16.42
CA LEU A 74 -25.98 0.74 -16.68
C LEU A 74 -27.19 1.29 -15.97
N ARG A 75 -28.18 0.45 -15.73
CA ARG A 75 -29.37 0.94 -15.03
C ARG A 75 -28.95 1.17 -13.59
N ARG A 76 -28.47 0.11 -12.95
CA ARG A 76 -28.03 0.19 -11.57
C ARG A 76 -27.03 1.33 -11.45
N ALA A 77 -25.97 1.26 -12.22
CA ALA A 77 -24.99 2.32 -12.18
C ALA A 77 -25.66 3.70 -12.15
N GLY A 78 -26.76 3.85 -12.84
CA GLY A 78 -27.37 5.16 -12.79
C GLY A 78 -28.00 5.35 -11.41
N ILE A 79 -28.91 4.44 -11.07
CA ILE A 79 -29.61 4.43 -9.78
C ILE A 79 -28.62 4.91 -8.73
N VAL A 80 -27.43 4.32 -8.75
CA VAL A 80 -26.43 4.74 -7.81
C VAL A 80 -26.01 6.16 -8.09
N HIS A 81 -25.34 6.38 -9.21
CA HIS A 81 -24.93 7.73 -9.53
C HIS A 81 -25.98 8.83 -9.23
N ALA A 82 -27.25 8.46 -9.12
CA ALA A 82 -28.28 9.46 -8.84
C ALA A 82 -28.36 9.68 -7.34
N ASP A 83 -28.54 8.56 -6.66
CA ASP A 83 -28.62 8.55 -5.22
C ASP A 83 -27.41 9.30 -4.67
N MET A 84 -26.23 8.99 -5.20
CA MET A 84 -25.02 9.65 -4.78
C MET A 84 -25.20 11.14 -4.80
N ARG A 85 -25.60 11.69 -5.92
CA ARG A 85 -25.77 13.13 -5.99
C ARG A 85 -26.87 13.70 -5.07
N GLY A 86 -27.93 12.92 -4.88
CA GLY A 86 -29.01 13.40 -4.03
C GLY A 86 -28.60 13.48 -2.58
N TYR A 87 -27.73 12.55 -2.20
CA TYR A 87 -27.21 12.44 -0.85
C TYR A 87 -26.15 13.46 -0.67
N SER A 88 -25.24 13.52 -1.63
CA SER A 88 -24.12 14.44 -1.58
C SER A 88 -24.52 15.90 -1.64
N TYR A 89 -25.60 16.19 -2.35
CA TYR A 89 -26.06 17.56 -2.44
C TYR A 89 -27.50 17.69 -1.98
N ASP A 90 -28.43 17.55 -2.92
CA ASP A 90 -29.84 17.62 -2.59
C ASP A 90 -30.60 17.03 -3.73
N ARG A 91 -31.50 16.10 -3.43
CA ARG A 91 -32.31 15.44 -4.44
C ARG A 91 -32.73 16.40 -5.52
N ARG A 92 -32.91 17.66 -5.11
CA ARG A 92 -33.34 18.76 -5.95
C ARG A 92 -32.30 19.15 -6.98
N ASP A 93 -31.10 18.56 -6.89
CA ASP A 93 -30.03 18.84 -7.85
C ASP A 93 -29.75 17.66 -8.80
N VAL A 94 -30.42 16.54 -8.57
CA VAL A 94 -30.26 15.41 -9.45
C VAL A 94 -31.03 15.77 -10.72
N THR A 95 -30.37 15.76 -11.87
CA THR A 95 -31.08 16.09 -13.09
C THR A 95 -30.99 14.96 -14.09
N GLY A 96 -31.56 15.17 -15.28
CA GLY A 96 -31.54 14.21 -16.35
C GLY A 96 -30.25 14.37 -17.14
N ARG A 97 -29.88 15.63 -17.38
CA ARG A 97 -28.66 15.97 -18.09
C ARG A 97 -27.44 15.32 -17.46
N SER A 98 -27.40 15.32 -16.13
CA SER A 98 -26.30 14.70 -15.41
C SER A 98 -26.20 13.24 -15.78
N LEU A 99 -27.24 12.47 -15.49
CA LEU A 99 -27.24 11.04 -15.81
C LEU A 99 -27.06 10.74 -17.29
N ALA A 100 -27.45 11.70 -18.13
CA ALA A 100 -27.29 11.53 -19.56
C ALA A 100 -25.80 11.49 -19.74
N ASN A 101 -25.15 12.67 -19.62
CA ASN A 101 -23.70 12.78 -19.75
C ASN A 101 -23.01 11.57 -19.14
N ALA A 102 -23.28 11.34 -17.86
CA ALA A 102 -22.69 10.22 -17.18
C ALA A 102 -22.67 9.06 -18.12
N TYR A 103 -23.85 8.54 -18.44
CA TYR A 103 -23.96 7.42 -19.34
C TYR A 103 -23.15 7.57 -20.60
N ALA A 104 -23.21 8.76 -21.18
CA ALA A 104 -22.47 9.03 -22.40
C ALA A 104 -21.03 8.61 -22.17
N GLN A 105 -20.41 9.29 -21.22
CA GLN A 105 -19.03 9.02 -20.90
C GLN A 105 -18.78 7.53 -20.66
N THR A 106 -19.64 6.87 -19.92
CA THR A 106 -19.41 5.47 -19.65
C THR A 106 -19.40 4.62 -20.88
N LEU A 107 -20.47 4.74 -21.65
CA LEU A 107 -20.56 3.90 -22.81
C LEU A 107 -19.42 4.23 -23.71
N GLY A 108 -19.21 5.52 -23.96
CA GLY A 108 -18.13 5.93 -24.83
C GLY A 108 -16.80 5.26 -24.48
N THR A 109 -16.56 5.05 -23.20
CA THR A 109 -15.32 4.45 -22.76
C THR A 109 -15.36 2.98 -23.06
N ILE A 110 -16.47 2.37 -22.67
CA ILE A 110 -16.68 0.96 -22.89
C ILE A 110 -16.37 0.62 -24.34
N PHE A 111 -17.02 1.36 -25.24
CA PHE A 111 -16.87 1.21 -26.65
C PHE A 111 -15.41 1.20 -27.01
N THR A 112 -14.70 2.24 -26.62
CA THR A 112 -13.26 2.34 -26.89
C THR A 112 -12.38 1.32 -26.19
N GLU A 113 -12.71 0.93 -24.97
CA GLU A 113 -11.78 0.08 -24.25
C GLU A 113 -12.16 -1.36 -23.92
N GLN A 114 -13.40 -1.58 -23.49
CA GLN A 114 -13.84 -2.92 -23.13
C GLN A 114 -13.51 -3.86 -24.29
N PRO A 115 -13.30 -5.14 -24.01
CA PRO A 115 -12.99 -6.09 -25.08
C PRO A 115 -14.16 -6.23 -26.02
N LYS A 116 -15.37 -5.96 -25.56
CA LYS A 116 -16.52 -6.04 -26.46
C LYS A 116 -17.42 -4.90 -26.11
N PRO A 117 -17.80 -4.08 -27.11
CA PRO A 117 -18.68 -2.93 -26.88
C PRO A 117 -19.97 -3.40 -26.25
N TYR A 118 -20.75 -2.44 -25.76
CA TYR A 118 -21.99 -2.81 -25.13
C TYR A 118 -23.12 -2.73 -26.12
N GLU A 119 -23.78 -3.86 -26.35
CA GLU A 119 -24.90 -3.91 -27.27
C GLU A 119 -26.09 -3.29 -26.54
N VAL A 120 -26.10 -1.97 -26.49
CA VAL A 120 -27.14 -1.24 -25.78
C VAL A 120 -27.52 0.14 -26.41
N GLU A 121 -28.71 0.59 -26.09
CA GLU A 121 -29.23 1.86 -26.52
C GLU A 121 -30.03 2.22 -25.27
N ILE A 122 -29.77 3.40 -24.68
CA ILE A 122 -30.44 3.83 -23.46
C ILE A 122 -31.20 5.14 -23.54
N CYS A 123 -32.30 5.22 -22.81
CA CYS A 123 -33.11 6.43 -22.78
C CYS A 123 -33.40 6.90 -21.38
N VAL A 124 -32.98 8.13 -21.08
CA VAL A 124 -33.17 8.74 -19.77
C VAL A 124 -34.18 9.83 -19.95
N ALA A 125 -35.20 9.85 -19.10
CA ALA A 125 -36.24 10.87 -19.17
C ALA A 125 -36.51 11.52 -17.83
N GLU A 126 -36.64 12.84 -17.86
CA GLU A 126 -36.91 13.59 -16.64
C GLU A 126 -38.14 14.44 -16.89
N VAL A 127 -39.13 14.31 -16.01
CA VAL A 127 -40.36 15.07 -16.13
C VAL A 127 -40.31 16.14 -15.07
N GLY A 128 -40.25 17.41 -15.48
CA GLY A 128 -40.21 18.54 -14.55
C GLY A 128 -40.65 18.33 -13.08
N ARG A 129 -40.24 19.23 -12.17
CA ARG A 129 -40.61 19.09 -10.76
C ARG A 129 -42.11 18.93 -10.51
N VAL A 130 -42.59 19.23 -9.30
CA VAL A 130 -44.03 19.08 -9.04
C VAL A 130 -44.78 20.40 -9.05
N GLY A 131 -44.63 21.15 -10.13
CA GLY A 131 -45.31 22.42 -10.22
C GLY A 131 -45.02 23.22 -11.48
N SER A 132 -43.83 23.80 -11.58
CA SER A 132 -43.46 24.62 -12.74
C SER A 132 -43.95 24.14 -14.10
N PRO A 133 -44.09 25.08 -15.06
CA PRO A 133 -44.53 24.88 -16.43
C PRO A 133 -43.47 24.32 -17.35
N LYS A 134 -42.56 23.52 -16.80
CA LYS A 134 -41.50 22.97 -17.63
C LYS A 134 -41.89 21.66 -18.30
N ALA A 135 -41.62 21.60 -19.59
CA ALA A 135 -41.96 20.42 -20.39
C ALA A 135 -40.89 19.36 -20.31
N PRO A 136 -41.30 18.10 -20.06
CA PRO A 136 -40.36 16.97 -19.97
C PRO A 136 -39.19 17.00 -20.96
N GLN A 137 -38.13 16.28 -20.62
CA GLN A 137 -36.95 16.20 -21.45
C GLN A 137 -36.58 14.72 -21.63
N LEU A 138 -36.13 14.38 -22.84
CA LEU A 138 -35.76 13.02 -23.17
C LEU A 138 -34.34 12.90 -23.65
N TYR A 139 -33.70 11.82 -23.21
CA TYR A 139 -32.33 11.56 -23.57
C TYR A 139 -32.11 10.13 -24.11
N ARG A 140 -31.34 10.04 -25.20
CA ARG A 140 -31.02 8.78 -25.83
C ARG A 140 -29.52 8.72 -26.00
N ILE A 141 -28.90 7.70 -25.45
CA ILE A 141 -27.47 7.52 -25.54
C ILE A 141 -27.18 6.20 -26.24
N THR A 142 -26.33 6.25 -27.28
CA THR A 142 -25.99 5.05 -28.03
C THR A 142 -24.77 4.30 -27.52
N TYR A 143 -24.68 3.04 -27.94
CA TYR A 143 -23.60 2.12 -27.60
C TYR A 143 -22.20 2.70 -27.74
N ASP A 144 -22.05 3.86 -28.38
CA ASP A 144 -20.72 4.42 -28.55
C ASP A 144 -20.58 5.77 -27.89
N GLY A 145 -21.55 6.16 -27.10
CA GLY A 145 -21.45 7.44 -26.44
C GLY A 145 -22.01 8.64 -27.19
N SER A 146 -23.22 8.47 -27.72
CA SER A 146 -23.86 9.56 -28.45
C SER A 146 -25.15 9.94 -27.76
N ILE A 147 -25.32 11.23 -27.51
CA ILE A 147 -26.55 11.68 -26.87
C ILE A 147 -27.23 12.70 -27.73
N VAL A 148 -28.55 12.78 -27.55
CA VAL A 148 -29.37 13.71 -28.27
C VAL A 148 -30.48 14.15 -27.36
N ASP A 149 -30.85 15.41 -27.51
CA ASP A 149 -31.90 16.02 -26.73
C ASP A 149 -33.23 15.95 -27.44
N GLU A 150 -33.98 14.88 -27.20
CA GLU A 150 -35.28 14.71 -27.82
C GLU A 150 -36.37 15.29 -26.90
N GLN A 151 -37.15 16.23 -27.43
CA GLN A 151 -38.22 16.87 -26.63
C GLN A 151 -39.58 16.26 -26.85
N HIS A 152 -39.71 15.53 -27.94
CA HIS A 152 -40.97 14.93 -28.28
C HIS A 152 -41.06 13.46 -27.90
N PHE A 153 -40.55 12.58 -28.74
CA PHE A 153 -40.64 11.15 -28.48
C PHE A 153 -39.32 10.50 -28.88
N VAL A 154 -39.12 9.26 -28.45
CA VAL A 154 -37.89 8.53 -28.79
C VAL A 154 -38.18 7.06 -29.06
N VAL A 155 -37.45 6.50 -30.01
CA VAL A 155 -37.62 5.10 -30.36
C VAL A 155 -36.26 4.42 -30.54
N MET A 156 -36.17 3.19 -30.07
CA MET A 156 -34.92 2.45 -30.17
C MET A 156 -35.22 0.97 -30.12
N GLY A 157 -34.29 0.18 -30.65
CA GLY A 157 -34.44 -1.27 -30.66
C GLY A 157 -34.96 -1.77 -32.00
N GLY A 158 -34.77 -3.07 -32.25
CA GLY A 158 -35.22 -3.69 -33.48
C GLY A 158 -35.08 -2.78 -34.68
N THR A 159 -36.11 -2.78 -35.52
CA THR A 159 -36.13 -1.96 -36.72
C THR A 159 -36.90 -0.68 -36.39
N THR A 160 -36.15 0.40 -36.24
CA THR A 160 -36.74 1.68 -35.91
C THR A 160 -37.47 2.38 -37.06
N GLU A 161 -36.89 2.35 -38.26
CA GLU A 161 -37.46 3.02 -39.45
C GLU A 161 -38.99 3.06 -39.52
N PRO A 162 -39.64 1.90 -39.59
CA PRO A 162 -41.11 1.90 -39.65
C PRO A 162 -41.74 2.62 -38.46
N ILE A 163 -41.44 2.14 -37.26
CA ILE A 163 -41.95 2.68 -36.01
C ILE A 163 -41.59 4.15 -35.84
N ALA A 164 -40.40 4.49 -36.32
CA ALA A 164 -39.89 5.84 -36.25
C ALA A 164 -40.84 6.79 -36.96
N THR A 165 -40.96 6.61 -38.27
CA THR A 165 -41.84 7.45 -39.05
C THR A 165 -43.29 7.31 -38.61
N ALA A 166 -43.69 6.10 -38.21
CA ALA A 166 -45.05 5.83 -37.73
C ALA A 166 -45.44 6.78 -36.60
N MET A 167 -44.45 7.51 -36.10
CA MET A 167 -44.65 8.44 -35.02
C MET A 167 -44.47 9.85 -35.54
N ARG A 168 -43.45 10.05 -36.36
CA ARG A 168 -43.19 11.37 -36.92
C ARG A 168 -44.55 11.90 -37.38
N GLU A 169 -45.34 11.02 -37.98
CA GLU A 169 -46.67 11.35 -38.49
C GLU A 169 -47.69 10.67 -37.58
N SER A 170 -47.74 11.11 -36.32
CA SER A 170 -48.67 10.52 -35.34
C SER A 170 -48.51 11.14 -33.96
N TYR A 171 -47.65 12.15 -33.86
CA TYR A 171 -47.38 12.80 -32.59
C TYR A 171 -48.12 14.11 -32.36
N ARG A 172 -48.66 14.25 -31.15
CA ARG A 172 -49.41 15.42 -30.75
C ARG A 172 -49.17 15.76 -29.29
N ALA A 173 -48.84 17.03 -29.07
CA ALA A 173 -48.57 17.57 -27.76
C ALA A 173 -49.83 17.46 -26.90
N ASP A 174 -49.69 17.66 -25.60
CA ASP A 174 -50.81 17.58 -24.66
C ASP A 174 -51.63 16.32 -24.84
N LEU A 175 -51.07 15.41 -25.62
CA LEU A 175 -51.68 14.13 -25.93
C LEU A 175 -52.16 13.40 -24.67
N ASP A 176 -53.43 13.06 -24.64
CA ASP A 176 -54.01 12.35 -23.52
C ASP A 176 -53.17 11.07 -23.29
N LEU A 177 -53.29 10.49 -22.10
CA LEU A 177 -52.55 9.26 -21.75
C LEU A 177 -53.07 8.06 -22.53
N GLU A 178 -54.38 7.83 -22.47
CA GLU A 178 -55.02 6.71 -23.16
C GLU A 178 -54.70 6.77 -24.66
N ALA A 179 -54.69 7.99 -25.19
CA ALA A 179 -54.39 8.21 -26.60
C ALA A 179 -52.90 8.08 -26.88
N ALA A 180 -52.08 8.61 -25.99
CA ALA A 180 -50.64 8.52 -26.15
C ALA A 180 -50.21 7.06 -26.19
N VAL A 181 -50.91 6.21 -25.45
CA VAL A 181 -50.60 4.79 -25.44
C VAL A 181 -50.87 4.20 -26.83
N GLY A 182 -51.96 4.68 -27.45
CA GLY A 182 -52.32 4.25 -28.78
C GLY A 182 -51.24 4.64 -29.77
N ILE A 183 -51.04 5.95 -29.91
CA ILE A 183 -50.02 6.51 -30.80
C ILE A 183 -48.79 5.63 -30.85
N ALA A 184 -48.32 5.26 -29.67
CA ALA A 184 -47.14 4.44 -29.54
C ALA A 184 -47.38 2.96 -29.85
N VAL A 185 -48.26 2.34 -29.07
CA VAL A 185 -48.54 0.93 -29.27
C VAL A 185 -48.80 0.60 -30.75
N ASN A 186 -49.37 1.56 -31.46
CA ASN A 186 -49.67 1.39 -32.88
C ASN A 186 -48.37 1.31 -33.68
N ALA A 187 -47.64 2.43 -33.71
CA ALA A 187 -46.36 2.50 -34.43
C ALA A 187 -45.49 1.25 -34.17
N LEU A 188 -45.56 0.72 -32.95
CA LEU A 188 -44.81 -0.47 -32.55
C LEU A 188 -45.26 -1.69 -33.35
N ARG A 189 -46.55 -1.76 -33.61
CA ARG A 189 -47.13 -2.84 -34.38
C ARG A 189 -46.69 -2.65 -35.83
N GLN A 190 -46.46 -1.39 -36.21
CA GLN A 190 -46.03 -1.08 -37.56
C GLN A 190 -44.54 -1.42 -37.83
N GLY A 191 -44.17 -2.67 -37.59
CA GLY A 191 -42.79 -3.10 -37.79
C GLY A 191 -42.56 -4.51 -37.25
N GLY A 192 -43.59 -5.06 -36.62
CA GLY A 192 -43.51 -6.39 -36.05
C GLY A 192 -44.78 -6.80 -35.31
N VAL A 201 -48.07 -10.46 -30.97
CA VAL A 201 -47.41 -9.39 -31.73
C VAL A 201 -47.62 -8.02 -31.08
N ASP A 202 -48.74 -7.87 -30.37
CA ASP A 202 -49.07 -6.59 -29.71
C ASP A 202 -50.03 -6.79 -28.54
N VAL A 203 -49.96 -7.98 -27.93
CA VAL A 203 -50.82 -8.33 -26.79
C VAL A 203 -50.44 -7.49 -25.57
N ALA A 204 -51.21 -7.59 -24.50
CA ALA A 204 -50.94 -6.87 -23.26
C ALA A 204 -49.84 -7.64 -22.56
N SER A 205 -48.84 -7.99 -23.37
CA SER A 205 -47.66 -8.72 -22.94
C SER A 205 -46.40 -7.90 -23.27
N LEU A 206 -46.28 -6.79 -22.54
CA LEU A 206 -45.17 -5.85 -22.63
C LEU A 206 -45.20 -5.16 -21.27
N GLU A 207 -44.30 -4.21 -21.06
CA GLU A 207 -44.28 -3.49 -19.80
C GLU A 207 -44.38 -2.01 -20.11
N VAL A 208 -45.24 -1.35 -19.36
CA VAL A 208 -45.45 0.06 -19.55
C VAL A 208 -45.47 0.75 -18.23
N ALA A 209 -44.97 1.98 -18.23
CA ALA A 209 -44.96 2.78 -17.02
C ALA A 209 -44.93 4.24 -17.41
N VAL A 210 -45.07 5.11 -16.43
CA VAL A 210 -45.06 6.52 -16.72
C VAL A 210 -44.55 7.40 -15.57
N LEU A 211 -43.96 8.52 -15.98
CA LEU A 211 -43.41 9.48 -15.07
C LEU A 211 -44.48 10.55 -14.94
N ASP A 212 -45.31 10.41 -13.91
CA ASP A 212 -46.43 11.30 -13.64
C ASP A 212 -46.08 12.63 -12.99
N GLN A 213 -46.03 13.68 -13.78
CA GLN A 213 -45.68 15.00 -13.24
C GLN A 213 -46.64 15.47 -12.16
N SER A 214 -47.69 14.70 -11.95
CA SER A 214 -48.68 15.04 -10.95
C SER A 214 -48.04 14.77 -9.59
N ARG A 215 -47.55 13.55 -9.43
CA ARG A 215 -46.93 13.13 -8.20
C ARG A 215 -46.01 14.21 -7.65
N PRO A 216 -45.85 14.26 -6.32
CA PRO A 216 -45.01 15.22 -5.61
C PRO A 216 -43.54 14.78 -5.42
N ARG A 217 -43.33 13.46 -5.25
CA ARG A 217 -41.99 12.89 -5.08
C ARG A 217 -41.70 11.88 -6.19
N ARG A 218 -41.80 10.59 -5.85
CA ARG A 218 -41.56 9.45 -6.75
C ARG A 218 -41.77 9.69 -8.24
N ALA A 219 -42.93 10.20 -8.62
CA ALA A 219 -43.27 10.53 -10.02
C ALA A 219 -43.19 9.39 -11.06
N PHE A 220 -42.91 8.17 -10.62
CA PHE A 220 -42.81 7.06 -11.55
C PHE A 220 -43.64 5.88 -11.06
N ARG A 221 -44.59 5.47 -11.89
CA ARG A 221 -45.46 4.34 -11.59
C ARG A 221 -45.59 3.52 -12.85
N ARG A 222 -45.83 2.23 -12.70
CA ARG A 222 -45.97 1.35 -13.87
C ARG A 222 -47.45 1.02 -14.01
N ILE A 223 -47.93 0.96 -15.25
CA ILE A 223 -49.33 0.63 -15.50
C ILE A 223 -49.43 -0.89 -15.48
N ALA A 224 -50.06 -1.44 -14.44
CA ALA A 224 -50.19 -2.88 -14.29
C ALA A 224 -50.97 -3.50 -15.45
N GLY A 225 -51.53 -4.67 -15.21
CA GLY A 225 -52.29 -5.34 -16.25
C GLY A 225 -53.76 -4.93 -16.33
N THR A 226 -54.51 -5.23 -15.28
CA THR A 226 -55.94 -4.92 -15.21
C THR A 226 -56.30 -3.53 -15.70
N ALA A 227 -55.34 -2.60 -15.68
CA ALA A 227 -55.64 -1.23 -16.11
C ALA A 227 -55.01 -0.84 -17.46
N LEU A 228 -54.16 -1.72 -17.98
CA LEU A 228 -53.50 -1.47 -19.26
C LEU A 228 -54.50 -1.77 -20.38
N GLU A 229 -55.29 -2.83 -20.18
CA GLU A 229 -56.31 -3.24 -21.14
C GLU A 229 -56.91 -2.00 -21.77
N GLN A 230 -57.66 -1.28 -20.94
CA GLN A 230 -58.36 -0.05 -21.29
C GLN A 230 -57.43 1.08 -21.73
N LEU A 231 -56.45 0.79 -22.57
CA LEU A 231 -55.51 1.80 -23.04
C LEU A 231 -54.88 1.43 -24.38
N VAL A 232 -54.57 0.15 -24.52
CA VAL A 232 -53.94 -0.37 -25.73
C VAL A 232 -55.00 -0.80 -26.76
N PRO A 233 -54.94 -0.26 -28.01
CA PRO A 233 -55.88 -0.59 -29.09
C PRO A 233 -55.64 -1.94 -29.77
N ALA A 234 -56.71 -2.66 -30.07
CA ALA A 234 -56.61 -3.98 -30.71
C ALA A 234 -56.16 -3.86 -32.17
N GLU A 235 -56.35 -4.94 -32.93
CA GLU A 235 -55.94 -5.01 -34.35
C GLU A 235 -56.75 -4.20 -35.39
N ALA B 9 3.43 -0.49 -40.49
CA ALA B 9 3.41 -0.70 -38.99
C ALA B 9 4.40 0.21 -38.25
N GLU B 10 3.91 1.35 -37.80
CA GLU B 10 4.71 2.34 -37.09
C GLU B 10 4.03 3.65 -37.44
N GLN B 11 3.67 3.79 -38.71
CA GLN B 11 2.95 4.94 -39.22
C GLN B 11 1.49 4.56 -38.98
N ILE B 12 1.23 4.14 -37.76
CA ILE B 12 -0.10 3.81 -37.33
C ILE B 12 -0.61 5.23 -37.05
N MET B 13 0.32 6.13 -36.72
CA MET B 13 -0.02 7.52 -36.46
C MET B 13 -0.75 8.06 -37.70
N ARG B 14 -0.29 7.68 -38.88
CA ARG B 14 -0.95 8.06 -40.12
C ARG B 14 -2.41 7.64 -39.98
N ASP B 15 -2.64 6.36 -39.71
CA ASP B 15 -4.00 5.84 -39.55
C ASP B 15 -4.80 6.57 -38.49
N ARG B 16 -4.38 6.44 -37.23
CA ARG B 16 -5.07 7.09 -36.11
C ARG B 16 -5.41 8.48 -36.51
N SER B 17 -4.39 9.22 -36.92
CA SER B 17 -4.53 10.58 -37.39
C SER B 17 -5.77 10.76 -38.28
N GLU B 18 -5.82 9.98 -39.36
CA GLU B 18 -6.93 10.03 -40.29
C GLU B 18 -8.25 9.84 -39.53
N LEU B 19 -8.32 8.80 -38.73
CA LEU B 19 -9.53 8.50 -37.95
C LEU B 19 -10.13 9.74 -37.28
N ALA B 20 -9.29 10.58 -36.68
CA ALA B 20 -9.77 11.79 -36.01
C ALA B 20 -10.16 12.79 -37.06
N ARG B 21 -9.22 13.14 -37.91
CA ARG B 21 -9.53 14.10 -38.97
C ARG B 21 -10.91 13.84 -39.59
N LYS B 22 -11.10 12.61 -40.06
CA LYS B 22 -12.34 12.19 -40.68
C LYS B 22 -13.51 12.40 -39.72
N GLY B 23 -13.36 11.98 -38.48
CA GLY B 23 -14.44 12.15 -37.52
C GLY B 23 -14.79 13.60 -37.25
N ILE B 24 -13.78 14.44 -37.27
CA ILE B 24 -13.99 15.85 -37.03
C ILE B 24 -14.69 16.45 -38.27
N ALA B 25 -14.12 16.15 -39.43
CA ALA B 25 -14.63 16.62 -40.70
C ALA B 25 -16.11 16.30 -40.87
N ARG B 26 -16.47 15.03 -40.75
CA ARG B 26 -17.87 14.66 -40.91
C ARG B 26 -18.75 15.17 -39.76
N GLY B 27 -18.65 16.45 -39.43
CA GLY B 27 -19.46 16.99 -38.35
C GLY B 27 -19.57 18.50 -38.39
N ARG B 28 -20.62 19.05 -37.76
CA ARG B 28 -20.88 20.50 -37.72
C ARG B 28 -19.61 21.37 -37.44
N SER B 29 -19.62 22.66 -37.78
CA SER B 29 -18.42 23.51 -37.56
C SER B 29 -18.47 24.71 -36.57
N VAL B 30 -17.29 25.22 -36.21
CA VAL B 30 -17.26 26.34 -35.27
C VAL B 30 -16.28 27.43 -35.69
N VAL B 31 -16.66 28.66 -35.32
CA VAL B 31 -15.87 29.83 -35.62
C VAL B 31 -15.77 30.66 -34.37
N VAL B 32 -14.56 31.08 -34.06
CA VAL B 32 -14.29 31.90 -32.90
C VAL B 32 -13.55 33.11 -33.44
N LEU B 33 -13.87 34.30 -32.91
CA LEU B 33 -13.23 35.52 -33.39
C LEU B 33 -12.88 36.61 -32.38
N THR B 34 -12.00 37.48 -32.82
CA THR B 34 -11.51 38.61 -32.02
C THR B 34 -12.20 39.88 -32.46
N PHE B 35 -12.86 40.58 -31.54
CA PHE B 35 -13.49 41.82 -31.94
C PHE B 35 -13.39 42.94 -30.91
N ARG B 36 -14.44 43.76 -30.77
CA ARG B 36 -14.48 44.93 -29.87
C ARG B 36 -14.73 44.66 -28.38
N ASP B 37 -15.79 43.91 -28.12
CA ASP B 37 -16.15 43.58 -26.75
C ASP B 37 -15.13 42.59 -26.21
N GLY B 38 -14.65 41.71 -27.10
CA GLY B 38 -13.67 40.71 -26.70
C GLY B 38 -13.52 39.50 -27.61
N VAL B 39 -14.42 38.53 -27.44
CA VAL B 39 -14.37 37.30 -28.21
C VAL B 39 -15.75 36.63 -28.42
N LEU B 40 -16.00 36.22 -29.67
CA LEU B 40 -17.27 35.61 -30.00
C LEU B 40 -17.25 34.14 -30.40
N PHE B 41 -18.19 33.39 -29.82
CA PHE B 41 -18.33 31.97 -30.11
C PHE B 41 -19.61 31.69 -30.84
N VAL B 42 -19.45 31.23 -32.07
CA VAL B 42 -20.56 30.88 -32.95
C VAL B 42 -20.25 29.47 -33.51
N ALA B 43 -21.13 28.54 -33.16
CA ALA B 43 -20.98 27.18 -33.59
C ALA B 43 -22.33 26.52 -33.78
N GLU B 44 -22.44 25.81 -34.87
CA GLU B 44 -23.66 25.12 -35.18
C GLU B 44 -24.12 24.20 -34.05
N ASN B 45 -25.22 24.50 -33.41
CA ASN B 45 -25.65 23.54 -32.41
C ASN B 45 -27.16 23.42 -32.30
N PRO B 46 -27.72 22.45 -33.02
CA PRO B 46 -29.15 22.17 -33.06
C PRO B 46 -29.74 21.87 -31.68
N SER B 47 -28.92 21.25 -30.83
CA SER B 47 -29.31 20.86 -29.48
C SER B 47 -29.81 22.00 -28.64
N THR B 48 -30.85 21.70 -27.89
CA THR B 48 -31.48 22.66 -27.03
C THR B 48 -30.81 22.60 -25.66
N ALA B 49 -30.30 21.42 -25.34
CA ALA B 49 -29.71 21.20 -24.04
C ALA B 49 -28.19 21.11 -23.94
N LEU B 50 -27.56 20.31 -24.80
CA LEU B 50 -26.12 20.12 -24.71
C LEU B 50 -25.29 21.18 -25.44
N HIS B 51 -24.38 21.84 -24.72
CA HIS B 51 -23.57 22.89 -25.32
C HIS B 51 -22.30 22.36 -26.00
N LYS B 52 -21.58 23.32 -26.56
CA LYS B 52 -20.35 23.08 -27.30
C LYS B 52 -19.38 24.20 -26.95
N VAL B 53 -19.86 25.22 -26.28
CA VAL B 53 -19.01 26.32 -25.87
C VAL B 53 -19.32 26.45 -24.40
N SER B 54 -18.32 26.78 -23.60
CA SER B 54 -18.53 26.93 -22.17
C SER B 54 -17.59 27.91 -21.46
N GLU B 55 -18.04 28.46 -20.36
CA GLU B 55 -17.15 29.35 -19.64
C GLU B 55 -16.04 28.44 -19.10
N LEU B 56 -14.78 28.72 -19.39
CA LEU B 56 -13.73 27.86 -18.81
C LEU B 56 -13.26 28.52 -17.50
N TYR B 57 -13.20 29.85 -17.49
CA TYR B 57 -12.80 30.54 -16.27
C TYR B 57 -13.20 31.99 -16.24
N ASP B 58 -12.50 32.77 -15.43
CA ASP B 58 -12.81 34.17 -15.30
C ASP B 58 -12.75 34.91 -16.63
N ARG B 59 -11.66 34.75 -17.34
CA ARG B 59 -11.49 35.41 -18.61
C ARG B 59 -11.16 34.34 -19.62
N LEU B 60 -11.80 33.18 -19.49
CA LEU B 60 -11.48 32.08 -20.37
C LEU B 60 -12.67 31.38 -20.92
N GLY B 61 -12.62 31.17 -22.23
CA GLY B 61 -13.68 30.48 -22.91
C GLY B 61 -13.13 29.26 -23.60
N PHE B 62 -14.05 28.32 -23.89
CA PHE B 62 -13.72 27.06 -24.51
C PHE B 62 -14.82 26.59 -25.42
N ALA B 63 -14.42 26.06 -26.57
CA ALA B 63 -15.35 25.52 -27.54
C ALA B 63 -14.62 24.43 -28.32
N ALA B 64 -15.29 23.31 -28.52
CA ALA B 64 -14.67 22.20 -29.23
C ALA B 64 -15.51 21.72 -30.37
N VAL B 65 -15.15 20.56 -30.92
CA VAL B 65 -15.87 19.92 -32.04
C VAL B 65 -15.39 18.50 -32.06
N GLY B 66 -16.26 17.59 -32.49
CA GLY B 66 -15.88 16.20 -32.56
C GLY B 66 -16.88 15.39 -31.78
N LYS B 67 -16.49 14.20 -31.30
CA LYS B 67 -17.43 13.41 -30.50
C LYS B 67 -17.63 14.16 -29.19
N TYR B 68 -18.89 14.42 -28.86
CA TYR B 68 -19.23 15.13 -27.65
C TYR B 68 -18.52 14.61 -26.41
N ASN B 69 -18.94 13.44 -25.95
CA ASN B 69 -18.36 12.86 -24.74
C ASN B 69 -16.88 13.14 -24.63
N GLU B 70 -16.16 12.97 -25.73
CA GLU B 70 -14.73 13.20 -25.73
C GLU B 70 -14.30 14.66 -25.42
N PHE B 71 -14.88 15.65 -26.08
CA PHE B 71 -14.48 17.00 -25.72
C PHE B 71 -15.21 17.43 -24.45
N GLU B 72 -16.32 16.78 -24.14
CA GLU B 72 -17.05 17.11 -22.91
C GLU B 72 -16.03 16.94 -21.79
N ASN B 73 -15.44 15.74 -21.73
CA ASN B 73 -14.39 15.42 -20.78
C ASN B 73 -13.40 16.58 -20.85
N LEU B 74 -12.59 16.63 -21.90
CA LEU B 74 -11.61 17.71 -22.03
C LEU B 74 -12.11 19.04 -21.53
N ARG B 75 -13.42 19.26 -21.58
CA ARG B 75 -13.96 20.53 -21.07
C ARG B 75 -13.98 20.56 -19.52
N ARG B 76 -14.59 19.54 -18.94
CA ARG B 76 -14.65 19.47 -17.51
C ARG B 76 -13.23 19.60 -17.04
N ALA B 77 -12.39 18.72 -17.58
CA ALA B 77 -10.97 18.69 -17.23
C ALA B 77 -10.34 20.07 -17.18
N GLY B 78 -10.72 20.89 -18.14
CA GLY B 78 -10.18 22.23 -18.14
C GLY B 78 -10.73 22.97 -16.94
N ILE B 79 -12.06 22.99 -16.85
CA ILE B 79 -12.78 23.65 -15.77
C ILE B 79 -12.07 23.28 -14.47
N VAL B 80 -11.65 22.03 -14.37
CA VAL B 80 -10.97 21.65 -13.15
C VAL B 80 -9.58 22.24 -13.09
N HIS B 81 -8.75 21.89 -14.06
CA HIS B 81 -7.40 22.43 -14.08
C HIS B 81 -7.33 23.93 -13.82
N ALA B 82 -8.36 24.67 -14.20
CA ALA B 82 -8.35 26.12 -13.95
C ALA B 82 -8.55 26.43 -12.50
N ASP B 83 -9.70 25.94 -12.03
CA ASP B 83 -10.16 26.13 -10.68
C ASP B 83 -9.02 25.83 -9.78
N MET B 84 -8.37 24.70 -10.05
CA MET B 84 -7.23 24.25 -9.29
C MET B 84 -6.19 25.34 -9.16
N ARG B 85 -5.74 25.86 -10.30
CA ARG B 85 -4.73 26.92 -10.28
C ARG B 85 -5.21 28.12 -9.51
N GLY B 86 -6.42 28.57 -9.84
CA GLY B 86 -6.96 29.71 -9.14
C GLY B 86 -6.97 29.57 -7.63
N TYR B 87 -7.35 28.40 -7.15
CA TYR B 87 -7.42 28.14 -5.73
C TYR B 87 -6.03 28.06 -5.19
N SER B 88 -5.17 27.34 -5.91
CA SER B 88 -3.79 27.13 -5.52
C SER B 88 -2.99 28.41 -5.47
N TYR B 89 -3.23 29.30 -6.41
CA TYR B 89 -2.48 30.53 -6.42
C TYR B 89 -3.35 31.71 -6.29
N ASP B 90 -3.86 32.15 -7.42
CA ASP B 90 -4.78 33.27 -7.44
C ASP B 90 -5.43 33.34 -8.81
N ARG B 91 -6.76 33.45 -8.82
CA ARG B 91 -7.52 33.52 -10.04
C ARG B 91 -6.78 34.36 -11.05
N ARG B 92 -6.11 35.38 -10.55
CA ARG B 92 -5.35 36.32 -11.37
C ARG B 92 -4.21 35.62 -12.11
N ASP B 93 -3.86 34.43 -11.72
CA ASP B 93 -2.78 33.79 -12.42
C ASP B 93 -3.28 32.77 -13.43
N VAL B 94 -4.58 32.47 -13.44
CA VAL B 94 -5.08 31.48 -14.38
C VAL B 94 -4.99 32.09 -15.73
N THR B 95 -4.36 31.40 -16.68
CA THR B 95 -4.21 31.98 -18.01
C THR B 95 -4.78 31.11 -19.13
N GLY B 96 -4.68 31.60 -20.36
CA GLY B 96 -5.13 30.80 -21.47
C GLY B 96 -3.96 29.89 -21.81
N ARG B 97 -2.79 30.48 -22.03
CA ARG B 97 -1.61 29.73 -22.40
C ARG B 97 -1.54 28.42 -21.59
N SER B 98 -1.80 28.56 -20.28
CA SER B 98 -1.81 27.44 -19.33
C SER B 98 -2.76 26.32 -19.76
N LEU B 99 -4.06 26.60 -19.84
CA LEU B 99 -4.97 25.57 -20.29
C LEU B 99 -4.71 25.10 -21.71
N ALA B 100 -3.96 25.90 -22.45
CA ALA B 100 -3.62 25.55 -23.81
C ALA B 100 -2.72 24.35 -23.70
N ASN B 101 -1.47 24.63 -23.33
CA ASN B 101 -0.47 23.62 -23.18
C ASN B 101 -1.06 22.39 -22.58
N ALA B 102 -1.75 22.58 -21.46
CA ALA B 102 -2.37 21.47 -20.76
C ALA B 102 -3.11 20.56 -21.70
N TYR B 103 -3.98 21.16 -22.51
CA TYR B 103 -4.76 20.38 -23.43
C TYR B 103 -3.86 19.75 -24.44
N ALA B 104 -2.88 20.52 -24.87
CA ALA B 104 -1.93 20.00 -25.82
C ALA B 104 -1.34 18.71 -25.27
N GLN B 105 -0.77 18.81 -24.09
CA GLN B 105 -0.14 17.67 -23.50
C GLN B 105 -1.09 16.47 -23.40
N THR B 106 -2.32 16.71 -22.93
CA THR B 106 -3.30 15.64 -22.73
C THR B 106 -3.70 14.90 -24.01
N LEU B 107 -4.08 15.68 -25.00
CA LEU B 107 -4.48 15.12 -26.25
C LEU B 107 -3.29 14.38 -26.83
N GLY B 108 -2.13 15.05 -26.82
CA GLY B 108 -0.90 14.47 -27.33
C GLY B 108 -0.67 13.09 -26.76
N THR B 109 -0.97 12.96 -25.49
CA THR B 109 -0.77 11.68 -24.86
C THR B 109 -1.83 10.73 -25.35
N ILE B 110 -3.08 11.15 -25.24
CA ILE B 110 -4.20 10.33 -25.69
C ILE B 110 -3.93 9.79 -27.07
N PHE B 111 -3.50 10.65 -27.96
CA PHE B 111 -3.20 10.22 -29.32
C PHE B 111 -2.24 9.04 -29.32
N THR B 112 -1.12 9.26 -28.68
CA THR B 112 -0.09 8.25 -28.59
C THR B 112 -0.45 7.03 -27.82
N GLU B 113 -1.13 7.17 -26.69
CA GLU B 113 -1.42 6.00 -25.88
C GLU B 113 -2.81 5.33 -25.87
N GLN B 114 -3.88 6.10 -25.70
CA GLN B 114 -5.24 5.56 -25.65
C GLN B 114 -5.50 4.57 -26.79
N PRO B 115 -6.42 3.62 -26.61
CA PRO B 115 -6.72 2.66 -27.68
C PRO B 115 -7.28 3.34 -28.93
N LYS B 116 -8.07 4.39 -28.75
CA LYS B 116 -8.62 5.14 -29.88
C LYS B 116 -8.33 6.62 -29.65
N PRO B 117 -7.75 7.31 -30.64
CA PRO B 117 -7.44 8.75 -30.49
C PRO B 117 -8.72 9.51 -30.29
N TYR B 118 -8.61 10.75 -29.84
CA TYR B 118 -9.78 11.57 -29.58
C TYR B 118 -10.19 12.37 -30.80
N GLU B 119 -11.41 12.14 -31.27
CA GLU B 119 -11.92 12.84 -32.45
C GLU B 119 -12.38 14.21 -31.98
N VAL B 120 -11.41 15.04 -31.64
CA VAL B 120 -11.70 16.34 -31.11
C VAL B 120 -10.77 17.43 -31.59
N GLU B 121 -11.28 18.64 -31.62
CA GLU B 121 -10.52 19.81 -32.01
C GLU B 121 -10.98 20.79 -30.95
N ILE B 122 -10.05 21.47 -30.29
CA ILE B 122 -10.43 22.40 -29.23
C ILE B 122 -9.90 23.80 -29.41
N CYS B 123 -10.69 24.76 -28.92
CA CYS B 123 -10.32 26.18 -28.94
C CYS B 123 -10.45 26.84 -27.58
N VAL B 124 -9.34 27.35 -27.07
CA VAL B 124 -9.36 28.01 -25.78
C VAL B 124 -9.16 29.47 -26.05
N ALA B 125 -10.04 30.32 -25.53
CA ALA B 125 -9.91 31.77 -25.74
C ALA B 125 -9.85 32.53 -24.42
N GLU B 126 -8.94 33.50 -24.34
CA GLU B 126 -8.82 34.32 -23.15
C GLU B 126 -8.92 35.77 -23.57
N VAL B 127 -9.83 36.52 -22.93
CA VAL B 127 -10.04 37.93 -23.22
C VAL B 127 -9.51 38.76 -22.08
N GLY B 128 -8.42 39.50 -22.32
CA GLY B 128 -7.78 40.34 -21.31
C GLY B 128 -8.53 40.68 -20.02
N ARG B 129 -7.79 41.05 -18.97
CA ARG B 129 -8.41 41.41 -17.68
C ARG B 129 -9.50 42.47 -17.84
N VAL B 130 -9.89 43.16 -16.78
CA VAL B 130 -10.97 44.15 -16.93
C VAL B 130 -10.51 45.60 -17.00
N GLY B 131 -9.58 45.87 -17.92
CA GLY B 131 -9.05 47.22 -18.05
C GLY B 131 -7.94 47.37 -19.08
N SER B 132 -6.74 46.89 -18.75
CA SER B 132 -5.58 46.99 -19.64
C SER B 132 -5.90 46.84 -21.12
N PRO B 133 -5.05 47.43 -21.96
CA PRO B 133 -5.14 47.43 -23.41
C PRO B 133 -4.67 46.16 -24.11
N LYS B 134 -4.82 45.00 -23.48
CA LYS B 134 -4.39 43.75 -24.11
C LYS B 134 -5.47 43.10 -24.98
N ALA B 135 -5.06 42.76 -26.20
CA ALA B 135 -5.97 42.18 -27.18
C ALA B 135 -6.13 40.70 -27.00
N PRO B 136 -7.39 40.22 -27.01
CA PRO B 136 -7.65 38.79 -26.84
C PRO B 136 -6.68 37.87 -27.57
N GLN B 137 -6.63 36.62 -27.10
CA GLN B 137 -5.76 35.59 -27.64
C GLN B 137 -6.55 34.31 -27.83
N LEU B 138 -6.28 33.62 -28.92
CA LEU B 138 -6.96 32.40 -29.26
C LEU B 138 -6.01 31.22 -29.35
N TYR B 139 -6.52 30.05 -28.98
CA TYR B 139 -5.75 28.83 -28.97
C TYR B 139 -6.54 27.68 -29.54
N ARG B 140 -5.93 26.98 -30.49
CA ARG B 140 -6.57 25.83 -31.08
C ARG B 140 -5.63 24.64 -30.87
N ILE B 141 -6.20 23.52 -30.41
CA ILE B 141 -5.42 22.31 -30.15
C ILE B 141 -6.01 21.13 -30.90
N THR B 142 -5.16 20.45 -31.67
CA THR B 142 -5.60 19.31 -32.47
C THR B 142 -5.53 17.95 -31.80
N TYR B 143 -6.41 17.08 -32.27
CA TYR B 143 -6.54 15.72 -31.80
C TYR B 143 -5.23 15.05 -31.50
N ASP B 144 -4.13 15.58 -32.04
CA ASP B 144 -2.84 14.95 -31.78
C ASP B 144 -1.90 15.80 -30.96
N GLY B 145 -2.41 16.89 -30.39
CA GLY B 145 -1.55 17.73 -29.56
C GLY B 145 -0.80 18.86 -30.25
N SER B 146 -1.53 19.62 -31.04
CA SER B 146 -0.92 20.71 -31.74
C SER B 146 -1.61 21.99 -31.40
N ILE B 147 -0.82 22.98 -31.04
CA ILE B 147 -1.39 24.27 -30.71
C ILE B 147 -0.79 25.33 -31.60
N VAL B 148 -1.59 26.38 -31.77
CA VAL B 148 -1.27 27.54 -32.56
C VAL B 148 -1.91 28.74 -31.91
N ASP B 149 -1.13 29.81 -31.87
CA ASP B 149 -1.52 31.06 -31.28
C ASP B 149 -2.22 31.95 -32.29
N GLU B 150 -3.54 31.86 -32.37
CA GLU B 150 -4.27 32.68 -33.32
C GLU B 150 -4.71 33.96 -32.64
N GLN B 151 -4.42 35.09 -33.27
CA GLN B 151 -4.80 36.41 -32.74
C GLN B 151 -6.03 37.00 -33.44
N HIS B 152 -6.38 36.45 -34.60
CA HIS B 152 -7.52 36.95 -35.32
C HIS B 152 -8.76 36.11 -35.15
N PHE B 153 -8.90 35.10 -35.98
CA PHE B 153 -10.10 34.29 -35.86
C PHE B 153 -9.71 32.82 -35.94
N VAL B 154 -10.62 31.94 -35.56
CA VAL B 154 -10.34 30.52 -35.62
C VAL B 154 -11.56 29.74 -36.04
N VAL B 155 -11.33 28.73 -36.89
CA VAL B 155 -12.38 27.88 -37.41
C VAL B 155 -12.05 26.40 -37.29
N MET B 156 -13.03 25.61 -36.89
CA MET B 156 -12.80 24.19 -36.77
C MET B 156 -14.09 23.44 -37.00
N GLY B 157 -13.97 22.16 -37.35
CA GLY B 157 -15.14 21.34 -37.60
C GLY B 157 -15.50 21.23 -39.07
N GLY B 158 -16.29 20.22 -39.41
CA GLY B 158 -16.72 20.01 -40.79
C GLY B 158 -15.67 20.36 -41.81
N THR B 159 -16.08 21.08 -42.85
CA THR B 159 -15.16 21.48 -43.91
C THR B 159 -14.72 22.91 -43.70
N THR B 160 -13.48 23.05 -43.23
CA THR B 160 -12.93 24.36 -42.95
C THR B 160 -12.57 25.20 -44.17
N GLU B 161 -12.03 24.57 -45.22
CA GLU B 161 -11.62 25.30 -46.41
C GLU B 161 -12.51 26.49 -46.82
N PRO B 162 -13.78 26.24 -47.16
CA PRO B 162 -14.68 27.35 -47.55
C PRO B 162 -14.84 28.44 -46.48
N ILE B 163 -15.26 28.02 -45.29
CA ILE B 163 -15.46 28.89 -44.13
C ILE B 163 -14.19 29.61 -43.71
N ALA B 164 -13.08 28.93 -43.87
CA ALA B 164 -11.77 29.49 -43.54
C ALA B 164 -11.51 30.71 -44.38
N THR B 165 -11.40 30.52 -45.68
CA THR B 165 -11.13 31.64 -46.59
C THR B 165 -12.25 32.68 -46.54
N ALA B 166 -13.49 32.22 -46.45
CA ALA B 166 -14.63 33.13 -46.38
C ALA B 166 -14.41 34.15 -45.27
N MET B 167 -13.40 33.89 -44.45
CA MET B 167 -13.07 34.75 -43.34
C MET B 167 -11.79 35.48 -43.64
N ARG B 168 -10.82 34.75 -44.17
CA ARG B 168 -9.55 35.36 -44.50
C ARG B 168 -9.85 36.68 -45.18
N GLU B 169 -10.89 36.65 -46.00
CA GLU B 169 -11.33 37.82 -46.75
C GLU B 169 -12.67 38.15 -46.15
N SER B 170 -12.68 38.80 -44.99
CA SER B 170 -13.94 39.14 -44.31
C SER B 170 -13.72 39.51 -42.85
N TYR B 171 -12.46 39.58 -42.43
CA TYR B 171 -12.14 39.88 -41.05
C TYR B 171 -11.66 41.30 -40.85
N ARG B 172 -12.12 41.97 -39.79
CA ARG B 172 -11.72 43.34 -39.49
C ARG B 172 -11.59 43.55 -37.99
N ALA B 173 -10.53 44.23 -37.57
CA ALA B 173 -10.31 44.53 -36.15
C ALA B 173 -11.41 45.48 -35.63
N ASP B 174 -11.50 45.63 -34.31
CA ASP B 174 -12.50 46.50 -33.70
C ASP B 174 -13.92 46.26 -34.23
N LEU B 175 -14.11 45.10 -34.86
CA LEU B 175 -15.39 44.72 -35.41
C LEU B 175 -16.54 44.82 -34.40
N ASP B 176 -17.57 45.59 -34.73
CA ASP B 176 -18.73 45.71 -33.88
C ASP B 176 -19.25 44.31 -33.64
N LEU B 177 -19.96 44.10 -32.54
CA LEU B 177 -20.50 42.78 -32.24
C LEU B 177 -21.49 42.33 -33.30
N GLU B 178 -22.55 43.11 -33.50
CA GLU B 178 -23.59 42.78 -34.46
C GLU B 178 -22.97 42.38 -35.79
N ALA B 179 -21.89 43.07 -36.14
CA ALA B 179 -21.19 42.81 -37.40
C ALA B 179 -20.29 41.58 -37.39
N ALA B 180 -19.64 41.32 -36.26
CA ALA B 180 -18.75 40.16 -36.13
C ALA B 180 -19.61 38.91 -36.19
N VAL B 181 -20.86 39.02 -35.76
CA VAL B 181 -21.76 37.88 -35.80
C VAL B 181 -22.07 37.58 -37.25
N GLY B 182 -22.23 38.64 -38.06
CA GLY B 182 -22.50 38.46 -39.48
C GLY B 182 -21.31 37.78 -40.14
N ILE B 183 -20.18 38.49 -40.17
CA ILE B 183 -18.93 37.99 -40.74
C ILE B 183 -18.80 36.48 -40.58
N ALA B 184 -19.02 36.02 -39.36
CA ALA B 184 -18.91 34.61 -39.04
C ALA B 184 -20.09 33.80 -39.56
N VAL B 185 -21.30 34.15 -39.13
CA VAL B 185 -22.50 33.42 -39.53
C VAL B 185 -22.63 33.29 -41.03
N ASN B 186 -21.97 34.20 -41.76
CA ASN B 186 -21.98 34.17 -43.20
C ASN B 186 -21.03 33.05 -43.65
N ALA B 187 -19.73 33.27 -43.44
CA ALA B 187 -18.71 32.29 -43.79
C ALA B 187 -19.24 30.89 -43.49
N LEU B 188 -19.88 30.74 -42.33
CA LEU B 188 -20.44 29.46 -41.92
C LEU B 188 -21.42 28.90 -42.94
N ARG B 189 -22.24 29.79 -43.49
CA ARG B 189 -23.21 29.37 -44.48
C ARG B 189 -22.48 28.96 -45.75
N GLN B 190 -21.31 29.55 -45.96
CA GLN B 190 -20.50 29.27 -47.14
C GLN B 190 -19.72 27.94 -47.09
N GLY B 191 -20.42 26.86 -46.77
CA GLY B 191 -19.78 25.56 -46.68
C GLY B 191 -20.79 24.54 -46.20
N GLY B 192 -22.05 24.99 -46.12
CA GLY B 192 -23.15 24.14 -45.69
C GLY B 192 -24.44 24.88 -45.40
N VAL B 201 -30.36 25.52 -42.20
CA VAL B 201 -28.97 25.58 -42.65
C VAL B 201 -28.24 26.67 -41.87
N ASP B 202 -28.96 27.73 -41.52
CA ASP B 202 -28.37 28.85 -40.80
C ASP B 202 -29.41 29.54 -39.92
N VAL B 203 -30.40 28.78 -39.46
CA VAL B 203 -31.47 29.32 -38.61
C VAL B 203 -30.91 29.71 -37.25
N ALA B 204 -31.68 30.42 -36.43
CA ALA B 204 -31.19 30.78 -35.11
C ALA B 204 -31.26 29.52 -34.28
N SER B 205 -30.74 28.43 -34.85
CA SER B 205 -30.66 27.13 -34.20
C SER B 205 -29.15 26.74 -34.16
N LEU B 206 -28.48 27.43 -33.24
CA LEU B 206 -27.06 27.28 -32.95
C LEU B 206 -26.89 27.88 -31.56
N GLU B 207 -25.66 27.83 -31.07
CA GLU B 207 -25.35 28.39 -29.78
C GLU B 207 -24.21 29.41 -29.93
N VAL B 208 -24.44 30.58 -29.39
CA VAL B 208 -23.47 31.63 -29.46
C VAL B 208 -23.31 32.17 -28.07
N ALA B 209 -22.12 32.69 -27.80
CA ALA B 209 -21.81 33.27 -26.50
C ALA B 209 -20.59 34.17 -26.67
N VAL B 210 -20.28 34.96 -25.66
CA VAL B 210 -19.16 35.83 -25.83
C VAL B 210 -18.41 36.13 -24.55
N LEU B 211 -17.11 36.36 -24.70
CA LEU B 211 -16.26 36.69 -23.58
C LEU B 211 -16.19 38.19 -23.65
N ASP B 212 -17.01 38.83 -22.80
CA ASP B 212 -17.11 40.30 -22.72
C ASP B 212 -16.07 41.01 -21.82
N GLN B 213 -15.00 41.53 -22.42
CA GLN B 213 -13.93 42.21 -21.68
C GLN B 213 -14.40 43.36 -20.78
N SER B 214 -15.67 43.72 -20.93
CA SER B 214 -16.25 44.80 -20.16
C SER B 214 -16.48 44.27 -18.77
N ARG B 215 -17.09 43.10 -18.69
CA ARG B 215 -17.37 42.48 -17.42
C ARG B 215 -16.12 42.52 -16.55
N PRO B 216 -16.30 42.63 -15.22
CA PRO B 216 -15.22 42.70 -14.22
C PRO B 216 -14.74 41.36 -13.67
N ARG B 217 -15.59 40.35 -13.74
CA ARG B 217 -15.21 39.04 -13.26
C ARG B 217 -15.52 37.96 -14.31
N ARG B 218 -16.72 37.37 -14.23
CA ARG B 218 -17.19 36.31 -15.14
C ARG B 218 -16.71 36.45 -16.59
N ALA B 219 -17.02 37.57 -17.22
CA ALA B 219 -16.63 37.85 -18.60
C ALA B 219 -17.16 36.89 -19.67
N PHE B 220 -18.05 35.98 -19.31
CA PHE B 220 -18.59 35.07 -20.32
C PHE B 220 -20.08 34.96 -20.19
N ARG B 221 -20.78 35.41 -21.23
CA ARG B 221 -22.23 35.35 -21.28
C ARG B 221 -22.60 34.75 -22.63
N ARG B 222 -23.73 34.06 -22.65
CA ARG B 222 -24.24 33.44 -23.86
C ARG B 222 -25.36 34.29 -24.43
N ILE B 223 -25.36 34.51 -25.75
CA ILE B 223 -26.41 35.30 -26.38
C ILE B 223 -27.62 34.40 -26.63
N ALA B 224 -28.65 34.54 -25.80
CA ALA B 224 -29.86 33.74 -25.90
C ALA B 224 -30.56 33.84 -27.24
N GLY B 225 -31.85 33.50 -27.25
CA GLY B 225 -32.63 33.54 -28.48
C GLY B 225 -33.20 34.90 -28.88
N THR B 226 -34.15 35.41 -28.08
CA THR B 226 -34.79 36.69 -28.33
C THR B 226 -33.85 37.85 -28.77
N ALA B 227 -32.57 37.74 -28.43
CA ALA B 227 -31.60 38.78 -28.75
C ALA B 227 -30.59 38.36 -29.78
N LEU B 228 -30.61 37.10 -30.16
CA LEU B 228 -29.69 36.63 -31.18
C LEU B 228 -30.27 37.04 -32.56
N GLU B 229 -31.60 36.96 -32.68
CA GLU B 229 -32.33 37.35 -33.89
C GLU B 229 -31.59 38.54 -34.45
N GLN B 230 -31.76 39.65 -33.76
CA GLN B 230 -31.14 40.91 -34.13
C GLN B 230 -29.62 40.88 -34.16
N LEU B 231 -29.03 39.90 -34.82
CA LEU B 231 -27.60 39.82 -34.95
C LEU B 231 -27.23 39.04 -36.20
N VAL B 232 -27.96 37.95 -36.38
CA VAL B 232 -27.74 37.06 -37.50
C VAL B 232 -28.46 37.49 -38.79
N PRO B 233 -27.70 37.65 -39.90
CA PRO B 233 -28.24 38.05 -41.20
C PRO B 233 -28.91 36.92 -41.95
N ALA B 234 -30.02 37.23 -42.62
CA ALA B 234 -30.78 36.25 -43.38
C ALA B 234 -30.06 35.77 -44.66
N GLU B 235 -30.80 35.02 -45.49
CA GLU B 235 -30.27 34.48 -46.74
C GLU B 235 -29.95 35.52 -47.82
N ALA C 9 11.81 -7.22 -38.53
CA ALA C 9 11.35 -7.08 -37.11
C ALA C 9 12.55 -7.13 -36.15
N GLU C 10 12.90 -5.99 -35.58
CA GLU C 10 14.03 -5.83 -34.64
C GLU C 10 14.66 -4.49 -35.01
N GLN C 11 14.66 -4.24 -36.31
CA GLN C 11 15.20 -3.01 -36.86
C GLN C 11 14.01 -2.08 -37.01
N ILE C 12 13.24 -2.07 -35.93
CA ILE C 12 12.08 -1.26 -35.80
C ILE C 12 12.73 0.06 -35.49
N MET C 13 13.91 -0.02 -34.90
CA MET C 13 14.65 1.18 -34.57
C MET C 13 14.77 2.03 -35.82
N ARG C 14 15.04 1.34 -36.93
CA ARG C 14 15.17 1.95 -38.25
C ARG C 14 13.88 2.74 -38.43
N ASP C 15 12.75 2.04 -38.39
CA ASP C 15 11.44 2.68 -38.55
C ASP C 15 11.25 3.86 -37.66
N ARG C 16 11.09 3.58 -36.37
CA ARG C 16 10.90 4.60 -35.37
C ARG C 16 11.81 5.81 -35.63
N SER C 17 13.09 5.51 -35.90
CA SER C 17 14.07 6.57 -36.17
C SER C 17 13.62 7.49 -37.29
N GLU C 18 13.25 6.89 -38.43
CA GLU C 18 12.75 7.62 -39.58
C GLU C 18 11.56 8.48 -39.15
N LEU C 19 10.62 7.88 -38.41
CA LEU C 19 9.46 8.60 -37.90
C LEU C 19 9.90 9.90 -37.29
N ALA C 20 10.90 9.86 -36.42
CA ALA C 20 11.42 11.09 -35.82
C ALA C 20 12.06 12.01 -36.85
N ARG C 21 13.15 11.53 -37.44
CA ARG C 21 13.89 12.28 -38.44
C ARG C 21 12.97 13.08 -39.35
N LYS C 22 11.99 12.39 -39.95
CA LYS C 22 11.04 12.99 -40.89
C LYS C 22 10.22 14.10 -40.28
N GLY C 23 9.63 13.82 -39.12
CA GLY C 23 8.79 14.79 -38.45
C GLY C 23 9.54 16.04 -38.07
N ILE C 24 10.80 15.87 -37.70
CA ILE C 24 11.63 16.99 -37.31
C ILE C 24 11.87 17.80 -38.57
N ALA C 25 12.34 17.09 -39.57
CA ALA C 25 12.65 17.63 -40.90
C ALA C 25 11.52 18.51 -41.45
N ARG C 26 10.31 17.97 -41.53
CA ARG C 26 9.20 18.73 -42.06
C ARG C 26 8.72 19.82 -41.12
N GLY C 27 9.64 20.61 -40.57
CA GLY C 27 9.25 21.66 -39.64
C GLY C 27 10.31 22.73 -39.51
N ARG C 28 9.91 23.94 -39.09
CA ARG C 28 10.83 25.06 -38.94
C ARG C 28 12.20 24.69 -38.29
N SER C 29 13.21 25.55 -38.39
CA SER C 29 14.53 25.26 -37.86
C SER C 29 15.13 26.21 -36.79
N VAL C 30 16.24 25.79 -36.17
CA VAL C 30 16.85 26.64 -35.15
C VAL C 30 18.36 26.68 -35.22
N VAL C 31 18.91 27.78 -34.74
CA VAL C 31 20.35 27.98 -34.74
C VAL C 31 20.79 28.56 -33.42
N VAL C 32 21.82 27.94 -32.84
CA VAL C 32 22.39 28.39 -31.58
C VAL C 32 23.87 28.58 -31.81
N LEU C 33 24.40 29.69 -31.30
CA LEU C 33 25.81 30.00 -31.50
C LEU C 33 26.58 30.63 -30.33
N THR C 34 27.89 30.44 -30.36
CA THR C 34 28.78 30.98 -29.35
C THR C 34 29.33 32.30 -29.83
N PHE C 35 29.33 33.32 -28.97
CA PHE C 35 29.91 34.59 -29.39
C PHE C 35 30.56 35.43 -28.29
N ARG C 36 30.52 36.75 -28.44
CA ARG C 36 31.13 37.67 -27.47
C ARG C 36 30.41 37.77 -26.13
N ASP C 37 29.12 38.08 -26.18
CA ASP C 37 28.32 38.21 -24.97
C ASP C 37 28.03 36.87 -24.31
N GLY C 38 28.02 35.80 -25.10
CA GLY C 38 27.75 34.51 -24.52
C GLY C 38 27.12 33.52 -25.46
N VAL C 39 25.80 33.53 -25.59
CA VAL C 39 25.15 32.59 -26.49
C VAL C 39 23.85 33.12 -27.09
N LEU C 40 23.72 33.00 -28.42
CA LEU C 40 22.54 33.48 -29.13
C LEU C 40 21.60 32.40 -29.66
N PHE C 41 20.30 32.64 -29.42
CA PHE C 41 19.23 31.75 -29.82
C PHE C 41 18.37 32.36 -30.89
N VAL C 42 18.42 31.77 -32.08
CA VAL C 42 17.63 32.25 -33.20
C VAL C 42 16.87 31.12 -33.83
N ALA C 43 15.56 31.21 -33.68
CA ALA C 43 14.71 30.18 -34.25
C ALA C 43 13.43 30.78 -34.82
N GLU C 44 13.04 30.20 -35.94
CA GLU C 44 11.84 30.56 -36.68
C GLU C 44 10.59 30.36 -35.86
N ASN C 45 10.10 31.41 -35.22
CA ASN C 45 8.90 31.21 -34.46
C ASN C 45 7.83 32.23 -34.75
N PRO C 46 6.89 31.85 -35.64
CA PRO C 46 5.78 32.71 -36.03
C PRO C 46 4.91 33.02 -34.84
N SER C 47 4.81 32.04 -33.92
CA SER C 47 4.00 32.13 -32.72
C SER C 47 4.29 33.36 -31.88
N THR C 48 3.22 34.03 -31.46
CA THR C 48 3.27 35.23 -30.66
C THR C 48 3.29 34.86 -29.17
N ALA C 49 2.75 33.68 -28.84
CA ALA C 49 2.67 33.25 -27.46
C ALA C 49 3.51 32.03 -27.06
N LEU C 50 3.57 31.01 -27.93
CA LEU C 50 4.31 29.79 -27.62
C LEU C 50 5.77 29.81 -28.01
N HIS C 51 6.66 29.91 -27.03
CA HIS C 51 8.10 29.94 -27.32
C HIS C 51 8.74 28.61 -27.71
N LYS C 52 9.99 28.71 -28.15
CA LYS C 52 10.77 27.56 -28.59
C LYS C 52 12.14 27.62 -27.94
N VAL C 53 12.40 28.70 -27.24
CA VAL C 53 13.67 28.84 -26.53
C VAL C 53 13.28 29.31 -25.13
N SER C 54 14.05 28.88 -24.12
CA SER C 54 13.70 29.20 -22.74
C SER C 54 14.87 29.18 -21.75
N GLU C 55 14.73 30.00 -20.72
CA GLU C 55 15.72 30.08 -19.65
C GLU C 55 15.61 28.73 -18.99
N LEU C 56 16.66 27.94 -19.02
CA LEU C 56 16.56 26.67 -18.34
C LEU C 56 17.06 26.88 -16.91
N TYR C 57 18.08 27.71 -16.73
CA TYR C 57 18.59 27.98 -15.39
C TYR C 57 19.35 29.31 -15.28
N ASP C 58 20.20 29.40 -14.27
CA ASP C 58 21.01 30.59 -14.04
C ASP C 58 21.87 30.87 -15.26
N ARG C 59 22.69 29.92 -15.63
CA ARG C 59 23.55 30.06 -16.78
C ARG C 59 23.15 29.02 -17.81
N LEU C 60 21.87 28.69 -17.90
CA LEU C 60 21.49 27.67 -18.85
C LEU C 60 20.35 28.03 -19.75
N GLY C 61 20.52 27.75 -21.04
CA GLY C 61 19.47 28.03 -22.01
C GLY C 61 19.01 26.72 -22.66
N PHE C 62 17.83 26.73 -23.25
CA PHE C 62 17.29 25.52 -23.89
C PHE C 62 16.46 25.91 -25.11
N ALA C 63 16.53 25.06 -26.14
CA ALA C 63 15.80 25.32 -27.38
C ALA C 63 15.69 23.99 -28.10
N ALA C 64 14.50 23.70 -28.60
CA ALA C 64 14.27 22.41 -29.24
C ALA C 64 13.54 22.60 -30.55
N VAL C 65 13.02 21.50 -31.11
CA VAL C 65 12.30 21.52 -32.38
C VAL C 65 11.61 20.19 -32.55
N GLY C 66 10.49 20.20 -33.26
CA GLY C 66 9.76 18.96 -33.43
C GLY C 66 8.36 19.21 -32.89
N LYS C 67 7.61 18.17 -32.49
CA LYS C 67 6.27 18.45 -32.01
C LYS C 67 6.38 19.24 -30.72
N TYR C 68 5.61 20.30 -30.59
CA TYR C 68 5.69 21.15 -29.41
C TYR C 68 5.47 20.45 -28.10
N ASN C 69 4.29 19.87 -27.91
CA ASN C 69 3.98 19.21 -26.66
C ASN C 69 5.11 18.31 -26.24
N GLU C 70 5.65 17.54 -27.18
CA GLU C 70 6.76 16.68 -26.79
C GLU C 70 7.94 17.47 -26.25
N PHE C 71 8.52 18.43 -26.99
CA PHE C 71 9.67 19.10 -26.41
C PHE C 71 9.32 20.06 -25.29
N GLU C 72 8.06 20.48 -25.24
CA GLU C 72 7.59 21.38 -24.17
C GLU C 72 7.76 20.61 -22.88
N ASN C 73 7.34 19.35 -22.89
CA ASN C 73 7.50 18.49 -21.74
C ASN C 73 8.96 18.52 -21.37
N LEU C 74 9.81 17.97 -22.23
CA LEU C 74 11.23 17.95 -21.98
C LEU C 74 11.78 19.30 -21.49
N ARG C 75 11.18 20.41 -21.91
CA ARG C 75 11.61 21.73 -21.42
C ARG C 75 11.30 21.83 -19.91
N ARG C 76 10.02 21.72 -19.52
CA ARG C 76 9.60 21.76 -18.12
C ARG C 76 10.44 20.77 -17.30
N ALA C 77 10.46 19.52 -17.77
CA ALA C 77 11.26 18.48 -17.12
C ALA C 77 12.68 18.97 -16.80
N GLY C 78 13.27 19.70 -17.74
CA GLY C 78 14.59 20.24 -17.48
C GLY C 78 14.49 21.24 -16.33
N ILE C 79 13.75 22.33 -16.58
CA ILE C 79 13.54 23.39 -15.60
C ILE C 79 13.52 22.77 -14.20
N VAL C 80 12.76 21.68 -14.07
CA VAL C 80 12.60 21.05 -12.79
C VAL C 80 13.89 20.45 -12.40
N HIS C 81 14.39 19.51 -13.21
CA HIS C 81 15.66 18.85 -12.89
C HIS C 81 16.79 19.82 -12.53
N ALA C 82 16.75 21.02 -13.07
CA ALA C 82 17.75 22.03 -12.75
C ALA C 82 17.53 22.50 -11.32
N ASP C 83 16.36 23.13 -11.10
CA ASP C 83 15.90 23.66 -9.82
C ASP C 83 16.18 22.67 -8.72
N MET C 84 15.76 21.42 -8.92
CA MET C 84 16.00 20.36 -7.95
C MET C 84 17.46 20.40 -7.50
N ARG C 85 18.40 20.15 -8.41
CA ARG C 85 19.82 20.21 -8.07
C ARG C 85 20.22 21.53 -7.41
N GLY C 86 19.69 22.61 -7.91
CA GLY C 86 20.03 23.88 -7.33
C GLY C 86 19.65 23.93 -5.87
N TYR C 87 18.48 23.37 -5.57
CA TYR C 87 17.92 23.37 -4.20
C TYR C 87 18.61 22.33 -3.33
N SER C 88 18.82 21.16 -3.95
CA SER C 88 19.40 20.03 -3.28
C SER C 88 20.80 20.33 -2.90
N TYR C 89 21.54 20.97 -3.79
CA TYR C 89 22.92 21.33 -3.48
C TYR C 89 23.17 22.81 -3.54
N ASP C 90 23.61 23.32 -4.68
CA ASP C 90 23.82 24.75 -4.76
C ASP C 90 23.74 25.17 -6.21
N ARG C 91 22.98 26.22 -6.46
CA ARG C 91 22.79 26.70 -7.82
C ARG C 91 24.11 26.61 -8.52
N ARG C 92 25.16 26.95 -7.79
CA ARG C 92 26.51 26.92 -8.32
C ARG C 92 26.89 25.54 -8.91
N ASP C 93 26.15 24.48 -8.59
CA ASP C 93 26.51 23.15 -9.12
C ASP C 93 25.68 22.67 -10.30
N VAL C 94 24.63 23.39 -10.62
CA VAL C 94 23.80 23.02 -11.74
C VAL C 94 24.67 23.27 -12.99
N THR C 95 24.90 22.24 -13.79
CA THR C 95 25.72 22.41 -14.98
C THR C 95 24.94 22.10 -16.24
N GLY C 96 25.54 22.35 -17.38
CA GLY C 96 24.84 22.03 -18.61
C GLY C 96 24.98 20.54 -18.86
N ARG C 97 26.16 20.00 -18.57
CA ARG C 97 26.42 18.58 -18.75
C ARG C 97 25.34 17.72 -18.07
N SER C 98 25.02 18.09 -16.83
CA SER C 98 24.01 17.39 -16.06
C SER C 98 22.74 17.28 -16.89
N LEU C 99 22.16 18.43 -17.20
CA LEU C 99 20.94 18.50 -18.02
C LEU C 99 21.07 17.87 -19.38
N ALA C 100 22.30 17.80 -19.88
CA ALA C 100 22.52 17.18 -21.17
C ALA C 100 22.25 15.70 -20.96
N ASN C 101 23.15 15.09 -20.21
CA ASN C 101 23.07 13.69 -19.93
C ASN C 101 21.64 13.31 -19.65
N ALA C 102 21.02 14.06 -18.73
CA ALA C 102 19.64 13.81 -18.33
C ALA C 102 18.75 13.53 -19.52
N TYR C 103 18.62 14.58 -20.30
CA TYR C 103 17.82 14.56 -21.50
C TYR C 103 18.16 13.36 -22.34
N ALA C 104 19.47 13.09 -22.41
CA ALA C 104 19.99 11.99 -23.20
C ALA C 104 19.35 10.69 -22.77
N GLN C 105 19.45 10.45 -21.47
CA GLN C 105 18.88 9.26 -20.89
C GLN C 105 17.35 9.23 -21.09
N THR C 106 16.69 10.34 -20.82
CA THR C 106 15.25 10.41 -20.97
C THR C 106 14.77 10.08 -22.38
N LEU C 107 15.30 10.81 -23.37
CA LEU C 107 14.91 10.57 -24.76
C LEU C 107 15.32 9.17 -25.15
N GLY C 108 16.52 8.79 -24.76
CA GLY C 108 17.00 7.46 -25.06
C GLY C 108 15.98 6.42 -24.64
N THR C 109 15.41 6.62 -23.46
CA THR C 109 14.43 5.67 -22.97
C THR C 109 13.13 5.74 -23.75
N ILE C 110 12.62 6.94 -23.96
CA ILE C 110 11.40 7.15 -24.76
C ILE C 110 11.51 6.41 -26.09
N PHE C 111 12.62 6.63 -26.78
CA PHE C 111 12.91 6.02 -28.07
C PHE C 111 12.77 4.51 -28.01
N THR C 112 13.31 3.93 -26.95
CA THR C 112 13.25 2.51 -26.75
C THR C 112 11.90 1.93 -26.30
N GLU C 113 11.23 2.64 -25.39
CA GLU C 113 10.01 2.14 -24.79
C GLU C 113 8.65 2.78 -25.05
N GLN C 114 8.59 4.09 -25.15
CA GLN C 114 7.31 4.75 -25.43
C GLN C 114 6.68 4.15 -26.70
N PRO C 115 5.33 4.24 -26.86
CA PRO C 115 4.70 3.69 -28.07
C PRO C 115 5.09 4.42 -29.37
N LYS C 116 5.47 5.67 -29.25
CA LYS C 116 5.88 6.41 -30.41
C LYS C 116 7.00 7.29 -29.97
N PRO C 117 8.14 7.22 -30.65
CA PRO C 117 9.33 8.00 -30.32
C PRO C 117 9.00 9.46 -30.40
N TYR C 118 9.79 10.27 -29.71
CA TYR C 118 9.61 11.72 -29.66
C TYR C 118 10.23 12.42 -30.84
N GLU C 119 9.42 13.09 -31.63
CA GLU C 119 9.90 13.84 -32.78
C GLU C 119 10.46 15.17 -32.21
N VAL C 120 11.60 15.04 -31.54
CA VAL C 120 12.25 16.16 -30.91
C VAL C 120 13.76 16.16 -31.11
N GLU C 121 14.33 17.35 -31.07
CA GLU C 121 15.76 17.59 -31.19
C GLU C 121 15.94 18.71 -30.16
N ILE C 122 16.89 18.56 -29.26
CA ILE C 122 17.09 19.56 -28.22
C ILE C 122 18.51 20.11 -28.09
N CYS C 123 18.60 21.38 -27.73
CA CYS C 123 19.88 22.01 -27.53
C CYS C 123 19.97 22.66 -26.16
N VAL C 124 20.95 22.23 -25.37
CA VAL C 124 21.18 22.81 -24.06
C VAL C 124 22.42 23.67 -24.14
N ALA C 125 22.32 24.86 -23.56
CA ALA C 125 23.44 25.80 -23.60
C ALA C 125 23.79 26.45 -22.27
N GLU C 126 25.08 26.46 -21.92
CA GLU C 126 25.53 27.04 -20.67
C GLU C 126 26.62 28.03 -20.96
N VAL C 127 26.45 29.25 -20.47
CA VAL C 127 27.41 30.29 -20.70
C VAL C 127 28.09 30.60 -19.42
N GLY C 128 29.29 30.06 -19.21
CA GLY C 128 30.07 30.31 -17.98
C GLY C 128 29.56 31.28 -16.91
N ARG C 129 30.04 31.12 -15.67
CA ARG C 129 29.62 31.98 -14.55
C ARG C 129 29.75 33.46 -14.85
N VAL C 130 29.77 34.32 -13.84
CA VAL C 130 29.84 35.76 -14.14
C VAL C 130 31.21 36.34 -13.97
N GLY C 131 32.17 35.84 -14.75
CA GLY C 131 33.53 36.32 -14.62
C GLY C 131 34.60 35.49 -15.30
N SER C 132 34.87 34.28 -14.80
CA SER C 132 35.93 33.43 -15.37
C SER C 132 36.00 33.41 -16.89
N PRO C 133 37.20 33.13 -17.43
CA PRO C 133 37.49 33.07 -18.85
C PRO C 133 37.08 31.76 -19.52
N LYS C 134 35.93 31.20 -19.14
CA LYS C 134 35.49 29.94 -19.76
C LYS C 134 34.57 30.23 -20.91
N ALA C 135 34.82 29.57 -22.04
CA ALA C 135 34.04 29.76 -23.26
C ALA C 135 32.80 28.88 -23.26
N PRO C 136 31.63 29.46 -23.58
CA PRO C 136 30.36 28.72 -23.61
C PRO C 136 30.44 27.31 -24.20
N GLN C 137 29.48 26.50 -23.78
CA GLN C 137 29.38 25.12 -24.22
C GLN C 137 27.98 24.89 -24.72
N LEU C 138 27.87 24.02 -25.70
CA LEU C 138 26.59 23.75 -26.32
C LEU C 138 26.44 22.25 -26.38
N TYR C 139 25.19 21.82 -26.24
CA TYR C 139 24.89 20.40 -26.28
C TYR C 139 23.72 20.17 -27.17
N ARG C 140 23.75 19.05 -27.89
CA ARG C 140 22.63 18.71 -28.75
C ARG C 140 22.24 17.26 -28.45
N ILE C 141 20.92 17.03 -28.28
CA ILE C 141 20.44 15.68 -28.00
C ILE C 141 19.37 15.30 -28.99
N THR C 142 19.56 14.17 -29.65
CA THR C 142 18.61 13.70 -30.67
C THR C 142 17.52 12.80 -30.13
N TYR C 143 16.48 12.70 -30.94
CA TYR C 143 15.31 11.91 -30.63
C TYR C 143 15.65 10.53 -30.13
N ASP C 144 16.89 10.09 -30.32
CA ASP C 144 17.21 8.74 -29.85
C ASP C 144 18.23 8.71 -28.72
N GLY C 145 18.56 9.87 -28.17
CA GLY C 145 19.49 9.91 -27.08
C GLY C 145 20.94 9.98 -27.49
N SER C 146 21.27 10.98 -28.29
CA SER C 146 22.64 11.12 -28.72
C SER C 146 23.02 12.53 -28.44
N ILE C 147 24.19 12.71 -27.88
CA ILE C 147 24.62 14.06 -27.58
C ILE C 147 25.98 14.30 -28.22
N VAL C 148 26.28 15.58 -28.40
CA VAL C 148 27.54 16.03 -28.96
C VAL C 148 27.87 17.35 -28.28
N ASP C 149 29.15 17.55 -28.04
CA ASP C 149 29.67 18.72 -27.37
C ASP C 149 30.11 19.78 -28.36
N GLU C 150 29.16 20.55 -28.86
CA GLU C 150 29.51 21.58 -29.82
C GLU C 150 30.01 22.83 -29.13
N GLN C 151 31.21 23.28 -29.50
CA GLN C 151 31.78 24.48 -28.89
C GLN C 151 31.49 25.74 -29.68
N HIS C 152 31.15 25.55 -30.96
CA HIS C 152 30.89 26.67 -31.83
C HIS C 152 29.45 27.09 -32.02
N PHE C 153 28.76 26.38 -32.89
CA PHE C 153 27.37 26.72 -33.19
C PHE C 153 26.62 25.39 -33.36
N VAL C 154 25.29 25.46 -33.33
CA VAL C 154 24.49 24.24 -33.53
C VAL C 154 23.24 24.60 -34.29
N VAL C 155 22.79 23.68 -35.13
CA VAL C 155 21.64 23.91 -35.97
C VAL C 155 20.80 22.65 -35.94
N MET C 156 19.49 22.83 -35.91
CA MET C 156 18.57 21.72 -35.91
C MET C 156 17.27 22.13 -36.53
N GLY C 157 16.52 21.13 -36.98
CA GLY C 157 15.21 21.37 -37.56
C GLY C 157 15.22 21.47 -39.07
N GLY C 158 14.03 21.37 -39.68
CA GLY C 158 13.92 21.49 -41.12
C GLY C 158 15.01 20.74 -41.86
N THR C 159 15.57 21.44 -42.84
CA THR C 159 16.66 20.96 -43.69
C THR C 159 17.94 21.65 -43.24
N THR C 160 18.76 20.90 -42.53
CA THR C 160 19.99 21.41 -41.97
C THR C 160 21.15 21.61 -42.94
N GLU C 161 21.35 20.64 -43.82
CA GLU C 161 22.43 20.72 -44.79
C GLU C 161 22.77 22.13 -45.30
N PRO C 162 21.80 22.82 -45.89
CA PRO C 162 22.13 24.16 -46.37
C PRO C 162 22.58 25.17 -45.28
N ILE C 163 21.76 25.32 -44.24
CA ILE C 163 22.01 26.25 -43.16
C ILE C 163 23.24 25.83 -42.40
N ALA C 164 23.46 24.53 -42.40
CA ALA C 164 24.60 23.92 -41.71
C ALA C 164 25.92 24.43 -42.27
N THR C 165 26.12 24.20 -43.57
CA THR C 165 27.33 24.64 -44.25
C THR C 165 27.35 26.17 -44.35
N ALA C 166 26.15 26.77 -44.47
CA ALA C 166 25.98 28.21 -44.55
C ALA C 166 26.56 28.90 -43.30
N MET C 167 27.05 28.07 -42.39
CA MET C 167 27.63 28.52 -41.15
C MET C 167 29.04 28.00 -41.01
N ARG C 168 29.28 26.79 -41.49
CA ARG C 168 30.59 26.18 -41.44
C ARG C 168 31.53 27.15 -42.12
N GLU C 169 30.97 27.92 -43.05
CA GLU C 169 31.68 28.94 -43.83
C GLU C 169 30.97 30.25 -43.56
N SER C 170 31.06 30.72 -42.32
CA SER C 170 30.39 31.95 -41.93
C SER C 170 30.51 32.22 -40.41
N TYR C 171 31.21 31.34 -39.70
CA TYR C 171 31.35 31.45 -38.25
C TYR C 171 32.61 32.12 -37.78
N ARG C 172 32.49 33.00 -36.79
CA ARG C 172 33.66 33.67 -36.24
C ARG C 172 33.57 33.85 -34.73
N ALA C 173 34.67 33.57 -34.05
CA ALA C 173 34.72 33.71 -32.62
C ALA C 173 34.63 35.20 -32.25
N ASP C 174 34.48 35.51 -30.96
CA ASP C 174 34.38 36.90 -30.51
C ASP C 174 33.47 37.73 -31.36
N LEU C 175 32.62 37.03 -32.10
CA LEU C 175 31.63 37.63 -33.00
C LEU C 175 30.65 38.60 -32.34
N ASP C 176 30.62 39.85 -32.78
CA ASP C 176 29.72 40.84 -32.20
C ASP C 176 28.30 40.27 -32.23
N LEU C 177 27.46 40.82 -31.38
CA LEU C 177 26.08 40.38 -31.29
C LEU C 177 25.32 40.66 -32.56
N GLU C 178 25.22 41.94 -32.91
CA GLU C 178 24.53 42.38 -34.12
C GLU C 178 24.94 41.54 -35.33
N ALA C 179 26.23 41.23 -35.39
CA ALA C 179 26.78 40.46 -36.47
C ALA C 179 26.49 38.98 -36.35
N ALA C 180 26.49 38.46 -35.13
CA ALA C 180 26.21 37.05 -34.90
C ALA C 180 24.77 36.76 -35.35
N VAL C 181 23.88 37.72 -35.10
CA VAL C 181 22.50 37.61 -35.49
C VAL C 181 22.45 37.52 -37.00
N GLY C 182 23.34 38.26 -37.65
CA GLY C 182 23.36 38.22 -39.10
C GLY C 182 23.77 36.84 -39.57
N ILE C 183 24.97 36.45 -39.16
CA ILE C 183 25.58 35.16 -39.49
C ILE C 183 24.54 34.08 -39.48
N ALA C 184 23.76 34.06 -38.41
CA ALA C 184 22.71 33.08 -38.21
C ALA C 184 21.50 33.34 -39.09
N VAL C 185 20.86 34.49 -38.88
CA VAL C 185 19.67 34.82 -39.64
C VAL C 185 19.87 34.54 -41.13
N ASN C 186 21.08 34.82 -41.60
CA ASN C 186 21.41 34.61 -43.00
C ASN C 186 21.27 33.11 -43.30
N ALA C 187 22.21 32.32 -42.78
CA ALA C 187 22.22 30.88 -43.00
C ALA C 187 20.82 30.24 -42.95
N LEU C 188 19.94 30.85 -42.18
CA LEU C 188 18.59 30.36 -42.04
C LEU C 188 17.79 30.53 -43.32
N ARG C 189 17.95 31.71 -43.92
CA ARG C 189 17.29 32.08 -45.15
C ARG C 189 17.75 31.20 -46.30
N GLN C 190 19.00 30.74 -46.22
CA GLN C 190 19.60 29.88 -47.22
C GLN C 190 19.09 28.44 -47.10
N GLY C 191 17.78 28.29 -46.97
CA GLY C 191 17.18 26.95 -46.82
C GLY C 191 15.65 27.02 -46.83
N GLY C 192 15.13 28.24 -46.81
CA GLY C 192 13.70 28.49 -46.81
C GLY C 192 13.37 29.97 -46.65
N VAL C 201 9.45 34.97 -44.93
CA VAL C 201 10.53 33.99 -45.01
C VAL C 201 11.64 34.28 -44.02
N ASP C 202 11.79 35.55 -43.66
CA ASP C 202 12.83 35.95 -42.72
C ASP C 202 12.48 37.26 -42.02
N VAL C 203 11.19 37.55 -41.93
CA VAL C 203 10.72 38.77 -41.28
C VAL C 203 11.09 38.72 -39.79
N ALA C 204 10.97 39.85 -39.10
CA ALA C 204 11.26 39.89 -37.66
C ALA C 204 10.08 39.19 -36.98
N SER C 205 9.77 38.00 -37.48
CA SER C 205 8.72 37.15 -36.94
C SER C 205 9.31 35.78 -36.64
N LEU C 206 10.07 35.73 -35.54
CA LEU C 206 10.73 34.55 -35.00
C LEU C 206 11.03 34.97 -33.56
N GLU C 207 11.68 34.11 -32.81
CA GLU C 207 12.00 34.44 -31.43
C GLU C 207 13.50 34.31 -31.26
N VAL C 208 14.07 35.34 -30.65
CA VAL C 208 15.50 35.40 -30.43
C VAL C 208 15.75 35.82 -29.01
N ALA C 209 16.70 35.15 -28.37
CA ALA C 209 17.09 35.45 -26.99
C ALA C 209 18.58 35.19 -26.85
N VAL C 210 19.13 35.56 -25.70
CA VAL C 210 20.55 35.36 -25.49
C VAL C 210 20.96 35.09 -24.04
N LEU C 211 21.99 34.25 -23.88
CA LEU C 211 22.53 33.94 -22.58
C LEU C 211 23.73 34.87 -22.42
N ASP C 212 23.47 36.06 -21.88
CA ASP C 212 24.47 37.12 -21.70
C ASP C 212 25.39 36.93 -20.48
N GLN C 213 26.59 36.39 -20.73
CA GLN C 213 27.57 36.14 -19.68
C GLN C 213 27.94 37.33 -18.81
N SER C 214 27.36 38.49 -19.14
CA SER C 214 27.60 39.76 -18.45
C SER C 214 26.78 39.83 -17.18
N ARG C 215 25.60 39.23 -17.28
CA ARG C 215 24.64 39.18 -16.20
C ARG C 215 25.21 38.37 -15.04
N PRO C 216 24.92 38.81 -13.81
CA PRO C 216 25.39 38.17 -12.57
C PRO C 216 24.60 36.95 -12.13
N ARG C 217 23.31 36.94 -12.41
CA ARG C 217 22.47 35.81 -12.03
C ARG C 217 21.77 35.20 -13.25
N ARG C 218 20.57 35.70 -13.56
CA ARG C 218 19.72 35.24 -14.68
C ARG C 218 20.42 34.83 -15.97
N ALA C 219 21.23 35.74 -16.54
CA ALA C 219 22.00 35.52 -17.77
C ALA C 219 21.22 35.20 -19.03
N PHE C 220 19.90 35.10 -18.94
CA PHE C 220 19.11 34.79 -20.11
C PHE C 220 18.02 35.80 -20.26
N ARG C 221 18.05 36.55 -21.37
CA ARG C 221 17.04 37.56 -21.69
C ARG C 221 16.60 37.34 -23.13
N ARG C 222 15.45 37.84 -23.52
CA ARG C 222 15.03 37.66 -24.91
C ARG C 222 15.10 39.02 -25.58
N ILE C 223 15.47 39.04 -26.86
CA ILE C 223 15.55 40.28 -27.63
C ILE C 223 14.16 40.49 -28.22
N ALA C 224 13.41 41.44 -27.65
CA ALA C 224 12.03 41.74 -28.07
C ALA C 224 11.94 42.19 -29.52
N GLY C 225 10.89 42.95 -29.85
CA GLY C 225 10.73 43.40 -31.23
C GLY C 225 11.45 44.68 -31.61
N THR C 226 10.99 45.80 -31.03
CA THR C 226 11.55 47.12 -31.29
C THR C 226 13.07 47.13 -31.37
N ALA C 227 13.71 46.16 -30.72
CA ALA C 227 15.17 46.09 -30.67
C ALA C 227 15.77 45.02 -31.57
N LEU C 228 14.93 44.12 -32.06
CA LEU C 228 15.44 43.08 -32.92
C LEU C 228 15.72 43.73 -34.27
N GLU C 229 14.81 44.61 -34.70
CA GLU C 229 14.92 45.33 -35.98
C GLU C 229 16.37 45.58 -36.34
N GLN C 230 16.98 46.42 -35.50
CA GLN C 230 18.38 46.81 -35.62
C GLN C 230 19.40 45.69 -35.35
N LEU C 231 19.16 44.51 -35.91
CA LEU C 231 20.05 43.36 -35.75
C LEU C 231 19.91 42.42 -36.94
N VAL C 232 18.68 42.22 -37.37
CA VAL C 232 18.41 41.33 -38.49
C VAL C 232 18.60 42.05 -39.84
N PRO C 233 19.38 41.43 -40.77
CA PRO C 233 19.65 41.98 -42.11
C PRO C 233 18.57 41.63 -43.13
N ALA C 234 18.19 42.62 -43.94
CA ALA C 234 17.16 42.42 -44.95
C ALA C 234 17.58 41.46 -46.07
N GLU C 235 16.84 41.51 -47.19
CA GLU C 235 17.08 40.66 -48.36
C GLU C 235 18.28 41.06 -49.25
N ALA D 9 11.25 -17.61 -35.39
CA ALA D 9 10.70 -16.99 -34.15
C ALA D 9 11.16 -17.77 -32.92
N GLU D 10 12.14 -17.21 -32.22
CA GLU D 10 12.74 -17.79 -31.01
C GLU D 10 14.21 -17.40 -30.98
N GLN D 11 14.83 -17.44 -32.16
CA GLN D 11 16.23 -17.08 -32.37
C GLN D 11 16.27 -15.61 -32.65
N ILE D 12 15.39 -14.92 -31.96
CA ILE D 12 15.28 -13.48 -32.04
C ILE D 12 16.60 -13.06 -31.47
N MET D 13 17.07 -13.92 -30.57
CA MET D 13 18.35 -13.67 -29.93
C MET D 13 19.32 -13.47 -31.05
N ARG D 14 19.12 -14.21 -32.15
CA ARG D 14 20.03 -14.03 -33.28
C ARG D 14 19.93 -12.55 -33.67
N ASP D 15 18.71 -12.14 -33.91
CA ASP D 15 18.47 -10.76 -34.32
C ASP D 15 19.02 -9.78 -33.32
N ARG D 16 18.41 -9.75 -32.15
CA ARG D 16 18.81 -8.83 -31.13
C ARG D 16 20.33 -8.70 -31.10
N SER D 17 20.98 -9.84 -31.02
CA SER D 17 22.43 -9.91 -31.00
C SER D 17 23.08 -9.03 -32.07
N GLU D 18 22.69 -9.32 -33.31
CA GLU D 18 23.19 -8.60 -34.45
C GLU D 18 22.96 -7.11 -34.25
N LEU D 19 21.76 -6.77 -33.77
CA LEU D 19 21.46 -5.38 -33.55
C LEU D 19 22.61 -4.74 -32.78
N ALA D 20 22.99 -5.38 -31.66
CA ALA D 20 24.07 -4.86 -30.82
C ALA D 20 25.44 -4.87 -31.47
N ARG D 21 25.83 -6.06 -31.93
CA ARG D 21 27.11 -6.24 -32.57
C ARG D 21 27.36 -5.15 -33.59
N LYS D 22 26.36 -4.91 -34.42
CA LYS D 22 26.43 -3.90 -35.48
C LYS D 22 26.59 -2.49 -34.93
N GLY D 23 25.76 -2.15 -33.97
CA GLY D 23 25.81 -0.83 -33.37
C GLY D 23 27.14 -0.56 -32.73
N ILE D 24 27.71 -1.61 -32.16
CA ILE D 24 29.01 -1.49 -31.50
C ILE D 24 30.08 -1.28 -32.55
N ALA D 25 30.04 -2.15 -33.53
CA ALA D 25 30.96 -2.13 -34.65
C ALA D 25 31.05 -0.76 -35.30
N ARG D 26 29.91 -0.26 -35.75
CA ARG D 26 29.90 1.04 -36.41
C ARG D 26 30.18 2.22 -35.48
N GLY D 27 31.26 2.13 -34.72
CA GLY D 27 31.61 3.20 -33.81
C GLY D 27 33.06 3.10 -33.37
N ARG D 28 33.59 4.20 -32.83
CA ARG D 28 34.97 4.27 -32.37
C ARG D 28 35.43 3.05 -31.55
N SER D 29 36.72 2.92 -31.24
CA SER D 29 37.18 1.78 -30.45
C SER D 29 38.04 2.07 -29.23
N VAL D 30 38.15 1.09 -28.34
CA VAL D 30 38.93 1.30 -27.14
C VAL D 30 39.84 0.14 -26.86
N VAL D 31 40.94 0.48 -26.16
CA VAL D 31 41.96 -0.49 -25.76
C VAL D 31 42.37 -0.28 -24.29
N VAL D 32 42.41 -1.37 -23.54
CA VAL D 32 42.78 -1.34 -22.14
C VAL D 32 43.90 -2.32 -21.98
N LEU D 33 44.95 -1.93 -21.24
CA LEU D 33 46.10 -2.81 -21.07
C LEU D 33 46.77 -2.92 -19.70
N THR D 34 47.51 -4.01 -19.51
CA THR D 34 48.24 -4.32 -18.28
C THR D 34 49.72 -3.93 -18.40
N PHE D 35 50.22 -3.09 -17.49
CA PHE D 35 51.62 -2.74 -17.57
C PHE D 35 52.36 -2.61 -16.25
N ARG D 36 53.26 -1.63 -16.17
CA ARG D 36 54.09 -1.42 -14.99
C ARG D 36 53.39 -0.69 -13.89
N ASP D 37 52.91 0.51 -14.18
CA ASP D 37 52.23 1.31 -13.18
C ASP D 37 50.91 0.71 -12.76
N GLY D 38 50.26 0.02 -13.69
CA GLY D 38 48.98 -0.61 -13.37
C GLY D 38 48.07 -0.94 -14.54
N VAL D 39 47.29 0.05 -14.99
CA VAL D 39 46.38 -0.16 -16.11
C VAL D 39 46.16 1.11 -16.92
N LEU D 40 46.19 0.98 -18.24
CA LEU D 40 46.03 2.12 -19.12
C LEU D 40 44.80 2.10 -20.02
N PHE D 41 44.17 3.26 -20.06
CA PHE D 41 42.96 3.48 -20.83
C PHE D 41 43.11 4.44 -22.02
N VAL D 42 43.08 3.85 -23.21
CA VAL D 42 43.18 4.60 -24.44
C VAL D 42 41.94 4.32 -25.29
N ALA D 43 41.19 5.38 -25.55
CA ALA D 43 40.00 5.25 -26.35
C ALA D 43 39.75 6.53 -27.10
N GLU D 44 39.41 6.35 -28.38
CA GLU D 44 39.09 7.41 -29.33
C GLU D 44 37.94 8.29 -28.85
N ASN D 45 38.25 9.48 -28.38
CA ASN D 45 37.17 10.29 -27.92
C ASN D 45 37.31 11.78 -28.31
N PRO D 46 36.73 12.14 -29.47
CA PRO D 46 36.76 13.52 -30.00
C PRO D 46 36.15 14.50 -29.03
N SER D 47 35.17 14.03 -28.27
CA SER D 47 34.48 14.89 -27.32
C SER D 47 35.42 15.57 -26.36
N THR D 48 35.07 16.80 -26.02
CA THR D 48 35.87 17.59 -25.11
C THR D 48 35.23 17.51 -23.73
N ALA D 49 33.98 17.08 -23.70
CA ALA D 49 33.23 17.02 -22.45
C ALA D 49 32.77 15.67 -21.96
N LEU D 50 32.27 14.85 -22.87
CA LEU D 50 31.76 13.55 -22.44
C LEU D 50 32.70 12.37 -22.50
N HIS D 51 33.19 11.96 -21.35
CA HIS D 51 34.13 10.85 -21.25
C HIS D 51 33.58 9.48 -21.59
N LYS D 52 34.49 8.55 -21.76
CA LYS D 52 34.19 7.18 -22.11
C LYS D 52 34.86 6.24 -21.11
N VAL D 53 35.77 6.81 -20.31
CA VAL D 53 36.47 6.05 -19.29
C VAL D 53 36.27 6.83 -17.96
N SER D 54 36.07 6.07 -16.87
CA SER D 54 35.81 6.65 -15.58
C SER D 54 36.35 5.87 -14.42
N GLU D 55 36.56 6.59 -13.32
CA GLU D 55 37.03 6.02 -12.07
C GLU D 55 35.83 5.30 -11.57
N LEU D 56 35.91 3.99 -11.42
CA LEU D 56 34.73 3.31 -10.91
C LEU D 56 34.89 3.28 -9.40
N TYR D 57 36.06 2.94 -8.88
CA TYR D 57 36.23 2.93 -7.43
C TYR D 57 37.66 3.24 -7.01
N ASP D 58 38.05 2.79 -5.82
CA ASP D 58 39.41 3.02 -5.32
C ASP D 58 40.50 2.41 -6.20
N ARG D 59 40.33 1.13 -6.52
CA ARG D 59 41.28 0.44 -7.35
C ARG D 59 40.50 -0.08 -8.54
N LEU D 60 39.49 0.67 -9.00
CA LEU D 60 38.67 0.20 -10.12
C LEU D 60 38.41 1.21 -11.21
N GLY D 61 38.67 0.82 -12.43
CA GLY D 61 38.44 1.72 -13.55
C GLY D 61 37.38 1.12 -14.46
N PHE D 62 36.73 1.96 -15.28
CA PHE D 62 35.67 1.51 -16.18
C PHE D 62 35.70 2.23 -17.50
N ALA D 63 35.46 1.46 -18.57
CA ALA D 63 35.44 2.00 -19.91
C ALA D 63 34.49 1.12 -20.72
N ALA D 64 33.80 1.77 -21.66
CA ALA D 64 32.85 1.08 -22.49
C ALA D 64 32.70 1.65 -23.91
N VAL D 65 31.80 1.04 -24.67
CA VAL D 65 31.56 1.47 -26.02
C VAL D 65 30.18 1.02 -26.43
N GLY D 66 29.58 1.83 -27.30
CA GLY D 66 28.25 1.60 -27.82
C GLY D 66 27.54 2.92 -27.72
N LYS D 67 26.20 2.90 -27.62
CA LYS D 67 25.47 4.14 -27.49
C LYS D 67 25.77 4.77 -26.11
N TYR D 68 26.15 6.04 -26.13
CA TYR D 68 26.50 6.74 -24.91
C TYR D 68 25.51 6.51 -23.80
N ASN D 69 24.37 7.18 -23.88
CA ASN D 69 23.37 7.04 -22.84
C ASN D 69 23.37 5.66 -22.28
N GLU D 70 23.29 4.64 -23.12
CA GLU D 70 23.28 3.28 -22.60
C GLU D 70 24.50 2.89 -21.73
N PHE D 71 25.74 3.05 -22.18
CA PHE D 71 26.75 2.66 -21.23
C PHE D 71 26.90 3.72 -20.13
N GLU D 72 26.47 4.95 -20.39
CA GLU D 72 26.59 5.98 -19.37
C GLU D 72 25.86 5.50 -18.13
N ASN D 73 24.65 5.00 -18.33
CA ASN D 73 23.80 4.43 -17.26
C ASN D 73 24.64 3.44 -16.48
N LEU D 74 25.01 2.37 -17.17
CA LEU D 74 25.80 1.31 -16.65
C LEU D 74 27.04 1.88 -16.01
N ARG D 75 27.50 3.04 -16.39
CA ARG D 75 28.68 3.56 -15.70
C ARG D 75 28.27 3.96 -14.29
N ARG D 76 27.28 4.86 -14.22
CA ARG D 76 26.70 5.35 -12.96
C ARG D 76 26.24 4.17 -12.09
N ALA D 77 25.44 3.27 -12.67
CA ALA D 77 24.99 2.08 -11.94
C ALA D 77 26.14 1.37 -11.24
N GLY D 78 27.31 1.43 -11.87
CA GLY D 78 28.48 0.82 -11.28
C GLY D 78 28.94 1.70 -10.13
N ILE D 79 29.28 2.94 -10.46
CA ILE D 79 29.72 3.90 -9.48
C ILE D 79 28.91 3.68 -8.19
N VAL D 80 27.60 3.47 -8.35
CA VAL D 80 26.77 3.24 -7.20
C VAL D 80 26.97 1.85 -6.57
N HIS D 81 26.80 0.79 -7.38
CA HIS D 81 26.96 -0.57 -6.84
C HIS D 81 28.27 -0.75 -6.10
N ALA D 82 29.24 0.11 -6.41
CA ALA D 82 30.56 0.06 -5.76
C ALA D 82 30.48 0.73 -4.40
N ASP D 83 30.12 2.01 -4.41
CA ASP D 83 29.96 2.77 -3.20
C ASP D 83 29.13 1.98 -2.20
N MET D 84 28.00 1.45 -2.67
CA MET D 84 27.14 0.66 -1.79
C MET D 84 27.93 -0.35 -0.99
N ARG D 85 28.55 -1.31 -1.67
CA ARG D 85 29.37 -2.30 -0.97
C ARG D 85 30.43 -1.66 -0.07
N GLY D 86 31.11 -0.62 -0.56
CA GLY D 86 32.10 0.06 0.24
C GLY D 86 31.53 0.58 1.56
N TYR D 87 30.33 1.16 1.49
CA TYR D 87 29.68 1.71 2.68
C TYR D 87 29.09 0.58 3.52
N SER D 88 28.39 -0.34 2.86
CA SER D 88 27.77 -1.44 3.55
C SER D 88 28.80 -2.23 4.33
N TYR D 89 29.95 -2.47 3.72
CA TYR D 89 31.02 -3.21 4.36
C TYR D 89 32.29 -2.41 4.48
N ASP D 90 33.24 -2.66 3.59
CA ASP D 90 34.48 -1.91 3.67
C ASP D 90 35.11 -1.73 2.31
N ARG D 91 35.52 -0.51 2.01
CA ARG D 91 36.12 -0.18 0.73
C ARG D 91 37.06 -1.32 0.32
N ARG D 92 37.68 -1.89 1.34
CA ARG D 92 38.61 -2.95 1.13
C ARG D 92 37.90 -4.16 0.53
N ASP D 93 36.57 -4.19 0.46
CA ASP D 93 35.87 -5.37 -0.10
C ASP D 93 35.25 -5.21 -1.50
N VAL D 94 35.31 -3.99 -2.00
CA VAL D 94 34.83 -3.65 -3.33
C VAL D 94 35.87 -4.24 -4.30
N THR D 95 35.43 -5.17 -5.13
CA THR D 95 36.36 -5.79 -6.05
C THR D 95 36.04 -5.48 -7.49
N GLY D 96 36.79 -6.10 -8.39
CA GLY D 96 36.54 -5.92 -9.79
C GLY D 96 35.53 -7.00 -10.13
N ARG D 97 35.81 -8.23 -9.70
CA ARG D 97 34.91 -9.37 -9.97
C ARG D 97 33.45 -9.15 -9.56
N SER D 98 33.21 -8.35 -8.50
CA SER D 98 31.86 -8.05 -8.02
C SER D 98 31.11 -7.24 -9.09
N LEU D 99 31.67 -6.08 -9.46
CA LEU D 99 31.09 -5.26 -10.52
C LEU D 99 31.04 -6.02 -11.81
N ALA D 100 32.01 -6.87 -12.07
CA ALA D 100 31.98 -7.65 -13.28
C ALA D 100 30.66 -8.40 -13.27
N ASN D 101 30.54 -9.39 -12.39
CA ASN D 101 29.32 -10.21 -12.32
C ASN D 101 28.13 -9.35 -12.40
N ALA D 102 28.13 -8.29 -11.60
CA ALA D 102 27.03 -7.36 -11.59
C ALA D 102 26.63 -7.06 -13.03
N TYR D 103 27.47 -6.27 -13.68
CA TYR D 103 27.25 -5.88 -15.05
C TYR D 103 26.75 -7.00 -15.91
N ALA D 104 27.38 -8.16 -15.75
CA ALA D 104 27.01 -9.34 -16.50
C ALA D 104 25.53 -9.63 -16.28
N GLN D 105 25.14 -9.80 -15.03
CA GLN D 105 23.76 -10.10 -14.73
C GLN D 105 22.87 -9.02 -15.35
N THR D 106 23.20 -7.75 -15.14
CA THR D 106 22.40 -6.66 -15.69
C THR D 106 22.21 -6.77 -17.19
N LEU D 107 23.33 -6.72 -17.91
CA LEU D 107 23.27 -6.80 -19.35
C LEU D 107 22.52 -8.06 -19.77
N GLY D 108 22.88 -9.18 -19.18
CA GLY D 108 22.19 -10.39 -19.56
C GLY D 108 20.69 -10.26 -19.42
N THR D 109 20.25 -9.41 -18.52
CA THR D 109 18.82 -9.29 -18.31
C THR D 109 18.22 -8.33 -19.31
N ILE D 110 18.90 -7.22 -19.54
CA ILE D 110 18.42 -6.24 -20.51
C ILE D 110 18.19 -7.01 -21.81
N PHE D 111 19.29 -7.50 -22.35
CA PHE D 111 19.28 -8.30 -23.56
C PHE D 111 17.99 -9.11 -23.64
N THR D 112 17.76 -9.97 -22.64
CA THR D 112 16.59 -10.85 -22.55
C THR D 112 15.25 -10.17 -22.46
N GLU D 113 15.16 -9.10 -21.68
CA GLU D 113 13.86 -8.48 -21.48
C GLU D 113 13.58 -7.05 -22.01
N GLN D 114 14.60 -6.18 -22.05
CA GLN D 114 14.38 -4.81 -22.52
C GLN D 114 13.81 -4.86 -23.95
N PRO D 115 13.09 -3.82 -24.39
CA PRO D 115 12.56 -3.88 -25.77
C PRO D 115 13.69 -3.85 -26.79
N LYS D 116 14.78 -3.17 -26.46
CA LYS D 116 15.93 -3.12 -27.35
C LYS D 116 17.14 -3.43 -26.53
N PRO D 117 17.95 -4.39 -26.96
CA PRO D 117 19.16 -4.76 -26.22
C PRO D 117 20.07 -3.56 -26.16
N TYR D 118 21.06 -3.61 -25.28
CA TYR D 118 21.98 -2.50 -25.13
C TYR D 118 23.15 -2.59 -26.06
N GLU D 119 23.29 -1.60 -26.91
CA GLU D 119 24.41 -1.56 -27.84
C GLU D 119 25.60 -1.07 -27.04
N VAL D 120 26.17 -1.96 -26.24
CA VAL D 120 27.29 -1.64 -25.40
C VAL D 120 28.25 -2.82 -25.17
N GLU D 121 29.50 -2.47 -24.95
CA GLU D 121 30.55 -3.43 -24.68
C GLU D 121 31.24 -2.69 -23.55
N ILE D 122 31.42 -3.35 -22.40
CA ILE D 122 32.05 -2.74 -21.21
C ILE D 122 33.28 -3.45 -20.67
N CYS D 123 34.21 -2.64 -20.19
CA CYS D 123 35.45 -3.13 -19.60
C CYS D 123 35.68 -2.59 -18.19
N VAL D 124 35.79 -3.54 -17.25
CA VAL D 124 36.04 -3.26 -15.83
C VAL D 124 37.46 -3.68 -15.50
N ALA D 125 38.22 -2.75 -14.91
CA ALA D 125 39.62 -2.99 -14.57
C ALA D 125 40.03 -2.65 -13.15
N GLU D 126 40.68 -3.60 -12.47
CA GLU D 126 41.12 -3.37 -11.10
C GLU D 126 42.60 -3.57 -11.02
N VAL D 127 43.29 -2.57 -10.47
CA VAL D 127 44.73 -2.60 -10.29
C VAL D 127 44.99 -2.85 -8.82
N GLY D 128 45.39 -4.07 -8.45
CA GLY D 128 45.71 -4.45 -7.07
C GLY D 128 45.92 -3.34 -6.01
N ARG D 129 45.77 -3.69 -4.72
CA ARG D 129 45.91 -2.69 -3.65
C ARG D 129 47.15 -1.80 -3.73
N VAL D 130 47.52 -1.12 -2.66
CA VAL D 130 48.69 -0.24 -2.75
C VAL D 130 49.91 -0.87 -2.11
N GLY D 131 50.30 -2.05 -2.59
CA GLY D 131 51.45 -2.75 -2.05
C GLY D 131 51.68 -4.14 -2.61
N SER D 132 50.92 -5.12 -2.13
CA SER D 132 51.06 -6.50 -2.57
C SER D 132 51.44 -6.69 -4.03
N PRO D 133 52.09 -7.81 -4.35
CA PRO D 133 52.58 -8.26 -5.66
C PRO D 133 51.52 -8.87 -6.57
N LYS D 134 50.31 -8.32 -6.56
CA LYS D 134 49.26 -8.86 -7.42
C LYS D 134 49.21 -8.11 -8.72
N ALA D 135 49.07 -8.84 -9.81
CA ALA D 135 49.00 -8.21 -11.12
C ALA D 135 47.57 -7.85 -11.47
N PRO D 136 47.35 -6.66 -12.09
CA PRO D 136 46.01 -6.22 -12.45
C PRO D 136 45.17 -7.30 -13.12
N GLN D 137 43.86 -7.06 -13.13
CA GLN D 137 42.90 -7.96 -13.72
C GLN D 137 41.97 -7.12 -14.58
N LEU D 138 41.52 -7.72 -15.67
CA LEU D 138 40.65 -7.04 -16.63
C LEU D 138 39.41 -7.87 -16.93
N TYR D 139 38.30 -7.14 -17.06
CA TYR D 139 37.03 -7.76 -17.35
C TYR D 139 36.30 -7.08 -18.47
N ARG D 140 35.77 -7.89 -19.38
CA ARG D 140 34.99 -7.42 -20.50
C ARG D 140 33.61 -8.08 -20.44
N ILE D 141 32.57 -7.28 -20.62
CA ILE D 141 31.24 -7.83 -20.59
C ILE D 141 30.56 -7.35 -21.83
N THR D 142 29.87 -8.27 -22.51
CA THR D 142 29.20 -7.96 -23.75
C THR D 142 27.73 -7.68 -23.61
N TYR D 143 27.22 -6.99 -24.62
CA TYR D 143 25.82 -6.64 -24.71
C TYR D 143 24.87 -7.80 -24.37
N ASP D 144 25.34 -9.02 -24.21
CA ASP D 144 24.42 -10.10 -23.90
C ASP D 144 24.81 -10.75 -22.60
N GLY D 145 25.67 -10.10 -21.84
CA GLY D 145 26.06 -10.66 -20.56
C GLY D 145 27.08 -11.74 -20.65
N SER D 146 28.24 -11.39 -21.17
CA SER D 146 29.28 -12.37 -21.28
C SER D 146 30.51 -11.76 -20.71
N ILE D 147 31.20 -12.52 -19.88
CA ILE D 147 32.43 -12.01 -19.28
C ILE D 147 33.59 -12.95 -19.55
N VAL D 148 34.78 -12.35 -19.48
CA VAL D 148 36.03 -13.04 -19.70
C VAL D 148 37.07 -12.35 -18.85
N ASP D 149 37.92 -13.16 -18.24
CA ASP D 149 38.97 -12.66 -17.37
C ASP D 149 40.24 -12.41 -18.17
N GLU D 150 40.42 -11.19 -18.67
CA GLU D 150 41.61 -10.92 -19.46
C GLU D 150 42.73 -10.41 -18.57
N GLN D 151 43.89 -11.06 -18.62
CA GLN D 151 45.04 -10.66 -17.80
C GLN D 151 46.02 -9.75 -18.53
N HIS D 152 45.98 -9.76 -19.85
CA HIS D 152 46.90 -8.93 -20.59
C HIS D 152 46.39 -7.60 -21.06
N PHE D 153 45.61 -7.63 -22.13
CA PHE D 153 45.06 -6.40 -22.72
C PHE D 153 43.66 -6.69 -23.26
N VAL D 154 42.84 -5.64 -23.41
CA VAL D 154 41.50 -5.83 -23.98
C VAL D 154 41.10 -4.72 -24.97
N VAL D 155 40.50 -5.15 -26.09
CA VAL D 155 40.07 -4.26 -27.16
C VAL D 155 38.59 -4.42 -27.47
N MET D 156 37.93 -3.27 -27.63
CA MET D 156 36.53 -3.26 -27.93
C MET D 156 36.20 -2.05 -28.74
N GLY D 157 35.13 -2.15 -29.51
CA GLY D 157 34.67 -1.05 -30.35
C GLY D 157 35.05 -1.23 -31.80
N GLY D 158 34.29 -0.60 -32.69
CA GLY D 158 34.56 -0.68 -34.12
C GLY D 158 34.95 -2.03 -34.67
N THR D 159 36.06 -2.03 -35.43
CA THR D 159 36.59 -3.24 -36.03
C THR D 159 37.77 -3.66 -35.17
N THR D 160 37.54 -4.72 -34.43
CA THR D 160 38.53 -5.25 -33.52
C THR D 160 39.64 -6.06 -34.16
N GLU D 161 39.28 -6.91 -35.12
CA GLU D 161 40.25 -7.78 -35.79
C GLU D 161 41.64 -7.15 -35.99
N PRO D 162 41.71 -6.04 -36.74
CA PRO D 162 43.03 -5.42 -36.96
C PRO D 162 43.78 -5.07 -35.68
N ILE D 163 43.20 -4.16 -34.91
CA ILE D 163 43.76 -3.67 -33.64
C ILE D 163 44.02 -4.82 -32.66
N ALA D 164 43.16 -5.84 -32.73
CA ALA D 164 43.25 -7.01 -31.88
C ALA D 164 44.61 -7.65 -32.09
N THR D 165 44.81 -8.20 -33.28
CA THR D 165 46.05 -8.87 -33.64
C THR D 165 47.22 -7.90 -33.52
N ALA D 166 47.05 -6.65 -33.98
CA ALA D 166 48.08 -5.60 -33.88
C ALA D 166 48.62 -5.46 -32.42
N MET D 167 47.99 -6.21 -31.52
CA MET D 167 48.35 -6.23 -30.12
C MET D 167 48.89 -7.61 -29.78
N ARG D 168 48.20 -8.63 -30.25
CA ARG D 168 48.60 -10.01 -30.00
C ARG D 168 50.08 -10.11 -30.28
N GLU D 169 50.51 -9.37 -31.29
CA GLU D 169 51.90 -9.34 -31.71
C GLU D 169 52.37 -7.92 -31.41
N SER D 170 52.43 -7.56 -30.13
CA SER D 170 52.84 -6.21 -29.78
C SER D 170 52.75 -5.96 -28.27
N TYR D 171 52.42 -7.00 -27.51
CA TYR D 171 52.27 -6.88 -26.06
C TYR D 171 53.46 -7.34 -25.24
N ARG D 172 53.82 -6.55 -24.24
CA ARG D 172 54.94 -6.89 -23.36
C ARG D 172 54.66 -6.47 -21.91
N ALA D 173 54.88 -7.42 -21.00
CA ALA D 173 54.68 -7.22 -19.57
C ALA D 173 55.61 -6.13 -19.08
N ASP D 174 55.41 -5.69 -17.84
CA ASP D 174 56.23 -4.63 -17.23
C ASP D 174 56.46 -3.47 -18.19
N LEU D 175 55.67 -3.44 -19.25
CA LEU D 175 55.76 -2.43 -20.26
C LEU D 175 55.79 -1.02 -19.68
N ASP D 176 56.77 -0.21 -20.08
CA ASP D 176 56.82 1.16 -19.58
C ASP D 176 55.49 1.84 -19.94
N LEU D 177 55.17 2.95 -19.29
CA LEU D 177 53.93 3.68 -19.57
C LEU D 177 53.99 4.37 -20.94
N GLU D 178 55.05 5.13 -21.20
CA GLU D 178 55.23 5.84 -22.47
C GLU D 178 55.15 4.88 -23.67
N ALA D 179 55.72 3.69 -23.50
CA ALA D 179 55.73 2.65 -24.52
C ALA D 179 54.37 1.97 -24.63
N ALA D 180 53.76 1.66 -23.49
CA ALA D 180 52.46 1.03 -23.49
C ALA D 180 51.51 1.92 -24.26
N VAL D 181 51.70 3.23 -24.14
CA VAL D 181 50.86 4.20 -24.83
C VAL D 181 51.03 3.99 -26.31
N GLY D 182 52.28 3.72 -26.71
CA GLY D 182 52.57 3.49 -28.11
C GLY D 182 51.91 2.20 -28.57
N ILE D 183 52.29 1.10 -27.93
CA ILE D 183 51.76 -0.22 -28.26
C ILE D 183 50.29 -0.21 -28.66
N ALA D 184 49.50 0.50 -27.86
CA ALA D 184 48.05 0.62 -28.08
C ALA D 184 47.70 1.64 -29.14
N VAL D 185 48.11 2.90 -28.95
CA VAL D 185 47.79 3.96 -29.91
C VAL D 185 48.14 3.54 -31.33
N ASN D 186 49.15 2.70 -31.46
CA ASN D 186 49.58 2.20 -32.75
C ASN D 186 48.47 1.30 -33.29
N ALA D 187 48.33 0.13 -32.68
CA ALA D 187 47.32 -0.84 -33.09
C ALA D 187 45.94 -0.20 -33.35
N LEU D 188 45.68 0.95 -32.73
CA LEU D 188 44.42 1.65 -32.91
C LEU D 188 44.37 2.23 -34.29
N ARG D 189 45.53 2.75 -34.70
CA ARG D 189 45.70 3.37 -36.01
C ARG D 189 45.57 2.32 -37.11
N GLN D 190 45.95 1.09 -36.77
CA GLN D 190 45.89 -0.03 -37.70
C GLN D 190 44.46 -0.60 -37.82
N GLY D 191 43.53 0.27 -38.24
CA GLY D 191 42.14 -0.13 -38.38
C GLY D 191 41.23 1.11 -38.52
N GLY D 192 41.86 2.29 -38.54
CA GLY D 192 41.13 3.53 -38.68
C GLY D 192 42.03 4.76 -38.60
N VAL D 201 42.90 11.17 -37.37
CA VAL D 201 42.87 9.71 -37.35
C VAL D 201 43.51 9.17 -36.08
N ASP D 202 44.45 9.91 -35.51
CA ASP D 202 45.14 9.44 -34.32
C ASP D 202 45.67 10.61 -33.50
N VAL D 203 45.19 11.82 -33.80
CA VAL D 203 45.63 13.04 -33.11
C VAL D 203 45.46 12.94 -31.59
N ALA D 204 46.03 13.89 -30.86
CA ALA D 204 45.90 13.89 -29.41
C ALA D 204 44.47 14.35 -29.14
N SER D 205 43.53 13.68 -29.81
CA SER D 205 42.12 13.98 -29.67
C SER D 205 41.42 12.66 -29.36
N LEU D 206 41.62 12.24 -28.11
CA LEU D 206 41.04 11.03 -27.54
C LEU D 206 41.10 11.28 -26.06
N GLU D 207 40.75 10.26 -25.30
CA GLU D 207 40.83 10.40 -23.87
C GLU D 207 41.60 9.21 -23.35
N VAL D 208 42.54 9.51 -22.48
CA VAL D 208 43.38 8.51 -21.88
C VAL D 208 43.49 8.78 -20.40
N ALA D 209 43.44 7.71 -19.61
CA ALA D 209 43.56 7.77 -18.18
C ALA D 209 44.30 6.54 -17.72
N VAL D 210 44.63 6.46 -16.45
CA VAL D 210 45.31 5.29 -15.95
C VAL D 210 44.99 4.97 -14.49
N LEU D 211 45.07 3.69 -14.15
CA LEU D 211 44.84 3.16 -12.81
C LEU D 211 46.25 2.87 -12.25
N ASP D 212 46.82 3.87 -11.59
CA ASP D 212 48.16 3.87 -11.00
C ASP D 212 48.37 3.14 -9.66
N GLN D 213 48.74 1.87 -9.72
CA GLN D 213 48.96 1.09 -8.50
C GLN D 213 49.90 1.74 -7.50
N SER D 214 50.48 2.87 -7.88
CA SER D 214 51.37 3.56 -6.99
C SER D 214 50.51 4.22 -5.94
N ARG D 215 49.51 4.96 -6.40
CA ARG D 215 48.58 5.69 -5.53
C ARG D 215 48.05 4.85 -4.37
N PRO D 216 47.92 5.47 -3.19
CA PRO D 216 47.43 4.82 -1.97
C PRO D 216 45.91 4.62 -1.91
N ARG D 217 45.14 5.57 -2.46
CA ARG D 217 43.70 5.50 -2.46
C ARG D 217 43.13 5.52 -3.88
N ARG D 218 42.75 6.72 -4.33
CA ARG D 218 42.15 6.97 -5.65
C ARG D 218 42.60 6.02 -6.78
N ALA D 219 43.90 5.94 -7.01
CA ALA D 219 44.49 5.06 -8.03
C ALA D 219 44.07 5.32 -9.49
N PHE D 220 43.22 6.30 -9.72
CA PHE D 220 42.80 6.57 -11.08
C PHE D 220 42.97 8.04 -11.42
N ARG D 221 43.80 8.30 -12.41
CA ARG D 221 44.05 9.65 -12.87
C ARG D 221 44.01 9.62 -14.40
N ARG D 222 43.71 10.78 -14.99
CA ARG D 222 43.62 10.92 -16.43
C ARG D 222 44.79 11.74 -16.97
N ILE D 223 45.42 11.26 -18.03
CA ILE D 223 46.54 11.98 -18.67
C ILE D 223 45.97 13.12 -19.51
N ALA D 224 46.06 14.34 -19.00
CA ALA D 224 45.52 15.53 -19.67
C ALA D 224 46.14 15.71 -21.06
N GLY D 225 46.12 16.95 -21.57
CA GLY D 225 46.68 17.22 -22.90
C GLY D 225 48.18 17.49 -22.93
N THR D 226 48.60 18.57 -22.29
CA THR D 226 50.00 18.99 -22.23
C THR D 226 51.00 17.85 -21.99
N ALA D 227 50.54 16.82 -21.28
CA ALA D 227 51.42 15.69 -20.96
C ALA D 227 51.21 14.43 -21.82
N LEU D 228 50.14 14.42 -22.60
CA LEU D 228 49.85 13.28 -23.45
C LEU D 228 50.78 13.37 -24.66
N GLU D 229 51.02 14.60 -25.11
CA GLU D 229 51.89 14.84 -26.27
C GLU D 229 53.03 13.84 -26.23
N GLN D 230 53.86 14.02 -25.21
CA GLN D 230 55.05 13.20 -24.95
C GLN D 230 54.78 11.74 -24.58
N LEU D 231 53.90 11.08 -25.32
CA LEU D 231 53.56 9.69 -25.07
C LEU D 231 53.01 8.99 -26.31
N VAL D 232 52.27 9.74 -27.11
CA VAL D 232 51.68 9.23 -28.34
C VAL D 232 52.61 9.41 -29.54
N PRO D 233 52.92 8.31 -30.25
CA PRO D 233 53.81 8.36 -31.43
C PRO D 233 53.10 8.87 -32.69
N ALA D 234 53.82 9.65 -33.49
CA ALA D 234 53.27 10.22 -34.73
C ALA D 234 53.10 9.19 -35.84
N GLU D 235 52.88 9.66 -37.07
CA GLU D 235 52.66 8.78 -38.22
C GLU D 235 53.89 7.98 -38.67
N ALA E 9 2.02 -22.94 -33.31
CA ALA E 9 1.83 -22.02 -32.14
C ALA E 9 1.23 -22.78 -30.94
N GLU E 10 2.07 -23.03 -29.95
CA GLU E 10 1.76 -23.75 -28.72
C GLU E 10 2.97 -24.65 -28.45
N GLN E 11 3.56 -25.14 -29.53
CA GLN E 11 4.74 -25.97 -29.44
C GLN E 11 5.88 -25.01 -29.61
N ILE E 12 5.84 -23.99 -28.77
CA ILE E 12 6.87 -22.96 -28.70
C ILE E 12 7.90 -23.63 -27.83
N MET E 13 7.41 -24.45 -26.91
CA MET E 13 8.25 -25.21 -26.03
C MET E 13 9.27 -25.95 -26.90
N ARG E 14 8.81 -26.47 -28.04
CA ARG E 14 9.70 -27.16 -28.95
C ARG E 14 10.82 -26.18 -29.23
N ASP E 15 10.44 -24.99 -29.67
CA ASP E 15 11.40 -23.96 -29.99
C ASP E 15 12.29 -23.62 -28.82
N ARG E 16 11.72 -22.94 -27.83
CA ARG E 16 12.46 -22.52 -26.65
C ARG E 16 13.42 -23.60 -26.27
N SER E 17 12.88 -24.82 -26.24
CA SER E 17 13.61 -26.01 -25.90
C SER E 17 14.88 -26.12 -26.68
N GLU E 18 14.75 -25.99 -27.99
CA GLU E 18 15.90 -26.06 -28.89
C GLU E 18 16.86 -24.90 -28.61
N LEU E 19 16.32 -23.75 -28.25
CA LEU E 19 17.17 -22.59 -27.96
C LEU E 19 18.20 -22.93 -26.94
N ALA E 20 17.76 -23.57 -25.85
CA ALA E 20 18.64 -23.96 -24.72
C ALA E 20 19.61 -25.09 -25.10
N ARG E 21 19.03 -26.21 -25.53
CA ARG E 21 19.82 -27.35 -25.95
C ARG E 21 21.02 -26.90 -26.76
N LYS E 22 20.76 -26.08 -27.79
CA LYS E 22 21.80 -25.58 -28.67
C LYS E 22 22.82 -24.68 -27.95
N GLY E 23 22.33 -23.82 -27.08
CA GLY E 23 23.23 -22.92 -26.38
C GLY E 23 24.13 -23.67 -25.44
N ILE E 24 23.54 -24.64 -24.76
CA ILE E 24 24.27 -25.50 -23.83
C ILE E 24 25.30 -26.27 -24.65
N ALA E 25 24.80 -27.06 -25.60
CA ALA E 25 25.63 -27.86 -26.48
C ALA E 25 26.82 -27.05 -26.98
N ARG E 26 26.60 -25.88 -27.57
CA ARG E 26 27.72 -25.09 -28.08
C ARG E 26 28.56 -24.46 -26.93
N GLY E 27 29.04 -25.30 -26.04
CA GLY E 27 29.85 -24.81 -24.94
C GLY E 27 30.59 -25.92 -24.21
N ARG E 28 31.71 -25.58 -23.56
CA ARG E 28 32.53 -26.51 -22.81
C ARG E 28 31.65 -27.47 -21.97
N SER E 29 32.23 -28.58 -21.49
CA SER E 29 31.48 -29.59 -20.71
C SER E 29 31.93 -29.88 -19.28
N VAL E 30 31.08 -30.57 -18.54
CA VAL E 30 31.43 -30.92 -17.18
C VAL E 30 31.12 -32.36 -16.83
N VAL E 31 31.89 -32.87 -15.90
CA VAL E 31 31.75 -34.23 -15.40
C VAL E 31 31.82 -34.25 -13.89
N VAL E 32 30.84 -34.92 -13.30
CA VAL E 32 30.74 -35.05 -11.86
C VAL E 32 30.65 -36.54 -11.61
N LEU E 33 31.36 -37.02 -10.59
CA LEU E 33 31.39 -38.45 -10.25
C LEU E 33 31.42 -38.85 -8.77
N THR E 34 31.01 -40.08 -8.53
CA THR E 34 30.97 -40.67 -7.21
C THR E 34 32.24 -41.49 -7.00
N PHE E 35 32.91 -41.33 -5.86
CA PHE E 35 34.06 -42.17 -5.61
C PHE E 35 34.34 -42.47 -4.16
N ARG E 36 35.62 -42.64 -3.82
CA ARG E 36 36.02 -42.98 -2.47
C ARG E 36 35.83 -41.85 -1.47
N ASP E 37 36.57 -40.77 -1.67
CA ASP E 37 36.51 -39.63 -0.76
C ASP E 37 35.10 -39.03 -0.65
N GLY E 38 34.39 -38.95 -1.78
CA GLY E 38 33.05 -38.41 -1.79
C GLY E 38 32.57 -38.03 -3.18
N VAL E 39 32.88 -36.81 -3.64
CA VAL E 39 32.46 -36.38 -4.97
C VAL E 39 33.43 -35.46 -5.72
N LEU E 40 33.68 -35.78 -6.99
CA LEU E 40 34.62 -35.00 -7.82
C LEU E 40 34.02 -34.14 -8.91
N PHE E 41 34.52 -32.90 -8.97
CA PHE E 41 34.08 -31.91 -9.93
C PHE E 41 35.16 -31.56 -10.93
N VAL E 42 34.95 -32.03 -12.16
CA VAL E 42 35.88 -31.73 -13.24
C VAL E 42 35.09 -31.10 -14.36
N ALA E 43 35.52 -29.92 -14.72
CA ALA E 43 34.88 -29.18 -15.77
C ALA E 43 35.92 -28.25 -16.40
N GLU E 44 35.80 -28.13 -17.73
CA GLU E 44 36.66 -27.31 -18.58
C GLU E 44 36.53 -25.83 -18.30
N ASN E 45 37.47 -25.23 -17.61
CA ASN E 45 37.28 -23.82 -17.39
C ASN E 45 38.56 -23.02 -17.59
N PRO E 46 38.72 -22.49 -18.78
CA PRO E 46 39.91 -21.71 -19.08
C PRO E 46 40.08 -20.47 -18.20
N SER E 47 38.96 -19.99 -17.66
CA SER E 47 38.93 -18.82 -16.82
C SER E 47 39.76 -18.94 -15.55
N THR E 48 40.45 -17.84 -15.21
CA THR E 48 41.30 -17.82 -14.03
C THR E 48 40.57 -17.20 -12.85
N ALA E 49 39.43 -16.57 -13.10
CA ALA E 49 38.71 -15.93 -12.01
C ALA E 49 37.32 -16.45 -11.78
N LEU E 50 36.61 -16.70 -12.86
CA LEU E 50 35.23 -17.14 -12.80
C LEU E 50 35.06 -18.64 -12.77
N HIS E 51 34.62 -19.19 -11.65
CA HIS E 51 34.41 -20.63 -11.54
C HIS E 51 33.11 -21.11 -12.19
N LYS E 52 32.87 -22.40 -12.05
CA LYS E 52 31.71 -23.07 -12.64
C LYS E 52 31.22 -24.16 -11.67
N VAL E 53 31.94 -24.31 -10.57
CA VAL E 53 31.64 -25.28 -9.53
C VAL E 53 31.75 -24.50 -8.23
N SER E 54 30.83 -24.73 -7.32
CA SER E 54 30.86 -24.00 -6.06
C SER E 54 30.38 -24.79 -4.83
N GLU E 55 30.87 -24.38 -3.66
CA GLU E 55 30.44 -25.01 -2.42
C GLU E 55 29.01 -24.55 -2.35
N LEU E 56 28.04 -25.44 -2.31
CA LEU E 56 26.71 -24.90 -2.21
C LEU E 56 26.35 -24.90 -0.73
N TYR E 57 26.89 -25.86 0.02
CA TYR E 57 26.62 -25.90 1.46
C TYR E 57 27.61 -26.79 2.20
N ASP E 58 27.21 -27.24 3.39
CA ASP E 58 28.05 -28.08 4.24
C ASP E 58 28.43 -29.37 3.53
N ARG E 59 27.42 -30.05 3.05
CA ARG E 59 27.62 -31.31 2.36
C ARG E 59 27.10 -31.17 0.90
N LEU E 60 27.13 -29.97 0.35
CA LEU E 60 26.63 -29.77 -1.00
C LEU E 60 27.54 -29.02 -1.96
N GLY E 61 27.55 -29.52 -3.17
CA GLY E 61 28.34 -28.92 -4.22
C GLY E 61 27.41 -28.58 -5.36
N PHE E 62 27.87 -27.69 -6.22
CA PHE E 62 27.08 -27.28 -7.33
C PHE E 62 28.02 -27.03 -8.48
N ALA E 63 27.57 -27.42 -9.68
CA ALA E 63 28.32 -27.19 -10.90
C ALA E 63 27.28 -27.09 -12.00
N ALA E 64 27.48 -26.18 -12.96
CA ALA E 64 26.52 -26.01 -14.06
C ALA E 64 27.20 -25.74 -15.42
N VAL E 65 26.39 -25.36 -16.42
CA VAL E 65 26.87 -25.08 -17.76
C VAL E 65 25.78 -24.35 -18.50
N GLY E 66 26.20 -23.50 -19.42
CA GLY E 66 25.25 -22.72 -20.20
C GLY E 66 25.78 -21.29 -20.13
N LYS E 67 24.89 -20.30 -20.27
CA LYS E 67 25.37 -18.94 -20.19
C LYS E 67 25.74 -18.71 -18.73
N TYR E 68 26.85 -18.00 -18.52
CA TYR E 68 27.36 -17.73 -17.18
C TYR E 68 26.40 -17.04 -16.24
N ASN E 69 26.17 -15.77 -16.54
CA ASN E 69 25.26 -14.97 -15.75
C ASN E 69 24.04 -15.79 -15.37
N GLU E 70 23.45 -16.54 -16.31
CA GLU E 70 22.27 -17.35 -16.01
C GLU E 70 22.41 -18.44 -14.95
N PHE E 71 23.46 -19.25 -14.96
CA PHE E 71 23.51 -20.23 -13.88
C PHE E 71 24.10 -19.54 -12.68
N GLU E 72 25.00 -18.60 -12.89
CA GLU E 72 25.59 -17.88 -11.77
C GLU E 72 24.46 -17.46 -10.80
N ASN E 73 23.40 -16.91 -11.38
CA ASN E 73 22.23 -16.52 -10.62
C ASN E 73 21.88 -17.77 -9.81
N LEU E 74 21.20 -18.71 -10.46
CA LEU E 74 20.76 -19.98 -9.85
C LEU E 74 21.78 -20.51 -8.83
N ARG E 75 23.06 -20.24 -9.05
CA ARG E 75 24.07 -20.68 -8.10
C ARG E 75 23.82 -19.88 -6.85
N ARG E 76 23.97 -18.56 -6.93
CA ARG E 76 23.73 -17.70 -5.79
C ARG E 76 22.41 -18.02 -5.15
N ALA E 77 21.37 -18.10 -5.96
CA ALA E 77 20.05 -18.44 -5.42
C ALA E 77 20.01 -19.71 -4.54
N GLY E 78 20.87 -20.70 -4.85
CA GLY E 78 20.92 -21.92 -4.08
C GLY E 78 21.58 -21.63 -2.76
N ILE E 79 22.82 -21.14 -2.85
CA ILE E 79 23.60 -20.74 -1.71
C ILE E 79 22.62 -20.14 -0.70
N VAL E 80 21.76 -19.24 -1.15
CA VAL E 80 20.82 -18.58 -0.25
C VAL E 80 19.74 -19.53 0.22
N HIS E 81 19.00 -20.12 -0.71
CA HIS E 81 17.94 -21.06 -0.35
C HIS E 81 18.44 -22.09 0.66
N ALA E 82 19.73 -22.41 0.60
CA ALA E 82 20.35 -23.37 1.53
C ALA E 82 20.50 -22.71 2.90
N ASP E 83 21.31 -21.64 2.92
CA ASP E 83 21.60 -20.87 4.12
C ASP E 83 20.27 -20.65 4.82
N MET E 84 19.28 -20.17 4.10
CA MET E 84 17.97 -19.95 4.68
C MET E 84 17.53 -21.13 5.50
N ARG E 85 17.47 -22.30 4.91
CA ARG E 85 17.02 -23.48 5.65
C ARG E 85 17.89 -23.81 6.85
N GLY E 86 19.20 -23.71 6.66
CA GLY E 86 20.10 -24.00 7.77
C GLY E 86 19.93 -23.09 8.97
N TYR E 87 19.48 -21.85 8.73
CA TYR E 87 19.25 -20.84 9.77
C TYR E 87 17.86 -21.04 10.32
N SER E 88 16.93 -21.26 9.43
CA SER E 88 15.56 -21.47 9.83
C SER E 88 15.44 -22.73 10.66
N TYR E 89 16.12 -23.80 10.29
CA TYR E 89 16.00 -25.01 11.09
C TYR E 89 17.33 -25.43 11.66
N ASP E 90 18.03 -26.31 10.97
CA ASP E 90 19.36 -26.71 11.43
C ASP E 90 20.16 -27.19 10.27
N ARG E 91 21.39 -26.70 10.15
CA ARG E 91 22.29 -27.07 9.07
C ARG E 91 22.17 -28.55 8.70
N ARG E 92 21.83 -29.34 9.71
CA ARG E 92 21.66 -30.77 9.58
C ARG E 92 20.42 -31.11 8.73
N ASP E 93 19.54 -30.13 8.45
CA ASP E 93 18.34 -30.36 7.63
C ASP E 93 18.39 -29.84 6.17
N VAL E 94 19.55 -29.28 5.81
CA VAL E 94 19.80 -28.80 4.45
C VAL E 94 20.17 -30.06 3.63
N THR E 95 19.36 -30.42 2.66
CA THR E 95 19.68 -31.60 1.89
C THR E 95 19.95 -31.27 0.44
N GLY E 96 20.25 -32.30 -0.31
CA GLY E 96 20.51 -32.09 -1.72
C GLY E 96 19.15 -32.15 -2.39
N ARG E 97 18.29 -33.06 -1.94
CA ARG E 97 16.96 -33.19 -2.53
C ARG E 97 16.19 -31.82 -2.56
N SER E 98 16.31 -31.06 -1.46
CA SER E 98 15.65 -29.76 -1.30
C SER E 98 16.04 -28.84 -2.42
N LEU E 99 17.34 -28.59 -2.54
CA LEU E 99 17.87 -27.72 -3.59
C LEU E 99 17.59 -28.21 -5.00
N ALA E 100 17.56 -29.54 -5.15
CA ALA E 100 17.30 -30.14 -6.43
C ALA E 100 15.92 -29.63 -6.79
N ASN E 101 14.90 -30.17 -6.12
CA ASN E 101 13.54 -29.76 -6.37
C ASN E 101 13.43 -28.28 -6.62
N ALA E 102 13.95 -27.49 -5.67
CA ALA E 102 13.92 -26.03 -5.74
C ALA E 102 14.30 -25.57 -7.14
N TYR E 103 15.51 -25.93 -7.55
CA TYR E 103 15.98 -25.62 -8.88
C TYR E 103 15.00 -26.12 -9.96
N ALA E 104 14.50 -27.34 -9.80
CA ALA E 104 13.57 -27.90 -10.75
C ALA E 104 12.46 -26.92 -10.93
N GLN E 105 11.85 -26.59 -9.82
CA GLN E 105 10.75 -25.66 -9.86
C GLN E 105 11.11 -24.31 -10.54
N THR E 106 12.20 -23.72 -10.09
CA THR E 106 12.66 -22.45 -10.62
C THR E 106 12.82 -22.48 -12.15
N LEU E 107 13.76 -23.30 -12.62
CA LEU E 107 13.98 -23.39 -14.05
C LEU E 107 12.68 -23.70 -14.76
N GLY E 108 11.93 -24.65 -14.22
CA GLY E 108 10.65 -25.05 -14.80
C GLY E 108 9.78 -23.85 -15.10
N THR E 109 9.73 -22.94 -14.15
CA THR E 109 8.92 -21.75 -14.29
C THR E 109 9.62 -20.84 -15.28
N ILE E 110 10.92 -20.60 -15.10
CA ILE E 110 11.63 -19.78 -16.05
C ILE E 110 11.26 -20.24 -17.46
N PHE E 111 11.54 -21.50 -17.75
CA PHE E 111 11.23 -22.07 -19.05
C PHE E 111 9.86 -21.65 -19.56
N THR E 112 8.83 -21.92 -18.76
CA THR E 112 7.46 -21.56 -19.11
C THR E 112 7.11 -20.08 -19.21
N GLU E 113 7.66 -19.21 -18.37
CA GLU E 113 7.26 -17.79 -18.41
C GLU E 113 8.26 -16.70 -18.84
N GLN E 114 9.49 -16.73 -18.37
CA GLN E 114 10.50 -15.73 -18.75
C GLN E 114 10.48 -15.53 -20.27
N PRO E 115 10.99 -14.41 -20.77
CA PRO E 115 11.01 -14.15 -22.21
C PRO E 115 11.90 -15.09 -22.97
N LYS E 116 12.95 -15.54 -22.31
CA LYS E 116 13.83 -16.48 -22.97
C LYS E 116 14.19 -17.50 -21.94
N PRO E 117 14.17 -18.77 -22.31
CA PRO E 117 14.50 -19.88 -21.41
C PRO E 117 15.94 -19.78 -20.94
N TYR E 118 16.30 -20.53 -19.91
CA TYR E 118 17.65 -20.45 -19.37
C TYR E 118 18.55 -21.50 -20.04
N GLU E 119 19.59 -21.02 -20.72
CA GLU E 119 20.51 -21.90 -21.41
C GLU E 119 21.41 -22.43 -20.31
N VAL E 120 20.82 -23.33 -19.52
CA VAL E 120 21.50 -23.89 -18.36
C VAL E 120 21.21 -25.35 -18.05
N GLU E 121 22.26 -26.03 -17.58
CA GLU E 121 22.22 -27.42 -17.16
C GLU E 121 22.93 -27.41 -15.80
N ILE E 122 22.25 -27.91 -14.77
CA ILE E 122 22.81 -27.88 -13.42
C ILE E 122 22.94 -29.20 -12.67
N CYS E 123 23.96 -29.27 -11.83
CA CYS E 123 24.24 -30.44 -11.00
C CYS E 123 24.45 -30.09 -9.52
N VAL E 124 23.59 -30.68 -8.69
CA VAL E 124 23.61 -30.53 -7.24
C VAL E 124 24.11 -31.85 -6.69
N ALA E 125 25.16 -31.80 -5.88
CA ALA E 125 25.73 -33.02 -5.32
C ALA E 125 25.90 -32.97 -3.81
N GLU E 126 25.44 -34.02 -3.14
CA GLU E 126 25.56 -34.08 -1.69
C GLU E 126 26.34 -35.32 -1.27
N VAL E 127 27.40 -35.11 -0.52
CA VAL E 127 28.20 -36.22 -0.05
C VAL E 127 27.86 -36.46 1.41
N GLY E 128 27.09 -37.51 1.70
CA GLY E 128 26.71 -37.84 3.09
C GLY E 128 27.47 -37.22 4.28
N ARG E 129 26.80 -37.09 5.44
CA ARG E 129 27.40 -36.47 6.62
C ARG E 129 28.85 -36.85 6.90
N VAL E 130 29.32 -36.65 8.13
CA VAL E 130 30.71 -36.97 8.43
C VAL E 130 30.90 -38.29 9.20
N GLY E 131 30.33 -39.37 8.67
CA GLY E 131 30.46 -40.66 9.32
C GLY E 131 29.69 -41.78 8.67
N SER E 132 28.37 -41.78 8.84
CA SER E 132 27.52 -42.82 8.29
C SER E 132 27.97 -43.36 6.94
N PRO E 133 27.56 -44.61 6.64
CA PRO E 133 27.84 -45.37 5.43
C PRO E 133 26.94 -45.02 4.26
N LYS E 134 26.49 -43.78 4.18
CA LYS E 134 25.62 -43.40 3.07
C LYS E 134 26.44 -42.99 1.86
N ALA E 135 26.07 -43.50 0.70
CA ALA E 135 26.78 -43.19 -0.53
C ALA E 135 26.27 -41.89 -1.17
N PRO E 136 27.19 -41.02 -1.62
CA PRO E 136 26.74 -39.76 -2.23
C PRO E 136 25.55 -39.94 -3.18
N GLN E 137 24.92 -38.83 -3.49
CA GLN E 137 23.78 -38.78 -4.39
C GLN E 137 24.03 -37.63 -5.36
N LEU E 138 23.62 -37.79 -6.60
CA LEU E 138 23.86 -36.74 -7.57
C LEU E 138 22.57 -36.31 -8.24
N TYR E 139 22.47 -35.01 -8.50
CA TYR E 139 21.31 -34.43 -9.15
C TYR E 139 21.64 -33.60 -10.37
N ARG E 140 20.80 -33.76 -11.39
CA ARG E 140 20.94 -33.05 -12.66
C ARG E 140 19.60 -32.38 -12.96
N ILE E 141 19.63 -31.09 -13.26
CA ILE E 141 18.38 -30.41 -13.58
C ILE E 141 18.56 -29.75 -14.91
N THR E 142 17.59 -29.92 -15.81
CA THR E 142 17.68 -29.32 -17.14
C THR E 142 16.94 -28.00 -17.29
N TYR E 143 17.39 -27.27 -18.29
CA TYR E 143 16.85 -25.98 -18.66
C TYR E 143 15.34 -25.95 -18.69
N ASP E 144 14.69 -27.08 -18.50
CA ASP E 144 13.25 -27.08 -18.52
C ASP E 144 12.61 -27.70 -17.28
N GLY E 145 13.36 -27.79 -16.19
CA GLY E 145 12.78 -28.33 -14.98
C GLY E 145 12.68 -29.84 -14.87
N SER E 146 13.77 -30.52 -15.20
CA SER E 146 13.84 -31.97 -15.15
C SER E 146 14.97 -32.41 -14.26
N ILE E 147 14.67 -33.33 -13.35
CA ILE E 147 15.69 -33.83 -12.45
C ILE E 147 15.78 -35.33 -12.57
N VAL E 148 16.96 -35.83 -12.25
CA VAL E 148 17.23 -37.25 -12.29
C VAL E 148 18.15 -37.57 -11.11
N ASP E 149 17.95 -38.74 -10.51
CA ASP E 149 18.74 -39.16 -9.37
C ASP E 149 19.91 -40.01 -9.83
N GLU E 150 21.03 -39.37 -10.14
CA GLU E 150 22.19 -40.13 -10.58
C GLU E 150 23.04 -40.52 -9.35
N GLN E 151 23.34 -41.83 -9.21
CA GLN E 151 24.15 -42.38 -8.09
C GLN E 151 25.60 -42.65 -8.45
N HIS E 152 25.89 -42.68 -9.75
CA HIS E 152 27.23 -42.94 -10.22
C HIS E 152 27.99 -41.71 -10.68
N PHE E 153 27.74 -41.30 -11.93
CA PHE E 153 28.40 -40.14 -12.52
C PHE E 153 27.42 -39.31 -13.34
N VAL E 154 27.79 -38.07 -13.61
CA VAL E 154 26.95 -37.19 -14.39
C VAL E 154 27.78 -36.30 -15.32
N VAL E 155 27.30 -36.16 -16.56
CA VAL E 155 27.95 -35.39 -17.61
C VAL E 155 27.02 -34.37 -18.20
N MET E 156 27.56 -33.20 -18.51
CA MET E 156 26.77 -32.16 -19.11
C MET E 156 27.60 -31.14 -19.89
N GLY E 157 26.92 -30.44 -20.79
CA GLY E 157 27.58 -29.45 -21.60
C GLY E 157 28.09 -30.04 -22.88
N GLY E 158 28.33 -29.19 -23.87
CA GLY E 158 28.85 -29.59 -25.18
C GLY E 158 28.21 -30.81 -25.80
N THR E 159 29.05 -31.71 -26.28
CA THR E 159 28.58 -32.95 -26.89
C THR E 159 28.78 -34.07 -25.86
N THR E 160 27.67 -34.43 -25.24
CA THR E 160 27.69 -35.44 -24.21
C THR E 160 27.96 -36.86 -24.70
N GLU E 161 27.27 -37.28 -25.77
CA GLU E 161 27.42 -38.63 -26.33
C GLU E 161 28.81 -39.30 -26.17
N PRO E 162 29.89 -38.69 -26.70
CA PRO E 162 31.22 -39.29 -26.58
C PRO E 162 31.73 -39.44 -25.15
N ILE E 163 31.65 -38.35 -24.40
CA ILE E 163 32.12 -38.33 -23.02
C ILE E 163 31.23 -39.19 -22.16
N ALA E 164 29.95 -39.23 -22.52
CA ALA E 164 28.94 -40.01 -21.81
C ALA E 164 29.29 -41.49 -21.79
N THR E 165 29.34 -42.11 -22.97
CA THR E 165 29.68 -43.53 -23.05
C THR E 165 31.11 -43.76 -22.55
N ALA E 166 32.01 -42.82 -22.83
CA ALA E 166 33.41 -42.88 -22.40
C ALA E 166 33.50 -43.03 -20.90
N MET E 167 32.34 -43.08 -20.25
CA MET E 167 32.28 -43.23 -18.82
C MET E 167 31.48 -44.48 -18.53
N ARG E 168 30.37 -44.68 -19.25
CA ARG E 168 29.55 -45.86 -19.07
C ARG E 168 30.45 -47.09 -19.07
N GLU E 169 31.51 -47.00 -19.86
CA GLU E 169 32.50 -48.06 -19.99
C GLU E 169 33.81 -47.48 -19.46
N SER E 170 33.83 -47.15 -18.16
CA SER E 170 35.03 -46.58 -17.54
C SER E 170 34.83 -46.23 -16.05
N TYR E 171 33.64 -46.53 -15.54
CA TYR E 171 33.32 -46.20 -14.16
C TYR E 171 33.51 -47.33 -13.19
N ARG E 172 34.04 -47.00 -12.02
CA ARG E 172 34.29 -47.99 -10.97
C ARG E 172 34.08 -47.43 -9.56
N ALA E 173 33.20 -48.05 -8.78
CA ALA E 173 32.92 -47.61 -7.42
C ALA E 173 34.23 -47.54 -6.66
N ASP E 174 34.17 -46.97 -5.45
CA ASP E 174 35.35 -46.85 -4.57
C ASP E 174 36.58 -46.33 -5.32
N LEU E 175 36.36 -45.82 -6.51
CA LEU E 175 37.46 -45.34 -7.31
C LEU E 175 38.40 -44.38 -6.58
N ASP E 176 39.70 -44.64 -6.70
CA ASP E 176 40.71 -43.79 -6.06
C ASP E 176 40.55 -42.41 -6.67
N LEU E 177 40.88 -41.38 -5.91
CA LEU E 177 40.76 -40.01 -6.40
C LEU E 177 41.65 -39.76 -7.61
N GLU E 178 42.94 -40.05 -7.49
CA GLU E 178 43.90 -39.87 -8.58
C GLU E 178 43.37 -40.59 -9.83
N ALA E 179 42.73 -41.75 -9.61
CA ALA E 179 42.17 -42.55 -10.70
C ALA E 179 40.83 -42.01 -11.21
N ALA E 180 40.04 -41.45 -10.31
CA ALA E 180 38.75 -40.87 -10.68
C ALA E 180 38.99 -39.62 -11.51
N VAL E 181 40.12 -38.96 -11.27
CA VAL E 181 40.47 -37.79 -12.03
C VAL E 181 40.74 -38.24 -13.46
N GLY E 182 41.53 -39.32 -13.61
CA GLY E 182 41.85 -39.85 -14.92
C GLY E 182 40.58 -40.23 -15.64
N ILE E 183 39.86 -41.21 -15.10
CA ILE E 183 38.59 -41.66 -15.68
C ILE E 183 37.80 -40.53 -16.38
N ALA E 184 37.61 -39.44 -15.65
CA ALA E 184 36.86 -38.31 -16.15
C ALA E 184 37.67 -37.54 -17.16
N VAL E 185 38.80 -36.98 -16.72
CA VAL E 185 39.64 -36.18 -17.62
C VAL E 185 39.84 -36.85 -18.99
N ASN E 186 39.84 -38.17 -18.99
CA ASN E 186 40.00 -38.91 -20.22
C ASN E 186 38.75 -38.68 -21.04
N ALA E 187 37.64 -39.30 -20.62
CA ALA E 187 36.36 -39.18 -21.30
C ALA E 187 36.13 -37.75 -21.82
N LEU E 188 36.59 -36.75 -21.06
CA LEU E 188 36.41 -35.37 -21.48
C LEU E 188 37.14 -35.14 -22.78
N ARG E 189 38.37 -35.64 -22.84
CA ARG E 189 39.20 -35.49 -24.04
C ARG E 189 38.57 -36.20 -25.26
N GLN E 190 37.78 -37.23 -24.99
CA GLN E 190 37.15 -38.01 -26.05
C GLN E 190 35.90 -37.32 -26.61
N GLY E 191 36.07 -36.10 -27.13
CA GLY E 191 34.95 -35.35 -27.68
C GLY E 191 35.34 -33.90 -27.93
N GLY E 192 36.59 -33.58 -27.58
CA GLY E 192 37.11 -32.23 -27.77
C GLY E 192 38.55 -32.07 -27.29
N VAL E 201 43.62 -28.51 -25.11
CA VAL E 201 42.50 -29.45 -25.24
C VAL E 201 42.22 -30.21 -23.91
N ASP E 202 43.23 -30.31 -23.07
CA ASP E 202 43.07 -31.03 -21.80
C ASP E 202 44.15 -30.63 -20.80
N VAL E 203 44.76 -29.47 -21.01
CA VAL E 203 45.80 -28.95 -20.14
C VAL E 203 45.24 -28.74 -18.73
N ALA E 204 46.13 -28.51 -17.77
CA ALA E 204 45.71 -28.27 -16.39
C ALA E 204 45.10 -26.86 -16.37
N SER E 205 44.25 -26.60 -17.35
CA SER E 205 43.57 -25.32 -17.48
C SER E 205 42.08 -25.63 -17.46
N LEU E 206 41.64 -26.02 -16.28
CA LEU E 206 40.26 -26.32 -15.97
C LEU E 206 40.17 -26.11 -14.47
N GLU E 207 38.97 -26.29 -13.95
CA GLU E 207 38.79 -26.15 -12.52
C GLU E 207 38.25 -27.48 -11.97
N VAL E 208 38.92 -27.96 -10.94
CA VAL E 208 38.53 -29.19 -10.31
C VAL E 208 38.41 -28.93 -8.81
N ALA E 209 37.43 -29.59 -8.20
CA ALA E 209 37.17 -29.50 -6.79
C ALA E 209 36.49 -30.80 -6.38
N VAL E 210 36.37 -31.02 -5.07
CA VAL E 210 35.77 -32.24 -4.56
C VAL E 210 35.10 -32.09 -3.21
N LEU E 211 34.00 -32.82 -3.04
CA LEU E 211 33.22 -32.84 -1.82
C LEU E 211 33.73 -34.01 -1.01
N ASP E 212 34.69 -33.72 -0.13
CA ASP E 212 35.38 -34.69 0.73
C ASP E 212 34.64 -35.15 2.01
N GLN E 213 34.06 -36.35 1.98
CA GLN E 213 33.30 -36.86 3.10
C GLN E 213 34.16 -37.04 4.37
N SER E 214 35.46 -36.82 4.22
CA SER E 214 36.31 -36.97 5.37
C SER E 214 36.08 -35.75 6.23
N ARG E 215 36.06 -34.58 5.60
CA ARG E 215 35.84 -33.32 6.32
C ARG E 215 34.61 -33.36 7.23
N PRO E 216 34.71 -32.70 8.41
CA PRO E 216 33.64 -32.63 9.41
C PRO E 216 32.51 -31.64 9.12
N ARG E 217 32.89 -30.49 8.54
CA ARG E 217 31.93 -29.43 8.20
C ARG E 217 31.90 -29.13 6.69
N ARG E 218 32.66 -28.12 6.29
CA ARG E 218 32.76 -27.65 4.91
C ARG E 218 32.49 -28.70 3.85
N ALA E 219 33.34 -29.74 3.88
CA ALA E 219 33.25 -30.87 2.94
C ALA E 219 33.55 -30.52 1.48
N PHE E 220 33.95 -29.28 1.21
CA PHE E 220 34.19 -28.87 -0.16
C PHE E 220 35.49 -28.12 -0.31
N ARG E 221 36.39 -28.70 -1.09
CA ARG E 221 37.67 -28.07 -1.35
C ARG E 221 37.92 -28.23 -2.83
N ARG E 222 38.69 -27.29 -3.39
CA ARG E 222 39.05 -27.26 -4.81
C ARG E 222 40.54 -27.61 -4.93
N ILE E 223 40.85 -28.52 -5.83
CA ILE E 223 42.22 -28.92 -6.04
C ILE E 223 42.90 -27.83 -6.85
N ALA E 224 43.80 -27.10 -6.20
CA ALA E 224 44.52 -26.00 -6.84
C ALA E 224 45.38 -26.47 -8.01
N GLY E 225 46.37 -25.68 -8.42
CA GLY E 225 47.23 -26.08 -9.53
C GLY E 225 48.42 -26.99 -9.21
N THR E 226 49.32 -26.52 -8.37
CA THR E 226 50.49 -27.29 -8.01
C THR E 226 50.18 -28.73 -7.66
N ALA E 227 48.95 -28.99 -7.28
CA ALA E 227 48.57 -30.35 -6.91
C ALA E 227 47.69 -31.13 -7.90
N LEU E 228 47.22 -30.44 -8.93
CA LEU E 228 46.38 -31.08 -9.93
C LEU E 228 47.27 -31.86 -10.88
N GLU E 229 48.44 -31.30 -11.17
CA GLU E 229 49.42 -31.91 -12.05
C GLU E 229 49.34 -33.39 -11.83
N GLN E 230 49.85 -33.80 -10.67
CA GLN E 230 49.90 -35.20 -10.23
C GLN E 230 48.55 -35.92 -10.08
N LEU E 231 47.66 -35.69 -11.03
CA LEU E 231 46.33 -36.31 -10.99
C LEU E 231 45.77 -36.49 -12.39
N VAL E 232 46.04 -35.52 -13.26
CA VAL E 232 45.58 -35.54 -14.64
C VAL E 232 46.58 -36.25 -15.60
N PRO E 233 46.12 -37.29 -16.32
CA PRO E 233 46.96 -38.03 -17.26
C PRO E 233 47.21 -37.28 -18.58
N ALA E 234 48.41 -37.40 -19.12
CA ALA E 234 48.78 -36.73 -20.36
C ALA E 234 48.19 -37.39 -21.60
N GLU E 235 48.63 -36.96 -22.78
CA GLU E 235 48.13 -37.48 -24.06
C GLU E 235 48.45 -38.95 -24.35
N ALA F 9 -8.54 -20.65 -34.52
CA ALA F 9 -8.11 -19.86 -33.31
C ALA F 9 -9.26 -19.74 -32.30
N GLU F 10 -9.21 -20.56 -31.25
CA GLU F 10 -10.23 -20.59 -30.19
C GLU F 10 -10.24 -22.02 -29.69
N GLN F 11 -10.02 -22.93 -30.64
CA GLN F 11 -9.98 -24.34 -30.35
C GLN F 11 -8.52 -24.59 -30.06
N ILE F 12 -7.96 -23.66 -29.30
CA ILE F 12 -6.59 -23.74 -28.88
C ILE F 12 -6.65 -24.82 -27.83
N MET F 13 -7.81 -24.91 -27.17
CA MET F 13 -8.05 -25.91 -26.13
C MET F 13 -7.77 -27.29 -26.74
N ARG F 14 -8.05 -27.42 -28.04
CA ARG F 14 -7.80 -28.65 -28.76
C ARG F 14 -6.28 -28.82 -28.68
N ASP F 15 -5.55 -27.80 -29.09
CA ASP F 15 -4.10 -27.85 -29.06
C ASP F 15 -3.58 -28.14 -27.69
N ARG F 16 -3.70 -27.16 -26.79
CA ARG F 16 -3.23 -27.30 -25.43
C ARG F 16 -3.54 -28.70 -24.93
N SER F 17 -4.80 -29.09 -25.04
CA SER F 17 -5.21 -30.41 -24.60
C SER F 17 -4.23 -31.49 -25.10
N GLU F 18 -4.08 -31.56 -26.41
CA GLU F 18 -3.19 -32.52 -27.01
C GLU F 18 -1.84 -32.40 -26.33
N LEU F 19 -1.36 -31.18 -26.11
CA LEU F 19 -0.06 -30.98 -25.47
C LEU F 19 0.08 -31.81 -24.21
N ALA F 20 -0.94 -31.75 -23.38
CA ALA F 20 -0.93 -32.50 -22.14
C ALA F 20 -1.03 -34.00 -22.39
N ARG F 21 -2.13 -34.42 -23.02
CA ARG F 21 -2.37 -35.83 -23.34
C ARG F 21 -1.09 -36.56 -23.78
N LYS F 22 -0.41 -35.98 -24.76
CA LYS F 22 0.82 -36.53 -25.32
C LYS F 22 1.90 -36.58 -24.26
N GLY F 23 2.12 -35.46 -23.58
CA GLY F 23 3.15 -35.42 -22.56
C GLY F 23 2.96 -36.44 -21.46
N ILE F 24 1.70 -36.75 -21.21
CA ILE F 24 1.36 -37.73 -20.19
C ILE F 24 1.64 -39.12 -20.75
N ALA F 25 1.04 -39.40 -21.90
CA ALA F 25 1.19 -40.67 -22.58
C ALA F 25 2.65 -41.06 -22.73
N ARG F 26 3.47 -40.15 -23.24
CA ARG F 26 4.87 -40.49 -23.40
C ARG F 26 5.65 -40.57 -22.08
N GLY F 27 5.04 -41.18 -21.07
CA GLY F 27 5.69 -41.32 -19.78
C GLY F 27 5.17 -42.52 -19.03
N ARG F 28 5.95 -43.01 -18.07
CA ARG F 28 5.58 -44.18 -17.27
C ARG F 28 4.12 -44.14 -16.76
N SER F 29 3.59 -45.27 -16.27
CA SER F 29 2.20 -45.32 -15.80
C SER F 29 1.93 -45.70 -14.35
N VAL F 30 0.70 -45.48 -13.91
CA VAL F 30 0.38 -45.82 -12.52
C VAL F 30 -0.96 -46.53 -12.35
N VAL F 31 -1.04 -47.30 -11.28
CA VAL F 31 -2.26 -48.01 -10.98
C VAL F 31 -2.63 -47.97 -9.50
N VAL F 32 -3.86 -47.51 -9.25
CA VAL F 32 -4.40 -47.39 -7.90
C VAL F 32 -5.60 -48.30 -7.77
N LEU F 33 -5.76 -48.92 -6.61
CA LEU F 33 -6.87 -49.85 -6.44
C LEU F 33 -7.46 -49.98 -5.05
N THR F 34 -8.70 -50.47 -5.03
CA THR F 34 -9.49 -50.71 -3.83
C THR F 34 -9.37 -52.16 -3.38
N PHE F 35 -9.09 -52.41 -2.10
CA PHE F 35 -9.06 -53.79 -1.66
C PHE F 35 -9.46 -54.03 -0.22
N ARG F 36 -8.79 -54.99 0.43
CA ARG F 36 -9.09 -55.37 1.80
C ARG F 36 -8.55 -54.40 2.86
N ASP F 37 -7.25 -54.20 2.86
CA ASP F 37 -6.62 -53.31 3.83
C ASP F 37 -7.03 -51.86 3.61
N GLY F 38 -7.13 -51.46 2.35
CA GLY F 38 -7.54 -50.09 2.08
C GLY F 38 -7.40 -49.62 0.64
N VAL F 39 -6.19 -49.25 0.24
CA VAL F 39 -5.91 -48.77 -1.11
C VAL F 39 -4.44 -49.02 -1.48
N LEU F 40 -4.20 -49.47 -2.70
CA LEU F 40 -2.83 -49.77 -3.10
C LEU F 40 -2.27 -48.91 -4.22
N PHE F 41 -1.03 -48.45 -4.00
CA PHE F 41 -0.35 -47.58 -4.95
C PHE F 41 0.82 -48.27 -5.64
N VAL F 42 0.64 -48.54 -6.92
CA VAL F 42 1.69 -49.16 -7.70
C VAL F 42 1.94 -48.30 -8.94
N ALA F 43 3.19 -47.86 -9.05
CA ALA F 43 3.61 -47.04 -10.17
C ALA F 43 5.10 -47.22 -10.47
N GLU F 44 5.38 -47.29 -11.76
CA GLU F 44 6.72 -47.45 -12.31
C GLU F 44 7.73 -46.36 -11.89
N ASN F 45 8.48 -46.56 -10.83
CA ASN F 45 9.40 -45.49 -10.49
C ASN F 45 10.86 -45.94 -10.32
N PRO F 46 11.64 -45.85 -11.42
CA PRO F 46 13.06 -46.22 -11.45
C PRO F 46 13.92 -45.45 -10.47
N SER F 47 13.48 -44.23 -10.16
CA SER F 47 14.16 -43.35 -9.24
C SER F 47 14.26 -43.89 -7.82
N THR F 48 15.42 -43.64 -7.22
CA THR F 48 15.69 -44.10 -5.88
C THR F 48 15.32 -43.02 -4.87
N ALA F 49 15.27 -41.77 -5.32
CA ALA F 49 14.98 -40.66 -4.42
C ALA F 49 13.68 -39.88 -4.60
N LEU F 50 13.27 -39.61 -5.84
CA LEU F 50 12.04 -38.82 -6.07
C LEU F 50 10.78 -39.65 -6.24
N HIS F 51 9.89 -39.60 -5.26
CA HIS F 51 8.67 -40.39 -5.35
C HIS F 51 7.63 -39.88 -6.34
N LYS F 52 6.52 -40.61 -6.40
CA LYS F 52 5.42 -40.32 -7.30
C LYS F 52 4.11 -40.58 -6.55
N VAL F 53 4.25 -41.08 -5.33
CA VAL F 53 3.09 -41.33 -4.48
C VAL F 53 3.45 -40.86 -3.07
N SER F 54 2.50 -40.17 -2.45
CA SER F 54 2.74 -39.61 -1.13
C SER F 54 1.53 -39.61 -0.21
N GLU F 55 1.85 -39.50 1.07
CA GLU F 55 0.82 -39.42 2.08
C GLU F 55 0.29 -38.01 1.84
N LEU F 56 -1.00 -37.86 1.62
CA LEU F 56 -1.51 -36.51 1.44
C LEU F 56 -2.07 -36.04 2.79
N TYR F 57 -2.57 -36.98 3.59
CA TYR F 57 -3.12 -36.65 4.90
C TYR F 57 -3.31 -37.88 5.78
N ASP F 58 -4.15 -37.73 6.80
CA ASP F 58 -4.47 -38.79 7.73
C ASP F 58 -5.04 -40.00 6.99
N ARG F 59 -6.10 -39.76 6.25
CA ARG F 59 -6.71 -40.81 5.51
C ARG F 59 -6.64 -40.46 4.04
N LEU F 60 -5.54 -39.84 3.63
CA LEU F 60 -5.46 -39.44 2.23
C LEU F 60 -4.14 -39.73 1.54
N GLY F 61 -4.25 -40.24 0.31
CA GLY F 61 -3.08 -40.60 -0.47
C GLY F 61 -3.13 -39.93 -1.83
N PHE F 62 -1.95 -39.70 -2.38
CA PHE F 62 -1.84 -39.00 -3.65
C PHE F 62 -0.80 -39.65 -4.55
N ALA F 63 -1.08 -39.64 -5.85
CA ALA F 63 -0.16 -40.16 -6.84
C ALA F 63 -0.55 -39.57 -8.17
N ALA F 64 0.46 -39.18 -8.94
CA ALA F 64 0.20 -38.55 -10.22
C ALA F 64 1.14 -39.07 -11.29
N VAL F 65 1.15 -38.36 -12.42
CA VAL F 65 1.98 -38.70 -13.57
C VAL F 65 2.05 -37.50 -14.49
N GLY F 66 3.22 -37.32 -15.10
CA GLY F 66 3.41 -36.22 -16.02
C GLY F 66 4.79 -35.66 -15.77
N LYS F 67 4.94 -34.35 -16.00
CA LYS F 67 6.24 -33.77 -15.74
C LYS F 67 6.31 -33.70 -14.23
N TYR F 68 7.43 -34.14 -13.69
CA TYR F 68 7.61 -34.17 -12.26
C TYR F 68 7.26 -32.83 -11.65
N ASN F 69 8.17 -31.87 -11.75
CA ASN F 69 7.97 -30.56 -11.17
C ASN F 69 6.52 -30.20 -11.16
N GLU F 70 5.84 -30.30 -12.30
CA GLU F 70 4.43 -29.92 -12.33
C GLU F 70 3.50 -30.64 -11.33
N PHE F 71 3.56 -31.96 -11.20
CA PHE F 71 2.67 -32.54 -10.22
C PHE F 71 3.26 -32.41 -8.81
N GLU F 72 4.59 -32.26 -8.72
CA GLU F 72 5.27 -32.14 -7.42
C GLU F 72 4.60 -30.98 -6.70
N ASN F 73 4.45 -29.89 -7.45
CA ASN F 73 3.79 -28.70 -6.96
C ASN F 73 2.44 -29.14 -6.47
N LEU F 74 1.57 -29.51 -7.40
CA LEU F 74 0.23 -29.98 -7.05
C LEU F 74 0.25 -30.92 -5.83
N ARG F 75 1.33 -31.67 -5.69
CA ARG F 75 1.45 -32.54 -4.52
C ARG F 75 1.53 -31.61 -3.29
N ARG F 76 2.62 -30.86 -3.15
CA ARG F 76 2.81 -29.96 -2.03
C ARG F 76 1.57 -29.14 -1.75
N ALA F 77 1.06 -28.49 -2.78
CA ALA F 77 -0.13 -27.67 -2.62
C ALA F 77 -1.30 -28.43 -2.03
N GLY F 78 -1.27 -29.74 -2.07
CA GLY F 78 -2.36 -30.49 -1.47
C GLY F 78 -2.01 -30.61 0.00
N ILE F 79 -0.86 -31.22 0.25
CA ILE F 79 -0.33 -31.41 1.59
C ILE F 79 -0.78 -30.21 2.38
N VAL F 80 -0.57 -29.04 1.80
CA VAL F 80 -0.94 -27.80 2.46
C VAL F 80 -2.45 -27.64 2.58
N HIS F 81 -3.15 -27.54 1.46
CA HIS F 81 -4.59 -27.36 1.49
C HIS F 81 -5.28 -28.27 2.49
N ALA F 82 -4.63 -29.37 2.81
CA ALA F 82 -5.19 -30.35 3.76
C ALA F 82 -4.91 -29.90 5.18
N ASP F 83 -3.62 -29.76 5.48
CA ASP F 83 -3.15 -29.33 6.79
C ASP F 83 -3.96 -28.11 7.16
N MET F 84 -4.14 -27.19 6.22
CA MET F 84 -4.92 -25.99 6.48
C MET F 84 -6.30 -26.29 7.06
N ARG F 85 -7.09 -27.12 6.39
CA ARG F 85 -8.42 -27.48 6.86
C ARG F 85 -8.36 -28.27 8.15
N GLY F 86 -7.34 -29.10 8.29
CA GLY F 86 -7.19 -29.87 9.52
C GLY F 86 -7.04 -28.92 10.73
N TYR F 87 -6.11 -27.98 10.62
CA TYR F 87 -5.80 -26.97 11.64
C TYR F 87 -7.02 -26.04 11.85
N SER F 88 -7.53 -25.51 10.75
CA SER F 88 -8.66 -24.60 10.76
C SER F 88 -9.91 -25.18 11.39
N TYR F 89 -10.18 -26.45 11.15
CA TYR F 89 -11.36 -27.06 11.73
C TYR F 89 -10.98 -28.26 12.55
N ASP F 90 -10.94 -29.41 11.90
CA ASP F 90 -10.56 -30.63 12.58
C ASP F 90 -10.15 -31.68 11.56
N ARG F 91 -8.98 -32.28 11.79
CA ARG F 91 -8.43 -33.31 10.92
C ARG F 91 -9.56 -34.20 10.46
N ARG F 92 -10.46 -34.46 11.39
CA ARG F 92 -11.61 -35.30 11.16
C ARG F 92 -12.46 -34.74 10.02
N ASP F 93 -12.21 -33.48 9.61
CA ASP F 93 -13.00 -32.90 8.52
C ASP F 93 -12.29 -32.82 7.16
N VAL F 94 -11.01 -33.16 7.13
CA VAL F 94 -10.26 -33.16 5.89
C VAL F 94 -10.76 -34.37 5.12
N THR F 95 -11.26 -34.19 3.90
CA THR F 95 -11.74 -35.35 3.17
C THR F 95 -11.01 -35.53 1.87
N GLY F 96 -11.56 -36.40 1.03
CA GLY F 96 -10.96 -36.63 -0.26
C GLY F 96 -11.64 -35.69 -1.23
N ARG F 97 -12.96 -35.63 -1.15
CA ARG F 97 -13.76 -34.77 -2.04
C ARG F 97 -13.24 -33.33 -2.08
N SER F 98 -12.80 -32.83 -0.93
CA SER F 98 -12.28 -31.48 -0.80
C SER F 98 -11.09 -31.32 -1.70
N LEU F 99 -10.02 -32.06 -1.42
CA LEU F 99 -8.81 -31.99 -2.23
C LEU F 99 -9.05 -32.34 -3.69
N ALA F 100 -10.11 -33.10 -3.95
CA ALA F 100 -10.40 -33.45 -5.31
C ALA F 100 -10.76 -32.12 -5.97
N ASN F 101 -11.94 -31.62 -5.63
CA ASN F 101 -12.42 -30.36 -6.18
C ASN F 101 -11.28 -29.40 -6.26
N ALA F 102 -10.70 -29.06 -5.11
CA ALA F 102 -9.57 -28.15 -5.10
C ALA F 102 -8.73 -28.34 -6.35
N TYR F 103 -8.12 -29.52 -6.49
CA TYR F 103 -7.27 -29.85 -7.63
C TYR F 103 -7.96 -29.60 -8.96
N ALA F 104 -9.22 -30.01 -9.05
CA ALA F 104 -9.99 -29.82 -10.27
C ALA F 104 -9.96 -28.35 -10.63
N GLN F 105 -10.31 -27.50 -9.68
CA GLN F 105 -10.32 -26.06 -9.90
C GLN F 105 -8.89 -25.54 -10.26
N THR F 106 -7.87 -26.00 -9.56
CA THR F 106 -6.49 -25.55 -9.81
C THR F 106 -6.03 -25.83 -11.25
N LEU F 107 -6.17 -27.09 -11.65
CA LEU F 107 -5.76 -27.48 -12.97
C LEU F 107 -6.63 -26.81 -14.00
N GLY F 108 -7.95 -26.84 -13.76
CA GLY F 108 -8.92 -26.23 -14.65
C GLY F 108 -8.49 -24.83 -15.02
N THR F 109 -8.01 -24.11 -14.02
CA THR F 109 -7.56 -22.74 -14.23
C THR F 109 -6.25 -22.72 -15.00
N ILE F 110 -5.27 -23.46 -14.51
CA ILE F 110 -3.99 -23.56 -15.17
C ILE F 110 -4.23 -23.76 -16.67
N PHE F 111 -4.96 -24.82 -16.98
CA PHE F 111 -5.30 -25.15 -18.35
C PHE F 111 -5.74 -23.93 -19.13
N THR F 112 -6.67 -23.20 -18.55
CA THR F 112 -7.23 -22.01 -19.17
C THR F 112 -6.34 -20.77 -19.19
N GLU F 113 -5.46 -20.60 -18.21
CA GLU F 113 -4.69 -19.38 -18.17
C GLU F 113 -3.17 -19.43 -18.28
N GLN F 114 -2.54 -20.37 -17.59
CA GLN F 114 -1.09 -20.50 -17.61
C GLN F 114 -0.60 -20.52 -19.06
N PRO F 115 0.64 -20.10 -19.31
CA PRO F 115 1.16 -20.09 -20.67
C PRO F 115 1.24 -21.49 -21.23
N LYS F 116 1.41 -22.48 -20.36
CA LYS F 116 1.47 -23.87 -20.80
C LYS F 116 0.69 -24.72 -19.83
N PRO F 117 -0.22 -25.56 -20.34
CA PRO F 117 -1.01 -26.42 -19.46
C PRO F 117 -0.09 -27.36 -18.70
N TYR F 118 -0.65 -28.00 -17.68
CA TYR F 118 0.10 -28.92 -16.88
C TYR F 118 0.00 -30.36 -17.39
N GLU F 119 1.15 -30.86 -17.82
CA GLU F 119 1.23 -32.22 -18.32
C GLU F 119 1.13 -33.10 -17.09
N VAL F 120 -0.08 -33.18 -16.55
CA VAL F 120 -0.30 -33.94 -15.34
C VAL F 120 -1.68 -34.59 -15.22
N GLU F 121 -1.65 -35.79 -14.64
CA GLU F 121 -2.83 -36.61 -14.38
C GLU F 121 -2.66 -36.94 -12.90
N ILE F 122 -3.71 -36.68 -12.10
CA ILE F 122 -3.64 -36.89 -10.66
C ILE F 122 -4.72 -37.79 -10.05
N CYS F 123 -4.32 -38.50 -9.00
CA CYS F 123 -5.19 -39.42 -8.28
C CYS F 123 -5.15 -39.20 -6.75
N VAL F 124 -6.32 -38.85 -6.21
CA VAL F 124 -6.50 -38.61 -4.77
C VAL F 124 -7.30 -39.75 -4.20
N ALA F 125 -6.77 -40.38 -3.16
CA ALA F 125 -7.44 -41.51 -2.54
C ALA F 125 -7.66 -41.38 -1.03
N GLU F 126 -8.84 -41.75 -0.58
CA GLU F 126 -9.14 -41.70 0.83
C GLU F 126 -9.72 -43.04 1.29
N VAL F 127 -9.06 -43.63 2.29
CA VAL F 127 -9.47 -44.89 2.85
C VAL F 127 -10.15 -44.61 4.18
N GLY F 128 -11.48 -44.58 4.20
CA GLY F 128 -12.29 -44.31 5.39
C GLY F 128 -11.64 -44.35 6.77
N ARG F 129 -12.21 -43.65 7.74
CA ARG F 129 -11.65 -43.59 9.10
C ARG F 129 -11.10 -44.90 9.69
N VAL F 130 -10.95 -44.95 11.02
CA VAL F 130 -10.42 -46.17 11.63
C VAL F 130 -11.47 -47.04 12.30
N GLY F 131 -12.49 -47.42 11.54
CA GLY F 131 -13.54 -48.26 12.09
C GLY F 131 -14.72 -48.55 11.18
N SER F 132 -15.54 -47.53 10.96
CA SER F 132 -16.73 -47.66 10.13
C SER F 132 -16.57 -48.53 8.89
N PRO F 133 -17.70 -49.07 8.40
CA PRO F 133 -17.83 -49.94 7.23
C PRO F 133 -17.86 -49.21 5.89
N LYS F 134 -17.11 -48.13 5.76
CA LYS F 134 -17.11 -47.38 4.51
C LYS F 134 -16.01 -47.82 3.54
N ALA F 135 -16.38 -48.00 2.27
CA ALA F 135 -15.44 -48.44 1.23
C ALA F 135 -14.64 -47.27 0.68
N PRO F 136 -13.31 -47.42 0.56
CA PRO F 136 -12.49 -46.34 0.02
C PRO F 136 -13.10 -45.67 -1.20
N GLN F 137 -12.62 -44.48 -1.50
CA GLN F 137 -13.11 -43.75 -2.65
C GLN F 137 -11.90 -43.29 -3.42
N LEU F 138 -12.01 -43.23 -4.73
CA LEU F 138 -10.88 -42.80 -5.52
C LEU F 138 -11.26 -41.63 -6.41
N TYR F 139 -10.30 -40.74 -6.62
CA TYR F 139 -10.50 -39.58 -7.45
C TYR F 139 -9.37 -39.41 -8.46
N ARG F 140 -9.76 -39.04 -9.68
CA ARG F 140 -8.82 -38.80 -10.74
C ARG F 140 -9.16 -37.44 -11.34
N ILE F 141 -8.13 -36.62 -11.54
CA ILE F 141 -8.31 -35.29 -12.11
C ILE F 141 -7.36 -35.06 -13.30
N THR F 142 -7.93 -34.68 -14.42
CA THR F 142 -7.15 -34.48 -15.63
C THR F 142 -6.59 -33.09 -15.84
N TYR F 143 -5.42 -33.07 -16.48
CA TYR F 143 -4.70 -31.85 -16.84
C TYR F 143 -5.63 -30.69 -17.14
N ASP F 144 -6.90 -30.98 -17.42
CA ASP F 144 -7.83 -29.90 -17.75
C ASP F 144 -8.91 -29.68 -16.73
N GLY F 145 -8.76 -30.33 -15.58
CA GLY F 145 -9.73 -30.15 -14.51
C GLY F 145 -10.96 -31.00 -14.63
N SER F 146 -10.75 -32.28 -14.82
CA SER F 146 -11.87 -33.19 -14.95
C SER F 146 -11.75 -34.23 -13.88
N ILE F 147 -12.84 -34.45 -13.15
CA ILE F 147 -12.82 -35.46 -12.08
C ILE F 147 -13.85 -36.56 -12.35
N VAL F 148 -13.59 -37.67 -11.69
CA VAL F 148 -14.41 -38.84 -11.80
C VAL F 148 -14.28 -39.61 -10.51
N ASP F 149 -15.43 -40.07 -10.02
CA ASP F 149 -15.52 -40.82 -8.78
C ASP F 149 -15.32 -42.33 -9.01
N GLU F 150 -14.08 -42.79 -8.97
CA GLU F 150 -13.81 -44.20 -9.18
C GLU F 150 -13.87 -44.96 -7.84
N GLN F 151 -14.63 -46.05 -7.78
CA GLN F 151 -14.76 -46.85 -6.55
C GLN F 151 -13.90 -48.12 -6.52
N HIS F 152 -13.53 -48.61 -7.70
CA HIS F 152 -12.76 -49.83 -7.80
C HIS F 152 -11.26 -49.61 -7.97
N PHE F 153 -10.87 -49.21 -9.17
CA PHE F 153 -9.46 -49.01 -9.49
C PHE F 153 -9.29 -47.86 -10.48
N VAL F 154 -8.07 -47.35 -10.58
CA VAL F 154 -7.78 -46.26 -11.49
C VAL F 154 -6.40 -46.37 -12.09
N VAL F 155 -6.32 -46.09 -13.39
CA VAL F 155 -5.07 -46.16 -14.11
C VAL F 155 -4.82 -44.88 -14.86
N MET F 156 -3.54 -44.48 -14.91
CA MET F 156 -3.11 -43.27 -15.60
C MET F 156 -1.65 -43.33 -16.01
N GLY F 157 -1.33 -42.55 -17.03
CA GLY F 157 0.02 -42.50 -17.55
C GLY F 157 0.25 -43.43 -18.71
N GLY F 158 1.25 -43.12 -19.53
CA GLY F 158 1.58 -43.95 -20.68
C GLY F 158 0.41 -44.33 -21.58
N THR F 159 0.29 -45.64 -21.83
CA THR F 159 -0.77 -46.19 -22.66
C THR F 159 -1.69 -46.96 -21.72
N THR F 160 -2.81 -46.33 -21.41
CA THR F 160 -3.78 -46.88 -20.51
C THR F 160 -4.59 -48.05 -21.06
N GLU F 161 -5.01 -47.94 -22.32
CA GLU F 161 -5.83 -48.96 -22.96
C GLU F 161 -5.52 -50.40 -22.55
N PRO F 162 -4.30 -50.88 -22.81
CA PRO F 162 -3.98 -52.26 -22.42
C PRO F 162 -4.16 -52.53 -20.93
N ILE F 163 -3.37 -51.82 -20.12
CA ILE F 163 -3.39 -51.96 -18.68
C ILE F 163 -4.77 -51.71 -18.14
N ALA F 164 -5.53 -50.84 -18.81
CA ALA F 164 -6.89 -50.49 -18.41
C ALA F 164 -7.80 -51.71 -18.44
N THR F 165 -7.95 -52.29 -19.62
CA THR F 165 -8.80 -53.47 -19.75
C THR F 165 -8.20 -54.61 -18.90
N ALA F 166 -6.88 -54.76 -18.93
CA ALA F 166 -6.16 -55.82 -18.19
C ALA F 166 -6.52 -55.83 -16.70
N MET F 167 -7.40 -54.90 -16.35
CA MET F 167 -7.87 -54.77 -14.99
C MET F 167 -9.38 -54.96 -15.04
N ARG F 168 -10.02 -54.37 -16.04
CA ARG F 168 -11.47 -54.49 -16.19
C ARG F 168 -11.84 -55.95 -16.04
N GLU F 169 -10.96 -56.81 -16.54
CA GLU F 169 -11.12 -58.26 -16.50
C GLU F 169 -9.98 -58.77 -15.61
N SER F 170 -9.98 -58.37 -14.34
CA SER F 170 -8.91 -58.77 -13.43
C SER F 170 -9.11 -58.15 -12.05
N TYR F 171 -10.24 -57.50 -11.85
CA TYR F 171 -10.50 -56.86 -10.57
C TYR F 171 -11.45 -57.63 -9.65
N ARG F 172 -11.08 -57.73 -8.37
CA ARG F 172 -11.89 -58.43 -7.38
C ARG F 172 -11.91 -57.75 -6.02
N ALA F 173 -13.12 -57.50 -5.54
CA ALA F 173 -13.31 -56.87 -4.25
C ALA F 173 -12.66 -57.71 -3.14
N ASP F 174 -12.56 -57.14 -1.94
CA ASP F 174 -11.96 -57.84 -0.81
C ASP F 174 -10.66 -58.52 -1.20
N LEU F 175 -10.10 -58.12 -2.34
CA LEU F 175 -8.85 -58.69 -2.85
C LEU F 175 -7.70 -58.65 -1.81
N ASP F 176 -7.05 -59.79 -1.60
CA ASP F 176 -5.93 -59.87 -0.65
C ASP F 176 -4.85 -58.90 -1.14
N LEU F 177 -4.00 -58.44 -0.23
CA LEU F 177 -2.93 -57.50 -0.57
C LEU F 177 -1.92 -58.12 -1.54
N GLU F 178 -1.37 -59.26 -1.17
CA GLU F 178 -0.39 -59.95 -2.00
C GLU F 178 -0.96 -60.20 -3.40
N ALA F 179 -2.26 -60.47 -3.46
CA ALA F 179 -2.96 -60.75 -4.72
C ALA F 179 -3.33 -59.49 -5.48
N ALA F 180 -3.60 -58.41 -4.74
CA ALA F 180 -3.94 -57.11 -5.33
C ALA F 180 -2.69 -56.56 -6.03
N VAL F 181 -1.53 -56.82 -5.44
CA VAL F 181 -0.26 -56.39 -6.00
C VAL F 181 -0.09 -57.05 -7.36
N GLY F 182 -0.40 -58.34 -7.40
CA GLY F 182 -0.32 -59.08 -8.65
C GLY F 182 -1.26 -58.44 -9.64
N ILE F 183 -2.56 -58.53 -9.39
CA ILE F 183 -3.56 -57.95 -10.27
C ILE F 183 -3.07 -56.73 -11.03
N ALA F 184 -2.49 -55.79 -10.29
CA ALA F 184 -1.97 -54.55 -10.86
C ALA F 184 -0.63 -54.71 -11.56
N VAL F 185 0.40 -55.10 -10.81
CA VAL F 185 1.73 -55.27 -11.41
C VAL F 185 1.66 -56.01 -12.76
N ASN F 186 0.72 -56.95 -12.87
CA ASN F 186 0.50 -57.73 -14.10
C ASN F 186 0.02 -56.81 -15.20
N ALA F 187 -1.22 -56.34 -15.08
CA ALA F 187 -1.81 -55.44 -16.06
C ALA F 187 -0.78 -54.40 -16.52
N LEU F 188 0.09 -54.00 -15.60
CA LEU F 188 1.12 -53.00 -15.90
C LEU F 188 2.08 -53.52 -16.94
N ARG F 189 2.47 -54.79 -16.79
CA ARG F 189 3.40 -55.43 -17.71
C ARG F 189 2.74 -55.55 -19.09
N GLN F 190 1.42 -55.68 -19.07
CA GLN F 190 0.64 -55.81 -20.29
C GLN F 190 0.51 -54.47 -20.99
N GLY F 191 1.65 -53.86 -21.30
CA GLY F 191 1.62 -52.58 -21.97
C GLY F 191 3.02 -52.00 -22.01
N GLY F 192 3.98 -52.75 -21.48
CA GLY F 192 5.35 -52.29 -21.47
C GLY F 192 6.24 -53.13 -20.56
N VAL F 201 11.66 -54.20 -16.95
CA VAL F 201 10.30 -53.99 -17.45
C VAL F 201 9.27 -54.09 -16.31
N ASP F 202 9.59 -54.91 -15.31
CA ASP F 202 8.70 -55.11 -14.18
C ASP F 202 9.45 -55.54 -12.91
N VAL F 203 10.74 -55.22 -12.87
CA VAL F 203 11.58 -55.57 -11.72
C VAL F 203 11.06 -54.85 -10.49
N ALA F 204 11.62 -55.19 -9.31
CA ALA F 204 11.24 -54.54 -8.05
C ALA F 204 11.96 -53.19 -8.08
N SER F 205 11.70 -52.45 -9.15
CA SER F 205 12.26 -51.14 -9.37
C SER F 205 11.12 -50.18 -9.73
N LEU F 206 10.27 -49.95 -8.74
CA LEU F 206 9.12 -49.05 -8.78
C LEU F 206 8.84 -48.68 -7.33
N GLU F 207 7.81 -47.88 -7.11
CA GLU F 207 7.49 -47.50 -5.75
C GLU F 207 6.05 -47.90 -5.45
N VAL F 208 5.88 -48.62 -4.35
CA VAL F 208 4.57 -49.06 -3.96
C VAL F 208 4.33 -48.70 -2.52
N ALA F 209 3.09 -48.33 -2.23
CA ALA F 209 2.68 -47.97 -0.90
C ALA F 209 1.20 -48.25 -0.81
N VAL F 210 0.67 -48.10 0.40
CA VAL F 210 -0.73 -48.37 0.62
C VAL F 210 -1.31 -47.56 1.75
N LEU F 211 -2.60 -47.31 1.64
CA LEU F 211 -3.34 -46.59 2.64
C LEU F 211 -4.05 -47.66 3.47
N ASP F 212 -3.42 -48.03 4.59
CA ASP F 212 -3.91 -49.08 5.50
C ASP F 212 -5.00 -48.67 6.49
N GLN F 213 -6.26 -49.01 6.17
CA GLN F 213 -7.40 -48.66 7.01
C GLN F 213 -7.29 -49.24 8.42
N SER F 214 -6.27 -50.05 8.64
CA SER F 214 -6.06 -50.65 9.95
C SER F 214 -5.58 -49.55 10.86
N ARG F 215 -4.54 -48.87 10.39
CA ARG F 215 -3.94 -47.78 11.12
C ARG F 215 -4.99 -46.83 11.68
N PRO F 216 -4.75 -46.27 12.88
CA PRO F 216 -5.67 -45.34 13.57
C PRO F 216 -5.52 -43.87 13.11
N ARG F 217 -4.31 -43.50 12.70
CA ARG F 217 -4.01 -42.15 12.25
C ARG F 217 -3.40 -42.12 10.84
N ARG F 218 -2.07 -42.08 10.76
CA ARG F 218 -1.31 -42.03 9.51
C ARG F 218 -2.00 -42.67 8.30
N ALA F 219 -2.32 -43.96 8.44
CA ALA F 219 -2.98 -44.73 7.40
C ALA F 219 -2.20 -44.86 6.11
N PHE F 220 -0.99 -44.32 6.07
CA PHE F 220 -0.19 -44.41 4.85
C PHE F 220 1.24 -44.87 5.10
N ARG F 221 1.58 -46.01 4.52
CA ARG F 221 2.91 -46.61 4.64
C ARG F 221 3.37 -47.07 3.26
N ARG F 222 4.68 -47.07 3.05
CA ARG F 222 5.22 -47.49 1.78
C ARG F 222 5.89 -48.84 1.93
N ILE F 223 5.59 -49.77 1.03
CA ILE F 223 6.18 -51.11 1.08
C ILE F 223 7.61 -50.99 0.57
N ALA F 224 8.57 -51.14 1.47
CA ALA F 224 9.99 -51.01 1.11
C ALA F 224 10.42 -52.02 0.09
N GLY F 225 11.69 -52.41 0.13
CA GLY F 225 12.18 -53.38 -0.83
C GLY F 225 12.13 -54.83 -0.36
N THR F 226 12.87 -55.12 0.69
CA THR F 226 12.93 -56.46 1.26
C THR F 226 11.56 -57.15 1.37
N ALA F 227 10.49 -56.38 1.51
CA ALA F 227 9.16 -56.97 1.65
C ALA F 227 8.28 -56.88 0.40
N LEU F 228 8.77 -56.20 -0.63
CA LEU F 228 7.99 -56.10 -1.86
C LEU F 228 8.21 -57.40 -2.60
N GLU F 229 9.45 -57.88 -2.55
CA GLU F 229 9.82 -59.13 -3.21
C GLU F 229 8.62 -60.06 -3.18
N GLN F 230 8.30 -60.51 -1.98
CA GLN F 230 7.20 -61.42 -1.72
C GLN F 230 5.80 -60.86 -1.97
N LEU F 231 5.60 -60.21 -3.11
CA LEU F 231 4.29 -59.65 -3.46
C LEU F 231 4.13 -59.55 -4.97
N VAL F 232 5.21 -59.13 -5.64
CA VAL F 232 5.21 -58.98 -7.08
C VAL F 232 5.55 -60.29 -7.80
N PRO F 233 4.69 -60.69 -8.76
CA PRO F 233 4.87 -61.93 -9.55
C PRO F 233 5.86 -61.77 -10.70
N ALA F 234 6.68 -62.80 -10.90
CA ALA F 234 7.70 -62.81 -11.96
C ALA F 234 7.07 -62.92 -13.36
N GLU F 235 7.91 -63.15 -14.37
CA GLU F 235 7.47 -63.27 -15.76
C GLU F 235 6.59 -64.50 -16.07
N ALA G 9 -12.49 -11.07 -37.42
CA ALA G 9 -11.95 -10.55 -36.12
C ALA G 9 -12.90 -9.51 -35.54
N GLU G 10 -13.61 -9.92 -34.50
CA GLU G 10 -14.59 -9.11 -33.77
C GLU G 10 -15.77 -10.03 -33.42
N GLN G 11 -16.14 -10.88 -34.37
CA GLN G 11 -17.21 -11.84 -34.17
C GLN G 11 -16.54 -13.06 -33.59
N ILE G 12 -15.68 -12.81 -32.62
CA ILE G 12 -14.99 -13.88 -31.95
C ILE G 12 -16.11 -14.34 -31.07
N MET G 13 -17.06 -13.44 -30.85
CA MET G 13 -18.20 -13.75 -30.02
C MET G 13 -18.88 -14.95 -30.67
N ARG G 14 -18.88 -14.95 -32.01
CA ARG G 14 -19.45 -16.07 -32.74
C ARG G 14 -18.68 -17.32 -32.31
N ASP G 15 -17.35 -17.28 -32.43
CA ASP G 15 -16.50 -18.40 -32.04
C ASP G 15 -16.72 -18.84 -30.62
N ARG G 16 -16.32 -17.98 -29.68
CA ARG G 16 -16.45 -18.26 -28.26
C ARG G 16 -17.77 -18.92 -27.99
N SER G 17 -18.83 -18.29 -28.51
CA SER G 17 -20.18 -18.77 -28.34
C SER G 17 -20.27 -20.27 -28.68
N GLU G 18 -19.93 -20.59 -29.93
CA GLU G 18 -19.94 -21.96 -30.41
C GLU G 18 -19.20 -22.85 -29.42
N LEU G 19 -18.02 -22.40 -28.99
CA LEU G 19 -17.22 -23.18 -28.05
C LEU G 19 -18.07 -23.68 -26.89
N ALA G 20 -18.87 -22.79 -26.33
CA ALA G 20 -19.73 -23.13 -25.22
C ALA G 20 -20.81 -24.05 -25.69
N ARG G 21 -21.67 -23.54 -26.56
CA ARG G 21 -22.77 -24.32 -27.12
C ARG G 21 -22.39 -25.79 -27.33
N LYS G 22 -21.29 -26.01 -28.04
CA LYS G 22 -20.80 -27.36 -28.34
C LYS G 22 -20.44 -28.19 -27.11
N GLY G 23 -19.65 -27.62 -26.20
CA GLY G 23 -19.27 -28.35 -25.01
C GLY G 23 -20.44 -28.69 -24.08
N ILE G 24 -21.47 -27.85 -24.13
CA ILE G 24 -22.66 -28.06 -23.33
C ILE G 24 -23.36 -29.22 -23.98
N ALA G 25 -23.67 -29.03 -25.26
CA ALA G 25 -24.35 -30.02 -26.08
C ALA G 25 -23.75 -31.40 -25.89
N ARG G 26 -22.44 -31.51 -26.07
CA ARG G 26 -21.81 -32.81 -25.92
C ARG G 26 -21.67 -33.23 -24.46
N GLY G 27 -22.80 -33.24 -23.76
CA GLY G 27 -22.81 -33.65 -22.35
C GLY G 27 -24.21 -33.98 -21.86
N ARG G 28 -24.31 -34.79 -20.80
CA ARG G 28 -25.60 -35.17 -20.22
C ARG G 28 -26.60 -33.99 -20.11
N SER G 29 -27.89 -34.24 -19.84
CA SER G 29 -28.87 -33.13 -19.77
C SER G 29 -29.67 -32.96 -18.48
N VAL G 30 -30.32 -31.82 -18.31
CA VAL G 30 -31.12 -31.62 -17.10
C VAL G 30 -32.50 -31.02 -17.31
N VAL G 31 -33.41 -31.39 -16.43
CA VAL G 31 -34.79 -30.92 -16.50
C VAL G 31 -35.28 -30.48 -15.13
N VAL G 32 -35.89 -29.31 -15.11
CA VAL G 32 -36.44 -28.68 -13.91
C VAL G 32 -37.90 -28.29 -14.19
N LEU G 33 -38.78 -28.56 -13.23
CA LEU G 33 -40.18 -28.28 -13.45
C LEU G 33 -40.98 -27.72 -12.28
N THR G 34 -42.12 -27.15 -12.62
CA THR G 34 -43.03 -26.56 -11.66
C THR G 34 -44.18 -27.52 -11.37
N PHE G 35 -44.43 -27.82 -10.10
CA PHE G 35 -45.56 -28.68 -9.78
C PHE G 35 -46.32 -28.36 -8.49
N ARG G 36 -46.84 -29.40 -7.86
CA ARG G 36 -47.63 -29.26 -6.63
C ARG G 36 -46.83 -28.92 -5.38
N ASP G 37 -45.88 -29.79 -5.04
CA ASP G 37 -45.04 -29.62 -3.86
C ASP G 37 -44.15 -28.38 -3.97
N GLY G 38 -43.59 -28.15 -5.16
CA GLY G 38 -42.75 -26.99 -5.32
C GLY G 38 -41.99 -26.99 -6.62
N VAL G 39 -40.82 -27.64 -6.63
CA VAL G 39 -39.95 -27.70 -7.81
C VAL G 39 -39.14 -28.99 -7.82
N LEU G 40 -39.07 -29.66 -8.98
CA LEU G 40 -38.31 -30.90 -9.09
C LEU G 40 -37.09 -30.82 -9.99
N PHE G 41 -35.99 -31.38 -9.48
CA PHE G 41 -34.73 -31.41 -10.20
C PHE G 41 -34.38 -32.81 -10.65
N VAL G 42 -34.40 -33.01 -11.97
CA VAL G 42 -34.02 -34.31 -12.50
C VAL G 42 -32.93 -34.09 -13.52
N ALA G 43 -31.83 -34.81 -13.30
CA ALA G 43 -30.70 -34.73 -14.19
C ALA G 43 -29.88 -36.01 -14.13
N GLU G 44 -29.36 -36.36 -15.29
CA GLU G 44 -28.53 -37.52 -15.52
C GLU G 44 -27.23 -37.48 -14.75
N ASN G 45 -27.15 -38.14 -13.61
CA ASN G 45 -25.88 -38.08 -12.94
C ASN G 45 -25.34 -39.42 -12.47
N PRO G 46 -24.55 -40.06 -13.33
CA PRO G 46 -23.93 -41.35 -13.03
C PRO G 46 -23.11 -41.31 -11.76
N SER G 47 -22.48 -40.16 -11.52
CA SER G 47 -21.63 -40.00 -10.34
C SER G 47 -22.33 -40.33 -9.03
N THR G 48 -21.56 -40.93 -8.15
CA THR G 48 -22.02 -41.34 -6.84
C THR G 48 -21.65 -40.29 -5.80
N ALA G 49 -20.68 -39.44 -6.14
CA ALA G 49 -20.19 -38.42 -5.21
C ALA G 49 -20.41 -36.94 -5.60
N LEU G 50 -20.14 -36.62 -6.85
CA LEU G 50 -20.28 -35.26 -7.34
C LEU G 50 -21.68 -34.93 -7.84
N HIS G 51 -22.41 -34.07 -7.14
CA HIS G 51 -23.77 -33.69 -7.54
C HIS G 51 -23.81 -32.64 -8.63
N LYS G 52 -25.01 -32.35 -9.09
CA LYS G 52 -25.21 -31.39 -10.17
C LYS G 52 -26.36 -30.45 -9.81
N VAL G 53 -26.96 -30.71 -8.66
CA VAL G 53 -28.06 -29.89 -8.19
C VAL G 53 -27.79 -29.67 -6.70
N SER G 54 -28.01 -28.45 -6.23
CA SER G 54 -27.75 -28.13 -4.84
C SER G 54 -28.74 -27.15 -4.21
N GLU G 55 -28.72 -27.11 -2.88
CA GLU G 55 -29.57 -26.20 -2.13
C GLU G 55 -28.81 -24.90 -2.25
N LEU G 56 -29.39 -23.91 -2.89
CA LEU G 56 -28.65 -22.67 -2.98
C LEU G 56 -28.98 -21.88 -1.74
N TYR G 57 -30.23 -21.92 -1.30
CA TYR G 57 -30.61 -21.20 -0.10
C TYR G 57 -31.86 -21.76 0.61
N ASP G 58 -32.55 -20.89 1.34
CA ASP G 58 -33.75 -21.26 2.08
C ASP G 58 -34.83 -21.72 1.13
N ARG G 59 -35.12 -20.91 0.13
CA ARG G 59 -36.15 -21.25 -0.84
C ARG G 59 -35.51 -21.22 -2.23
N LEU G 60 -34.25 -21.62 -2.31
CA LEU G 60 -33.53 -21.59 -3.58
C LEU G 60 -32.79 -22.88 -3.93
N GLY G 61 -33.00 -23.33 -5.16
CA GLY G 61 -32.35 -24.53 -5.65
C GLY G 61 -31.51 -24.14 -6.84
N PHE G 62 -30.47 -24.92 -7.12
CA PHE G 62 -29.58 -24.62 -8.23
C PHE G 62 -29.17 -25.89 -8.96
N ALA G 63 -29.15 -25.80 -10.28
CA ALA G 63 -28.74 -26.92 -11.12
C ALA G 63 -28.10 -26.33 -12.41
N ALA G 64 -26.97 -26.89 -12.80
CA ALA G 64 -26.25 -26.41 -13.98
C ALA G 64 -25.79 -27.56 -14.87
N VAL G 65 -25.07 -27.23 -15.95
CA VAL G 65 -24.57 -28.21 -16.90
C VAL G 65 -23.38 -27.63 -17.63
N GLY G 66 -22.45 -28.49 -18.02
CA GLY G 66 -21.27 -28.04 -18.72
C GLY G 66 -20.06 -28.64 -18.04
N LYS G 67 -18.89 -28.02 -18.13
CA LYS G 67 -17.73 -28.59 -17.46
C LYS G 67 -18.02 -28.44 -15.98
N TYR G 68 -17.78 -29.48 -15.20
CA TYR G 68 -18.06 -29.46 -13.75
C TYR G 68 -17.41 -28.32 -12.99
N ASN G 69 -16.09 -28.33 -12.92
CA ASN G 69 -15.39 -27.31 -12.20
C ASN G 69 -16.03 -25.97 -12.48
N GLU G 70 -16.16 -25.60 -13.75
CA GLU G 70 -16.77 -24.30 -14.05
C GLU G 70 -18.12 -24.00 -13.39
N PHE G 71 -19.12 -24.87 -13.49
CA PHE G 71 -20.38 -24.52 -12.80
C PHE G 71 -20.29 -24.79 -11.28
N GLU G 72 -19.34 -25.63 -10.88
CA GLU G 72 -19.16 -25.91 -9.45
C GLU G 72 -18.88 -24.55 -8.84
N ASN G 73 -17.92 -23.84 -9.41
CA ASN G 73 -17.57 -22.50 -8.96
C ASN G 73 -18.87 -21.74 -8.88
N LEU G 74 -19.42 -21.38 -10.02
CA LEU G 74 -20.67 -20.62 -10.04
C LEU G 74 -21.69 -21.12 -9.03
N ARG G 75 -21.59 -22.39 -8.66
CA ARG G 75 -22.49 -22.93 -7.65
C ARG G 75 -22.10 -22.27 -6.31
N ARG G 76 -20.91 -22.63 -5.80
CA ARG G 76 -20.43 -22.06 -4.56
C ARG G 76 -20.68 -20.54 -4.56
N ALA G 77 -20.05 -19.83 -5.48
CA ALA G 77 -20.26 -18.40 -5.58
C ALA G 77 -21.72 -17.99 -5.29
N GLY G 78 -22.68 -18.83 -5.70
CA GLY G 78 -24.08 -18.50 -5.44
C GLY G 78 -24.31 -18.65 -3.95
N ILE G 79 -24.02 -19.85 -3.46
CA ILE G 79 -24.15 -20.22 -2.04
C ILE G 79 -23.69 -19.05 -1.18
N VAL G 80 -22.61 -18.43 -1.63
CA VAL G 80 -22.06 -17.29 -0.95
C VAL G 80 -22.89 -16.05 -1.18
N HIS G 81 -22.99 -15.59 -2.42
CA HIS G 81 -23.78 -14.40 -2.66
C HIS G 81 -25.13 -14.40 -1.97
N ALA G 82 -25.63 -15.58 -1.64
CA ALA G 82 -26.92 -15.65 -0.96
C ALA G 82 -26.79 -15.42 0.56
N ASP G 83 -25.94 -16.24 1.19
CA ASP G 83 -25.63 -16.19 2.61
C ASP G 83 -25.33 -14.76 2.93
N MET G 84 -24.43 -14.17 2.15
CA MET G 84 -24.05 -12.78 2.33
C MET G 84 -25.28 -11.90 2.54
N ARG G 85 -26.18 -11.85 1.56
CA ARG G 85 -27.42 -11.06 1.64
C ARG G 85 -28.25 -11.48 2.85
N GLY G 86 -28.28 -12.78 3.11
CA GLY G 86 -29.05 -13.29 4.23
C GLY G 86 -28.55 -12.65 5.48
N TYR G 87 -27.24 -12.68 5.65
CA TYR G 87 -26.52 -12.14 6.81
C TYR G 87 -26.60 -10.61 6.94
N SER G 88 -26.30 -9.94 5.82
CA SER G 88 -26.33 -8.48 5.72
C SER G 88 -27.73 -7.90 5.94
N TYR G 89 -28.75 -8.58 5.45
CA TYR G 89 -30.11 -8.09 5.63
C TYR G 89 -30.95 -9.09 6.41
N ASP G 90 -31.70 -9.91 5.71
CA ASP G 90 -32.52 -10.91 6.37
C ASP G 90 -32.82 -12.00 5.38
N ARG G 91 -32.68 -13.25 5.81
CA ARG G 91 -32.91 -14.38 4.90
C ARG G 91 -34.15 -14.11 4.06
N ARG G 92 -35.14 -13.50 4.69
CA ARG G 92 -36.39 -13.19 4.04
C ARG G 92 -36.23 -12.37 2.74
N ASP G 93 -35.08 -11.70 2.54
CA ASP G 93 -34.86 -10.89 1.33
C ASP G 93 -33.98 -11.55 0.26
N VAL G 94 -33.51 -12.75 0.54
CA VAL G 94 -32.70 -13.48 -0.41
C VAL G 94 -33.69 -14.06 -1.43
N THR G 95 -33.66 -13.56 -2.66
CA THR G 95 -34.59 -14.04 -3.68
C THR G 95 -33.90 -14.88 -4.76
N GLY G 96 -34.65 -15.23 -5.78
CA GLY G 96 -34.07 -15.98 -6.86
C GLY G 96 -33.63 -14.95 -7.88
N ARG G 97 -34.45 -13.92 -8.06
CA ARG G 97 -34.14 -12.85 -9.01
C ARG G 97 -32.74 -12.33 -8.75
N SER G 98 -32.41 -12.19 -7.48
CA SER G 98 -31.11 -11.69 -7.06
C SER G 98 -30.00 -12.54 -7.65
N LEU G 99 -29.98 -13.82 -7.29
CA LEU G 99 -28.96 -14.75 -7.81
C LEU G 99 -29.04 -14.98 -9.32
N ALA G 100 -30.20 -14.69 -9.88
CA ALA G 100 -30.40 -14.80 -11.31
C ALA G 100 -29.41 -13.79 -11.89
N ASN G 101 -29.81 -12.53 -11.79
CA ASN G 101 -29.03 -11.39 -12.26
C ASN G 101 -27.58 -11.56 -11.94
N ALA G 102 -27.27 -11.78 -10.67
CA ALA G 102 -25.89 -11.96 -10.26
C ALA G 102 -25.22 -12.81 -11.30
N TYR G 103 -25.58 -14.10 -11.36
CA TYR G 103 -25.03 -15.04 -12.33
C TYR G 103 -24.93 -14.47 -13.75
N ALA G 104 -26.02 -13.85 -14.20
CA ALA G 104 -26.05 -13.27 -15.52
C ALA G 104 -24.84 -12.39 -15.71
N GLN G 105 -24.71 -11.42 -14.81
CA GLN G 105 -23.60 -10.48 -14.86
C GLN G 105 -22.27 -11.23 -14.84
N THR G 106 -22.14 -12.21 -13.95
CA THR G 106 -20.91 -12.98 -13.82
C THR G 106 -20.50 -13.67 -15.11
N LEU G 107 -21.40 -14.48 -15.65
CA LEU G 107 -21.14 -15.19 -16.89
C LEU G 107 -20.91 -14.18 -18.01
N GLY G 108 -21.83 -13.21 -18.08
CA GLY G 108 -21.75 -12.18 -19.10
C GLY G 108 -20.37 -11.55 -19.18
N THR G 109 -19.71 -11.45 -18.03
CA THR G 109 -18.39 -10.87 -18.01
C THR G 109 -17.36 -11.91 -18.42
N ILE G 110 -17.47 -13.10 -17.85
CA ILE G 110 -16.54 -14.19 -18.15
C ILE G 110 -16.48 -14.32 -19.65
N PHE G 111 -17.66 -14.42 -20.23
CA PHE G 111 -17.79 -14.54 -21.66
C PHE G 111 -16.93 -13.49 -22.30
N THR G 112 -17.25 -12.24 -22.03
CA THR G 112 -16.51 -11.12 -22.60
C THR G 112 -15.03 -11.08 -22.26
N GLU G 113 -14.68 -11.40 -21.03
CA GLU G 113 -13.28 -11.26 -20.67
C GLU G 113 -12.39 -12.49 -20.46
N GLN G 114 -12.83 -13.49 -19.71
CA GLN G 114 -11.99 -14.68 -19.47
C GLN G 114 -11.35 -15.20 -20.76
N PRO G 115 -10.18 -15.85 -20.67
CA PRO G 115 -9.50 -16.38 -21.85
C PRO G 115 -10.34 -17.45 -22.54
N LYS G 116 -11.23 -18.07 -21.78
CA LYS G 116 -12.10 -19.10 -22.34
C LYS G 116 -13.45 -18.99 -21.68
N PRO G 117 -14.50 -18.82 -22.49
CA PRO G 117 -15.86 -18.70 -21.95
C PRO G 117 -16.12 -19.92 -21.11
N TYR G 118 -17.20 -19.87 -20.35
CA TYR G 118 -17.60 -20.95 -19.47
C TYR G 118 -18.56 -21.85 -20.21
N GLU G 119 -18.20 -23.12 -20.34
CA GLU G 119 -19.08 -24.08 -21.01
C GLU G 119 -20.09 -24.51 -19.96
N VAL G 120 -21.05 -23.61 -19.69
CA VAL G 120 -22.03 -23.83 -18.64
C VAL G 120 -23.36 -23.22 -18.96
N GLU G 121 -24.38 -23.84 -18.39
CA GLU G 121 -25.77 -23.43 -18.54
C GLU G 121 -26.27 -23.63 -17.11
N ILE G 122 -26.93 -22.62 -16.55
CA ILE G 122 -27.39 -22.70 -15.17
C ILE G 122 -28.87 -22.42 -14.92
N CYS G 123 -29.42 -23.12 -13.93
CA CYS G 123 -30.81 -22.92 -13.55
C CYS G 123 -30.96 -22.66 -12.05
N VAL G 124 -31.59 -21.52 -11.74
CA VAL G 124 -31.86 -21.06 -10.37
C VAL G 124 -33.36 -21.12 -10.15
N ALA G 125 -33.77 -21.81 -9.10
CA ALA G 125 -35.18 -21.98 -8.81
C ALA G 125 -35.56 -21.64 -7.37
N GLU G 126 -36.62 -20.85 -7.23
CA GLU G 126 -37.10 -20.44 -5.92
C GLU G 126 -38.54 -20.86 -5.80
N VAL G 127 -38.85 -21.54 -4.70
CA VAL G 127 -40.20 -22.01 -4.44
C VAL G 127 -40.76 -21.17 -3.32
N GLY G 128 -41.63 -20.22 -3.65
CA GLY G 128 -42.23 -19.35 -2.64
C GLY G 128 -42.10 -19.72 -1.16
N ARG G 129 -42.22 -18.73 -0.29
CA ARG G 129 -42.12 -18.93 1.16
C ARG G 129 -42.91 -20.12 1.68
N VAL G 130 -43.16 -20.16 2.99
CA VAL G 130 -43.89 -21.31 3.55
C VAL G 130 -45.36 -21.05 3.81
N GLY G 131 -46.08 -20.56 2.82
CA GLY G 131 -47.50 -20.30 3.02
C GLY G 131 -48.23 -19.66 1.84
N SER G 132 -47.91 -18.40 1.56
CA SER G 132 -48.56 -17.67 0.48
C SER G 132 -48.80 -18.49 -0.79
N PRO G 133 -49.76 -18.04 -1.60
CA PRO G 133 -50.20 -18.63 -2.86
C PRO G 133 -49.34 -18.27 -4.08
N LYS G 134 -48.05 -18.11 -3.87
CA LYS G 134 -47.17 -17.78 -4.98
C LYS G 134 -46.62 -19.01 -5.65
N ALA G 135 -46.73 -19.01 -6.98
CA ALA G 135 -46.27 -20.11 -7.81
C ALA G 135 -44.78 -20.00 -8.11
N PRO G 136 -44.02 -21.10 -7.89
CA PRO G 136 -42.57 -21.13 -8.12
C PRO G 136 -42.12 -20.38 -9.36
N GLN G 137 -40.84 -19.97 -9.34
CA GLN G 137 -40.25 -19.24 -10.45
C GLN G 137 -38.96 -19.97 -10.83
N LEU G 138 -38.67 -19.97 -12.13
CA LEU G 138 -37.50 -20.62 -12.68
C LEU G 138 -36.70 -19.65 -13.54
N TYR G 139 -35.38 -19.76 -13.41
CA TYR G 139 -34.44 -18.91 -14.14
C TYR G 139 -33.38 -19.71 -14.83
N ARG G 140 -33.12 -19.35 -16.08
CA ARG G 140 -32.07 -20.04 -16.82
C ARG G 140 -31.07 -18.99 -17.27
N ILE G 141 -29.79 -19.30 -17.14
CA ILE G 141 -28.77 -18.38 -17.55
C ILE G 141 -27.74 -19.08 -18.41
N THR G 142 -27.52 -18.51 -19.59
CA THR G 142 -26.59 -19.07 -20.55
C THR G 142 -25.11 -18.63 -20.42
N TYR G 143 -24.24 -19.49 -20.94
CA TYR G 143 -22.82 -19.22 -20.93
C TYR G 143 -22.45 -17.77 -21.26
N ASP G 144 -23.36 -17.03 -21.90
CA ASP G 144 -23.03 -15.66 -22.28
C ASP G 144 -23.78 -14.57 -21.52
N GLY G 145 -24.45 -14.96 -20.43
CA GLY G 145 -25.18 -13.98 -19.63
C GLY G 145 -26.59 -13.65 -20.07
N SER G 146 -27.37 -14.66 -20.40
CA SER G 146 -28.72 -14.40 -20.83
C SER G 146 -29.67 -15.06 -19.86
N ILE G 147 -30.75 -14.36 -19.54
CA ILE G 147 -31.73 -14.91 -18.61
C ILE G 147 -33.14 -14.88 -19.14
N VAL G 148 -33.89 -15.87 -18.69
CA VAL G 148 -35.28 -16.03 -19.07
C VAL G 148 -36.05 -16.50 -17.85
N ASP G 149 -37.25 -15.93 -17.72
CA ASP G 149 -38.16 -16.22 -16.62
C ASP G 149 -39.13 -17.33 -17.01
N GLU G 150 -38.74 -18.57 -16.69
CA GLU G 150 -39.59 -19.71 -17.01
C GLU G 150 -40.49 -20.06 -15.83
N GLN G 151 -41.80 -20.00 -16.04
CA GLN G 151 -42.76 -20.32 -14.99
C GLN G 151 -43.17 -21.79 -15.01
N HIS G 152 -42.92 -22.48 -16.11
CA HIS G 152 -43.31 -23.88 -16.20
C HIS G 152 -42.20 -24.91 -15.93
N PHE G 153 -41.42 -25.23 -16.95
CA PHE G 153 -40.37 -26.24 -16.83
C PHE G 153 -39.15 -25.74 -17.59
N VAL G 154 -37.99 -26.33 -17.35
CA VAL G 154 -36.81 -25.89 -18.08
C VAL G 154 -35.89 -27.06 -18.35
N VAL G 155 -35.26 -27.01 -19.53
CA VAL G 155 -34.35 -28.06 -19.98
C VAL G 155 -33.02 -27.50 -20.47
N MET G 156 -31.95 -28.17 -20.12
CA MET G 156 -30.62 -27.76 -20.54
C MET G 156 -29.66 -28.94 -20.60
N GLY G 157 -28.67 -28.83 -21.49
CA GLY G 157 -27.68 -29.88 -21.65
C GLY G 157 -27.97 -30.76 -22.85
N GLY G 158 -26.93 -31.44 -23.32
CA GLY G 158 -27.10 -32.32 -24.46
C GLY G 158 -27.93 -31.76 -25.59
N THR G 159 -28.84 -32.58 -26.11
CA THR G 159 -29.73 -32.18 -27.20
C THR G 159 -31.07 -31.85 -26.58
N THR G 160 -31.37 -30.57 -26.52
CA THR G 160 -32.61 -30.12 -25.93
C THR G 160 -33.84 -30.37 -26.80
N GLU G 161 -33.74 -30.07 -28.10
CA GLU G 161 -34.86 -30.24 -29.04
C GLU G 161 -35.84 -31.40 -28.77
N PRO G 162 -35.34 -32.64 -28.73
CA PRO G 162 -36.27 -33.74 -28.46
C PRO G 162 -36.95 -33.63 -27.09
N ILE G 163 -36.13 -33.57 -26.04
CA ILE G 163 -36.60 -33.49 -24.65
C ILE G 163 -37.44 -32.26 -24.41
N ALA G 164 -37.07 -31.19 -25.10
CA ALA G 164 -37.76 -29.92 -24.99
C ALA G 164 -39.22 -30.10 -25.38
N THR G 165 -39.44 -30.46 -26.64
CA THR G 165 -40.80 -30.66 -27.14
C THR G 165 -41.49 -31.81 -26.37
N ALA G 166 -40.71 -32.81 -25.96
CA ALA G 166 -41.24 -33.96 -25.20
C ALA G 166 -41.89 -33.49 -23.91
N MET G 167 -41.74 -32.20 -23.63
CA MET G 167 -42.31 -31.60 -22.45
C MET G 167 -43.37 -30.60 -22.87
N ARG G 168 -43.08 -29.82 -23.92
CA ARG G 168 -44.04 -28.84 -24.42
C ARG G 168 -45.39 -29.52 -24.57
N GLU G 169 -45.33 -30.80 -24.89
CA GLU G 169 -46.51 -31.65 -25.05
C GLU G 169 -46.38 -32.72 -23.98
N SER G 170 -46.49 -32.34 -22.71
CA SER G 170 -46.34 -33.30 -21.61
C SER G 170 -46.34 -32.61 -20.23
N TYR G 171 -46.63 -31.31 -20.22
CA TYR G 171 -46.63 -30.54 -18.99
C TYR G 171 -48.01 -30.23 -18.42
N ARG G 172 -48.16 -30.40 -17.12
CA ARG G 172 -49.44 -30.13 -16.47
C ARG G 172 -49.26 -29.52 -15.08
N ALA G 173 -49.98 -28.43 -14.83
CA ALA G 173 -49.92 -27.73 -13.54
C ALA G 173 -50.42 -28.64 -12.41
N ASP G 174 -50.15 -28.27 -11.17
CA ASP G 174 -50.57 -29.07 -10.02
C ASP G 174 -50.17 -30.53 -10.17
N LEU G 175 -49.25 -30.78 -11.09
CA LEU G 175 -48.80 -32.12 -11.36
C LEU G 175 -48.29 -32.85 -10.12
N ASP G 176 -48.80 -34.05 -9.89
CA ASP G 176 -48.38 -34.86 -8.76
C ASP G 176 -46.88 -35.11 -8.86
N LEU G 177 -46.22 -35.28 -7.72
CA LEU G 177 -44.78 -35.53 -7.69
C LEU G 177 -44.39 -36.80 -8.42
N GLU G 178 -45.03 -37.92 -8.07
CA GLU G 178 -44.72 -39.19 -8.71
C GLU G 178 -44.93 -39.05 -10.21
N ALA G 179 -45.93 -38.26 -10.59
CA ALA G 179 -46.25 -38.03 -11.99
C ALA G 179 -45.30 -37.04 -12.65
N ALA G 180 -44.91 -36.01 -11.92
CA ALA G 180 -43.98 -35.02 -12.45
C ALA G 180 -42.67 -35.71 -12.80
N VAL G 181 -42.31 -36.72 -11.99
CA VAL G 181 -41.07 -37.46 -12.19
C VAL G 181 -41.11 -38.18 -13.52
N GLY G 182 -42.28 -38.77 -13.81
CA GLY G 182 -42.46 -39.46 -15.06
C GLY G 182 -42.32 -38.47 -16.21
N ILE G 183 -43.20 -37.48 -16.26
CA ILE G 183 -43.18 -36.44 -17.29
C ILE G 183 -41.78 -36.10 -17.74
N ALA G 184 -40.95 -35.84 -16.75
CA ALA G 184 -39.57 -35.48 -16.98
C ALA G 184 -38.69 -36.65 -17.40
N VAL G 185 -38.51 -37.61 -16.51
CA VAL G 185 -37.66 -38.78 -16.79
C VAL G 185 -37.93 -39.39 -18.18
N ASN G 186 -39.18 -39.26 -18.63
CA ASN G 186 -39.60 -39.76 -19.93
C ASN G 186 -38.95 -38.91 -21.02
N ALA G 187 -39.38 -37.66 -21.14
CA ALA G 187 -38.83 -36.74 -22.13
C ALA G 187 -37.31 -36.91 -22.19
N LEU G 188 -36.69 -37.13 -21.03
CA LEU G 188 -35.25 -37.32 -20.95
C LEU G 188 -34.81 -38.50 -21.82
N ARG G 189 -35.50 -39.62 -21.65
CA ARG G 189 -35.20 -40.83 -22.41
C ARG G 189 -35.39 -40.57 -23.90
N GLN G 190 -36.26 -39.61 -24.22
CA GLN G 190 -36.56 -39.25 -25.60
C GLN G 190 -35.48 -38.34 -26.20
N GLY G 191 -34.24 -38.77 -26.07
CA GLY G 191 -33.13 -38.00 -26.59
C GLY G 191 -31.83 -38.77 -26.38
N GLY G 192 -31.92 -39.86 -25.63
CA GLY G 192 -30.75 -40.67 -25.33
C GLY G 192 -31.05 -41.79 -24.35
N VAL G 201 -29.34 -46.06 -19.67
CA VAL G 201 -29.91 -44.98 -20.46
C VAL G 201 -30.91 -44.17 -19.62
N ASP G 202 -31.54 -44.82 -18.65
CA ASP G 202 -32.51 -44.13 -17.81
C ASP G 202 -32.66 -44.83 -16.47
N VAL G 203 -31.63 -45.57 -16.07
CA VAL G 203 -31.65 -46.30 -14.79
C VAL G 203 -31.73 -45.34 -13.61
N ALA G 204 -31.98 -45.87 -12.41
CA ALA G 204 -32.05 -45.04 -11.22
C ALA G 204 -30.62 -44.64 -10.90
N SER G 205 -29.91 -44.16 -11.91
CA SER G 205 -28.53 -43.69 -11.80
C SER G 205 -28.46 -42.28 -12.37
N LEU G 206 -29.01 -41.36 -11.58
CA LEU G 206 -29.05 -39.94 -11.88
C LEU G 206 -29.24 -39.32 -10.49
N GLU G 207 -29.41 -38.02 -10.42
CA GLU G 207 -29.63 -37.42 -9.13
C GLU G 207 -30.91 -36.57 -9.18
N VAL G 208 -31.77 -36.74 -8.19
CA VAL G 208 -33.00 -35.98 -8.17
C VAL G 208 -33.17 -35.41 -6.78
N ALA G 209 -33.80 -34.24 -6.74
CA ALA G 209 -34.07 -33.55 -5.50
C ALA G 209 -35.26 -32.64 -5.75
N VAL G 210 -35.75 -32.00 -4.69
CA VAL G 210 -36.88 -31.13 -4.86
C VAL G 210 -36.93 -30.02 -3.83
N LEU G 211 -37.49 -28.89 -4.24
CA LEU G 211 -37.66 -27.74 -3.39
C LEU G 211 -39.11 -27.82 -2.90
N ASP G 212 -39.28 -28.44 -1.74
CA ASP G 212 -40.59 -28.65 -1.11
C ASP G 212 -41.21 -27.43 -0.40
N GLN G 213 -42.15 -26.77 -1.06
CA GLN G 213 -42.82 -25.60 -0.48
C GLN G 213 -43.59 -25.91 0.80
N SER G 214 -43.55 -27.16 1.24
CA SER G 214 -44.24 -27.52 2.47
C SER G 214 -43.31 -27.12 3.60
N ARG G 215 -42.04 -27.46 3.45
CA ARG G 215 -41.01 -27.17 4.44
C ARG G 215 -41.05 -25.70 4.85
N PRO G 216 -40.79 -25.42 6.15
CA PRO G 216 -40.80 -24.06 6.71
C PRO G 216 -39.49 -23.27 6.51
N ARG G 217 -38.37 -23.99 6.41
CA ARG G 217 -37.06 -23.36 6.22
C ARG G 217 -36.34 -23.96 5.00
N ARG G 218 -35.40 -24.87 5.27
CA ARG G 218 -34.61 -25.55 4.23
C ARG G 218 -35.26 -25.65 2.84
N ALA G 219 -36.46 -26.23 2.81
CA ALA G 219 -37.22 -26.42 1.56
C ALA G 219 -36.53 -27.22 0.43
N PHE G 220 -35.32 -27.71 0.66
CA PHE G 220 -34.67 -28.47 -0.38
C PHE G 220 -34.21 -29.81 0.18
N ARG G 221 -34.70 -30.88 -0.45
CA ARG G 221 -34.35 -32.24 -0.05
C ARG G 221 -34.12 -33.01 -1.34
N ARG G 222 -33.27 -34.03 -1.29
CA ARG G 222 -32.97 -34.84 -2.46
C ARG G 222 -33.66 -36.19 -2.28
N ILE G 223 -34.23 -36.74 -3.34
CA ILE G 223 -34.89 -38.04 -3.26
C ILE G 223 -33.78 -39.08 -3.43
N ALA G 224 -33.49 -39.83 -2.36
CA ALA G 224 -32.43 -40.84 -2.35
C ALA G 224 -32.69 -42.00 -3.28
N GLY G 225 -32.05 -43.14 -3.03
CA GLY G 225 -32.23 -44.33 -3.86
C GLY G 225 -33.45 -45.20 -3.61
N THR G 226 -33.59 -45.68 -2.37
CA THR G 226 -34.71 -46.54 -1.96
C THR G 226 -36.11 -45.96 -2.21
N ALA G 227 -36.20 -44.63 -2.39
CA ALA G 227 -37.48 -43.96 -2.61
C ALA G 227 -37.65 -43.35 -4.00
N LEU G 228 -36.65 -43.46 -4.84
CA LEU G 228 -36.74 -42.93 -6.20
C LEU G 228 -37.38 -44.02 -7.04
N GLU G 229 -37.01 -45.26 -6.75
CA GLU G 229 -37.51 -46.43 -7.44
C GLU G 229 -38.96 -46.17 -7.79
N GLN G 230 -39.75 -46.09 -6.72
CA GLN G 230 -41.18 -45.85 -6.80
C GLN G 230 -41.59 -44.47 -7.32
N LEU G 231 -40.93 -44.00 -8.39
CA LEU G 231 -41.24 -42.71 -8.98
C LEU G 231 -40.90 -42.69 -10.48
N VAL G 232 -39.80 -43.36 -10.81
CA VAL G 232 -39.32 -43.45 -12.19
C VAL G 232 -39.91 -44.62 -12.97
N PRO G 233 -40.57 -44.34 -14.11
CA PRO G 233 -41.19 -45.35 -14.95
C PRO G 233 -40.17 -46.09 -15.81
N ALA G 234 -40.38 -47.40 -15.97
CA ALA G 234 -39.48 -48.25 -16.76
C ALA G 234 -39.61 -48.00 -18.27
N GLU G 235 -39.03 -48.91 -19.05
CA GLU G 235 -39.03 -48.81 -20.53
C GLU G 235 -40.40 -49.03 -21.18
N ASN H 22 -23.08 -2.83 -4.56
CA ASN H 22 -22.86 -4.10 -5.34
C ASN H 22 -23.33 -5.32 -4.52
N LEU H 23 -24.32 -5.03 -3.70
CA LEU H 23 -25.00 -5.98 -2.83
C LEU H 23 -26.26 -5.21 -2.51
N SER H 24 -26.46 -4.18 -3.34
CA SER H 24 -27.58 -3.29 -3.28
C SER H 24 -27.52 -2.40 -2.08
N SER H 25 -26.37 -2.37 -1.40
CA SER H 25 -26.19 -1.49 -0.23
C SER H 25 -25.63 -0.10 -0.62
N PHE H 26 -26.41 0.97 -0.50
CA PHE H 26 -25.87 2.26 -0.89
C PHE H 26 -24.62 2.54 -0.07
N THR H 27 -24.72 2.21 1.21
CA THR H 27 -23.64 2.37 2.18
C THR H 27 -22.37 1.73 1.67
N ASP H 28 -22.47 0.41 1.46
CA ASP H 28 -21.38 -0.43 0.97
C ASP H 28 -20.76 0.11 -0.32
N TYR H 29 -21.49 0.95 -1.05
CA TYR H 29 -20.94 1.54 -2.26
C TYR H 29 -19.94 2.61 -1.78
N LEU H 30 -20.35 3.41 -0.79
CA LEU H 30 -19.48 4.44 -0.21
C LEU H 30 -18.26 3.76 0.38
N ARG H 31 -18.52 2.78 1.23
CA ARG H 31 -17.49 1.97 1.89
C ARG H 31 -16.27 1.80 1.00
N GLY H 32 -16.51 1.51 -0.28
CA GLY H 32 -15.43 1.28 -1.21
C GLY H 32 -15.21 2.29 -2.31
N HIS H 33 -16.09 3.28 -2.47
CA HIS H 33 -15.91 4.29 -3.52
C HIS H 33 -15.85 5.71 -3.00
N ALA H 34 -16.19 5.92 -1.73
CA ALA H 34 -16.16 7.25 -1.14
C ALA H 34 -16.31 7.10 0.34
N PRO H 35 -15.30 6.49 0.97
CA PRO H 35 -15.27 6.24 2.42
C PRO H 35 -15.42 7.51 3.27
N GLU H 36 -15.10 8.67 2.70
CA GLU H 36 -15.21 9.92 3.46
C GLU H 36 -16.63 10.26 3.85
N LEU H 37 -17.51 9.26 3.84
CA LEU H 37 -18.91 9.51 4.17
C LEU H 37 -19.45 8.63 5.28
N LEU H 38 -18.57 7.98 6.03
CA LEU H 38 -18.97 7.06 7.12
C LEU H 38 -18.61 7.57 8.56
N ASP H 60 -19.90 18.46 26.14
CA ASP H 60 -20.84 18.95 25.13
C ASP H 60 -20.29 20.04 24.22
N LEU H 61 -19.48 19.61 23.26
CA LEU H 61 -18.96 20.52 22.28
C LEU H 61 -19.98 20.77 21.18
N ALA H 62 -20.97 19.93 21.07
CA ALA H 62 -21.90 20.12 19.96
C ALA H 62 -23.27 19.57 20.28
N PRO H 63 -24.29 20.42 20.00
CA PRO H 63 -25.84 20.39 20.17
C PRO H 63 -26.60 19.06 20.28
N HIS H 64 -26.79 18.70 21.53
CA HIS H 64 -27.31 17.48 22.05
C HIS H 64 -28.73 17.04 21.79
N GLY H 65 -29.00 15.99 22.54
CA GLY H 65 -30.30 15.35 22.48
C GLY H 65 -31.19 15.77 23.64
N THR H 66 -32.38 14.68 23.45
CA THR H 66 -33.80 14.83 23.78
C THR H 66 -34.53 13.49 23.84
N THR H 67 -35.75 13.49 24.38
CA THR H 67 -36.54 12.28 24.51
C THR H 67 -37.46 11.91 23.33
N ILE H 68 -37.55 10.62 23.04
CA ILE H 68 -38.40 10.12 21.95
C ILE H 68 -39.17 8.86 22.38
N VAL H 69 -40.48 8.84 22.11
CA VAL H 69 -41.34 7.71 22.50
C VAL H 69 -41.94 6.89 21.36
N ALA H 70 -42.13 5.60 21.63
CA ALA H 70 -42.69 4.66 20.67
C ALA H 70 -43.79 3.81 21.26
N LEU H 71 -44.93 3.78 20.58
CA LEU H 71 -46.08 3.01 21.01
C LEU H 71 -46.66 2.13 19.89
N THR H 72 -47.18 0.98 20.31
CA THR H 72 -47.80 -0.01 19.44
C THR H 72 -49.32 0.06 19.64
N TYR H 73 -50.09 -0.36 18.64
CA TYR H 73 -51.54 -0.35 18.77
C TYR H 73 -52.25 -1.12 17.67
N LYS H 74 -53.59 -1.08 17.73
CA LYS H 74 -54.45 -1.79 16.78
C LYS H 74 -54.07 -1.58 15.33
N GLY H 75 -54.16 -0.33 14.88
CA GLY H 75 -53.79 -0.02 13.51
C GLY H 75 -52.33 -0.37 13.22
N GLY H 76 -51.42 0.48 13.69
CA GLY H 76 -50.00 0.26 13.48
C GLY H 76 -49.16 0.65 14.67
N VAL H 77 -48.22 1.57 14.44
CA VAL H 77 -47.32 2.07 15.48
C VAL H 77 -46.99 3.53 15.22
N LEU H 78 -46.37 4.18 16.20
CA LEU H 78 -46.02 5.58 16.02
C LEU H 78 -44.78 6.04 16.81
N LEU H 79 -44.37 7.27 16.50
CA LEU H 79 -43.25 7.96 17.15
C LEU H 79 -43.65 9.40 17.42
N ALA H 80 -43.22 9.87 18.59
CA ALA H 80 -43.45 11.22 19.02
C ALA H 80 -42.20 11.54 19.80
N GLY H 81 -41.63 12.70 19.55
CA GLY H 81 -40.42 13.05 20.27
C GLY H 81 -40.35 14.52 20.54
N ASP H 82 -39.53 14.88 21.52
CA ASP H 82 -39.34 16.28 21.89
C ASP H 82 -38.66 17.06 20.75
N ARG H 83 -38.52 18.36 20.91
CA ARG H 83 -37.89 19.16 19.86
C ARG H 83 -36.90 20.16 20.44
N ARG H 84 -36.38 19.87 21.63
CA ARG H 84 -35.43 20.78 22.25
C ARG H 84 -34.04 20.21 22.13
N ALA H 85 -33.15 20.98 21.52
CA ALA H 85 -31.74 20.60 21.37
C ALA H 85 -30.97 21.45 22.39
N THR H 86 -30.28 20.75 23.30
CA THR H 86 -29.55 21.38 24.37
C THR H 86 -28.08 21.02 24.41
N GLN H 87 -27.21 22.02 24.23
CA GLN H 87 -25.76 21.85 24.31
C GLN H 87 -25.32 22.47 25.62
N GLY H 88 -25.18 21.62 26.62
CA GLY H 88 -24.83 22.07 27.95
C GLY H 88 -26.09 22.09 28.79
N ASN H 89 -26.34 23.24 29.41
CA ASN H 89 -27.54 23.44 30.22
C ASN H 89 -28.27 24.51 29.44
N LEU H 90 -27.63 24.94 28.37
CA LEU H 90 -28.15 25.96 27.48
C LEU H 90 -29.06 25.33 26.42
N ILE H 91 -30.14 26.01 26.08
CA ILE H 91 -31.05 25.51 25.06
C ILE H 91 -30.54 26.06 23.73
N ALA H 92 -30.32 25.17 22.77
CA ALA H 92 -29.79 25.58 21.48
C ALA H 92 -30.85 25.76 20.41
N SER H 93 -31.95 25.01 20.52
CA SER H 93 -33.01 25.09 19.53
C SER H 93 -34.17 24.38 20.16
N ARG H 94 -35.39 24.86 19.85
CA ARG H 94 -36.63 24.29 20.39
C ARG H 94 -37.61 23.78 19.32
N ASP H 95 -37.17 23.73 18.06
CA ASP H 95 -38.02 23.26 16.97
C ASP H 95 -37.38 22.16 16.12
N VAL H 96 -36.36 21.50 16.66
CA VAL H 96 -35.64 20.44 15.96
C VAL H 96 -36.42 19.14 15.86
N GLU H 97 -36.60 18.64 14.64
CA GLU H 97 -37.32 17.38 14.42
C GLU H 97 -36.40 16.19 14.71
N LYS H 98 -36.86 15.30 15.59
CA LYS H 98 -36.07 14.14 15.97
C LYS H 98 -36.55 12.85 15.32
N VAL H 99 -37.79 12.84 14.87
CA VAL H 99 -38.33 11.66 14.22
C VAL H 99 -38.44 11.90 12.70
N TYR H 100 -38.06 10.88 11.94
CA TYR H 100 -38.12 10.94 10.48
C TYR H 100 -38.76 9.67 9.92
N VAL H 101 -39.41 9.84 8.77
CA VAL H 101 -40.04 8.74 8.08
C VAL H 101 -38.96 8.09 7.18
N THR H 102 -38.49 6.91 7.57
CA THR H 102 -37.45 6.29 6.77
C THR H 102 -37.93 5.91 5.36
N ASP H 103 -39.07 5.24 5.28
CA ASP H 103 -39.65 4.86 3.99
C ASP H 103 -41.15 4.67 4.13
N GLU H 104 -41.78 4.27 3.04
CA GLU H 104 -43.22 4.08 3.00
C GLU H 104 -43.83 3.50 4.26
N TYR H 105 -43.29 2.39 4.73
CA TYR H 105 -43.83 1.72 5.91
C TYR H 105 -42.92 1.64 7.12
N SER H 106 -42.18 2.71 7.40
CA SER H 106 -41.31 2.72 8.57
C SER H 106 -40.66 4.09 8.84
N ALA H 107 -40.28 4.29 10.11
CA ALA H 107 -39.64 5.54 10.51
C ALA H 107 -38.87 5.31 11.78
N ALA H 108 -38.12 6.33 12.17
CA ALA H 108 -37.36 6.21 13.38
C ALA H 108 -36.90 7.56 13.90
N GLY H 109 -36.62 7.59 15.20
CA GLY H 109 -36.13 8.78 15.85
C GLY H 109 -34.77 8.44 16.43
N ILE H 110 -33.87 9.40 16.41
CA ILE H 110 -32.53 9.17 16.91
C ILE H 110 -32.23 10.14 18.02
N ALA H 111 -31.56 9.65 19.05
CA ALA H 111 -31.18 10.50 20.15
C ALA H 111 -29.69 10.43 20.34
N GLY H 112 -29.10 11.59 20.51
CA GLY H 112 -27.67 11.65 20.66
C GLY H 112 -27.23 12.90 19.95
N THR H 113 -25.93 13.02 19.75
CA THR H 113 -25.36 14.18 19.09
C THR H 113 -26.22 14.48 17.87
N ALA H 114 -26.83 15.67 17.81
CA ALA H 114 -27.67 16.00 16.67
C ALA H 114 -26.91 15.80 15.36
N GLY H 115 -25.78 16.48 15.21
CA GLY H 115 -25.00 16.35 13.99
C GLY H 115 -24.92 14.93 13.48
N ILE H 116 -24.29 14.06 14.27
CA ILE H 116 -24.14 12.64 13.92
C ILE H 116 -25.45 11.89 13.68
N ALA H 117 -26.46 12.21 14.48
CA ALA H 117 -27.74 11.55 14.36
C ALA H 117 -28.53 11.94 13.09
N ILE H 118 -28.34 13.17 12.62
CA ILE H 118 -29.04 13.60 11.43
C ILE H 118 -28.54 12.79 10.25
N GLU H 119 -27.33 13.13 9.83
CA GLU H 119 -26.66 12.45 8.72
C GLU H 119 -26.88 10.93 8.74
N LEU H 120 -26.94 10.34 9.93
CA LEU H 120 -27.13 8.89 10.03
C LEU H 120 -28.50 8.44 9.58
N VAL H 121 -29.54 9.24 9.82
CA VAL H 121 -30.85 8.78 9.44
C VAL H 121 -31.09 9.00 7.98
N ARG H 122 -30.56 10.10 7.47
CA ARG H 122 -30.68 10.47 6.06
C ARG H 122 -30.02 9.39 5.24
N LEU H 123 -28.90 8.89 5.71
CA LEU H 123 -28.23 7.83 5.01
C LEU H 123 -29.11 6.57 5.12
N PHE H 124 -29.60 6.24 6.31
CA PHE H 124 -30.44 5.06 6.45
C PHE H 124 -31.55 5.08 5.43
N ALA H 125 -32.26 6.21 5.36
CA ALA H 125 -33.36 6.41 4.40
C ALA H 125 -32.91 6.05 2.98
N VAL H 126 -31.84 6.68 2.53
CA VAL H 126 -31.31 6.39 1.22
C VAL H 126 -31.00 4.90 1.19
N GLU H 127 -30.25 4.40 2.15
CA GLU H 127 -29.92 2.99 2.10
C GLU H 127 -31.14 2.18 1.75
N LEU H 128 -32.27 2.57 2.30
CA LEU H 128 -33.49 1.84 2.04
C LEU H 128 -34.01 2.07 0.63
N GLU H 129 -34.24 3.32 0.27
CA GLU H 129 -34.77 3.62 -1.06
C GLU H 129 -33.91 3.01 -2.19
N HIS H 130 -32.60 3.20 -2.12
CA HIS H 130 -31.71 2.66 -3.11
C HIS H 130 -31.90 1.15 -3.16
N TYR H 131 -31.90 0.45 -2.04
CA TYR H 131 -32.08 -1.00 -2.14
C TYR H 131 -33.32 -1.36 -2.88
N GLU H 132 -34.32 -0.49 -2.87
CA GLU H 132 -35.54 -0.79 -3.59
C GLU H 132 -35.33 -0.62 -5.11
N LYS H 133 -35.05 0.61 -5.51
CA LYS H 133 -34.81 0.90 -6.91
C LYS H 133 -33.93 -0.14 -7.59
N ILE H 134 -33.15 -0.87 -6.81
CA ILE H 134 -32.25 -1.84 -7.41
C ILE H 134 -32.78 -3.26 -7.38
N GLU H 135 -33.42 -3.61 -6.27
CA GLU H 135 -33.94 -4.96 -6.15
C GLU H 135 -35.36 -5.01 -6.65
N GLY H 136 -35.90 -3.81 -6.86
CA GLY H 136 -37.27 -3.68 -7.35
C GLY H 136 -38.26 -3.70 -6.20
N VAL H 137 -37.97 -4.52 -5.20
CA VAL H 137 -38.85 -4.65 -4.05
C VAL H 137 -38.19 -3.97 -2.88
N PRO H 138 -38.91 -3.89 -1.75
CA PRO H 138 -38.25 -3.26 -0.60
C PRO H 138 -37.60 -4.30 0.32
N LEU H 139 -36.93 -3.83 1.34
CA LEU H 139 -36.28 -4.71 2.31
C LEU H 139 -37.27 -5.21 3.37
N THR H 140 -37.00 -6.37 3.93
CA THR H 140 -37.85 -6.90 4.98
C THR H 140 -37.76 -5.84 6.06
N PHE H 141 -38.68 -5.82 7.02
CA PHE H 141 -38.54 -4.85 8.08
C PHE H 141 -37.27 -5.31 8.81
N ASP H 142 -37.17 -6.62 9.08
CA ASP H 142 -36.00 -7.22 9.75
C ASP H 142 -34.70 -6.89 9.04
N GLY H 143 -34.83 -6.40 7.81
CA GLY H 143 -33.66 -6.02 7.05
C GLY H 143 -33.34 -4.59 7.40
N LYS H 144 -34.32 -3.70 7.20
CA LYS H 144 -34.16 -2.29 7.51
C LYS H 144 -33.48 -2.17 8.86
N ALA H 145 -33.92 -2.99 9.80
CA ALA H 145 -33.37 -2.94 11.13
C ALA H 145 -31.91 -3.36 11.16
N ASN H 146 -31.60 -4.52 10.60
CA ASN H 146 -30.23 -4.99 10.63
C ASN H 146 -29.30 -4.00 9.97
N ARG H 147 -29.79 -3.29 8.96
CA ARG H 147 -28.99 -2.29 8.27
C ARG H 147 -28.69 -1.13 9.21
N LEU H 148 -29.76 -0.56 9.77
CA LEU H 148 -29.64 0.54 10.71
C LEU H 148 -28.64 0.16 11.80
N ALA H 149 -28.71 -1.09 12.26
CA ALA H 149 -27.82 -1.62 13.30
C ALA H 149 -26.38 -1.59 12.86
N SER H 150 -26.13 -1.99 11.62
CA SER H 150 -24.79 -1.96 11.10
C SER H 150 -24.34 -0.49 11.01
N MET H 151 -25.22 0.41 10.57
CA MET H 151 -24.84 1.81 10.51
C MET H 151 -24.46 2.34 11.88
N VAL H 152 -25.15 1.89 12.92
CA VAL H 152 -24.86 2.30 14.28
C VAL H 152 -23.54 1.78 14.75
N ARG H 153 -23.36 0.47 14.57
CA ARG H 153 -22.12 -0.21 14.96
C ARG H 153 -20.97 0.49 14.28
N GLY H 154 -21.26 1.30 13.28
CA GLY H 154 -20.22 2.02 12.57
C GLY H 154 -19.87 3.31 13.31
N ASN H 155 -20.80 3.79 14.10
CA ASN H 155 -20.56 5.01 14.83
C ASN H 155 -19.90 4.72 16.18
N LEU H 156 -19.88 3.44 16.56
CA LEU H 156 -19.30 3.00 17.84
C LEU H 156 -18.02 3.70 18.21
N GLY H 157 -17.24 4.10 17.20
CA GLY H 157 -15.98 4.82 17.45
C GLY H 157 -16.22 6.22 18.02
N ALA H 158 -17.04 7.03 17.36
CA ALA H 158 -17.31 8.35 17.89
C ALA H 158 -18.15 8.23 19.14
N ALA H 159 -18.80 7.09 19.32
CA ALA H 159 -19.63 6.84 20.50
C ALA H 159 -18.76 6.89 21.75
N MET H 160 -17.68 6.11 21.72
CA MET H 160 -16.74 6.05 22.84
C MET H 160 -15.95 7.35 23.05
N GLN H 161 -16.25 8.35 22.23
CA GLN H 161 -15.59 9.64 22.35
C GLN H 161 -16.60 10.73 22.68
N GLY H 162 -17.72 10.32 23.26
CA GLY H 162 -18.78 11.24 23.64
C GLY H 162 -19.87 11.44 22.60
N LEU H 163 -19.47 11.56 21.34
CA LEU H 163 -20.37 11.79 20.21
C LEU H 163 -21.21 10.58 19.83
N ALA H 164 -21.91 9.99 20.81
CA ALA H 164 -22.74 8.85 20.55
C ALA H 164 -24.16 9.23 20.12
N VAL H 165 -24.85 8.26 19.52
CA VAL H 165 -26.24 8.40 19.08
C VAL H 165 -26.88 7.00 19.13
N VAL H 166 -28.18 6.97 19.42
CA VAL H 166 -28.92 5.72 19.47
C VAL H 166 -30.31 5.92 18.91
N PRO H 167 -30.73 5.01 18.03
CA PRO H 167 -32.05 5.22 17.47
C PRO H 167 -33.12 4.32 18.02
N LEU H 168 -34.35 4.66 17.63
CA LEU H 168 -35.55 3.91 17.96
C LEU H 168 -36.25 3.71 16.62
N LEU H 169 -36.35 2.44 16.22
CA LEU H 169 -36.94 2.10 14.94
C LEU H 169 -38.33 1.52 15.05
N VAL H 170 -39.25 2.04 14.21
CA VAL H 170 -40.65 1.58 14.17
C VAL H 170 -41.12 1.37 12.73
N GLY H 171 -42.11 0.50 12.57
CA GLY H 171 -42.66 0.21 11.25
C GLY H 171 -43.77 -0.83 11.21
N TYR H 172 -44.56 -0.78 10.13
CA TYR H 172 -45.66 -1.72 9.92
C TYR H 172 -45.09 -2.91 9.14
N ASP H 173 -44.96 -4.07 9.80
CA ASP H 173 -44.41 -5.23 9.12
C ASP H 173 -45.34 -5.84 8.07
N LEU H 174 -45.15 -5.44 6.81
CA LEU H 174 -45.93 -5.94 5.68
C LEU H 174 -45.84 -7.45 5.52
N ASP H 175 -44.96 -8.08 6.27
CA ASP H 175 -44.81 -9.53 6.19
C ASP H 175 -45.15 -10.24 7.51
N ALA H 176 -45.89 -9.54 8.36
CA ALA H 176 -46.31 -10.10 9.64
C ALA H 176 -47.58 -10.91 9.40
N ASP H 177 -47.65 -12.10 9.98
CA ASP H 177 -48.82 -12.97 9.85
C ASP H 177 -50.14 -12.27 10.28
N ASP H 178 -50.21 -11.88 11.55
CA ASP H 178 -51.40 -11.21 12.09
C ASP H 178 -51.28 -9.71 11.97
N GLU H 179 -51.85 -9.16 10.89
CA GLU H 179 -51.80 -7.72 10.65
C GLU H 179 -52.42 -6.89 11.77
N SER H 180 -52.72 -7.56 12.87
CA SER H 180 -53.29 -6.91 14.03
C SER H 180 -52.15 -6.30 14.83
N ARG H 181 -51.16 -7.15 15.14
CA ARG H 181 -49.97 -6.75 15.90
C ARG H 181 -48.78 -6.52 14.96
N ALA H 182 -49.08 -6.07 13.73
CA ALA H 182 -48.07 -5.79 12.69
C ALA H 182 -47.13 -4.62 12.96
N GLY H 183 -47.43 -3.84 13.99
CA GLY H 183 -46.57 -2.72 14.33
C GLY H 183 -45.40 -3.26 15.14
N ARG H 184 -44.21 -2.73 14.90
CA ARG H 184 -43.04 -3.19 15.62
C ARG H 184 -42.14 -2.06 16.10
N ILE H 185 -41.39 -2.35 17.15
CA ILE H 185 -40.47 -1.38 17.74
C ILE H 185 -39.09 -2.00 17.96
N VAL H 186 -38.08 -1.39 17.37
CA VAL H 186 -36.73 -1.87 17.54
C VAL H 186 -35.91 -0.82 18.26
N SER H 187 -35.15 -1.27 19.25
CA SER H 187 -34.31 -0.38 20.02
C SER H 187 -32.85 -0.76 19.73
N TYR H 188 -31.94 0.15 20.04
CA TYR H 188 -30.53 -0.11 19.78
C TYR H 188 -29.50 0.10 20.92
N ASP H 189 -28.35 -0.52 20.71
CA ASP H 189 -27.20 -0.44 21.60
C ASP H 189 -26.38 0.71 21.05
N VAL H 190 -25.11 0.74 21.42
CA VAL H 190 -24.19 1.76 20.95
C VAL H 190 -23.20 0.95 20.16
N VAL H 191 -23.02 -0.29 20.61
CA VAL H 191 -22.15 -1.27 19.97
C VAL H 191 -22.94 -1.91 18.82
N GLY H 192 -24.10 -1.31 18.54
CA GLY H 192 -24.94 -1.78 17.45
C GLY H 192 -25.78 -3.00 17.71
N GLY H 193 -26.46 -3.05 18.84
CA GLY H 193 -27.31 -4.19 19.13
C GLY H 193 -28.72 -3.91 18.63
N ARG H 194 -29.40 -4.95 18.16
CA ARG H 194 -30.78 -4.83 17.67
C ARG H 194 -31.69 -5.51 18.69
N TYR H 195 -32.72 -4.82 19.15
CA TYR H 195 -33.65 -5.39 20.14
C TYR H 195 -35.12 -5.16 19.85
N GLU H 196 -35.91 -6.19 20.14
CA GLU H 196 -37.35 -6.13 19.93
C GLU H 196 -38.13 -5.59 21.13
N GLU H 197 -39.05 -4.67 20.87
CA GLU H 197 -39.86 -4.08 21.91
C GLU H 197 -40.58 -5.18 22.71
N ARG H 198 -41.61 -5.76 22.11
CA ARG H 198 -42.39 -6.83 22.75
C ARG H 198 -43.04 -6.37 24.05
N ALA H 199 -43.47 -5.12 24.08
CA ALA H 199 -44.10 -4.57 25.25
C ALA H 199 -44.85 -3.31 24.85
N GLY H 200 -45.11 -3.21 23.55
CA GLY H 200 -45.88 -2.12 23.01
C GLY H 200 -45.35 -0.72 23.09
N TYR H 201 -44.34 -0.49 23.90
CA TYR H 201 -43.83 0.86 23.96
C TYR H 201 -42.38 0.91 24.35
N HIS H 202 -41.75 2.02 24.03
CA HIS H 202 -40.36 2.19 24.39
C HIS H 202 -39.99 3.62 24.15
N ALA H 203 -38.80 3.98 24.59
CA ALA H 203 -38.37 5.33 24.39
C ALA H 203 -36.89 5.39 24.50
N VAL H 204 -36.34 6.54 24.17
CA VAL H 204 -34.92 6.74 24.24
C VAL H 204 -34.67 8.22 24.43
N GLY H 205 -33.62 8.53 25.16
CA GLY H 205 -33.27 9.90 25.42
C GLY H 205 -33.14 10.14 26.91
N SER H 206 -32.77 11.35 27.25
CA SER H 206 -32.60 11.72 28.64
C SER H 206 -33.86 11.41 29.46
N GLY H 207 -35.01 11.89 29.00
CA GLY H 207 -36.24 11.66 29.72
C GLY H 207 -36.88 10.34 29.38
N SER H 208 -36.09 9.39 28.91
CA SER H 208 -36.64 8.09 28.56
C SER H 208 -37.12 7.36 29.80
N LEU H 209 -36.25 7.25 30.80
CA LEU H 209 -36.62 6.56 32.04
C LEU H 209 -37.95 7.08 32.58
N ALA H 210 -38.15 8.37 32.41
CA ALA H 210 -39.36 9.03 32.87
C ALA H 210 -40.54 8.52 32.09
N ALA H 211 -40.53 8.85 30.80
CA ALA H 211 -41.60 8.48 29.89
C ALA H 211 -41.91 6.97 29.96
N LYS H 212 -40.87 6.14 29.95
CA LYS H 212 -41.05 4.69 30.02
C LYS H 212 -41.92 4.33 31.20
N SER H 213 -41.77 5.09 32.28
CA SER H 213 -42.52 4.85 33.49
C SER H 213 -43.95 5.39 33.36
N ALA H 214 -44.09 6.59 32.81
CA ALA H 214 -45.43 7.15 32.64
C ALA H 214 -46.24 6.14 31.82
N LEU H 215 -45.64 5.61 30.76
CA LEU H 215 -46.34 4.64 29.95
C LEU H 215 -46.61 3.37 30.73
N LYS H 216 -45.69 2.99 31.62
CA LYS H 216 -45.89 1.78 32.40
C LYS H 216 -47.26 1.83 33.09
N LYS H 217 -47.83 3.03 33.15
CA LYS H 217 -49.14 3.26 33.77
C LYS H 217 -50.19 3.70 32.74
N ILE H 218 -49.98 4.87 32.13
CA ILE H 218 -50.93 5.44 31.16
C ILE H 218 -51.06 4.75 29.79
N TYR H 219 -50.57 3.52 29.66
CA TYR H 219 -50.66 2.79 28.40
C TYR H 219 -51.26 1.39 28.51
N SER H 220 -52.07 1.05 27.51
CA SER H 220 -52.73 -0.25 27.43
C SER H 220 -52.73 -0.74 25.98
N PRO H 221 -52.52 -2.06 25.77
CA PRO H 221 -52.49 -2.70 24.46
C PRO H 221 -53.50 -2.17 23.44
N ASP H 222 -53.71 -2.97 22.39
CA ASP H 222 -54.61 -2.63 21.30
C ASP H 222 -55.45 -1.39 21.60
N SER H 223 -55.13 -0.26 20.99
CA SER H 223 -55.87 0.98 21.23
C SER H 223 -55.96 1.91 20.03
N ASP H 224 -56.76 2.97 20.16
CA ASP H 224 -56.95 3.94 19.08
C ASP H 224 -55.64 4.58 18.67
N GLU H 225 -55.61 5.12 17.46
CA GLU H 225 -54.42 5.80 16.95
C GLU H 225 -54.64 7.22 17.42
N GLU H 226 -55.53 7.33 18.39
CA GLU H 226 -55.86 8.60 19.00
C GLU H 226 -55.55 8.44 20.50
N THR H 227 -55.73 7.23 21.00
CA THR H 227 -55.45 6.90 22.40
C THR H 227 -53.94 6.91 22.62
N ALA H 228 -53.23 6.19 21.74
CA ALA H 228 -51.77 6.07 21.79
C ALA H 228 -51.12 7.41 21.54
N LEU H 229 -51.51 8.10 20.47
CA LEU H 229 -50.94 9.41 20.22
C LEU H 229 -51.18 10.26 21.47
N ARG H 230 -52.22 9.90 22.22
CA ARG H 230 -52.55 10.61 23.46
C ARG H 230 -51.53 10.23 24.53
N ALA H 231 -51.38 8.94 24.77
CA ALA H 231 -50.44 8.43 25.78
C ALA H 231 -49.00 8.87 25.49
N ALA H 232 -48.72 9.06 24.20
CA ALA H 232 -47.40 9.49 23.76
C ALA H 232 -47.10 10.89 24.27
N ILE H 233 -47.93 11.85 23.85
CA ILE H 233 -47.76 13.24 24.24
C ILE H 233 -47.75 13.36 25.76
N GLU H 234 -48.35 12.37 26.42
CA GLU H 234 -48.44 12.31 27.88
C GLU H 234 -47.07 12.01 28.52
N SER H 235 -46.55 10.82 28.23
CA SER H 235 -45.26 10.40 28.76
C SER H 235 -44.21 11.43 28.37
N LEU H 236 -44.42 12.03 27.22
CA LEU H 236 -43.54 13.05 26.70
C LEU H 236 -43.70 14.33 27.54
N TYR H 237 -44.71 14.35 28.40
CA TYR H 237 -44.96 15.50 29.28
C TYR H 237 -44.33 15.20 30.63
N ASP H 238 -44.38 13.94 31.04
CA ASP H 238 -43.82 13.52 32.31
C ASP H 238 -42.29 13.50 32.24
N ALA H 239 -41.76 13.18 31.06
CA ALA H 239 -40.32 13.14 30.86
C ALA H 239 -39.81 14.55 31.03
N ALA H 240 -40.53 15.51 30.50
CA ALA H 240 -40.13 16.90 30.64
C ALA H 240 -40.20 17.37 32.10
N ASP H 241 -41.11 16.78 32.87
CA ASP H 241 -41.25 17.17 34.27
C ASP H 241 -39.97 16.83 35.02
N ASP H 242 -39.51 15.60 34.91
CA ASP H 242 -38.30 15.19 35.60
C ASP H 242 -37.05 15.16 34.72
N ASP H 243 -36.84 16.22 33.93
CA ASP H 243 -35.67 16.29 33.05
C ASP H 243 -35.58 17.60 32.24
N SER H 244 -34.68 18.49 32.67
CA SER H 244 -34.50 19.80 32.03
C SER H 244 -33.95 19.73 30.61
N ALA H 245 -33.48 18.54 30.22
CA ALA H 245 -32.92 18.31 28.88
C ALA H 245 -34.02 18.05 27.87
N THR H 246 -35.19 17.65 28.35
CA THR H 246 -36.33 17.41 27.49
C THR H 246 -37.15 18.70 27.52
N GLY H 247 -38.36 18.63 28.07
CA GLY H 247 -39.20 19.81 28.13
C GLY H 247 -40.22 19.70 27.01
N GLY H 248 -41.11 18.74 27.14
CA GLY H 248 -42.14 18.48 26.14
C GLY H 248 -43.02 19.64 25.71
N PRO H 249 -44.33 19.40 25.60
CA PRO H 249 -45.33 20.39 25.19
C PRO H 249 -45.31 21.71 25.96
N ASP H 250 -45.11 22.82 25.24
CA ASP H 250 -45.10 24.14 25.85
C ASP H 250 -46.18 25.01 25.17
N LEU H 251 -47.35 25.03 25.82
CA LEU H 251 -48.54 25.76 25.36
C LEU H 251 -48.30 27.24 25.17
N THR H 252 -47.56 27.84 26.09
CA THR H 252 -47.24 29.25 26.04
C THR H 252 -46.40 29.65 24.82
N ARG H 253 -45.41 28.83 24.49
CA ARG H 253 -44.51 29.11 23.37
C ARG H 253 -44.97 28.56 22.02
N GLY H 254 -45.75 27.49 22.04
CA GLY H 254 -46.21 26.92 20.78
C GLY H 254 -45.30 25.79 20.34
N ILE H 255 -44.56 25.27 21.32
CA ILE H 255 -43.64 24.19 21.07
C ILE H 255 -44.39 22.89 21.30
N TYR H 256 -44.71 22.18 20.22
CA TYR H 256 -45.44 20.91 20.31
C TYR H 256 -44.67 19.73 19.73
N PRO H 257 -44.72 18.59 20.44
CA PRO H 257 -44.07 17.32 20.10
C PRO H 257 -44.27 16.98 18.63
N THR H 258 -43.33 16.24 18.06
CA THR H 258 -43.44 15.84 16.67
C THR H 258 -43.79 14.36 16.71
N ALA H 259 -44.74 13.99 15.86
CA ALA H 259 -45.20 12.63 15.81
C ALA H 259 -45.33 12.10 14.40
N VAL H 260 -45.47 10.78 14.32
CA VAL H 260 -45.61 10.10 13.05
C VAL H 260 -46.22 8.74 13.32
N THR H 261 -47.25 8.42 12.54
CA THR H 261 -47.94 7.15 12.67
C THR H 261 -47.80 6.31 11.40
N ILE H 262 -47.55 5.03 11.60
CA ILE H 262 -47.42 4.10 10.50
C ILE H 262 -48.49 3.06 10.67
N THR H 263 -49.01 2.57 9.54
CA THR H 263 -50.07 1.58 9.56
C THR H 263 -50.08 0.83 8.22
N GLN H 264 -51.16 0.10 7.93
CA GLN H 264 -51.28 -0.65 6.67
C GLN H 264 -51.35 0.24 5.43
N ALA H 265 -51.51 1.55 5.65
CA ALA H 265 -51.56 2.51 4.55
C ALA H 265 -50.18 3.19 4.40
N GLY H 266 -49.35 3.06 5.42
CA GLY H 266 -48.04 3.67 5.36
C GLY H 266 -47.87 4.70 6.45
N ALA H 267 -46.72 5.35 6.49
CA ALA H 267 -46.45 6.35 7.50
C ALA H 267 -46.79 7.78 7.08
N VAL H 268 -47.37 8.50 8.03
CA VAL H 268 -47.73 9.88 7.80
C VAL H 268 -47.46 10.71 9.04
N HIS H 269 -46.90 11.89 8.82
CA HIS H 269 -46.57 12.81 9.89
C HIS H 269 -47.81 13.56 10.35
N VAL H 270 -48.15 13.37 11.62
CA VAL H 270 -49.30 14.03 12.21
C VAL H 270 -49.25 15.57 12.13
N SER H 271 -50.40 16.19 11.97
CA SER H 271 -50.46 17.65 11.82
C SER H 271 -50.20 18.39 13.13
N GLU H 272 -49.81 19.66 12.99
CA GLU H 272 -49.53 20.52 14.13
C GLU H 272 -50.79 20.74 14.94
N GLU H 273 -51.94 20.65 14.27
CA GLU H 273 -53.22 20.81 14.94
C GLU H 273 -53.55 19.55 15.79
N THR H 274 -53.56 18.39 15.14
CA THR H 274 -53.87 17.15 15.84
C THR H 274 -53.01 16.98 17.07
N THR H 275 -51.99 17.81 17.23
CA THR H 275 -51.12 17.69 18.38
C THR H 275 -51.40 18.73 19.45
N SER H 276 -51.51 19.99 19.07
CA SER H 276 -51.75 21.04 20.05
C SER H 276 -53.11 20.89 20.74
N GLU H 277 -54.16 20.68 19.95
CA GLU H 277 -55.51 20.51 20.50
C GLU H 277 -55.60 19.11 21.13
N LEU H 278 -54.46 18.44 21.19
CA LEU H 278 -54.36 17.10 21.75
C LEU H 278 -53.62 17.19 23.08
N ALA H 279 -52.67 18.12 23.13
CA ALA H 279 -51.84 18.36 24.32
C ALA H 279 -52.64 19.20 25.32
N ARG H 280 -53.51 20.06 24.80
CA ARG H 280 -54.36 20.92 25.61
C ARG H 280 -55.31 20.04 26.41
N ARG H 281 -55.69 18.93 25.79
CA ARG H 281 -56.60 17.94 26.35
C ARG H 281 -55.86 17.17 27.45
N ILE H 282 -54.58 16.93 27.23
CA ILE H 282 -53.76 16.21 28.20
C ILE H 282 -53.64 17.01 29.50
N VAL H 283 -53.35 18.31 29.34
CA VAL H 283 -53.20 19.22 30.47
C VAL H 283 -54.45 19.20 31.38
N ALA H 284 -54.29 18.57 32.54
CA ALA H 284 -55.37 18.42 33.51
C ALA H 284 -56.49 17.63 32.87
N ASN I 22 -15.55 14.77 -10.19
CA ASN I 22 -16.12 13.63 -11.01
C ASN I 22 -17.55 13.30 -10.53
N LEU I 23 -18.07 14.27 -9.78
CA LEU I 23 -19.39 14.30 -9.16
C LEU I 23 -19.64 15.79 -9.09
N SER I 24 -18.81 16.50 -9.84
CA SER I 24 -18.85 17.92 -9.95
C SER I 24 -18.41 18.66 -8.72
N SER I 25 -17.77 17.94 -7.78
CA SER I 25 -17.29 18.51 -6.52
C SER I 25 -15.83 18.93 -6.59
N PHE I 26 -15.53 20.21 -6.54
CA PHE I 26 -14.14 20.59 -6.61
C PHE I 26 -13.39 19.93 -5.50
N THR I 27 -14.02 19.94 -4.33
CA THR I 27 -13.46 19.34 -3.14
C THR I 27 -13.06 17.88 -3.38
N ASP I 28 -14.04 17.07 -3.75
CA ASP I 28 -13.84 15.66 -4.03
C ASP I 28 -12.70 15.40 -5.03
N TYR I 29 -12.38 16.40 -5.83
CA TYR I 29 -11.28 16.28 -6.78
C TYR I 29 -10.02 16.38 -5.97
N LEU I 30 -10.01 17.25 -4.96
CA LEU I 30 -8.85 17.34 -4.11
C LEU I 30 -8.71 16.04 -3.30
N ARG I 31 -9.84 15.56 -2.79
CA ARG I 31 -9.91 14.31 -2.02
C ARG I 31 -9.11 13.19 -2.63
N GLY I 32 -9.16 13.10 -3.94
CA GLY I 32 -8.43 12.05 -4.62
C GLY I 32 -7.22 12.43 -5.45
N HIS I 33 -6.94 13.72 -5.67
CA HIS I 33 -5.78 14.09 -6.48
C HIS I 33 -4.82 15.06 -5.79
N ALA I 34 -5.20 15.58 -4.64
CA ALA I 34 -4.35 16.52 -3.94
C ALA I 34 -4.92 16.70 -2.56
N PRO I 35 -4.85 15.64 -1.74
CA PRO I 35 -5.36 15.59 -0.36
C PRO I 35 -4.74 16.59 0.58
N GLU I 36 -3.54 17.05 0.27
CA GLU I 36 -2.86 18.02 1.11
C GLU I 36 -3.57 19.38 1.18
N LEU I 37 -4.86 19.41 0.84
CA LEU I 37 -5.61 20.68 0.86
C LEU I 37 -6.93 20.61 1.64
N LEU I 38 -7.01 19.63 2.53
CA LEU I 38 -8.21 19.43 3.34
C LEU I 38 -7.89 19.56 4.87
N ASP I 60 -4.75 29.66 22.73
CA ASP I 60 -4.75 30.58 21.60
C ASP I 60 -3.38 30.77 20.96
N LEU I 61 -2.97 29.79 20.19
CA LEU I 61 -1.73 29.88 19.46
C LEU I 61 -1.92 30.69 18.18
N ALA I 62 -3.14 30.87 17.74
CA ALA I 62 -3.30 31.56 16.47
C ALA I 62 -4.64 32.25 16.40
N PRO I 63 -4.57 33.55 15.97
CA PRO I 63 -5.60 34.70 15.77
C PRO I 63 -7.08 34.41 15.54
N HIS I 64 -7.76 34.45 16.67
CA HIS I 64 -9.12 34.10 16.92
C HIS I 64 -10.27 34.86 16.27
N GLY I 65 -11.41 34.45 16.83
CA GLY I 65 -12.68 34.99 16.40
C GLY I 65 -13.19 36.06 17.35
N THR I 66 -14.68 36.26 16.88
CA THR I 66 -15.53 37.46 16.86
C THR I 66 -17.01 37.10 16.66
N THR I 67 -17.88 38.10 16.72
CA THR I 67 -19.33 37.90 16.56
C THR I 67 -19.91 38.21 15.15
N ILE I 68 -20.90 37.42 14.74
CA ILE I 68 -21.54 37.60 13.43
C ILE I 68 -23.03 37.33 13.56
N VAL I 69 -23.81 38.23 12.97
CA VAL I 69 -25.28 38.20 13.03
C VAL I 69 -25.99 38.02 11.68
N ALA I 70 -27.14 37.37 11.73
CA ALA I 70 -27.91 37.13 10.53
C ALA I 70 -29.37 37.45 10.75
N LEU I 71 -29.92 38.20 9.80
CA LEU I 71 -31.32 38.61 9.84
C LEU I 71 -32.08 38.37 8.53
N THR I 72 -33.35 38.02 8.69
CA THR I 72 -34.28 37.73 7.63
C THR I 72 -35.22 38.93 7.43
N TYR I 73 -35.72 39.13 6.22
CA TYR I 73 -36.64 40.23 6.03
C TYR I 73 -37.42 40.18 4.73
N LYS I 74 -38.23 41.20 4.50
CA LYS I 74 -39.07 41.29 3.32
C LYS I 74 -38.30 40.91 2.06
N GLY I 75 -37.38 41.78 1.67
CA GLY I 75 -36.59 41.51 0.48
C GLY I 75 -35.89 40.14 0.52
N GLY I 76 -34.85 40.02 1.35
CA GLY I 76 -34.13 38.76 1.49
C GLY I 76 -33.51 38.56 2.86
N VAL I 77 -32.18 38.46 2.89
CA VAL I 77 -31.41 38.26 4.13
C VAL I 77 -30.06 38.97 4.14
N LEU I 78 -29.44 39.01 5.31
CA LEU I 78 -28.14 39.67 5.40
C LEU I 78 -27.24 39.14 6.53
N LEU I 79 -25.98 39.56 6.45
CA LEU I 79 -24.97 39.21 7.45
C LEU I 79 -24.22 40.46 7.82
N ALA I 80 -23.83 40.52 9.07
CA ALA I 80 -23.06 41.64 9.56
C ALA I 80 -22.19 41.04 10.64
N GLY I 81 -20.89 41.31 10.55
CA GLY I 81 -19.97 40.77 11.53
C GLY I 81 -18.91 41.77 11.97
N ASP I 82 -18.45 41.58 13.21
CA ASP I 82 -17.43 42.43 13.80
C ASP I 82 -16.18 42.33 12.93
N ARG I 83 -15.11 43.03 13.27
CA ARG I 83 -13.90 42.94 12.47
C ARG I 83 -12.69 42.86 13.38
N ARG I 84 -12.89 42.41 14.61
CA ARG I 84 -11.79 42.33 15.55
C ARG I 84 -11.34 40.89 15.77
N ALA I 85 -10.07 40.66 15.48
CA ALA I 85 -9.44 39.36 15.63
C ALA I 85 -8.63 39.46 16.92
N THR I 86 -8.87 38.52 17.84
CA THR I 86 -8.18 38.53 19.12
C THR I 86 -7.50 37.21 19.52
N GLN I 87 -6.17 37.19 19.56
CA GLN I 87 -5.43 36.01 19.97
C GLN I 87 -4.99 36.24 21.43
N GLY I 88 -5.76 35.67 22.35
CA GLY I 88 -5.48 35.83 23.75
C GLY I 88 -6.43 36.89 24.26
N ASN I 89 -5.88 37.92 24.92
CA ASN I 89 -6.69 39.02 25.41
C ASN I 89 -6.19 40.20 24.58
N LEU I 90 -5.13 39.92 23.82
CA LEU I 90 -4.49 40.88 22.92
C LEU I 90 -5.23 41.05 21.57
N ILE I 91 -5.38 42.29 21.13
CA ILE I 91 -6.07 42.53 19.86
C ILE I 91 -5.04 42.35 18.77
N ALA I 92 -5.36 41.48 17.83
CA ALA I 92 -4.44 41.19 16.74
C ALA I 92 -4.70 41.97 15.45
N SER I 93 -5.97 42.30 15.20
CA SER I 93 -6.38 43.03 13.99
C SER I 93 -7.79 43.58 14.26
N ARG I 94 -8.06 44.77 13.73
CA ARG I 94 -9.37 45.38 13.92
C ARG I 94 -10.06 45.68 12.57
N ASP I 95 -9.58 45.08 11.48
CA ASP I 95 -10.18 45.33 10.17
C ASP I 95 -10.40 44.05 9.37
N VAL I 96 -10.38 42.91 10.04
CA VAL I 96 -10.58 41.61 9.39
C VAL I 96 -12.03 41.36 9.00
N GLU I 97 -12.25 41.05 7.71
CA GLU I 97 -13.60 40.78 7.20
C GLU I 97 -13.99 39.34 7.54
N LYS I 98 -15.14 39.17 8.18
CA LYS I 98 -15.60 37.84 8.59
C LYS I 98 -16.72 37.29 7.71
N VAL I 99 -17.38 38.16 6.95
CA VAL I 99 -18.44 37.75 6.05
C VAL I 99 -17.99 37.81 4.59
N TYR I 100 -18.23 36.73 3.89
CA TYR I 100 -17.89 36.67 2.48
C TYR I 100 -19.11 36.25 1.67
N VAL I 101 -19.14 36.71 0.43
CA VAL I 101 -20.22 36.34 -0.49
C VAL I 101 -19.79 35.04 -1.17
N THR I 102 -20.48 33.95 -0.83
CA THR I 102 -20.12 32.67 -1.41
C THR I 102 -20.37 32.63 -2.92
N ASP I 103 -21.55 33.08 -3.35
CA ASP I 103 -21.90 33.11 -4.77
C ASP I 103 -22.98 34.13 -5.05
N GLU I 104 -23.42 34.20 -6.30
CA GLU I 104 -24.46 35.12 -6.71
C GLU I 104 -25.58 35.30 -5.69
N TYR I 105 -26.20 34.21 -5.25
CA TYR I 105 -27.30 34.31 -4.30
C TYR I 105 -27.12 33.72 -2.89
N SER I 106 -25.95 33.94 -2.29
CA SER I 106 -25.64 33.47 -0.93
C SER I 106 -24.25 33.93 -0.40
N ALA I 107 -24.08 33.84 0.91
CA ALA I 107 -22.83 34.22 1.54
C ALA I 107 -22.84 33.67 2.95
N ALA I 108 -21.69 33.75 3.61
CA ALA I 108 -21.63 33.23 4.96
C ALA I 108 -20.50 33.88 5.73
N GLY I 109 -20.68 33.90 7.06
CA GLY I 109 -19.70 34.43 7.96
C GLY I 109 -19.29 33.23 8.79
N ILE I 110 -17.98 33.12 9.05
CA ILE I 110 -17.40 32.02 9.85
C ILE I 110 -16.71 32.54 11.11
N ALA I 111 -16.95 31.88 12.23
CA ALA I 111 -16.33 32.28 13.49
C ALA I 111 -15.49 31.15 14.06
N GLY I 112 -14.29 31.51 14.47
CA GLY I 112 -13.41 30.51 15.01
C GLY I 112 -12.04 30.87 14.53
N THR I 113 -11.14 29.89 14.50
CA THR I 113 -9.77 30.16 14.09
C THR I 113 -9.71 30.82 12.74
N ALA I 114 -9.34 32.10 12.74
CA ALA I 114 -9.24 32.88 11.54
C ALA I 114 -8.57 32.09 10.40
N GLY I 115 -7.36 31.58 10.63
CA GLY I 115 -6.67 30.83 9.60
C GLY I 115 -7.52 29.71 9.04
N ILE I 116 -8.03 28.83 9.88
CA ILE I 116 -8.86 27.71 9.39
C ILE I 116 -10.16 28.17 8.75
N ALA I 117 -10.67 29.29 9.21
CA ALA I 117 -11.93 29.78 8.69
C ALA I 117 -11.81 30.48 7.34
N ILE I 118 -10.66 31.08 7.08
CA ILE I 118 -10.48 31.76 5.82
C ILE I 118 -10.49 30.70 4.76
N GLU I 119 -9.42 29.91 4.71
CA GLU I 119 -9.31 28.84 3.73
C GLU I 119 -10.61 28.06 3.56
N LEU I 120 -11.35 27.82 4.64
CA LEU I 120 -12.60 27.07 4.51
C LEU I 120 -13.68 27.75 3.70
N VAL I 121 -13.84 29.06 3.82
CA VAL I 121 -14.91 29.70 3.04
C VAL I 121 -14.55 29.78 1.55
N ARG I 122 -13.30 30.15 1.28
CA ARG I 122 -12.71 30.27 -0.06
C ARG I 122 -12.94 28.99 -0.80
N LEU I 123 -12.63 27.90 -0.14
CA LEU I 123 -12.83 26.60 -0.73
C LEU I 123 -14.30 26.37 -0.99
N PHE I 124 -15.16 26.83 -0.08
CA PHE I 124 -16.58 26.65 -0.26
C PHE I 124 -16.98 27.41 -1.50
N ALA I 125 -16.51 28.65 -1.59
CA ALA I 125 -16.85 29.45 -2.72
C ALA I 125 -16.59 28.63 -3.96
N VAL I 126 -15.31 28.32 -4.17
CA VAL I 126 -14.87 27.52 -5.33
C VAL I 126 -15.69 26.23 -5.51
N GLU I 127 -16.01 25.54 -4.43
CA GLU I 127 -16.82 24.33 -4.49
C GLU I 127 -18.11 24.64 -5.19
N LEU I 128 -18.63 25.83 -4.90
CA LEU I 128 -19.85 26.25 -5.52
C LEU I 128 -19.62 26.59 -7.00
N GLU I 129 -18.85 27.64 -7.27
CA GLU I 129 -18.58 28.07 -8.65
C GLU I 129 -18.21 26.97 -9.65
N HIS I 130 -17.39 26.03 -9.19
CA HIS I 130 -16.96 24.93 -10.01
C HIS I 130 -18.14 24.05 -10.34
N TYR I 131 -19.02 23.81 -9.39
CA TYR I 131 -20.17 22.95 -9.67
C TYR I 131 -21.05 23.56 -10.71
N GLU I 132 -21.05 24.87 -10.77
CA GLU I 132 -21.88 25.51 -11.75
C GLU I 132 -21.20 25.31 -13.11
N LYS I 133 -20.03 25.90 -13.28
CA LYS I 133 -19.31 25.75 -14.53
C LYS I 133 -19.44 24.33 -15.11
N ILE I 134 -19.43 23.33 -14.26
CA ILE I 134 -19.51 21.96 -14.74
C ILE I 134 -20.91 21.50 -15.06
N GLU I 135 -21.84 21.70 -14.13
CA GLU I 135 -23.20 21.26 -14.35
C GLU I 135 -23.95 22.25 -15.19
N GLY I 136 -23.41 23.46 -15.31
CA GLY I 136 -24.05 24.50 -16.10
C GLY I 136 -25.04 25.37 -15.33
N VAL I 137 -25.66 24.80 -14.31
CA VAL I 137 -26.64 25.49 -13.45
C VAL I 137 -25.97 25.60 -12.09
N PRO I 138 -26.64 26.22 -11.12
CA PRO I 138 -25.99 26.30 -9.82
C PRO I 138 -26.63 25.31 -8.88
N LEU I 139 -26.05 25.15 -7.71
CA LEU I 139 -26.60 24.23 -6.73
C LEU I 139 -27.80 24.81 -6.00
N THR I 140 -28.69 23.93 -5.57
CA THR I 140 -29.85 24.32 -4.78
C THR I 140 -29.23 25.05 -3.58
N PHE I 141 -30.04 25.73 -2.77
CA PHE I 141 -29.45 26.37 -1.61
C PHE I 141 -29.21 25.26 -0.63
N ASP I 142 -30.14 24.29 -0.60
CA ASP I 142 -30.00 23.15 0.29
C ASP I 142 -28.80 22.31 -0.08
N GLY I 143 -28.28 22.56 -1.27
CA GLY I 143 -27.11 21.86 -1.75
C GLY I 143 -25.94 22.60 -1.14
N LYS I 144 -25.77 23.84 -1.56
CA LYS I 144 -24.70 24.67 -1.01
C LYS I 144 -24.55 24.42 0.50
N ALA I 145 -25.66 24.27 1.22
CA ALA I 145 -25.57 24.07 2.66
C ALA I 145 -25.02 22.71 3.01
N ASN I 146 -25.59 21.68 2.40
CA ASN I 146 -25.11 20.34 2.69
C ASN I 146 -23.62 20.21 2.36
N ARG I 147 -23.14 20.95 1.37
CA ARG I 147 -21.73 20.90 1.00
C ARG I 147 -20.91 21.56 2.10
N LEU I 148 -21.29 22.78 2.46
CA LEU I 148 -20.64 23.54 3.52
C LEU I 148 -20.57 22.69 4.79
N ALA I 149 -21.64 21.93 5.05
CA ALA I 149 -21.70 21.07 6.22
C ALA I 149 -20.61 20.01 6.10
N SER I 150 -20.50 19.42 4.91
CA SER I 150 -19.47 18.41 4.73
C SER I 150 -18.10 19.00 5.06
N MET I 151 -17.80 20.18 4.49
CA MET I 151 -16.52 20.85 4.74
C MET I 151 -16.22 21.11 6.23
N VAL I 152 -17.27 21.32 7.01
CA VAL I 152 -17.16 21.55 8.44
C VAL I 152 -16.86 20.24 9.09
N ARG I 153 -17.63 19.24 8.69
CA ARG I 153 -17.46 17.91 9.27
C ARG I 153 -16.03 17.46 9.11
N GLY I 154 -15.42 17.95 8.04
CA GLY I 154 -14.04 17.60 7.77
C GLY I 154 -13.07 18.17 8.75
N ASN I 155 -13.37 19.36 9.21
CA ASN I 155 -12.47 20.00 10.14
C ASN I 155 -12.59 19.52 11.59
N LEU I 156 -13.64 18.76 11.89
CA LEU I 156 -13.89 18.25 13.26
C LEU I 156 -12.58 17.81 13.91
N GLY I 157 -11.69 17.22 13.13
CA GLY I 157 -10.43 16.78 13.70
C GLY I 157 -9.76 17.95 14.37
N ALA I 158 -9.49 18.98 13.60
CA ALA I 158 -8.86 20.16 14.14
C ALA I 158 -9.73 20.81 15.19
N ALA I 159 -11.03 20.63 15.08
CA ALA I 159 -11.93 21.23 16.05
C ALA I 159 -11.59 20.71 17.44
N MET I 160 -11.63 19.40 17.60
CA MET I 160 -11.35 18.76 18.87
C MET I 160 -9.94 18.98 19.36
N GLN I 161 -9.24 19.94 18.77
CA GLN I 161 -7.88 20.25 19.20
C GLN I 161 -7.79 21.73 19.37
N GLY I 162 -8.94 22.36 19.62
CA GLY I 162 -8.94 23.80 19.80
C GLY I 162 -9.19 24.62 18.54
N LEU I 163 -8.52 24.28 17.45
CA LEU I 163 -8.64 24.99 16.19
C LEU I 163 -9.97 24.79 15.52
N ALA I 164 -11.08 25.00 16.22
CA ALA I 164 -12.38 24.81 15.60
C ALA I 164 -12.83 26.06 14.84
N VAL I 165 -13.89 25.88 14.05
CA VAL I 165 -14.55 26.94 13.26
C VAL I 165 -16.01 26.56 12.99
N VAL I 166 -16.89 27.56 13.03
CA VAL I 166 -18.32 27.38 12.76
C VAL I 166 -18.82 28.52 11.89
N PRO I 167 -19.61 28.22 10.85
CA PRO I 167 -20.10 29.28 9.99
C PRO I 167 -21.56 29.54 10.15
N LEU I 168 -21.97 30.60 9.46
CA LEU I 168 -23.36 31.00 9.43
C LEU I 168 -23.56 31.25 7.98
N LEU I 169 -24.57 30.58 7.43
CA LEU I 169 -24.89 30.65 6.02
C LEU I 169 -26.24 31.22 5.76
N VAL I 170 -26.25 32.19 4.85
CA VAL I 170 -27.48 32.87 4.46
C VAL I 170 -27.59 32.92 2.93
N GLY I 171 -28.82 33.07 2.43
CA GLY I 171 -29.04 33.16 1.00
C GLY I 171 -30.48 33.31 0.57
N TYR I 172 -30.68 33.80 -0.66
CA TYR I 172 -32.00 34.00 -1.26
C TYR I 172 -32.29 32.72 -2.02
N ASP I 173 -33.19 31.88 -1.49
CA ASP I 173 -33.55 30.61 -2.14
C ASP I 173 -34.38 30.81 -3.41
N LEU I 174 -33.72 30.90 -4.57
CA LEU I 174 -34.37 31.06 -5.89
C LEU I 174 -35.42 29.99 -6.16
N ASP I 175 -35.46 28.96 -5.32
CA ASP I 175 -36.39 27.87 -5.47
C ASP I 175 -37.43 27.80 -4.35
N ALA I 176 -37.58 28.90 -3.63
CA ALA I 176 -38.56 28.94 -2.56
C ALA I 176 -39.88 29.35 -3.21
N ASP I 177 -40.97 28.73 -2.75
CA ASP I 177 -42.32 29.01 -3.26
C ASP I 177 -42.75 30.47 -3.08
N ASP I 178 -42.78 30.94 -1.82
CA ASP I 178 -43.16 32.31 -1.52
C ASP I 178 -41.94 33.21 -1.45
N GLU I 179 -41.59 33.85 -2.56
CA GLU I 179 -40.44 34.75 -2.65
C GLU I 179 -40.49 35.90 -1.61
N SER I 180 -41.44 35.81 -0.69
CA SER I 180 -41.60 36.79 0.37
C SER I 180 -40.66 36.40 1.53
N ARG I 181 -40.65 35.10 1.84
CA ARG I 181 -39.82 34.52 2.89
C ARG I 181 -38.72 33.66 2.23
N ALA I 182 -38.19 34.14 1.11
CA ALA I 182 -37.16 33.42 0.38
C ALA I 182 -35.78 33.52 1.00
N GLY I 183 -35.61 34.39 1.99
CA GLY I 183 -34.31 34.51 2.63
C GLY I 183 -34.16 33.36 3.60
N ARG I 184 -32.94 32.88 3.80
CA ARG I 184 -32.73 31.77 4.72
C ARG I 184 -31.46 31.87 5.52
N ILE I 185 -31.46 31.17 6.64
CA ILE I 185 -30.33 31.16 7.55
C ILE I 185 -30.06 29.75 7.96
N VAL I 186 -28.80 29.33 7.77
CA VAL I 186 -28.39 28.01 8.19
C VAL I 186 -27.25 28.17 9.17
N SER I 187 -27.28 27.38 10.24
CA SER I 187 -26.25 27.44 11.28
C SER I 187 -25.62 26.05 11.32
N TYR I 188 -24.52 25.94 12.03
CA TYR I 188 -23.85 24.66 12.07
C TYR I 188 -23.32 24.23 13.41
N ASP I 189 -22.97 22.96 13.45
CA ASP I 189 -22.38 22.28 14.59
C ASP I 189 -20.86 22.34 14.40
N VAL I 190 -20.16 21.45 15.08
CA VAL I 190 -18.73 21.35 14.98
C VAL I 190 -18.51 20.01 14.36
N VAL I 191 -19.46 19.11 14.64
CA VAL I 191 -19.45 17.77 14.10
C VAL I 191 -20.08 17.80 12.70
N GLY I 192 -20.40 18.99 12.23
CA GLY I 192 -20.97 19.13 10.89
C GLY I 192 -22.48 19.05 10.74
N GLY I 193 -23.23 19.53 11.72
CA GLY I 193 -24.66 19.51 11.60
C GLY I 193 -25.12 20.75 10.84
N ARG I 194 -26.26 20.65 10.15
CA ARG I 194 -26.84 21.76 9.37
C ARG I 194 -28.13 22.15 10.07
N TYR I 195 -28.33 23.41 10.42
CA TYR I 195 -29.59 23.76 11.07
C TYR I 195 -30.28 24.96 10.46
N GLU I 196 -31.62 24.90 10.39
CA GLU I 196 -32.42 25.99 9.81
C GLU I 196 -32.77 27.03 10.83
N GLU I 197 -32.70 28.31 10.45
CA GLU I 197 -33.02 29.41 11.38
C GLU I 197 -34.46 29.37 11.90
N ARG I 198 -35.40 29.62 11.00
CA ARG I 198 -36.83 29.62 11.32
C ARG I 198 -37.20 30.54 12.48
N ALA I 199 -36.56 31.70 12.53
CA ALA I 199 -36.83 32.67 13.60
C ALA I 199 -36.28 34.02 13.18
N GLY I 200 -36.02 34.15 11.89
CA GLY I 200 -35.55 35.41 11.33
C GLY I 200 -34.16 35.90 11.65
N TYR I 201 -33.57 35.36 12.69
CA TYR I 201 -32.23 35.80 13.01
C TYR I 201 -31.40 34.77 13.75
N HIS I 202 -30.10 34.98 13.66
CA HIS I 202 -29.19 34.12 14.37
C HIS I 202 -27.82 34.80 14.36
N ALA I 203 -26.91 34.21 15.10
CA ALA I 203 -25.58 34.73 15.17
C ALA I 203 -24.63 33.67 15.72
N VAL I 204 -23.34 33.92 15.54
CA VAL I 204 -22.33 33.00 16.02
C VAL I 204 -21.14 33.84 16.41
N GLY I 205 -20.40 33.34 17.40
CA GLY I 205 -19.22 34.03 17.89
C GLY I 205 -19.23 34.13 19.39
N SER I 206 -18.27 34.87 19.93
CA SER I 206 -18.15 35.06 21.37
C SER I 206 -19.30 35.88 21.93
N GLY I 207 -19.65 36.95 21.21
CA GLY I 207 -20.72 37.84 21.62
C GLY I 207 -22.08 37.48 21.07
N SER I 208 -22.21 36.28 20.52
CA SER I 208 -23.46 35.80 19.96
C SER I 208 -24.57 35.77 21.01
N LEU I 209 -24.31 35.16 22.17
CA LEU I 209 -25.34 35.10 23.20
C LEU I 209 -25.92 36.47 23.48
N ALA I 210 -25.08 37.49 23.36
CA ALA I 210 -25.49 38.86 23.59
C ALA I 210 -26.37 39.32 22.47
N ALA I 211 -25.78 39.39 21.28
CA ALA I 211 -26.50 39.79 20.09
C ALA I 211 -27.84 39.05 19.95
N LYS I 212 -27.83 37.73 20.08
CA LYS I 212 -29.05 36.96 19.98
C LYS I 212 -30.13 37.54 20.87
N SER I 213 -29.73 37.93 22.07
CA SER I 213 -30.67 38.47 23.03
C SER I 213 -31.15 39.86 22.65
N ALA I 214 -30.24 40.70 22.16
CA ALA I 214 -30.62 42.06 21.74
C ALA I 214 -31.69 41.95 20.67
N LEU I 215 -31.46 41.06 19.71
CA LEU I 215 -32.41 40.84 18.64
C LEU I 215 -33.71 40.26 19.13
N LYS I 216 -33.62 39.47 20.19
CA LYS I 216 -34.83 38.88 20.74
C LYS I 216 -35.76 40.02 21.12
N LYS I 217 -35.21 41.24 21.12
CA LYS I 217 -35.97 42.42 21.47
C LYS I 217 -36.05 43.38 20.31
N ILE I 218 -34.92 43.94 19.90
CA ILE I 218 -34.93 44.91 18.81
C ILE I 218 -35.30 44.40 17.41
N TYR I 219 -35.82 43.18 17.28
CA TYR I 219 -36.13 42.68 15.95
C TYR I 219 -37.54 42.18 15.73
N SER I 220 -38.05 42.50 14.55
CA SER I 220 -39.39 42.14 14.13
C SER I 220 -39.38 41.65 12.68
N PRO I 221 -40.19 40.63 12.37
CA PRO I 221 -40.32 40.02 11.05
C PRO I 221 -40.32 40.99 9.89
N ASP I 222 -40.87 40.55 8.75
CA ASP I 222 -40.92 41.35 7.54
C ASP I 222 -40.61 42.81 7.79
N SER I 223 -39.42 43.24 7.39
CA SER I 223 -38.97 44.65 7.56
C SER I 223 -37.99 45.16 6.49
N ASP I 224 -37.72 46.46 6.54
CA ASP I 224 -36.84 47.08 5.56
C ASP I 224 -35.46 46.45 5.53
N GLU I 225 -34.77 46.63 4.41
CA GLU I 225 -33.42 46.13 4.33
C GLU I 225 -32.63 47.29 4.90
N GLU I 226 -33.34 48.16 5.60
CA GLU I 226 -32.73 49.32 6.22
C GLU I 226 -32.95 49.15 7.72
N THR I 227 -34.09 48.54 8.05
CA THR I 227 -34.49 48.26 9.44
C THR I 227 -33.67 47.12 10.04
N ALA I 228 -33.48 46.09 9.22
CA ALA I 228 -32.72 44.90 9.58
C ALA I 228 -31.23 45.23 9.56
N LEU I 229 -30.75 46.00 8.58
CA LEU I 229 -29.35 46.38 8.58
C LEU I 229 -29.10 47.27 9.83
N ARG I 230 -30.19 47.83 10.36
CA ARG I 230 -30.16 48.67 11.57
C ARG I 230 -30.07 47.79 12.82
N ALA I 231 -31.01 46.83 12.93
CA ALA I 231 -31.06 45.89 14.06
C ALA I 231 -29.80 45.03 14.20
N ALA I 232 -29.11 44.83 13.09
CA ALA I 232 -27.88 44.06 13.06
C ALA I 232 -26.78 44.87 13.71
N ILE I 233 -26.57 46.10 13.24
CA ILE I 233 -25.54 46.98 13.81
C ILE I 233 -25.76 47.20 15.30
N GLU I 234 -27.03 47.05 15.70
CA GLU I 234 -27.47 47.23 17.08
C GLU I 234 -26.96 46.11 17.93
N SER I 235 -27.50 44.91 17.71
CA SER I 235 -27.09 43.74 18.47
C SER I 235 -25.59 43.57 18.37
N LEU I 236 -25.02 44.01 17.26
CA LEU I 236 -23.59 43.91 17.05
C LEU I 236 -22.93 44.94 17.99
N TYR I 237 -23.74 45.83 18.54
CA TYR I 237 -23.23 46.82 19.46
C TYR I 237 -23.32 46.27 20.88
N ASP I 238 -24.45 45.63 21.17
CA ASP I 238 -24.66 45.05 22.49
C ASP I 238 -23.74 43.88 22.75
N ALA I 239 -23.46 43.10 21.69
CA ALA I 239 -22.54 41.97 21.83
C ALA I 239 -21.20 42.55 22.30
N ALA I 240 -20.75 43.64 21.71
CA ALA I 240 -19.49 44.26 22.13
C ALA I 240 -19.52 44.81 23.56
N ASP I 241 -20.70 45.19 24.05
CA ASP I 241 -20.83 45.73 25.42
C ASP I 241 -20.43 44.70 26.48
N ASP I 242 -21.00 43.50 26.36
CA ASP I 242 -20.76 42.38 27.28
C ASP I 242 -19.83 41.34 26.70
N ASP I 243 -18.74 41.76 26.07
CA ASP I 243 -17.79 40.82 25.49
C ASP I 243 -16.57 41.51 24.93
N SER I 244 -15.46 41.46 25.67
CA SER I 244 -14.21 42.07 25.23
C SER I 244 -13.61 41.46 23.94
N ALA I 245 -14.11 40.28 23.52
CA ALA I 245 -13.58 39.61 22.33
C ALA I 245 -14.12 40.22 21.05
N THR I 246 -15.35 40.75 21.13
CA THR I 246 -16.03 41.39 20.00
C THR I 246 -15.61 42.86 19.93
N GLY I 247 -16.51 43.75 20.32
CA GLY I 247 -16.18 45.17 20.26
C GLY I 247 -16.63 45.75 18.94
N GLY I 248 -17.94 45.88 18.77
CA GLY I 248 -18.53 46.40 17.55
C GLY I 248 -18.08 47.77 17.04
N PRO I 249 -19.05 48.58 16.57
CA PRO I 249 -18.85 49.93 16.01
C PRO I 249 -18.11 50.87 16.94
N ASP I 250 -16.94 51.31 16.49
CA ASP I 250 -16.08 52.21 17.25
C ASP I 250 -15.96 53.50 16.47
N LEU I 251 -16.85 54.44 16.76
CA LEU I 251 -16.90 55.75 16.09
C LEU I 251 -15.57 56.53 16.14
N THR I 252 -14.86 56.43 17.27
CA THR I 252 -13.58 57.12 17.47
C THR I 252 -12.47 56.64 16.51
N ARG I 253 -12.41 55.33 16.25
CA ARG I 253 -11.38 54.76 15.39
C ARG I 253 -11.73 54.67 13.90
N GLY I 254 -13.01 54.52 13.59
CA GLY I 254 -13.42 54.40 12.20
C GLY I 254 -13.65 52.94 11.82
N ILE I 255 -13.77 52.12 12.86
CA ILE I 255 -13.98 50.68 12.74
C ILE I 255 -15.47 50.42 12.66
N TYR I 256 -15.93 50.04 11.48
CA TYR I 256 -17.37 49.75 11.30
C TYR I 256 -17.64 48.31 10.85
N PRO I 257 -18.71 47.69 11.39
CA PRO I 257 -19.18 46.32 11.13
C PRO I 257 -19.30 46.08 9.66
N THR I 258 -18.96 44.87 9.23
CA THR I 258 -19.08 44.59 7.82
C THR I 258 -20.45 43.94 7.59
N ALA I 259 -21.05 44.28 6.45
CA ALA I 259 -22.36 43.74 6.13
C ALA I 259 -22.48 43.30 4.69
N VAL I 260 -23.56 42.56 4.45
CA VAL I 260 -23.88 41.99 3.17
C VAL I 260 -25.36 41.60 3.18
N THR I 261 -26.03 41.98 2.10
CA THR I 261 -27.44 41.71 1.88
C THR I 261 -27.66 40.99 0.56
N ILE I 262 -28.42 39.92 0.64
CA ILE I 262 -28.74 39.13 -0.53
C ILE I 262 -30.24 39.29 -0.70
N THR I 263 -30.67 39.33 -1.96
CA THR I 263 -32.07 39.51 -2.32
C THR I 263 -32.38 38.82 -3.65
N GLN I 264 -33.51 39.15 -4.26
CA GLN I 264 -33.85 38.55 -5.55
C GLN I 264 -32.88 39.05 -6.62
N ALA I 265 -32.08 40.07 -6.28
CA ALA I 265 -31.11 40.62 -7.25
C ALA I 265 -29.76 39.97 -7.07
N GLY I 266 -29.58 39.39 -5.89
CA GLY I 266 -28.33 38.77 -5.55
C GLY I 266 -27.72 39.45 -4.33
N ALA I 267 -26.53 39.02 -3.96
CA ALA I 267 -25.87 39.59 -2.81
C ALA I 267 -24.93 40.72 -3.17
N VAL I 268 -24.90 41.71 -2.30
CA VAL I 268 -24.02 42.83 -2.51
C VAL I 268 -23.53 43.31 -1.15
N HIS I 269 -22.29 43.74 -1.13
CA HIS I 269 -21.66 44.22 0.08
C HIS I 269 -21.95 45.69 0.35
N VAL I 270 -22.67 45.92 1.43
CA VAL I 270 -23.06 47.25 1.86
C VAL I 270 -21.81 48.13 1.86
N SER I 271 -21.99 49.44 1.68
CA SER I 271 -20.88 50.38 1.62
C SER I 271 -20.47 50.84 3.00
N GLU I 272 -19.25 51.35 3.10
CA GLU I 272 -18.72 51.84 4.37
C GLU I 272 -19.51 53.07 4.85
N GLU I 273 -20.21 53.74 3.93
CA GLU I 273 -21.02 54.92 4.24
C GLU I 273 -22.36 54.52 4.83
N THR I 274 -23.03 53.58 4.17
CA THR I 274 -24.32 53.10 4.65
C THR I 274 -24.21 52.46 6.03
N THR I 275 -22.99 52.24 6.51
CA THR I 275 -22.80 51.62 7.84
C THR I 275 -22.46 52.65 8.91
N SER I 276 -21.47 53.51 8.64
CA SER I 276 -21.07 54.52 9.62
C SER I 276 -22.22 55.51 9.94
N GLU I 277 -22.84 56.06 8.91
CA GLU I 277 -23.95 57.01 9.08
C GLU I 277 -25.16 56.23 9.58
N LEU I 278 -24.98 54.93 9.75
CA LEU I 278 -26.02 54.03 10.19
C LEU I 278 -25.78 53.68 11.66
N ALA I 279 -24.52 53.59 12.07
CA ALA I 279 -24.18 53.26 13.45
C ALA I 279 -24.24 54.52 14.29
N ARG I 280 -24.10 55.67 13.63
CA ARG I 280 -24.15 56.97 14.31
C ARG I 280 -25.60 57.19 14.77
N ARG I 281 -26.52 56.73 13.93
CA ARG I 281 -27.96 56.81 14.19
C ARG I 281 -28.30 55.92 15.38
N ILE I 282 -27.71 54.72 15.39
CA ILE I 282 -27.93 53.74 16.46
C ILE I 282 -27.54 54.31 17.82
N VAL I 283 -26.38 54.98 17.88
CA VAL I 283 -25.86 55.60 19.11
C VAL I 283 -26.82 56.64 19.69
N ALA I 284 -27.52 56.22 20.75
CA ALA I 284 -28.50 57.06 21.44
C ALA I 284 -29.69 57.38 20.52
N ASN J 22 3.74 19.91 -11.52
CA ASN J 22 2.84 19.62 -12.69
C ASN J 22 1.63 20.55 -12.68
N LEU J 23 1.85 21.65 -11.97
CA LEU J 23 0.90 22.70 -11.76
C LEU J 23 1.86 23.84 -11.54
N SER J 24 3.06 23.65 -12.07
CA SER J 24 4.10 24.64 -11.97
C SER J 24 4.59 24.90 -10.54
N SER J 25 4.17 24.06 -9.61
CA SER J 25 4.57 24.18 -8.19
C SER J 25 5.85 23.39 -7.85
N PHE J 26 6.99 24.04 -7.75
CA PHE J 26 8.18 23.25 -7.43
C PHE J 26 7.87 22.37 -6.24
N THR J 27 7.22 22.97 -5.24
CA THR J 27 6.84 22.30 -4.00
C THR J 27 6.12 21.01 -4.30
N ASP J 28 4.96 21.14 -4.92
CA ASP J 28 4.10 20.02 -5.29
C ASP J 28 4.82 18.89 -6.04
N TYR J 29 5.96 19.19 -6.63
CA TYR J 29 6.73 18.17 -7.32
C TYR J 29 7.39 17.30 -6.24
N LEU J 30 7.97 17.95 -5.22
CA LEU J 30 8.60 17.26 -4.11
C LEU J 30 7.49 16.45 -3.45
N ARG J 31 6.38 17.11 -3.11
CA ARG J 31 5.21 16.48 -2.51
C ARG J 31 5.05 15.07 -3.09
N GLY J 32 5.13 14.93 -4.42
CA GLY J 32 4.97 13.63 -5.02
C GLY J 32 6.20 12.89 -5.51
N HIS J 33 7.37 13.51 -5.52
CA HIS J 33 8.56 12.83 -6.00
C HIS J 33 9.75 12.85 -5.06
N ALA J 34 9.64 13.50 -3.91
CA ALA J 34 10.73 13.55 -2.92
C ALA J 34 10.17 14.24 -1.69
N PRO J 35 9.22 13.57 -1.01
CA PRO J 35 8.55 14.09 0.18
C PRO J 35 9.49 14.45 1.31
N GLU J 36 10.68 13.85 1.33
CA GLU J 36 11.65 14.10 2.38
C GLU J 36 12.21 15.53 2.44
N LEU J 37 11.48 16.49 1.89
CA LEU J 37 11.94 17.90 1.87
C LEU J 37 10.88 18.90 2.35
N LEU J 38 9.79 18.41 2.92
CA LEU J 38 8.69 19.24 3.40
C LEU J 38 8.65 19.40 4.94
N ASP J 60 14.12 25.45 24.10
CA ASP J 60 15.07 25.94 23.11
C ASP J 60 16.23 24.98 22.82
N LEU J 61 15.94 23.95 22.06
CA LEU J 61 16.96 23.02 21.65
C LEU J 61 17.73 23.57 20.44
N ALA J 62 17.19 24.55 19.77
CA ALA J 62 17.89 24.99 18.57
C ALA J 62 17.57 26.44 18.27
N PRO J 63 18.67 27.21 18.02
CA PRO J 63 18.91 28.71 17.70
C PRO J 63 17.80 29.59 17.11
N HIS J 64 17.15 30.24 18.06
CA HIS J 64 15.97 31.04 17.94
C HIS J 64 15.95 32.32 17.14
N GLY J 65 14.79 32.94 17.37
CA GLY J 65 14.50 34.21 16.72
C GLY J 65 14.74 35.39 17.64
N THR J 66 14.03 36.60 16.78
CA THR J 66 14.39 38.00 16.70
C THR J 66 13.26 38.79 16.02
N THR J 67 13.29 40.12 16.14
CA THR J 67 12.27 40.98 15.57
C THR J 67 12.51 41.47 14.15
N ILE J 68 11.43 41.67 13.39
CA ILE J 68 11.49 42.14 12.02
C ILE J 68 10.38 43.13 11.75
N VAL J 69 10.71 44.22 11.09
CA VAL J 69 9.75 45.28 10.82
C VAL J 69 9.44 45.50 9.35
N ALA J 70 8.24 45.99 9.09
CA ALA J 70 7.82 46.26 7.72
C ALA J 70 7.07 47.58 7.58
N LEU J 71 7.57 48.44 6.70
CA LEU J 71 6.96 49.75 6.47
C LEU J 71 6.57 49.98 5.01
N THR J 72 5.48 50.71 4.82
CA THR J 72 4.97 51.05 3.49
C THR J 72 5.30 52.53 3.27
N TYR J 73 5.40 52.95 2.00
CA TYR J 73 5.68 54.35 1.69
C TYR J 73 5.47 54.73 0.24
N LYS J 74 5.78 55.99 -0.09
CA LYS J 74 5.56 56.51 -1.43
C LYS J 74 6.08 55.57 -2.52
N GLY J 75 7.40 55.39 -2.53
CA GLY J 75 8.00 54.50 -3.52
C GLY J 75 7.38 53.12 -3.51
N GLY J 76 7.82 52.31 -2.54
CA GLY J 76 7.31 50.96 -2.41
C GLY J 76 7.16 50.53 -0.96
N VAL J 77 7.96 49.54 -0.56
CA VAL J 77 7.97 49.02 0.80
C VAL J 77 9.35 48.50 1.16
N LEU J 78 9.55 48.16 2.43
CA LEU J 78 10.84 47.64 2.87
C LEU J 78 10.74 46.70 4.06
N LEU J 79 11.85 46.03 4.35
CA LEU J 79 11.95 45.12 5.47
C LEU J 79 13.25 45.43 6.16
N ALA J 80 13.24 45.45 7.50
CA ALA J 80 14.45 45.68 8.28
C ALA J 80 14.31 44.74 9.44
N GLY J 81 15.35 43.99 9.77
CA GLY J 81 15.19 43.10 10.91
C GLY J 81 16.47 42.91 11.70
N ASP J 82 16.37 42.61 12.99
CA ASP J 82 17.54 42.41 13.86
C ASP J 82 18.48 41.32 13.31
N ARG J 83 19.59 41.06 13.99
CA ARG J 83 20.48 40.01 13.51
C ARG J 83 20.95 39.09 14.64
N ARG J 84 20.22 39.13 15.75
CA ARG J 84 20.57 38.31 16.90
C ARG J 84 19.74 37.06 17.05
N ALA J 85 20.45 35.93 17.01
CA ALA J 85 19.89 34.59 17.14
C ALA J 85 20.17 34.14 18.58
N THR J 86 19.11 33.82 19.30
CA THR J 86 19.29 33.44 20.68
C THR J 86 18.66 32.14 21.08
N GLN J 87 19.49 31.18 21.45
CA GLN J 87 18.99 29.87 21.92
C GLN J 87 19.08 29.81 23.44
N GLY J 88 17.98 30.19 24.09
CA GLY J 88 17.93 30.20 25.54
C GLY J 88 17.95 31.67 25.90
N ASN J 89 18.88 32.06 26.77
CA ASN J 89 19.05 33.44 27.16
C ASN J 89 20.42 33.78 26.59
N LEU J 90 21.05 32.72 26.06
CA LEU J 90 22.37 32.77 25.48
C LEU J 90 22.33 33.28 24.06
N ILE J 91 23.29 34.12 23.71
CA ILE J 91 23.35 34.67 22.36
C ILE J 91 24.10 33.67 21.50
N ALA J 92 23.49 33.28 20.38
CA ALA J 92 24.08 32.28 19.49
C ALA J 92 24.79 32.82 18.26
N SER J 93 24.38 34.01 17.82
CA SER J 93 24.98 34.62 16.65
C SER J 93 24.40 36.02 16.58
N ARG J 94 25.23 36.99 16.20
CA ARG J 94 24.78 38.37 16.13
C ARG J 94 24.80 38.92 14.70
N ASP J 95 25.03 38.05 13.72
CA ASP J 95 25.11 38.46 12.32
C ASP J 95 24.22 37.69 11.36
N VAL J 96 23.19 37.05 11.88
CA VAL J 96 22.27 36.26 11.06
C VAL J 96 21.26 37.11 10.30
N GLU J 97 21.22 36.98 8.98
CA GLU J 97 20.27 37.76 8.16
C GLU J 97 18.90 37.15 8.31
N LYS J 98 17.92 37.96 8.64
CA LYS J 98 16.59 37.44 8.82
C LYS J 98 15.66 37.77 7.65
N VAL J 99 16.04 38.76 6.83
CA VAL J 99 15.21 39.15 5.67
C VAL J 99 15.87 38.78 4.38
N TYR J 100 15.11 38.15 3.51
CA TYR J 100 15.61 37.72 2.21
C TYR J 100 14.75 38.25 1.08
N VAL J 101 15.36 38.41 -0.09
CA VAL J 101 14.63 38.86 -1.26
C VAL J 101 14.14 37.57 -1.96
N THR J 102 12.83 37.35 -1.92
CA THR J 102 12.25 36.15 -2.52
C THR J 102 12.38 36.20 -4.03
N ASP J 103 11.97 37.32 -4.63
CA ASP J 103 12.07 37.48 -6.09
C ASP J 103 12.26 38.95 -6.49
N GLU J 104 12.34 39.19 -7.80
CA GLU J 104 12.52 40.54 -8.36
C GLU J 104 11.75 41.61 -7.63
N TYR J 105 10.45 41.40 -7.50
CA TYR J 105 9.61 42.39 -6.83
C TYR J 105 8.99 42.00 -5.49
N SER J 106 9.73 41.26 -4.66
CA SER J 106 9.25 40.85 -3.34
C SER J 106 10.27 40.20 -2.40
N ALA J 107 10.04 40.33 -1.10
CA ALA J 107 10.93 39.74 -0.11
C ALA J 107 10.16 39.47 1.17
N ALA J 108 10.78 38.70 2.06
CA ALA J 108 10.15 38.36 3.33
C ALA J 108 11.15 38.09 4.47
N GLY J 109 10.69 38.33 5.70
CA GLY J 109 11.48 38.08 6.88
C GLY J 109 10.73 37.02 7.65
N ILE J 110 11.44 36.07 8.24
CA ILE J 110 10.81 34.99 8.99
C ILE J 110 11.29 34.87 10.42
N ALA J 111 10.38 34.93 11.36
CA ALA J 111 10.79 34.83 12.74
C ALA J 111 10.39 33.45 13.27
N GLY J 112 11.26 32.88 14.10
CA GLY J 112 10.96 31.57 14.64
C GLY J 112 12.21 30.73 14.58
N THR J 113 12.10 29.44 14.82
CA THR J 113 13.27 28.59 14.77
C THR J 113 14.05 28.80 13.47
N ALA J 114 15.28 29.33 13.57
CA ALA J 114 16.19 29.63 12.42
C ALA J 114 16.36 28.48 11.46
N GLY J 115 16.56 27.29 11.98
CA GLY J 115 16.71 26.16 11.10
C GLY J 115 15.51 26.05 10.19
N ILE J 116 14.32 25.97 10.77
CA ILE J 116 13.11 25.83 9.99
C ILE J 116 12.81 27.06 9.11
N ALA J 117 13.10 28.25 9.62
CA ALA J 117 12.81 29.47 8.87
C ALA J 117 13.68 29.67 7.63
N ILE J 118 14.92 29.20 7.68
CA ILE J 118 15.82 29.34 6.54
C ILE J 118 15.30 28.49 5.41
N GLU J 119 15.38 27.17 5.59
CA GLU J 119 14.92 26.25 4.57
C GLU J 119 13.56 26.67 4.00
N LEU J 120 12.64 27.10 4.85
CA LEU J 120 11.34 27.49 4.36
C LEU J 120 11.38 28.65 3.37
N VAL J 121 12.17 29.68 3.64
CA VAL J 121 12.20 30.80 2.71
C VAL J 121 12.95 30.45 1.45
N ARG J 122 14.02 29.66 1.56
CA ARG J 122 14.81 29.27 0.41
C ARG J 122 13.90 28.51 -0.53
N LEU J 123 13.06 27.65 0.04
CA LEU J 123 12.10 26.91 -0.75
C LEU J 123 11.09 27.88 -1.38
N PHE J 124 10.50 28.77 -0.60
CA PHE J 124 9.57 29.76 -1.18
C PHE J 124 10.23 30.47 -2.36
N ALA J 125 11.49 30.82 -2.22
CA ALA J 125 12.22 31.48 -3.28
C ALA J 125 12.09 30.66 -4.54
N VAL J 126 12.56 29.43 -4.44
CA VAL J 126 12.53 28.50 -5.55
C VAL J 126 11.13 28.31 -6.13
N GLU J 127 10.15 28.11 -5.26
CA GLU J 127 8.76 27.91 -5.69
C GLU J 127 8.40 29.02 -6.64
N LEU J 128 8.71 30.26 -6.26
CA LEU J 128 8.42 31.43 -7.11
C LEU J 128 9.21 31.40 -8.42
N GLU J 129 10.52 31.22 -8.35
CA GLU J 129 11.34 31.20 -9.54
C GLU J 129 10.97 30.08 -10.47
N HIS J 130 10.79 28.89 -9.94
CA HIS J 130 10.42 27.79 -10.79
C HIS J 130 9.10 28.09 -11.51
N TYR J 131 8.07 28.53 -10.80
CA TYR J 131 6.78 28.82 -11.43
C TYR J 131 6.92 29.73 -12.61
N GLU J 132 7.88 30.64 -12.55
CA GLU J 132 8.13 31.60 -13.63
C GLU J 132 8.71 30.85 -14.81
N LYS J 133 9.93 30.39 -14.66
CA LYS J 133 10.56 29.68 -15.75
C LYS J 133 9.61 28.71 -16.43
N ILE J 134 8.63 28.18 -15.71
CA ILE J 134 7.74 27.25 -16.38
C ILE J 134 6.63 28.00 -17.08
N GLU J 135 5.95 28.87 -16.34
CA GLU J 135 4.86 29.59 -16.90
C GLU J 135 5.31 30.73 -17.80
N GLY J 136 6.58 31.11 -17.71
CA GLY J 136 7.05 32.19 -18.55
C GLY J 136 6.84 33.52 -17.87
N VAL J 137 5.72 33.65 -17.17
CA VAL J 137 5.44 34.88 -16.43
C VAL J 137 5.59 34.60 -14.94
N PRO J 138 5.53 35.64 -14.10
CA PRO J 138 5.66 35.38 -12.67
C PRO J 138 4.26 35.30 -12.00
N LEU J 139 4.27 34.96 -10.73
CA LEU J 139 3.03 34.86 -10.00
C LEU J 139 2.51 36.22 -9.55
N THR J 140 1.20 36.33 -9.42
CA THR J 140 0.58 37.54 -8.91
C THR J 140 1.26 37.74 -7.56
N PHE J 141 1.05 38.87 -6.92
CA PHE J 141 1.63 39.02 -5.58
C PHE J 141 0.72 38.11 -4.77
N ASP J 142 -0.59 38.29 -4.89
CA ASP J 142 -1.55 37.47 -4.17
C ASP J 142 -1.32 35.97 -4.36
N GLY J 143 -0.52 35.61 -5.34
CA GLY J 143 -0.23 34.21 -5.56
C GLY J 143 0.92 33.87 -4.65
N LYS J 144 2.02 34.60 -4.82
CA LYS J 144 3.19 34.40 -3.98
C LYS J 144 2.76 34.27 -2.52
N ALA J 145 1.82 35.10 -2.07
CA ALA J 145 1.44 34.99 -0.67
C ALA J 145 0.65 33.73 -0.42
N ASN J 146 -0.32 33.44 -1.26
CA ASN J 146 -1.08 32.23 -1.02
C ASN J 146 -0.16 31.00 -0.96
N ARG J 147 0.91 31.04 -1.74
CA ARG J 147 1.87 29.94 -1.76
C ARG J 147 2.59 29.91 -0.42
N LEU J 148 3.18 31.05 -0.07
CA LEU J 148 3.91 31.17 1.18
C LEU J 148 3.03 30.67 2.35
N ALA J 149 1.75 30.98 2.30
CA ALA J 149 0.88 30.57 3.38
C ALA J 149 0.77 29.08 3.46
N SER J 150 0.70 28.44 2.29
CA SER J 150 0.56 27.00 2.24
C SER J 150 1.80 26.35 2.84
N MET J 151 2.96 26.92 2.54
CA MET J 151 4.19 26.38 3.09
C MET J 151 4.20 26.53 4.60
N VAL J 152 3.62 27.61 5.12
CA VAL J 152 3.56 27.80 6.57
C VAL J 152 2.60 26.75 7.16
N ARG J 153 1.40 26.63 6.57
CA ARG J 153 0.40 25.69 7.05
C ARG J 153 1.05 24.35 7.08
N GLY J 154 2.05 24.17 6.22
CA GLY J 154 2.75 22.92 6.15
C GLY J 154 3.58 22.66 7.37
N ASN J 155 4.06 23.70 8.00
CA ASN J 155 4.91 23.50 9.17
C ASN J 155 4.10 23.40 10.47
N LEU J 156 2.79 23.57 10.37
CA LEU J 156 1.92 23.54 11.55
C LEU J 156 2.23 22.39 12.46
N GLY J 157 2.61 21.26 11.89
CA GLY J 157 2.91 20.11 12.71
C GLY J 157 4.04 20.45 13.66
N ALA J 158 5.14 20.90 13.08
CA ALA J 158 6.32 21.26 13.83
C ALA J 158 6.05 22.42 14.78
N ALA J 159 5.13 23.29 14.38
CA ALA J 159 4.76 24.44 15.19
C ALA J 159 4.22 24.01 16.53
N MET J 160 3.20 23.17 16.51
CA MET J 160 2.60 22.67 17.72
C MET J 160 3.58 21.82 18.53
N GLN J 161 4.85 21.89 18.19
CA GLN J 161 5.87 21.17 18.93
C GLN J 161 7.03 22.10 19.31
N GLY J 162 6.77 23.39 19.30
CA GLY J 162 7.79 24.34 19.68
C GLY J 162 8.55 24.99 18.55
N LEU J 163 8.91 24.18 17.55
CA LEU J 163 9.65 24.64 16.38
C LEU J 163 8.82 25.46 15.39
N ALA J 164 8.11 26.47 15.88
CA ALA J 164 7.28 27.27 14.99
C ALA J 164 8.05 28.38 14.32
N VAL J 165 7.54 28.83 13.18
CA VAL J 165 8.16 29.91 12.42
C VAL J 165 7.05 30.69 11.75
N VAL J 166 7.21 32.02 11.72
CA VAL J 166 6.24 32.93 11.09
C VAL J 166 6.94 34.03 10.29
N PRO J 167 6.48 34.20 9.03
CA PRO J 167 7.04 35.19 8.13
C PRO J 167 6.22 36.46 8.04
N LEU J 168 6.84 37.42 7.36
CA LEU J 168 6.25 38.73 7.09
C LEU J 168 6.62 38.98 5.64
N LEU J 169 5.62 39.10 4.78
CA LEU J 169 5.89 39.27 3.35
C LEU J 169 5.59 40.63 2.76
N VAL J 170 6.52 41.14 1.96
CA VAL J 170 6.34 42.43 1.34
C VAL J 170 6.68 42.37 -0.14
N GLY J 171 6.15 43.33 -0.90
CA GLY J 171 6.40 43.37 -2.32
C GLY J 171 5.65 44.49 -3.05
N TYR J 172 6.17 44.87 -4.23
CA TYR J 172 5.60 45.94 -5.08
C TYR J 172 4.60 45.31 -6.05
N ASP J 173 3.31 45.39 -5.72
CA ASP J 173 2.33 44.76 -6.58
C ASP J 173 2.30 45.35 -7.95
N LEU J 174 3.05 44.72 -8.85
CA LEU J 174 3.07 45.21 -10.22
C LEU J 174 1.66 45.25 -10.81
N ASP J 175 0.69 44.65 -10.15
CA ASP J 175 -0.65 44.65 -10.70
C ASP J 175 -1.62 45.55 -9.99
N ALA J 176 -1.09 46.40 -9.12
CA ALA J 176 -1.90 47.35 -8.36
C ALA J 176 -2.31 48.53 -9.24
N ASP J 177 -3.57 48.96 -9.09
CA ASP J 177 -4.10 50.08 -9.87
C ASP J 177 -3.29 51.37 -9.66
N ASP J 178 -3.30 51.87 -8.42
CA ASP J 178 -2.57 53.09 -8.10
C ASP J 178 -1.14 52.76 -7.68
N GLU J 179 -0.22 52.88 -8.61
CA GLU J 179 1.17 52.56 -8.31
C GLU J 179 1.77 53.44 -7.20
N SER J 180 0.90 54.17 -6.49
CA SER J 180 1.33 55.01 -5.39
C SER J 180 1.43 54.15 -4.13
N ARG J 181 0.34 53.44 -3.83
CA ARG J 181 0.24 52.54 -2.68
C ARG J 181 0.46 51.08 -3.12
N ALA J 182 1.31 50.91 -4.13
CA ALA J 182 1.63 49.59 -4.68
C ALA J 182 2.46 48.70 -3.76
N GLY J 183 3.00 49.23 -2.67
CA GLY J 183 3.77 48.40 -1.76
C GLY J 183 2.81 47.69 -0.82
N ARG J 184 3.04 46.40 -0.55
CA ARG J 184 2.17 45.61 0.33
C ARG J 184 2.84 44.83 1.46
N ILE J 185 2.08 44.58 2.52
CA ILE J 185 2.59 43.84 3.66
C ILE J 185 1.60 42.74 4.02
N VAL J 186 2.08 41.49 4.03
CA VAL J 186 1.27 40.34 4.40
C VAL J 186 1.88 39.68 5.65
N SER J 187 1.03 39.37 6.62
CA SER J 187 1.44 38.73 7.87
C SER J 187 0.83 37.34 7.93
N TYR J 188 1.41 36.46 8.74
CA TYR J 188 0.87 35.11 8.80
C TYR J 188 0.49 34.53 10.15
N ASP J 189 -0.22 33.40 10.08
CA ASP J 189 -0.67 32.66 11.24
C ASP J 189 0.36 31.59 11.45
N VAL J 190 -0.01 30.59 12.22
CA VAL J 190 0.87 29.47 12.47
C VAL J 190 0.10 28.33 11.83
N VAL J 191 -1.21 28.53 11.75
CA VAL J 191 -2.10 27.58 11.11
C VAL J 191 -2.18 28.00 9.65
N GLY J 192 -1.33 28.96 9.28
CA GLY J 192 -1.28 29.38 7.90
C GLY J 192 -2.24 30.41 7.37
N GLY J 193 -2.65 31.36 8.20
CA GLY J 193 -3.54 32.38 7.70
C GLY J 193 -2.76 33.49 6.98
N ARG J 194 -3.35 34.07 5.95
CA ARG J 194 -2.74 35.14 5.17
C ARG J 194 -3.44 36.43 5.53
N TYR J 195 -2.72 37.46 5.94
CA TYR J 195 -3.38 38.73 6.32
C TYR J 195 -2.75 39.98 5.73
N GLU J 196 -3.60 40.91 5.33
CA GLU J 196 -3.15 42.16 4.74
C GLU J 196 -2.83 43.17 5.81
N GLU J 197 -1.76 43.93 5.59
CA GLU J 197 -1.33 44.96 6.52
C GLU J 197 -2.41 46.05 6.67
N ARG J 198 -2.56 46.87 5.64
CA ARG J 198 -3.55 47.96 5.62
C ARG J 198 -3.39 48.99 6.73
N ALA J 199 -2.16 49.26 7.12
CA ALA J 199 -1.87 50.23 8.17
C ALA J 199 -0.46 50.76 7.94
N GLY J 200 0.13 50.35 6.81
CA GLY J 200 1.45 50.80 6.41
C GLY J 200 2.68 50.22 7.09
N TYR J 201 2.46 49.50 8.18
CA TYR J 201 3.58 48.89 8.90
C TYR J 201 3.16 47.66 9.68
N HIS J 202 4.15 46.87 10.03
CA HIS J 202 3.90 45.68 10.82
C HIS J 202 5.22 45.09 11.26
N ALA J 203 5.13 44.08 12.09
CA ALA J 203 6.33 43.48 12.56
C ALA J 203 6.03 42.12 13.17
N VAL J 204 7.09 41.33 13.29
CA VAL J 204 6.98 40.01 13.87
C VAL J 204 8.23 39.75 14.68
N GLY J 205 8.11 38.89 15.68
CA GLY J 205 9.25 38.56 16.51
C GLY J 205 8.97 38.91 17.94
N SER J 206 9.95 38.66 18.80
CA SER J 206 9.81 38.96 20.23
C SER J 206 9.51 40.44 20.52
N GLY J 207 10.33 41.34 19.94
CA GLY J 207 10.16 42.77 20.16
C GLY J 207 9.16 43.38 19.22
N SER J 208 8.32 42.56 18.62
CA SER J 208 7.33 43.05 17.70
C SER J 208 6.32 44.00 18.35
N LEU J 209 5.79 43.62 19.52
CA LEU J 209 4.81 44.43 20.25
C LEU J 209 5.38 45.82 20.54
N ALA J 210 6.69 45.83 20.80
CA ALA J 210 7.45 47.01 21.09
C ALA J 210 7.50 47.86 19.85
N ALA J 211 8.18 47.34 18.85
CA ALA J 211 8.35 48.01 17.57
C ALA J 211 7.05 48.50 16.99
N LYS J 212 6.02 47.65 16.97
CA LYS J 212 4.72 48.05 16.44
C LYS J 212 4.27 49.30 17.13
N SER J 213 4.52 49.38 18.44
CA SER J 213 4.13 50.54 19.26
C SER J 213 4.98 51.77 18.97
N ALA J 214 6.27 51.57 18.77
CA ALA J 214 7.15 52.67 18.44
C ALA J 214 6.62 53.27 17.10
N LEU J 215 6.38 52.42 16.10
CA LEU J 215 5.89 52.91 14.83
C LEU J 215 4.56 53.64 14.93
N LYS J 216 3.71 53.20 15.86
CA LYS J 216 2.38 53.79 16.08
C LYS J 216 2.54 55.27 16.39
N LYS J 217 3.76 55.64 16.77
CA LYS J 217 4.06 57.02 17.06
C LYS J 217 4.96 57.59 16.01
N ILE J 218 6.12 56.98 15.80
CA ILE J 218 7.10 57.50 14.84
C ILE J 218 6.89 57.21 13.36
N TYR J 219 5.69 56.82 12.95
CA TYR J 219 5.50 56.55 11.53
C TYR J 219 4.32 57.30 10.92
N SER J 220 4.52 57.77 9.70
CA SER J 220 3.49 58.51 8.98
C SER J 220 3.43 58.01 7.54
N PRO J 221 2.21 57.95 6.96
CA PRO J 221 1.98 57.49 5.59
C PRO J 221 2.98 58.01 4.58
N ASP J 222 2.59 57.95 3.30
CA ASP J 222 3.44 58.37 2.20
C ASP J 222 4.67 59.14 2.70
N SER J 223 5.84 58.52 2.64
CA SER J 223 7.06 59.19 3.06
C SER J 223 8.26 58.71 2.22
N ASP J 224 9.43 59.27 2.51
CA ASP J 224 10.65 58.94 1.80
C ASP J 224 11.03 57.48 2.00
N GLU J 225 11.96 57.02 1.19
CA GLU J 225 12.47 55.66 1.33
C GLU J 225 13.72 55.87 2.17
N GLU J 226 13.78 57.03 2.82
CA GLU J 226 14.88 57.39 3.69
C GLU J 226 14.23 57.57 5.05
N THR J 227 13.04 58.17 5.02
CA THR J 227 12.24 58.42 6.21
C THR J 227 11.80 57.10 6.82
N ALA J 228 11.22 56.23 6.00
CA ALA J 228 10.75 54.92 6.45
C ALA J 228 11.91 54.05 6.91
N LEU J 229 12.99 54.06 6.14
CA LEU J 229 14.15 53.27 6.52
C LEU J 229 14.67 53.82 7.82
N ARG J 230 14.30 55.07 8.12
CA ARG J 230 14.70 55.73 9.36
C ARG J 230 13.82 55.24 10.52
N ALA J 231 12.50 55.30 10.34
CA ALA J 231 11.53 54.87 11.33
C ALA J 231 11.65 53.38 11.64
N ALA J 232 12.17 52.64 10.68
CA ALA J 232 12.39 51.21 10.82
C ALA J 232 13.51 50.98 11.80
N ILE J 233 14.69 51.52 11.51
CA ILE J 233 15.86 51.38 12.37
C ILE J 233 15.52 51.90 13.77
N GLU J 234 14.51 52.76 13.83
CA GLU J 234 14.06 53.35 15.09
C GLU J 234 13.32 52.36 15.96
N SER J 235 12.16 51.90 15.49
CA SER J 235 11.32 50.93 16.23
C SER J 235 12.13 49.67 16.54
N LEU J 236 13.05 49.35 15.64
CA LEU J 236 13.95 48.22 15.75
C LEU J 236 14.91 48.48 16.92
N TYR J 237 15.04 49.75 17.31
CA TYR J 237 15.91 50.15 18.41
C TYR J 237 15.09 50.02 19.68
N ASP J 238 13.85 50.49 19.60
CA ASP J 238 12.92 50.42 20.71
C ASP J 238 12.57 48.97 21.04
N ALA J 239 12.53 48.10 20.03
CA ALA J 239 12.24 46.67 20.24
C ALA J 239 13.38 46.09 21.08
N ALA J 240 14.60 46.54 20.82
CA ALA J 240 15.75 46.07 21.58
C ALA J 240 15.77 46.63 23.02
N ASP J 241 15.09 47.76 23.23
CA ASP J 241 15.06 48.34 24.55
C ASP J 241 14.28 47.46 25.49
N ASP J 242 13.07 47.07 25.07
CA ASP J 242 12.22 46.24 25.91
C ASP J 242 12.17 44.76 25.53
N ASP J 243 13.32 44.16 25.22
CA ASP J 243 13.33 42.76 24.84
C ASP J 243 14.73 42.23 24.60
N SER J 244 15.23 41.46 25.57
CA SER J 244 16.57 40.89 25.51
C SER J 244 16.83 39.96 24.35
N ALA J 245 15.75 39.47 23.77
CA ALA J 245 15.87 38.53 22.68
C ALA J 245 16.26 39.20 21.37
N THR J 246 15.99 40.50 21.28
CA THR J 246 16.31 41.28 20.10
C THR J 246 17.64 41.98 20.34
N GLY J 247 17.63 43.30 20.48
CA GLY J 247 18.90 43.99 20.69
C GLY J 247 19.35 44.54 19.35
N GLY J 248 18.62 45.55 18.88
CA GLY J 248 18.90 46.18 17.62
C GLY J 248 20.29 46.72 17.36
N PRO J 249 20.36 47.92 16.76
CA PRO J 249 21.62 48.57 16.43
C PRO J 249 22.60 48.64 17.57
N ASP J 250 23.79 48.07 17.40
CA ASP J 250 24.82 48.14 18.43
C ASP J 250 26.02 48.88 17.83
N LEU J 251 26.13 50.17 18.15
CA LEU J 251 27.19 51.01 17.64
C LEU J 251 28.60 50.52 18.00
N THR J 252 28.78 50.10 19.25
CA THR J 252 30.06 49.61 19.74
C THR J 252 30.61 48.38 19.04
N ARG J 253 29.74 47.42 18.74
CA ARG J 253 30.14 46.17 18.09
C ARG J 253 30.14 46.23 16.57
N GLY J 254 29.33 47.13 16.00
CA GLY J 254 29.25 47.22 14.55
C GLY J 254 28.18 46.31 13.99
N ILE J 255 27.21 46.00 14.86
CA ILE J 255 26.09 45.15 14.54
C ILE J 255 24.94 46.04 14.07
N TYR J 256 24.67 46.05 12.76
CA TYR J 256 23.59 46.86 12.25
C TYR J 256 22.47 46.06 11.58
N PRO J 257 21.22 46.49 11.80
CA PRO J 257 19.98 45.89 11.28
C PRO J 257 20.09 45.63 9.82
N THR J 258 19.47 44.55 9.36
CA THR J 258 19.49 44.25 7.93
C THR J 258 18.23 44.84 7.32
N ALA J 259 18.37 45.36 6.10
CA ALA J 259 17.25 45.99 5.47
C ALA J 259 17.13 45.66 4.00
N VAL J 260 15.94 45.95 3.45
CA VAL J 260 15.64 45.71 2.04
C VAL J 260 14.42 46.51 1.62
N THR J 261 14.56 47.18 0.49
CA THR J 261 13.50 48.00 -0.04
C THR J 261 13.11 47.44 -1.38
N ILE J 262 11.82 47.54 -1.70
CA ILE J 262 11.33 47.06 -2.97
C ILE J 262 10.54 48.20 -3.57
N THR J 263 10.66 48.39 -4.87
CA THR J 263 9.95 49.47 -5.54
C THR J 263 9.61 49.11 -6.97
N GLN J 264 9.29 50.10 -7.80
CA GLN J 264 8.94 49.83 -9.20
C GLN J 264 10.16 49.36 -10.02
N ALA J 265 11.34 49.46 -9.38
CA ALA J 265 12.60 49.05 -10.01
C ALA J 265 12.96 47.66 -9.56
N GLY J 266 12.34 47.27 -8.44
CA GLY J 266 12.59 45.97 -7.87
C GLY J 266 13.10 46.09 -6.46
N ALA J 267 13.49 44.97 -5.89
CA ALA J 267 14.00 44.96 -4.55
C ALA J 267 15.51 44.95 -4.51
N VAL J 268 16.05 45.75 -3.59
CA VAL J 268 17.49 45.86 -3.42
C VAL J 268 17.89 45.95 -1.95
N HIS J 269 18.90 45.17 -1.57
CA HIS J 269 19.38 45.14 -0.19
C HIS J 269 20.23 46.38 0.16
N VAL J 270 19.74 47.17 1.11
CA VAL J 270 20.39 48.41 1.58
C VAL J 270 21.78 48.13 2.05
N SER J 271 22.71 49.05 1.73
CA SER J 271 24.13 48.94 2.08
C SER J 271 24.44 49.08 3.55
N GLU J 272 25.53 48.47 3.99
CA GLU J 272 25.96 48.53 5.38
C GLU J 272 26.23 49.98 5.81
N GLU J 273 26.57 50.83 4.85
CA GLU J 273 26.83 52.24 5.11
C GLU J 273 25.54 52.99 5.33
N THR J 274 24.61 52.86 4.40
CA THR J 274 23.31 53.54 4.49
C THR J 274 22.61 53.21 5.80
N THR J 275 23.03 52.13 6.45
CA THR J 275 22.43 51.69 7.70
C THR J 275 23.12 52.30 8.92
N SER J 276 24.43 52.10 9.05
CA SER J 276 25.18 52.65 10.18
C SER J 276 25.11 54.19 10.29
N GLU J 277 25.43 54.89 9.21
CA GLU J 277 25.37 56.35 9.21
C GLU J 277 23.92 56.79 9.31
N LEU J 278 23.03 55.82 9.44
CA LEU J 278 21.61 56.09 9.54
C LEU J 278 21.18 55.86 10.98
N ALA J 279 21.79 54.86 11.62
CA ALA J 279 21.48 54.52 13.00
C ALA J 279 22.15 55.49 13.95
N ARG J 280 23.29 56.01 13.52
CA ARG J 280 24.05 56.97 14.30
C ARG J 280 23.18 58.22 14.43
N ARG J 281 22.48 58.54 13.35
CA ARG J 281 21.58 59.70 13.26
C ARG J 281 20.40 59.51 14.23
N ILE J 282 19.85 58.31 14.23
CA ILE J 282 18.73 57.99 15.08
C ILE J 282 19.10 58.21 16.54
N VAL J 283 20.31 57.77 16.92
CA VAL J 283 20.79 57.92 18.29
C VAL J 283 20.81 59.38 18.75
N ALA J 284 19.82 59.74 19.58
CA ALA J 284 19.68 61.10 20.10
C ALA J 284 19.38 62.07 18.97
N ASN K 22 20.25 9.19 -8.18
CA ASN K 22 19.60 9.55 -9.48
C ASN K 22 19.43 11.07 -9.59
N LEU K 23 20.27 11.73 -8.80
CA LEU K 23 20.39 13.16 -8.67
C LEU K 23 21.83 13.27 -8.17
N SER K 24 22.54 12.15 -8.33
CA SER K 24 23.92 12.01 -7.93
C SER K 24 24.13 12.04 -6.41
N SER K 25 23.03 11.85 -5.69
CA SER K 25 23.08 11.81 -4.23
C SER K 25 23.16 10.35 -3.77
N PHE K 26 24.25 9.95 -3.14
CA PHE K 26 24.34 8.56 -2.68
C PHE K 26 23.20 8.26 -1.71
N THR K 27 23.02 9.21 -0.81
CA THR K 27 21.97 9.20 0.21
C THR K 27 20.61 8.89 -0.40
N ASP K 28 20.17 9.78 -1.28
CA ASP K 28 18.90 9.68 -1.99
C ASP K 28 18.72 8.31 -2.64
N TYR K 29 19.82 7.65 -2.97
CA TYR K 29 19.73 6.33 -3.59
C TYR K 29 19.22 5.37 -2.53
N LEU K 30 19.75 5.50 -1.31
CA LEU K 30 19.34 4.64 -0.22
C LEU K 30 17.90 4.98 0.10
N ARG K 31 17.64 6.30 0.12
CA ARG K 31 16.32 6.81 0.41
C ARG K 31 15.29 5.92 -0.24
N GLY K 32 15.49 5.62 -1.53
CA GLY K 32 14.55 4.79 -2.27
C GLY K 32 14.88 3.32 -2.56
N HIS K 33 16.10 2.86 -2.26
CA HIS K 33 16.50 1.47 -2.53
C HIS K 33 16.99 0.74 -1.32
N ALA K 34 17.19 1.48 -0.23
CA ALA K 34 17.68 0.87 0.98
C ALA K 34 17.56 1.90 2.09
N PRO K 35 16.32 2.14 2.54
CA PRO K 35 15.96 3.07 3.60
C PRO K 35 16.50 2.72 4.97
N GLU K 36 16.83 1.44 5.16
CA GLU K 36 17.36 0.97 6.44
C GLU K 36 18.77 1.48 6.75
N LEU K 37 19.15 2.63 6.20
CA LEU K 37 20.47 3.17 6.44
C LEU K 37 20.44 4.66 6.74
N LEU K 38 19.25 5.15 7.09
CA LEU K 38 19.06 6.57 7.39
C LEU K 38 18.63 6.77 8.86
N ASP K 60 22.09 8.94 29.29
CA ASP K 60 23.28 8.45 28.61
C ASP K 60 23.35 6.93 28.51
N LEU K 61 22.59 6.39 27.59
CA LEU K 61 22.63 4.97 27.33
C LEU K 61 23.81 4.61 26.42
N ALA K 62 24.36 5.59 25.74
CA ALA K 62 25.41 5.24 24.80
C ALA K 62 26.37 6.38 24.60
N PRO K 63 27.69 6.06 24.69
CA PRO K 63 29.03 6.83 24.62
C PRO K 63 29.14 8.17 23.89
N HIS K 64 28.99 9.18 24.71
CA HIS K 64 28.87 10.57 24.41
C HIS K 64 30.01 11.35 23.77
N GLY K 65 29.70 12.64 23.79
CA GLY K 65 30.62 13.62 23.23
C GLY K 65 31.43 14.32 24.31
N THR K 66 32.12 15.46 23.41
CA THR K 66 33.41 16.10 23.61
C THR K 66 33.48 17.41 22.83
N THR K 67 34.52 18.19 23.07
CA THR K 67 34.72 19.48 22.39
C THR K 67 35.57 19.48 21.08
N ILE K 68 35.21 20.35 20.13
CA ILE K 68 35.89 20.52 18.83
C ILE K 68 35.91 22.00 18.40
N VAL K 69 37.11 22.47 18.09
CA VAL K 69 37.34 23.85 17.70
C VAL K 69 37.63 24.06 16.23
N ALA K 70 37.40 25.26 15.74
CA ALA K 70 37.69 25.57 14.34
C ALA K 70 38.21 26.97 14.20
N LEU K 71 39.33 27.09 13.47
CA LEU K 71 39.99 28.38 13.23
C LEU K 71 40.29 28.65 11.76
N THR K 72 40.18 29.92 11.41
CA THR K 72 40.42 30.42 10.06
C THR K 72 41.76 31.09 10.11
N TYR K 73 42.43 31.16 8.95
CA TYR K 73 43.71 31.83 8.88
C TYR K 73 44.21 32.08 7.46
N LYS K 74 45.38 32.70 7.38
CA LYS K 74 46.00 33.07 6.09
C LYS K 74 45.89 31.93 5.12
N GLY K 75 46.58 30.84 5.40
CA GLY K 75 46.52 29.70 4.49
C GLY K 75 45.08 29.25 4.24
N GLY K 76 44.58 28.45 5.17
CA GLY K 76 43.22 27.95 5.09
C GLY K 76 42.51 27.99 6.44
N VAL K 77 42.04 26.81 6.86
CA VAL K 77 41.32 26.62 8.12
C VAL K 77 41.69 25.27 8.72
N LEU K 78 41.32 25.06 9.98
CA LEU K 78 41.61 23.77 10.61
C LEU K 78 40.63 23.37 11.68
N LEU K 79 40.71 22.09 12.02
CA LEU K 79 39.88 21.51 13.07
C LEU K 79 40.77 20.82 14.10
N ALA K 80 40.37 20.95 15.36
CA ALA K 80 41.08 20.34 16.45
C ALA K 80 40.00 19.90 17.41
N GLY K 81 40.07 18.66 17.87
CA GLY K 81 39.05 18.21 18.77
C GLY K 81 39.58 17.29 19.83
N ASP K 82 38.88 17.21 20.96
CA ASP K 82 39.27 16.36 22.09
C ASP K 82 39.13 14.89 21.64
N ARG K 83 39.50 13.95 22.51
CA ARG K 83 39.41 12.53 22.15
C ARG K 83 38.79 11.72 23.27
N ARG K 84 38.18 12.41 24.24
CA ARG K 84 37.56 11.73 25.37
C ARG K 84 36.07 11.52 25.19
N ALA K 85 35.69 10.25 25.17
CA ALA K 85 34.30 9.84 25.02
C ALA K 85 33.79 9.48 26.40
N THR K 86 32.71 10.12 26.81
CA THR K 86 32.17 9.91 28.14
C THR K 86 30.69 9.58 28.23
N GLN K 87 30.38 8.35 28.64
CA GLN K 87 29.00 7.92 28.80
C GLN K 87 28.69 8.02 30.27
N GLY K 88 28.01 9.07 30.68
CA GLY K 88 27.71 9.25 32.08
C GLY K 88 28.79 10.19 32.59
N ASN K 89 29.39 9.88 33.73
CA ASN K 89 30.46 10.71 34.28
C ASN K 89 31.68 9.83 34.11
N LEU K 90 31.43 8.62 33.66
CA LEU K 90 32.45 7.63 33.42
C LEU K 90 33.09 7.85 32.07
N ILE K 91 34.40 7.70 32.01
CA ILE K 91 35.13 7.87 30.76
C ILE K 91 35.03 6.54 30.01
N ALA K 92 34.71 6.60 28.72
CA ALA K 92 34.56 5.39 27.89
C ALA K 92 35.72 5.12 26.96
N SER K 93 36.44 6.16 26.60
CA SER K 93 37.59 6.00 25.72
C SER K 93 38.25 7.33 25.69
N ARG K 94 39.58 7.34 25.64
CA ARG K 94 40.35 8.59 25.60
C ARG K 94 41.15 8.76 24.29
N ASP K 95 40.87 7.95 23.27
CA ASP K 95 41.61 8.04 22.02
C ASP K 95 40.72 8.10 20.79
N VAL K 96 39.45 8.46 20.98
CA VAL K 96 38.49 8.53 19.88
C VAL K 96 38.70 9.76 19.00
N GLU K 97 38.73 9.57 17.68
CA GLU K 97 38.91 10.68 16.74
C GLU K 97 37.55 11.30 16.42
N LYS K 98 37.44 12.62 16.62
CA LYS K 98 36.20 13.32 16.40
C LYS K 98 36.17 14.11 15.10
N VAL K 99 37.36 14.31 14.52
CA VAL K 99 37.47 15.03 13.25
C VAL K 99 37.94 14.12 12.12
N TYR K 100 37.20 14.20 11.03
CA TYR K 100 37.48 13.42 9.86
C TYR K 100 37.64 14.31 8.64
N VAL K 101 38.34 13.79 7.63
CA VAL K 101 38.53 14.53 6.39
C VAL K 101 37.40 14.04 5.49
N THR K 102 36.44 14.91 5.20
CA THR K 102 35.32 14.56 4.36
C THR K 102 35.78 14.39 2.91
N ASP K 103 36.59 15.32 2.43
CA ASP K 103 37.09 15.23 1.07
C ASP K 103 38.40 16.01 0.87
N GLU K 104 38.97 15.89 -0.32
CA GLU K 104 40.19 16.59 -0.67
C GLU K 104 40.30 17.95 -0.03
N TYR K 105 39.28 18.79 -0.18
CA TYR K 105 39.35 20.15 0.35
C TYR K 105 38.38 20.55 1.44
N SER K 106 38.15 19.61 2.37
CA SER K 106 37.24 19.84 3.51
C SER K 106 37.19 18.69 4.49
N ALA K 107 36.66 18.99 5.67
CA ALA K 107 36.53 18.01 6.72
C ALA K 107 35.62 18.56 7.80
N ALA K 108 35.24 17.71 8.73
CA ALA K 108 34.35 18.13 9.77
C ALA K 108 34.51 17.34 11.06
N GLY K 109 33.98 17.87 12.14
CA GLY K 109 34.03 17.20 13.41
C GLY K 109 32.59 17.18 13.87
N ILE K 110 32.20 16.11 14.55
CA ILE K 110 30.83 15.99 15.04
C ILE K 110 30.78 15.77 16.55
N ALA K 111 29.84 16.45 17.19
CA ALA K 111 29.66 16.32 18.63
C ALA K 111 28.23 15.83 18.92
N GLY K 112 28.14 14.87 19.83
CA GLY K 112 26.87 14.28 20.15
C GLY K 112 27.09 12.79 20.25
N THR K 113 26.03 12.00 20.27
CA THR K 113 26.17 10.56 20.39
C THR K 113 27.21 10.02 19.40
N ALA K 114 28.32 9.47 19.91
CA ALA K 114 29.39 8.94 19.04
C ALA K 114 28.85 8.01 17.96
N GLY K 115 28.05 7.03 18.36
CA GLY K 115 27.49 6.07 17.42
C GLY K 115 26.88 6.75 16.24
N ILE K 116 25.92 7.63 16.51
CA ILE K 116 25.22 8.38 15.47
C ILE K 116 26.18 9.28 14.69
N ALA K 117 27.04 10.00 15.40
CA ALA K 117 27.98 10.90 14.75
C ALA K 117 28.95 10.25 13.79
N ILE K 118 29.37 9.05 14.10
CA ILE K 118 30.29 8.36 13.20
C ILE K 118 29.63 8.03 11.85
N GLU K 119 28.73 7.05 11.87
CA GLU K 119 28.01 6.67 10.65
C GLU K 119 27.63 7.93 9.87
N LEU K 120 27.26 9.01 10.56
CA LEU K 120 26.84 10.23 9.87
C LEU K 120 27.90 10.89 9.06
N VAL K 121 29.13 10.93 9.57
CA VAL K 121 30.20 11.58 8.80
C VAL K 121 30.70 10.66 7.67
N ARG K 122 30.71 9.36 7.92
CA ARG K 122 31.13 8.35 6.95
C ARG K 122 30.25 8.41 5.73
N LEU K 123 28.99 8.66 6.00
CA LEU K 123 28.01 8.77 4.95
C LEU K 123 28.31 10.08 4.26
N PHE K 124 28.59 11.13 5.03
CA PHE K 124 28.83 12.44 4.39
C PHE K 124 29.97 12.39 3.44
N ALA K 125 30.99 11.68 3.84
CA ALA K 125 32.15 11.54 3.02
C ALA K 125 31.65 10.92 1.73
N VAL K 126 31.05 9.74 1.82
CA VAL K 126 30.56 9.07 0.61
C VAL K 126 29.65 9.95 -0.24
N GLU K 127 28.69 10.58 0.38
CA GLU K 127 27.83 11.41 -0.40
C GLU K 127 28.71 12.26 -1.30
N LEU K 128 29.74 12.86 -0.75
CA LEU K 128 30.59 13.72 -1.55
C LEU K 128 31.35 12.96 -2.62
N GLU K 129 32.15 11.97 -2.22
CA GLU K 129 32.93 11.24 -3.21
C GLU K 129 32.10 10.71 -4.38
N HIS K 130 30.93 10.14 -4.07
CA HIS K 130 30.02 9.59 -5.06
C HIS K 130 29.51 10.71 -5.93
N TYR K 131 29.21 11.86 -5.38
CA TYR K 131 28.74 12.89 -6.27
C TYR K 131 29.82 13.26 -7.28
N GLU K 132 31.09 13.13 -6.90
CA GLU K 132 32.21 13.47 -7.80
C GLU K 132 32.31 12.47 -8.96
N LYS K 133 32.62 11.22 -8.63
CA LYS K 133 32.71 10.15 -9.61
C LYS K 133 31.56 10.21 -10.63
N ILE K 134 30.36 10.63 -10.20
CA ILE K 134 29.24 10.67 -11.14
C ILE K 134 29.25 11.92 -11.94
N GLU K 135 29.35 13.06 -11.28
CA GLU K 135 29.34 14.32 -12.00
C GLU K 135 30.69 14.63 -12.58
N GLY K 136 31.69 13.84 -12.24
CA GLY K 136 33.01 14.13 -12.77
C GLY K 136 33.67 15.25 -11.98
N VAL K 137 32.89 16.23 -11.52
CA VAL K 137 33.44 17.32 -10.74
C VAL K 137 33.01 17.20 -9.28
N PRO K 138 33.56 18.01 -8.39
CA PRO K 138 33.14 17.90 -7.00
C PRO K 138 32.04 18.93 -6.71
N LEU K 139 31.50 18.88 -5.51
CA LEU K 139 30.43 19.79 -5.14
C LEU K 139 31.01 21.10 -4.66
N THR K 140 30.23 22.17 -4.78
CA THR K 140 30.64 23.47 -4.31
C THR K 140 30.90 23.23 -2.83
N PHE K 141 31.45 24.20 -2.12
CA PHE K 141 31.63 24.00 -0.67
C PHE K 141 30.21 24.16 -0.14
N ASP K 142 29.54 25.18 -0.67
CA ASP K 142 28.16 25.48 -0.30
C ASP K 142 27.22 24.31 -0.58
N GLY K 143 27.65 23.39 -1.45
CA GLY K 143 26.83 22.22 -1.73
C GLY K 143 27.09 21.23 -0.59
N LYS K 144 28.35 20.83 -0.43
CA LYS K 144 28.76 19.89 0.61
C LYS K 144 28.06 20.23 1.91
N ALA K 145 27.87 21.53 2.13
CA ALA K 145 27.26 22.04 3.35
C ALA K 145 25.78 21.79 3.36
N ASN K 146 25.13 22.18 2.27
CA ASN K 146 23.71 22.00 2.23
C ASN K 146 23.36 20.53 2.36
N ARG K 147 24.26 19.67 1.89
CA ARG K 147 24.05 18.22 2.00
C ARG K 147 24.14 17.77 3.45
N LEU K 148 25.25 18.13 4.07
CA LEU K 148 25.50 17.77 5.46
C LEU K 148 24.28 18.20 6.28
N ALA K 149 23.73 19.38 5.97
CA ALA K 149 22.60 19.86 6.76
C ALA K 149 21.38 19.01 6.52
N SER K 150 21.20 18.51 5.32
CA SER K 150 20.05 17.66 5.08
C SER K 150 20.24 16.40 5.92
N MET K 151 21.42 15.80 5.88
CA MET K 151 21.63 14.63 6.69
C MET K 151 21.38 14.87 8.19
N VAL K 152 21.64 16.09 8.68
CA VAL K 152 21.41 16.42 10.09
C VAL K 152 19.93 16.54 10.33
N ARG K 153 19.25 17.25 9.45
CA ARG K 153 17.82 17.39 9.62
C ARG K 153 17.23 16.01 9.67
N GLY K 154 17.87 15.10 8.97
CA GLY K 154 17.37 13.73 8.95
C GLY K 154 17.45 13.00 10.26
N ASN K 155 18.29 13.46 11.19
CA ASN K 155 18.46 12.83 12.50
C ASN K 155 17.63 13.55 13.54
N LEU K 156 16.92 14.61 13.11
CA LEU K 156 16.09 15.38 14.05
C LEU K 156 15.23 14.47 14.89
N GLY K 157 14.70 13.41 14.30
CA GLY K 157 13.91 12.52 15.12
C GLY K 157 14.68 12.00 16.34
N ALA K 158 15.83 11.40 16.06
CA ALA K 158 16.65 10.83 17.10
C ALA K 158 17.11 11.92 18.04
N ALA K 159 17.28 13.13 17.49
CA ALA K 159 17.72 14.26 18.27
C ALA K 159 16.76 14.55 19.43
N MET K 160 15.47 14.63 19.12
CA MET K 160 14.50 14.91 20.15
C MET K 160 14.31 13.72 21.09
N GLN K 161 15.12 12.69 20.94
CA GLN K 161 15.01 11.56 21.85
C GLN K 161 16.31 11.35 22.61
N GLY K 162 17.10 12.43 22.72
CA GLY K 162 18.38 12.40 23.42
C GLY K 162 19.60 12.18 22.55
N LEU K 163 19.48 11.22 21.62
CA LEU K 163 20.53 10.83 20.69
C LEU K 163 20.82 11.89 19.63
N ALA K 164 21.15 13.11 20.05
CA ALA K 164 21.44 14.13 19.06
C ALA K 164 22.92 14.24 18.75
N VAL K 165 23.22 14.89 17.62
CA VAL K 165 24.58 15.10 17.12
C VAL K 165 24.61 16.37 16.31
N VAL K 166 25.70 17.11 16.40
CA VAL K 166 25.84 18.35 15.65
C VAL K 166 27.27 18.46 15.15
N PRO K 167 27.44 18.74 13.86
CA PRO K 167 28.77 18.88 13.27
C PRO K 167 29.31 20.30 13.06
N LEU K 168 30.61 20.35 12.78
CA LEU K 168 31.32 21.58 12.49
C LEU K 168 32.01 21.30 11.19
N LEU K 169 31.65 22.05 10.16
CA LEU K 169 32.25 21.85 8.85
C LEU K 169 33.20 22.97 8.46
N VAL K 170 34.36 22.57 7.95
CA VAL K 170 35.36 23.50 7.52
C VAL K 170 35.87 23.09 6.15
N GLY K 171 36.44 24.04 5.41
CA GLY K 171 36.95 23.75 4.07
C GLY K 171 37.57 24.94 3.34
N TYR K 172 38.43 24.63 2.38
CA TYR K 172 39.07 25.65 1.57
C TYR K 172 38.14 25.78 0.37
N ASP K 173 37.43 26.90 0.26
CA ASP K 173 36.48 27.13 -0.85
C ASP K 173 37.11 27.41 -2.23
N LEU K 174 37.49 26.35 -2.94
CA LEU K 174 38.14 26.47 -4.25
C LEU K 174 37.46 27.46 -5.20
N ASP K 175 36.32 28.00 -4.81
CA ASP K 175 35.61 28.94 -5.68
C ASP K 175 35.52 30.31 -5.07
N ALA K 176 36.29 30.54 -4.02
CA ALA K 176 36.26 31.83 -3.34
C ALA K 176 37.09 32.85 -4.13
N ASP K 177 36.53 34.05 -4.31
CA ASP K 177 37.23 35.10 -5.03
C ASP K 177 38.63 35.34 -4.46
N ASP K 178 38.69 35.77 -3.19
CA ASP K 178 39.95 36.04 -2.51
C ASP K 178 40.52 34.81 -1.81
N GLU K 179 41.41 34.11 -2.48
CA GLU K 179 42.01 32.91 -1.92
C GLU K 179 42.76 33.18 -0.62
N SER K 180 42.62 34.39 -0.09
CA SER K 180 43.25 34.76 1.16
C SER K 180 42.35 34.29 2.29
N ARG K 181 41.07 34.68 2.21
CA ARG K 181 40.07 34.32 3.19
C ARG K 181 39.26 33.15 2.63
N ALA K 182 39.93 32.23 1.94
CA ALA K 182 39.27 31.08 1.33
C ALA K 182 38.90 30.00 2.30
N GLY K 183 39.22 30.20 3.57
CA GLY K 183 38.89 29.22 4.59
C GLY K 183 37.52 29.49 5.17
N ARG K 184 36.72 28.45 5.34
CA ARG K 184 35.38 28.62 5.86
C ARG K 184 34.96 27.69 7.01
N ILE K 185 34.04 28.20 7.82
CA ILE K 185 33.52 27.46 8.94
C ILE K 185 32.01 27.54 8.95
N VAL K 186 31.39 26.36 8.90
CA VAL K 186 29.94 26.26 8.97
C VAL K 186 29.52 25.49 10.23
N SER K 187 28.56 26.06 10.95
CA SER K 187 28.07 25.42 12.18
C SER K 187 26.66 24.94 11.89
N TYR K 188 26.11 24.08 12.76
CA TYR K 188 24.76 23.54 12.56
C TYR K 188 23.81 23.58 13.76
N ASP K 189 22.51 23.43 13.46
CA ASP K 189 21.41 23.43 14.42
C ASP K 189 21.21 21.99 14.74
N VAL K 190 20.02 21.64 15.20
CA VAL K 190 19.72 20.26 15.49
C VAL K 190 18.62 19.92 14.54
N VAL K 191 17.91 20.98 14.17
CA VAL K 191 16.81 20.91 13.22
C VAL K 191 17.37 21.05 11.82
N GLY K 192 18.72 21.04 11.73
CA GLY K 192 19.43 21.12 10.47
C GLY K 192 19.64 22.46 9.81
N GLY K 193 19.92 23.49 10.60
CA GLY K 193 20.16 24.78 10.00
C GLY K 193 21.62 24.86 9.66
N ARG K 194 21.96 25.62 8.62
CA ARG K 194 23.35 25.79 8.20
C ARG K 194 23.79 27.19 8.63
N TYR K 195 24.99 27.35 9.18
CA TYR K 195 25.42 28.70 9.58
C TYR K 195 26.86 29.03 9.27
N GLU K 196 27.08 30.26 8.80
CA GLU K 196 28.43 30.71 8.46
C GLU K 196 29.15 31.33 9.64
N GLU K 197 30.41 30.90 9.86
CA GLU K 197 31.23 31.40 10.96
C GLU K 197 31.33 32.92 10.96
N ARG K 198 32.09 33.47 10.00
CA ARG K 198 32.28 34.92 9.89
C ARG K 198 32.87 35.58 11.14
N ALA K 199 33.85 34.90 11.74
CA ALA K 199 34.54 35.43 12.92
C ALA K 199 35.82 34.63 13.16
N GLY K 200 36.25 33.94 12.12
CA GLY K 200 37.48 33.17 12.18
C GLY K 200 37.52 31.95 13.07
N TYR K 201 36.59 31.81 14.00
CA TYR K 201 36.64 30.63 14.84
C TYR K 201 35.33 30.17 15.41
N HIS K 202 35.29 28.90 15.73
CA HIS K 202 34.11 28.33 16.33
C HIS K 202 34.41 27.04 17.05
N ALA K 203 33.40 26.52 17.72
CA ALA K 203 33.60 25.30 18.42
C ALA K 203 32.25 24.74 18.77
N VAL K 204 32.25 23.44 19.04
CA VAL K 204 31.03 22.72 19.38
C VAL K 204 31.40 21.63 20.38
N GLY K 205 30.49 21.37 21.30
CA GLY K 205 30.73 20.37 22.33
C GLY K 205 30.45 20.92 23.70
N SER K 206 30.58 20.08 24.72
CA SER K 206 30.34 20.52 26.08
C SER K 206 31.19 21.77 26.42
N GLY K 207 32.51 21.67 26.16
CA GLY K 207 33.43 22.75 26.46
C GLY K 207 33.53 23.82 25.40
N SER K 208 32.57 23.85 24.49
CA SER K 208 32.61 24.85 23.44
C SER K 208 32.53 26.24 24.02
N LEU K 209 31.54 26.48 24.88
CA LEU K 209 31.38 27.78 25.49
C LEU K 209 32.68 28.30 26.04
N ALA K 210 33.47 27.39 26.62
CA ALA K 210 34.74 27.73 27.23
C ALA K 210 35.80 28.02 26.20
N ALA K 211 35.92 27.12 25.23
CA ALA K 211 36.91 27.29 24.17
C ALA K 211 36.64 28.55 23.37
N LYS K 212 35.37 28.81 23.06
CA LYS K 212 35.00 29.98 22.29
C LYS K 212 35.54 31.20 22.98
N SER K 213 35.33 31.26 24.29
CA SER K 213 35.76 32.38 25.12
C SER K 213 37.27 32.51 25.16
N ALA K 214 37.98 31.38 25.27
CA ALA K 214 39.43 31.42 25.22
C ALA K 214 39.86 32.13 23.90
N LEU K 215 39.38 31.61 22.77
CA LEU K 215 39.69 32.17 21.47
C LEU K 215 39.27 33.60 21.38
N LYS K 216 38.18 33.95 22.04
CA LYS K 216 37.74 35.33 21.98
C LYS K 216 38.90 36.21 22.47
N LYS K 217 39.90 35.60 23.10
CA LYS K 217 41.07 36.33 23.61
C LYS K 217 42.34 35.92 22.87
N ILE K 218 42.73 34.67 23.04
CA ILE K 218 43.93 34.15 22.42
C ILE K 218 43.87 33.96 20.91
N TYR K 219 43.00 34.68 20.20
CA TYR K 219 42.95 34.50 18.74
C TYR K 219 42.92 35.79 17.98
N SER K 220 43.60 35.77 16.83
CA SER K 220 43.69 36.91 15.95
C SER K 220 43.63 36.45 14.51
N PRO K 221 42.98 37.25 13.65
CA PRO K 221 42.81 36.99 12.22
C PRO K 221 44.07 36.47 11.53
N ASP K 222 44.12 36.67 10.22
CA ASP K 222 45.25 36.20 9.41
C ASP K 222 46.47 35.87 10.26
N SER K 223 46.75 34.58 10.40
CA SER K 223 47.90 34.13 11.17
C SER K 223 48.52 32.84 10.63
N ASP K 224 49.62 32.42 11.23
CA ASP K 224 50.31 31.21 10.79
C ASP K 224 49.47 29.96 10.93
N GLU K 225 49.85 28.92 10.20
CA GLU K 225 49.17 27.64 10.29
C GLU K 225 49.93 26.95 11.41
N GLU K 226 50.59 27.76 12.22
CA GLU K 226 51.34 27.28 13.36
C GLU K 226 50.77 28.04 14.56
N THR K 227 50.36 29.27 14.30
CA THR K 227 49.79 30.08 15.36
C THR K 227 48.36 29.64 15.66
N ALA K 228 47.57 29.42 14.62
CA ALA K 228 46.19 28.97 14.80
C ALA K 228 46.20 27.59 15.42
N LEU K 229 46.98 26.67 14.88
CA LEU K 229 47.05 25.34 15.45
C LEU K 229 47.46 25.46 16.92
N ARG K 230 48.08 26.60 17.25
CA ARG K 230 48.53 26.89 18.61
C ARG K 230 47.34 27.34 19.47
N ALA K 231 46.60 28.33 19.00
CA ALA K 231 45.42 28.82 19.71
C ALA K 231 44.36 27.73 19.87
N ALA K 232 44.42 26.71 19.01
CA ALA K 232 43.49 25.59 19.01
C ALA K 232 43.79 24.63 20.11
N ILE K 233 45.06 24.33 20.31
CA ILE K 233 45.44 23.44 21.39
C ILE K 233 45.26 24.17 22.73
N GLU K 234 45.29 25.49 22.66
CA GLU K 234 45.09 26.36 23.80
C GLU K 234 43.67 26.36 24.34
N SER K 235 42.71 26.78 23.51
CA SER K 235 41.31 26.82 23.93
C SER K 235 40.88 25.39 24.21
N LEU K 236 41.48 24.45 23.50
CA LEU K 236 41.16 23.07 23.72
C LEU K 236 41.60 22.70 25.16
N TYR K 237 42.52 23.49 25.72
CA TYR K 237 43.02 23.26 27.08
C TYR K 237 42.10 23.90 28.10
N ASP K 238 41.63 25.10 27.79
CA ASP K 238 40.75 25.85 28.68
C ASP K 238 39.38 25.20 28.70
N ALA K 239 39.01 24.56 27.60
CA ALA K 239 37.74 23.88 27.54
C ALA K 239 37.78 22.78 28.61
N ALA K 240 38.88 22.03 28.61
CA ALA K 240 39.09 20.94 29.57
C ALA K 240 39.18 21.40 31.01
N ASP K 241 39.56 22.65 31.21
CA ASP K 241 39.65 23.23 32.55
C ASP K 241 38.26 23.35 33.21
N ASP K 242 37.32 23.98 32.50
CA ASP K 242 35.98 24.19 33.01
C ASP K 242 34.97 23.21 32.41
N ASP K 243 35.32 21.93 32.33
CA ASP K 243 34.42 20.90 31.80
C ASP K 243 35.00 19.49 31.90
N SER K 244 34.42 18.69 32.78
CA SER K 244 34.85 17.31 33.00
C SER K 244 34.50 16.38 31.84
N ALA K 245 33.69 16.87 30.91
CA ALA K 245 33.28 16.04 29.76
C ALA K 245 34.33 16.11 28.65
N THR K 246 35.19 17.13 28.73
CA THR K 246 36.27 17.34 27.76
C THR K 246 37.57 16.78 28.37
N GLY K 247 38.54 17.65 28.68
CA GLY K 247 39.80 17.18 29.23
C GLY K 247 40.81 17.05 28.09
N GLY K 248 41.15 18.19 27.51
CA GLY K 248 42.08 18.24 26.40
C GLY K 248 43.42 17.55 26.58
N PRO K 249 44.53 18.23 26.25
CA PRO K 249 45.91 17.73 26.35
C PRO K 249 46.37 17.22 27.70
N ASP K 250 46.66 15.91 27.77
CA ASP K 250 47.14 15.27 28.99
C ASP K 250 48.56 14.73 28.75
N LEU K 251 49.55 15.55 29.14
CA LEU K 251 50.95 15.24 28.97
C LEU K 251 51.40 13.95 29.62
N THR K 252 50.83 13.66 30.79
CA THR K 252 51.16 12.46 31.55
C THR K 252 50.72 11.16 30.88
N ARG K 253 49.56 11.17 30.24
CA ARG K 253 49.04 9.97 29.59
C ARG K 253 49.44 9.79 28.13
N GLY K 254 49.70 10.88 27.43
CA GLY K 254 50.08 10.78 26.03
C GLY K 254 48.86 10.98 25.14
N ILE K 255 47.83 11.58 25.73
CA ILE K 255 46.57 11.86 25.05
C ILE K 255 46.61 13.27 24.45
N TYR K 256 46.77 13.36 23.13
CA TYR K 256 46.81 14.67 22.50
C TYR K 256 45.63 14.91 21.51
N PRO K 257 45.19 16.19 21.41
CA PRO K 257 44.09 16.66 20.54
C PRO K 257 44.31 16.29 19.09
N THR K 258 43.26 15.86 18.40
CA THR K 258 43.36 15.52 16.99
C THR K 258 43.14 16.76 16.15
N ALA K 259 43.99 16.97 15.16
CA ALA K 259 43.85 18.15 14.33
C ALA K 259 43.87 17.81 12.85
N VAL K 260 43.48 18.80 12.04
CA VAL K 260 43.46 18.70 10.59
C VAL K 260 43.37 20.10 10.01
N THR K 261 44.24 20.37 9.03
CA THR K 261 44.30 21.67 8.35
C THR K 261 44.02 21.51 6.88
N ILE K 262 43.33 22.49 6.32
CA ILE K 262 43.00 22.45 4.92
C ILE K 262 43.49 23.75 4.31
N THR K 263 44.05 23.65 3.11
CA THR K 263 44.58 24.81 2.44
C THR K 263 44.42 24.62 0.93
N GLN K 264 45.09 25.47 0.15
CA GLN K 264 44.99 25.39 -1.30
C GLN K 264 45.59 24.09 -1.81
N ALA K 265 46.21 23.35 -0.90
CA ALA K 265 46.83 22.08 -1.25
C ALA K 265 45.93 20.93 -0.85
N GLY K 266 44.92 21.25 -0.07
CA GLY K 266 44.00 20.23 0.39
C GLY K 266 44.08 20.05 1.90
N ALA K 267 43.44 19.00 2.37
CA ALA K 267 43.41 18.75 3.78
C ALA K 267 44.38 17.64 4.17
N VAL K 268 45.04 17.85 5.31
CA VAL K 268 45.98 16.88 5.86
C VAL K 268 45.91 16.86 7.38
N HIS K 269 45.96 15.65 7.91
CA HIS K 269 45.91 15.42 9.34
C HIS K 269 47.25 15.65 10.00
N VAL K 270 47.34 16.69 10.81
CA VAL K 270 48.54 17.02 11.57
C VAL K 270 49.14 15.79 12.28
N SER K 271 50.46 15.79 12.48
CA SER K 271 51.16 14.67 13.10
C SER K 271 51.16 14.68 14.62
N GLU K 272 51.14 13.47 15.19
CA GLU K 272 51.14 13.32 16.64
C GLU K 272 52.27 14.12 17.26
N GLU K 273 53.35 14.32 16.51
CA GLU K 273 54.50 15.07 16.99
C GLU K 273 54.22 16.55 16.98
N THR K 274 53.76 17.05 15.83
CA THR K 274 53.47 18.47 15.70
C THR K 274 52.51 18.93 16.77
N THR K 275 51.81 17.99 17.40
CA THR K 275 50.83 18.32 18.44
C THR K 275 51.44 18.28 19.84
N SER K 276 52.07 17.16 20.20
CA SER K 276 52.65 17.04 21.53
C SER K 276 53.67 18.12 21.83
N GLU K 277 54.68 18.27 20.95
CA GLU K 277 55.72 19.27 21.12
C GLU K 277 55.13 20.67 20.96
N LEU K 278 53.82 20.70 20.71
CA LEU K 278 53.08 21.94 20.52
C LEU K 278 52.28 22.27 21.79
N ALA K 279 51.79 21.22 22.45
CA ALA K 279 51.01 21.35 23.68
C ALA K 279 51.93 21.57 24.86
N ARG K 280 53.16 21.11 24.71
CA ARG K 280 54.19 21.25 25.74
C ARG K 280 54.60 22.72 25.76
N ARG K 281 54.59 23.32 24.58
CA ARG K 281 54.92 24.72 24.41
C ARG K 281 53.83 25.57 25.06
N ILE K 282 52.57 25.18 24.82
CA ILE K 282 51.44 25.91 25.39
C ILE K 282 51.48 25.94 26.91
N VAL K 283 51.76 24.79 27.53
CA VAL K 283 51.82 24.68 28.98
C VAL K 283 52.82 25.68 29.59
N ALA K 284 52.29 26.77 30.17
CA ALA K 284 53.08 27.83 30.78
C ALA K 284 53.83 28.60 29.71
N ASN L 22 21.59 -9.99 -2.44
CA ASN L 22 21.71 -9.24 -3.74
C ASN L 22 22.75 -8.11 -3.69
N LEU L 23 23.63 -8.28 -2.71
CA LEU L 23 24.76 -7.40 -2.41
C LEU L 23 25.57 -8.33 -1.53
N SER L 24 25.19 -9.60 -1.63
CA SER L 24 25.81 -10.68 -0.90
C SER L 24 25.57 -10.62 0.61
N SER L 25 24.55 -9.89 1.05
CA SER L 25 24.22 -9.80 2.47
C SER L 25 23.11 -10.79 2.80
N PHE L 26 23.38 -11.84 3.57
CA PHE L 26 22.31 -12.76 3.83
C PHE L 26 21.19 -11.99 4.48
N THR L 27 21.57 -11.16 5.44
CA THR L 27 20.65 -10.31 6.19
C THR L 27 19.71 -9.56 5.26
N ASP L 28 20.28 -8.66 4.47
CA ASP L 28 19.53 -7.86 3.49
C ASP L 28 18.55 -8.70 2.65
N TYR L 29 18.81 -9.99 2.50
CA TYR L 29 17.90 -10.87 1.75
C TYR L 29 16.63 -11.01 2.60
N LEU L 30 16.83 -11.24 3.88
CA LEU L 30 15.74 -11.38 4.81
C LEU L 30 14.96 -10.08 4.77
N ARG L 31 15.70 -8.98 4.87
CA ARG L 31 15.14 -7.63 4.85
C ARG L 31 13.99 -7.50 3.84
N GLY L 32 14.25 -7.98 2.63
CA GLY L 32 13.25 -7.89 1.60
C GLY L 32 12.45 -9.16 1.37
N HIS L 33 12.93 -10.32 1.80
CA HIS L 33 12.16 -11.55 1.54
C HIS L 33 11.60 -12.25 2.76
N ALA L 34 12.09 -11.89 3.93
CA ALA L 34 11.59 -12.50 5.14
C ALA L 34 11.95 -11.59 6.29
N PRO L 35 11.22 -10.46 6.42
CA PRO L 35 11.43 -9.46 7.47
C PRO L 35 11.21 -9.97 8.88
N GLU L 36 10.29 -10.90 9.05
CA GLU L 36 10.00 -11.49 10.34
C GLU L 36 11.22 -12.17 10.99
N LEU L 37 12.43 -11.75 10.62
CA LEU L 37 13.63 -12.37 11.19
C LEU L 37 14.66 -11.36 11.62
N LEU L 38 14.23 -10.12 11.87
CA LEU L 38 15.13 -9.07 12.28
C LEU L 38 14.73 -8.55 13.68
N ASP L 60 13.62 -7.49 34.42
CA ASP L 60 14.15 -8.77 33.97
C ASP L 60 13.09 -9.84 33.72
N LEU L 61 12.41 -9.70 32.59
CA LEU L 61 11.44 -10.70 32.20
C LEU L 61 12.13 -11.90 31.55
N ALA L 62 13.35 -11.75 31.13
CA ALA L 62 13.96 -12.86 30.43
C ALA L 62 15.47 -12.84 30.58
N PRO L 63 16.01 -14.04 30.93
CA PRO L 63 17.44 -14.56 31.25
C PRO L 63 18.68 -13.83 30.72
N HIS L 64 19.16 -12.97 31.60
CA HIS L 64 20.20 -12.01 31.43
C HIS L 64 21.64 -12.42 31.16
N GLY L 65 22.40 -11.34 31.26
CA GLY L 65 23.83 -11.44 31.02
C GLY L 65 24.61 -11.48 32.33
N THR L 66 26.07 -11.21 31.78
CA THR L 66 27.35 -11.73 32.28
C THR L 66 28.55 -11.01 31.68
N THR L 67 29.71 -11.17 32.31
CA THR L 67 30.94 -10.53 31.86
C THR L 67 31.76 -11.30 30.82
N ILE L 68 32.41 -10.57 29.90
CA ILE L 68 33.25 -11.21 28.88
C ILE L 68 34.47 -10.35 28.65
N VAL L 69 35.64 -11.01 28.59
CA VAL L 69 36.92 -10.33 28.42
C VAL L 69 37.61 -10.61 27.12
N ALA L 70 38.42 -9.63 26.70
CA ALA L 70 39.18 -9.71 25.44
C ALA L 70 40.63 -9.22 25.57
N LEU L 71 41.56 -10.04 25.11
CA LEU L 71 42.99 -9.74 25.18
C LEU L 71 43.71 -9.94 23.84
N THR L 72 44.67 -9.07 23.63
CA THR L 72 45.50 -9.05 22.45
C THR L 72 46.86 -9.64 22.88
N TYR L 73 47.64 -10.15 21.95
CA TYR L 73 48.96 -10.68 22.30
C TYR L 73 49.78 -11.07 21.09
N LYS L 74 51.01 -11.51 21.35
CA LYS L 74 51.92 -11.87 20.28
C LYS L 74 51.25 -12.64 19.17
N GLY L 75 50.80 -13.86 19.48
CA GLY L 75 50.13 -14.69 18.49
C GLY L 75 48.96 -14.03 17.80
N GLY L 76 47.83 -14.02 18.50
CA GLY L 76 46.62 -13.39 17.99
C GLY L 76 45.85 -12.72 19.10
N VAL L 77 44.61 -13.15 19.28
CA VAL L 77 43.74 -12.61 20.33
C VAL L 77 42.85 -13.70 20.93
N LEU L 78 42.13 -13.35 21.99
CA LEU L 78 41.24 -14.33 22.58
C LEU L 78 40.07 -13.73 23.31
N LEU L 79 39.08 -14.58 23.54
CA LEU L 79 37.86 -14.24 24.24
C LEU L 79 37.63 -15.25 25.33
N ALA L 80 37.21 -14.74 26.49
CA ALA L 80 36.89 -15.54 27.65
C ALA L 80 35.72 -14.82 28.31
N GLY L 81 34.72 -15.60 28.69
CA GLY L 81 33.57 -15.02 29.31
C GLY L 81 32.90 -16.00 30.24
N ASP L 82 32.31 -15.45 31.32
CA ASP L 82 31.62 -16.20 32.35
C ASP L 82 30.58 -17.12 31.70
N ARG L 83 29.79 -17.81 32.52
CA ARG L 83 28.77 -18.71 32.00
C ARG L 83 27.49 -18.65 32.82
N ARG L 84 27.37 -17.65 33.71
CA ARG L 84 26.17 -17.53 34.55
C ARG L 84 25.09 -16.60 34.01
N ALA L 85 23.93 -17.16 33.74
CA ALA L 85 22.80 -16.42 33.21
C ALA L 85 21.87 -16.11 34.35
N THR L 86 21.66 -14.83 34.61
CA THR L 86 20.82 -14.42 35.74
C THR L 86 19.64 -13.52 35.38
N GLN L 87 18.44 -14.03 35.61
CA GLN L 87 17.21 -13.29 35.36
C GLN L 87 16.67 -12.81 36.71
N GLY L 88 17.16 -11.64 37.13
CA GLY L 88 16.80 -11.03 38.40
C GLY L 88 18.01 -11.05 39.33
N ASN L 89 17.87 -11.78 40.43
CA ASN L 89 18.96 -11.96 41.38
C ASN L 89 19.05 -13.49 41.42
N LEU L 90 18.12 -14.11 40.71
CA LEU L 90 18.02 -15.56 40.59
C LEU L 90 18.90 -16.10 39.47
N ILE L 91 19.69 -17.13 39.78
CA ILE L 91 20.56 -17.74 38.78
C ILE L 91 19.73 -18.71 37.98
N ALA L 92 19.73 -18.50 36.66
CA ALA L 92 18.96 -19.28 35.69
C ALA L 92 19.73 -20.38 34.98
N SER L 93 21.04 -20.23 34.87
CA SER L 93 21.85 -21.25 34.21
C SER L 93 23.30 -20.88 34.52
N ARG L 94 24.13 -21.90 34.70
CA ARG L 94 25.54 -21.69 35.01
C ARG L 94 26.48 -22.35 33.98
N ASP L 95 25.95 -22.72 32.81
CA ASP L 95 26.81 -23.34 31.81
C ASP L 95 26.57 -22.75 30.44
N VAL L 96 25.99 -21.56 30.37
CA VAL L 96 25.71 -20.90 29.11
C VAL L 96 26.96 -20.31 28.45
N GLU L 97 27.20 -20.69 27.19
CA GLU L 97 28.36 -20.20 26.44
C GLU L 97 28.03 -18.82 25.91
N LYS L 98 28.88 -17.85 26.19
CA LYS L 98 28.63 -16.48 25.74
C LYS L 98 29.49 -16.09 24.54
N VAL L 99 30.62 -16.78 24.37
CA VAL L 99 31.54 -16.50 23.27
C VAL L 99 31.45 -17.55 22.17
N TYR L 100 31.22 -17.09 20.93
CA TYR L 100 31.12 -17.96 19.78
C TYR L 100 32.14 -17.63 18.71
N VAL L 101 32.46 -18.62 17.89
CA VAL L 101 33.41 -18.41 16.80
C VAL L 101 32.60 -18.00 15.57
N THR L 102 32.73 -16.73 15.19
CA THR L 102 31.98 -16.25 14.05
C THR L 102 32.38 -16.96 12.74
N ASP L 103 33.70 -17.06 12.49
CA ASP L 103 34.21 -17.69 11.29
C ASP L 103 35.67 -18.07 11.51
N GLU L 104 36.29 -18.58 10.45
CA GLU L 104 37.68 -19.02 10.43
C GLU L 104 38.64 -18.16 11.22
N TYR L 105 38.65 -16.85 11.01
CA TYR L 105 39.60 -16.00 11.72
C TYR L 105 39.03 -14.91 12.64
N SER L 106 37.88 -15.20 13.29
CA SER L 106 37.23 -14.25 14.17
C SER L 106 36.10 -14.84 15.04
N ALA L 107 35.84 -14.15 16.14
CA ALA L 107 34.80 -14.57 17.06
C ALA L 107 34.38 -13.40 17.93
N ALA L 108 33.20 -13.51 18.51
CA ALA L 108 32.69 -12.45 19.35
C ALA L 108 31.80 -12.96 20.46
N GLY L 109 31.78 -12.19 21.56
CA GLY L 109 30.99 -12.53 22.73
C GLY L 109 29.94 -11.46 22.86
N ILE L 110 28.72 -11.84 23.18
CA ILE L 110 27.65 -10.88 23.31
C ILE L 110 27.11 -10.81 24.72
N ALA L 111 26.89 -9.59 25.20
CA ALA L 111 26.38 -9.39 26.55
C ALA L 111 25.04 -8.66 26.53
N GLY L 112 24.07 -9.20 27.25
CA GLY L 112 22.75 -8.61 27.28
C GLY L 112 21.76 -9.74 27.32
N THR L 113 20.50 -9.46 26.98
CA THR L 113 19.46 -10.47 26.97
C THR L 113 19.86 -11.75 26.24
N ALA L 114 19.99 -12.86 26.95
CA ALA L 114 20.40 -14.09 26.30
C ALA L 114 19.64 -14.32 25.02
N GLY L 115 18.32 -14.38 25.10
CA GLY L 115 17.51 -14.59 23.91
C GLY L 115 18.00 -13.77 22.73
N ILE L 116 17.84 -12.45 22.77
CA ILE L 116 18.26 -11.55 21.70
C ILE L 116 19.73 -11.68 21.30
N ALA L 117 20.61 -11.94 22.26
CA ALA L 117 22.03 -12.05 21.93
C ALA L 117 22.40 -13.30 21.16
N ILE L 118 21.69 -14.40 21.40
CA ILE L 118 21.98 -15.64 20.70
C ILE L 118 21.65 -15.54 19.21
N GLU L 119 20.36 -15.35 18.91
CA GLU L 119 19.90 -15.24 17.53
C GLU L 119 20.77 -14.26 16.76
N LEU L 120 21.10 -13.15 17.39
CA LEU L 120 21.95 -12.16 16.74
C LEU L 120 23.30 -12.69 16.33
N VAL L 121 24.02 -13.40 17.18
CA VAL L 121 25.34 -13.88 16.77
C VAL L 121 25.30 -14.99 15.70
N ARG L 122 24.31 -15.88 15.82
CA ARG L 122 24.09 -16.98 14.88
C ARG L 122 23.93 -16.34 13.50
N LEU L 123 23.10 -15.32 13.42
CA LEU L 123 22.89 -14.63 12.16
C LEU L 123 24.18 -14.01 11.68
N PHE L 124 24.93 -13.36 12.56
CA PHE L 124 26.17 -12.71 12.16
C PHE L 124 27.10 -13.70 11.55
N ALA L 125 27.11 -14.90 12.12
CA ALA L 125 27.94 -15.94 11.60
C ALA L 125 27.45 -16.23 10.18
N VAL L 126 26.20 -16.62 10.07
CA VAL L 126 25.63 -16.88 8.76
C VAL L 126 25.99 -15.75 7.80
N GLU L 127 25.65 -14.52 8.15
CA GLU L 127 25.96 -13.40 7.27
C GLU L 127 27.37 -13.54 6.72
N LEU L 128 28.35 -13.74 7.59
CA LEU L 128 29.72 -13.89 7.15
C LEU L 128 29.94 -15.08 6.21
N GLU L 129 29.47 -16.27 6.59
CA GLU L 129 29.68 -17.43 5.74
C GLU L 129 29.07 -17.24 4.35
N HIS L 130 27.81 -16.86 4.30
CA HIS L 130 27.11 -16.64 3.03
C HIS L 130 27.90 -15.68 2.14
N TYR L 131 28.28 -14.53 2.66
CA TYR L 131 29.03 -13.58 1.85
C TYR L 131 30.25 -14.21 1.26
N GLU L 132 30.76 -15.28 1.86
CA GLU L 132 31.96 -15.93 1.31
C GLU L 132 31.55 -16.84 0.17
N LYS L 133 30.66 -17.76 0.46
CA LYS L 133 30.17 -18.66 -0.56
C LYS L 133 29.68 -17.92 -1.80
N ILE L 134 29.32 -16.65 -1.64
CA ILE L 134 28.85 -15.95 -2.79
C ILE L 134 30.00 -15.19 -3.40
N GLU L 135 30.57 -14.25 -2.68
CA GLU L 135 31.68 -13.53 -3.27
C GLU L 135 32.92 -14.39 -3.56
N GLY L 136 32.98 -15.58 -2.97
CA GLY L 136 34.13 -16.45 -3.17
C GLY L 136 35.18 -16.23 -2.10
N VAL L 137 35.37 -14.98 -1.70
CA VAL L 137 36.34 -14.65 -0.67
C VAL L 137 35.61 -14.32 0.63
N PRO L 138 36.34 -14.05 1.72
CA PRO L 138 35.69 -13.71 2.99
C PRO L 138 35.80 -12.17 3.15
N LEU L 139 34.98 -11.61 4.03
CA LEU L 139 34.96 -10.16 4.28
C LEU L 139 36.15 -9.67 5.05
N THR L 140 36.54 -8.42 4.80
CA THR L 140 37.66 -7.82 5.53
C THR L 140 37.30 -7.99 6.99
N PHE L 141 38.22 -7.69 7.90
CA PHE L 141 37.83 -7.78 9.29
C PHE L 141 36.92 -6.59 9.49
N ASP L 142 37.37 -5.43 9.00
CA ASP L 142 36.61 -4.17 9.06
C ASP L 142 35.24 -4.29 8.42
N GLY L 143 35.04 -5.35 7.64
CA GLY L 143 33.75 -5.56 7.01
C GLY L 143 32.89 -6.27 8.04
N LYS L 144 33.37 -7.42 8.49
CA LYS L 144 32.66 -8.20 9.48
C LYS L 144 32.16 -7.32 10.62
N ALA L 145 32.99 -6.38 11.01
CA ALA L 145 32.66 -5.48 12.12
C ALA L 145 31.54 -4.52 11.79
N ASN L 146 31.68 -3.84 10.64
CA ASN L 146 30.69 -2.87 10.18
C ASN L 146 29.34 -3.55 10.02
N ARG L 147 29.36 -4.84 9.67
CA ARG L 147 28.17 -5.65 9.49
C ARG L 147 27.58 -5.93 10.85
N LEU L 148 28.42 -6.37 11.78
CA LEU L 148 27.93 -6.66 13.11
C LEU L 148 27.26 -5.39 13.65
N ALA L 149 27.92 -4.25 13.44
CA ALA L 149 27.39 -2.97 13.92
C ALA L 149 25.99 -2.76 13.39
N SER L 150 25.83 -2.95 12.10
CA SER L 150 24.54 -2.78 11.48
C SER L 150 23.57 -3.68 12.22
N MET L 151 23.91 -4.95 12.44
CA MET L 151 22.99 -5.83 13.15
C MET L 151 22.66 -5.35 14.56
N VAL L 152 23.59 -4.62 15.17
CA VAL L 152 23.36 -4.07 16.49
C VAL L 152 22.42 -2.88 16.36
N ARG L 153 22.78 -1.97 15.46
CA ARG L 153 22.00 -0.77 15.21
C ARG L 153 20.59 -1.16 14.96
N GLY L 154 20.41 -2.39 14.50
CA GLY L 154 19.08 -2.87 14.22
C GLY L 154 18.25 -3.22 15.44
N ASN L 155 18.93 -3.60 16.52
CA ASN L 155 18.26 -4.00 17.75
C ASN L 155 17.98 -2.79 18.64
N LEU L 156 18.54 -1.64 18.27
CA LEU L 156 18.35 -0.43 19.06
C LEU L 156 16.90 -0.21 19.50
N GLY L 157 15.94 -0.70 18.73
CA GLY L 157 14.55 -0.52 19.13
C GLY L 157 14.30 -1.25 20.44
N ALA L 158 14.58 -2.54 20.42
CA ALA L 158 14.38 -3.39 21.59
C ALA L 158 15.24 -2.88 22.73
N ALA L 159 16.42 -2.37 22.40
CA ALA L 159 17.36 -1.85 23.39
C ALA L 159 16.68 -0.83 24.29
N MET L 160 16.19 0.25 23.69
CA MET L 160 15.52 1.28 24.46
C MET L 160 14.31 0.73 25.18
N GLN L 161 14.07 -0.57 25.09
CA GLN L 161 12.95 -1.17 25.78
C GLN L 161 13.40 -2.20 26.79
N GLY L 162 14.66 -2.08 27.20
CA GLY L 162 15.25 -2.99 28.18
C GLY L 162 16.05 -4.14 27.60
N LEU L 163 15.47 -4.80 26.62
CA LEU L 163 16.07 -5.94 25.94
C LEU L 163 17.30 -5.58 25.08
N ALA L 164 18.28 -4.93 25.69
CA ALA L 164 19.49 -4.53 24.96
C ALA L 164 20.61 -5.56 24.97
N VAL L 165 21.41 -5.56 23.92
CA VAL L 165 22.52 -6.48 23.80
C VAL L 165 23.69 -5.69 23.23
N VAL L 166 24.90 -6.15 23.51
CA VAL L 166 26.10 -5.48 23.05
C VAL L 166 27.23 -6.51 22.92
N PRO L 167 27.88 -6.54 21.76
CA PRO L 167 28.95 -7.52 21.60
C PRO L 167 30.39 -7.01 21.70
N LEU L 168 31.29 -7.98 21.75
CA LEU L 168 32.71 -7.76 21.80
C LEU L 168 33.30 -8.60 20.67
N LEU L 169 33.81 -7.94 19.65
CA LEU L 169 34.35 -8.65 18.51
C LEU L 169 35.86 -8.69 18.47
N VAL L 170 36.38 -9.86 18.12
CA VAL L 170 37.82 -10.10 18.02
C VAL L 170 38.17 -10.93 16.79
N GLY L 171 39.39 -10.76 16.27
CA GLY L 171 39.79 -11.51 15.09
C GLY L 171 41.21 -11.26 14.65
N TYR L 172 41.76 -12.19 13.87
CA TYR L 172 43.11 -12.08 13.35
C TYR L 172 42.94 -11.41 11.99
N ASP L 173 43.47 -10.18 11.89
CA ASP L 173 43.34 -9.44 10.63
C ASP L 173 44.29 -9.94 9.55
N LEU L 174 43.80 -10.85 8.73
CA LEU L 174 44.58 -11.41 7.63
C LEU L 174 45.20 -10.33 6.74
N ASP L 175 44.72 -9.11 6.88
CA ASP L 175 45.16 -8.02 6.03
C ASP L 175 45.96 -6.96 6.77
N ALA L 176 46.39 -7.30 7.96
CA ALA L 176 47.17 -6.35 8.72
C ALA L 176 48.60 -6.42 8.25
N ASP L 177 49.21 -5.24 8.11
CA ASP L 177 50.59 -5.16 7.67
C ASP L 177 51.50 -5.98 8.61
N ASP L 178 51.58 -5.58 9.87
CA ASP L 178 52.42 -6.29 10.83
C ASP L 178 51.69 -7.43 11.53
N GLU L 179 51.82 -8.63 10.98
CA GLU L 179 51.18 -9.83 11.54
C GLU L 179 51.52 -10.07 13.02
N SER L 180 52.26 -9.14 13.60
CA SER L 180 52.62 -9.23 15.01
C SER L 180 51.44 -8.76 15.86
N ARG L 181 50.91 -7.58 15.52
CA ARG L 181 49.76 -6.98 16.21
C ARG L 181 48.49 -7.20 15.37
N ALA L 182 48.47 -8.33 14.66
CA ALA L 182 47.34 -8.67 13.80
C ALA L 182 46.06 -9.01 14.54
N GLY L 183 46.10 -9.00 15.85
CA GLY L 183 44.88 -9.28 16.57
C GLY L 183 44.16 -7.94 16.72
N ARG L 184 42.84 -7.97 16.88
CA ARG L 184 42.07 -6.75 17.05
C ARG L 184 40.85 -6.94 17.94
N ILE L 185 40.43 -5.86 18.57
CA ILE L 185 39.28 -5.90 19.47
C ILE L 185 38.33 -4.76 19.14
N VAL L 186 37.09 -5.11 18.86
CA VAL L 186 36.10 -4.10 18.53
C VAL L 186 34.97 -4.20 19.51
N SER L 187 34.60 -3.04 20.06
CA SER L 187 33.53 -2.92 21.04
C SER L 187 32.38 -2.19 20.38
N TYR L 188 31.22 -2.27 20.99
CA TYR L 188 30.10 -1.62 20.40
C TYR L 188 29.29 -0.70 21.30
N ASP L 189 28.33 -0.01 20.68
CA ASP L 189 27.35 0.90 21.29
C ASP L 189 26.03 0.13 21.39
N VAL L 190 24.94 0.84 21.55
CA VAL L 190 23.66 0.19 21.62
C VAL L 190 23.00 0.78 20.39
N VAL L 191 23.44 1.98 20.03
CA VAL L 191 22.95 2.68 18.85
C VAL L 191 23.78 2.18 17.66
N GLY L 192 24.63 1.19 17.90
CA GLY L 192 25.43 0.60 16.84
C GLY L 192 26.77 1.20 16.48
N GLY L 193 27.45 1.82 17.43
CA GLY L 193 28.75 2.39 17.11
C GLY L 193 29.80 1.30 17.11
N ARG L 194 30.83 1.46 16.28
CA ARG L 194 31.93 0.48 16.18
C ARG L 194 33.13 1.19 16.77
N TYR L 195 33.87 0.52 17.67
CA TYR L 195 35.07 1.11 18.27
C TYR L 195 36.31 0.19 18.33
N GLU L 196 37.47 0.79 18.12
CA GLU L 196 38.71 0.02 18.15
C GLU L 196 39.27 -0.03 19.55
N GLU L 197 39.73 -1.23 19.94
CA GLU L 197 40.31 -1.43 21.26
C GLU L 197 41.51 -0.52 21.48
N ARG L 198 42.61 -0.80 20.77
CA ARG L 198 43.85 -0.01 20.85
C ARG L 198 44.48 0.13 22.26
N ALA L 199 44.28 -0.89 23.10
CA ALA L 199 44.82 -0.93 24.47
C ALA L 199 45.08 -2.36 24.91
N GLY L 200 44.99 -3.31 23.99
CA GLY L 200 45.27 -4.70 24.29
C GLY L 200 44.17 -5.52 24.95
N TYR L 201 43.22 -4.84 25.56
CA TYR L 201 42.14 -5.57 26.21
C TYR L 201 40.88 -4.74 26.38
N HIS L 202 39.81 -5.47 26.68
CA HIS L 202 38.53 -4.86 26.88
C HIS L 202 37.59 -5.93 27.33
N ALA L 203 36.40 -5.49 27.75
CA ALA L 203 35.38 -6.42 28.22
C ALA L 203 34.02 -5.76 28.22
N VAL L 204 33.00 -6.58 28.33
CA VAL L 204 31.63 -6.09 28.37
C VAL L 204 30.81 -6.91 29.36
N GLY L 205 29.77 -6.29 29.90
CA GLY L 205 28.94 -7.00 30.85
C GLY L 205 28.93 -6.31 32.19
N SER L 206 28.27 -6.91 33.17
CA SER L 206 28.18 -6.34 34.52
C SER L 206 29.53 -6.15 35.20
N GLY L 207 30.31 -7.22 35.27
CA GLY L 207 31.60 -7.14 35.91
C GLY L 207 32.70 -6.67 35.00
N SER L 208 32.33 -5.91 33.96
CA SER L 208 33.31 -5.41 33.01
C SER L 208 34.12 -4.31 33.65
N LEU L 209 33.49 -3.45 34.42
CA LEU L 209 34.24 -2.39 35.06
C LEU L 209 35.32 -3.03 35.94
N ALA L 210 34.96 -4.14 36.58
CA ALA L 210 35.89 -4.84 37.47
C ALA L 210 37.00 -5.40 36.64
N ALA L 211 36.65 -6.34 35.78
CA ALA L 211 37.62 -6.99 34.88
C ALA L 211 38.56 -5.99 34.18
N LYS L 212 38.00 -4.92 33.63
CA LYS L 212 38.79 -3.91 32.96
C LYS L 212 39.83 -3.37 33.91
N SER L 213 39.45 -3.23 35.17
CA SER L 213 40.39 -2.69 36.16
C SER L 213 41.49 -3.68 36.52
N ALA L 214 41.12 -4.96 36.69
CA ALA L 214 42.07 -6.03 37.01
C ALA L 214 43.12 -6.07 35.91
N LEU L 215 42.69 -6.03 34.66
CA LEU L 215 43.60 -6.02 33.53
C LEU L 215 44.49 -4.79 33.51
N LYS L 216 43.95 -3.67 33.94
CA LYS L 216 44.74 -2.46 33.96
C LYS L 216 46.02 -2.74 34.74
N LYS L 217 46.01 -3.79 35.55
CA LYS L 217 47.19 -4.13 36.33
C LYS L 217 47.82 -5.42 35.83
N ILE L 218 47.08 -6.52 35.92
CA ILE L 218 47.57 -7.84 35.53
C ILE L 218 47.82 -8.13 34.06
N TYR L 219 47.93 -7.10 33.23
CA TYR L 219 48.14 -7.36 31.82
C TYR L 219 49.22 -6.50 31.20
N SER L 220 50.02 -7.13 30.34
CA SER L 220 51.11 -6.46 29.65
C SER L 220 51.09 -6.90 28.20
N PRO L 221 51.48 -6.00 27.28
CA PRO L 221 51.54 -6.22 25.83
C PRO L 221 52.13 -7.55 25.43
N ASP L 222 52.51 -7.65 24.16
CA ASP L 222 53.08 -8.88 23.63
C ASP L 222 53.42 -9.95 24.69
N SER L 223 52.57 -10.97 24.79
CA SER L 223 52.75 -12.06 25.77
C SER L 223 52.27 -13.41 25.22
N ASP L 224 52.50 -14.45 26.00
CA ASP L 224 52.11 -15.81 25.61
C ASP L 224 50.61 -15.99 25.39
N GLU L 225 50.24 -17.04 24.67
CA GLU L 225 48.84 -17.32 24.46
C GLU L 225 48.52 -18.17 25.68
N GLU L 226 49.38 -18.08 26.68
CA GLU L 226 49.21 -18.83 27.92
C GLU L 226 49.12 -17.80 29.02
N THR L 227 49.90 -16.73 28.85
CA THR L 227 49.95 -15.62 29.80
C THR L 227 48.64 -14.85 29.73
N ALA L 228 48.22 -14.57 28.51
CA ALA L 228 47.00 -13.85 28.29
C ALA L 228 45.82 -14.67 28.78
N LEU L 229 45.66 -15.88 28.26
CA LEU L 229 44.56 -16.75 28.70
C LEU L 229 44.53 -16.88 30.24
N ARG L 230 45.66 -16.51 30.86
CA ARG L 230 45.83 -16.53 32.31
C ARG L 230 45.25 -15.23 32.88
N ALA L 231 45.72 -14.11 32.35
CA ALA L 231 45.26 -12.80 32.79
C ALA L 231 43.75 -12.73 32.63
N ALA L 232 43.25 -13.39 31.59
CA ALA L 232 41.82 -13.40 31.31
C ALA L 232 41.08 -14.10 32.44
N ILE L 233 41.42 -15.37 32.66
CA ILE L 233 40.77 -16.13 33.72
C ILE L 233 40.88 -15.37 35.03
N GLU L 234 41.85 -14.46 35.11
CA GLU L 234 42.09 -13.66 36.30
C GLU L 234 41.04 -12.56 36.55
N SER L 235 41.03 -11.59 35.64
CA SER L 235 40.11 -10.47 35.69
C SER L 235 38.70 -11.02 35.77
N LEU L 236 38.47 -12.14 35.11
CA LEU L 236 37.18 -12.82 35.11
C LEU L 236 36.92 -13.37 36.52
N TYR L 237 37.97 -13.40 37.34
CA TYR L 237 37.82 -13.89 38.69
C TYR L 237 37.49 -12.66 39.49
N ASP L 238 38.24 -11.60 39.23
CA ASP L 238 38.00 -10.33 39.95
C ASP L 238 36.59 -9.78 39.66
N ALA L 239 36.13 -9.90 38.41
CA ALA L 239 34.80 -9.42 38.05
C ALA L 239 33.81 -10.14 38.95
N ALA L 240 34.03 -11.43 39.15
CA ALA L 240 33.16 -12.24 39.95
C ALA L 240 33.22 -11.82 41.41
N ASP L 241 34.33 -11.22 41.81
CA ASP L 241 34.40 -10.81 43.19
C ASP L 241 33.41 -9.68 43.43
N ASP L 242 33.56 -8.60 42.68
CA ASP L 242 32.71 -7.43 42.85
C ASP L 242 31.48 -7.39 41.94
N ASP L 243 30.77 -8.51 41.86
CA ASP L 243 29.56 -8.56 41.03
C ASP L 243 28.84 -9.90 41.13
N SER L 244 27.71 -9.90 41.81
CA SER L 244 26.93 -11.11 41.95
C SER L 244 26.39 -11.61 40.61
N ALA L 245 26.31 -10.72 39.64
CA ALA L 245 25.77 -11.06 38.31
C ALA L 245 26.73 -11.91 37.45
N THR L 246 28.03 -11.89 37.80
CA THR L 246 29.01 -12.69 37.07
C THR L 246 29.23 -13.97 37.89
N GLY L 247 30.37 -14.08 38.55
CA GLY L 247 30.66 -15.27 39.33
C GLY L 247 31.48 -16.23 38.48
N GLY L 248 32.70 -15.81 38.18
CA GLY L 248 33.59 -16.59 37.34
C GLY L 248 33.84 -18.04 37.73
N PRO L 249 35.13 -18.44 37.73
CA PRO L 249 35.56 -19.80 38.06
C PRO L 249 35.12 -20.28 39.45
N ASP L 250 34.37 -21.38 39.46
CA ASP L 250 33.90 -21.98 40.70
C ASP L 250 34.46 -23.42 40.76
N LEU L 251 35.62 -23.56 41.42
CA LEU L 251 36.33 -24.85 41.55
C LEU L 251 35.49 -25.98 42.12
N THR L 252 34.63 -25.63 43.09
CA THR L 252 33.75 -26.57 43.77
C THR L 252 32.65 -27.17 42.90
N ARG L 253 32.06 -26.37 42.01
CA ARG L 253 30.98 -26.84 41.14
C ARG L 253 31.46 -27.41 39.78
N GLY L 254 32.62 -26.97 39.33
CA GLY L 254 33.14 -27.44 38.06
C GLY L 254 32.76 -26.48 36.95
N ILE L 255 32.42 -25.26 37.34
CA ILE L 255 32.03 -24.21 36.39
C ILE L 255 33.26 -23.41 35.94
N TYR L 256 33.72 -23.64 34.72
CA TYR L 256 34.88 -22.90 34.22
C TYR L 256 34.61 -21.98 33.02
N PRO L 257 35.25 -20.80 33.03
CA PRO L 257 35.13 -19.76 32.00
C PRO L 257 35.31 -20.33 30.61
N THR L 258 34.54 -19.86 29.65
CA THR L 258 34.70 -20.37 28.29
C THR L 258 35.68 -19.45 27.57
N ALA L 259 36.55 -20.05 26.77
CA ALA L 259 37.55 -19.26 26.05
C ALA L 259 37.66 -19.64 24.60
N VAL L 260 38.31 -18.72 23.86
CA VAL L 260 38.58 -18.88 22.44
C VAL L 260 39.77 -18.02 22.00
N THR L 261 40.70 -18.63 21.30
CA THR L 261 41.87 -17.92 20.83
C THR L 261 41.86 -17.95 19.33
N ILE L 262 42.35 -16.88 18.73
CA ILE L 262 42.41 -16.78 17.29
C ILE L 262 43.84 -16.40 16.99
N THR L 263 44.37 -16.92 15.89
CA THR L 263 45.74 -16.61 15.52
C THR L 263 45.93 -16.79 14.02
N GLN L 264 47.18 -16.81 13.55
CA GLN L 264 47.44 -16.93 12.11
C GLN L 264 47.01 -18.25 11.54
N ALA L 265 46.53 -19.14 12.41
CA ALA L 265 46.05 -20.48 12.05
C ALA L 265 44.54 -20.53 12.09
N GLY L 266 43.96 -19.60 12.84
CA GLY L 266 42.53 -19.56 12.95
C GLY L 266 42.10 -19.53 14.40
N ALA L 267 40.80 -19.58 14.60
CA ALA L 267 40.23 -19.55 15.93
C ALA L 267 39.84 -20.94 16.40
N VAL L 268 40.27 -21.25 17.63
CA VAL L 268 39.99 -22.53 18.25
C VAL L 268 39.53 -22.33 19.69
N HIS L 269 38.51 -23.08 20.07
CA HIS L 269 37.92 -23.03 21.40
C HIS L 269 38.78 -23.83 22.36
N VAL L 270 39.34 -23.15 23.34
CA VAL L 270 40.19 -23.76 24.36
C VAL L 270 39.48 -24.91 25.07
N SER L 271 40.25 -25.94 25.43
CA SER L 271 39.74 -27.14 26.10
C SER L 271 39.37 -26.92 27.57
N GLU L 272 38.41 -27.70 28.06
CA GLU L 272 37.96 -27.60 29.45
C GLU L 272 39.12 -27.87 30.42
N GLU L 273 40.14 -28.58 29.95
CA GLU L 273 41.32 -28.90 30.76
C GLU L 273 42.26 -27.72 30.83
N THR L 274 42.60 -27.16 29.68
CA THR L 274 43.49 -26.01 29.65
C THR L 274 42.98 -24.86 30.53
N THR L 275 41.69 -24.87 30.86
CA THR L 275 41.12 -23.79 31.67
C THR L 275 41.11 -24.12 33.15
N SER L 276 40.57 -25.27 33.51
CA SER L 276 40.50 -25.63 34.91
C SER L 276 41.88 -25.72 35.56
N GLU L 277 42.80 -26.47 34.97
CA GLU L 277 44.15 -26.60 35.52
C GLU L 277 44.87 -25.26 35.40
N LEU L 278 44.16 -24.29 34.81
CA LEU L 278 44.66 -22.94 34.59
C LEU L 278 44.10 -21.99 35.66
N ALA L 279 42.86 -22.23 36.07
CA ALA L 279 42.17 -21.43 37.09
C ALA L 279 42.63 -21.82 38.50
N ARG L 280 43.05 -23.07 38.64
CA ARG L 280 43.53 -23.61 39.90
C ARG L 280 44.88 -22.93 40.17
N ARG L 281 45.60 -22.66 39.09
CA ARG L 281 46.91 -22.03 39.14
C ARG L 281 46.74 -20.57 39.59
N ILE L 282 45.71 -19.91 39.08
CA ILE L 282 45.42 -18.51 39.41
C ILE L 282 45.11 -18.32 40.91
N VAL L 283 44.25 -19.18 41.46
CA VAL L 283 43.86 -19.18 42.88
C VAL L 283 45.11 -19.23 43.78
N ALA L 284 45.46 -18.07 44.33
CA ALA L 284 46.64 -17.93 45.20
C ALA L 284 47.92 -18.16 44.41
N ASN M 22 6.52 -22.77 1.76
CA ASN M 22 7.36 -22.69 0.51
C ASN M 22 8.85 -22.75 0.85
N LEU M 23 9.07 -23.30 2.04
CA LEU M 23 10.36 -23.53 2.67
C LEU M 23 10.01 -24.68 3.62
N SER M 24 8.87 -25.30 3.30
CA SER M 24 8.29 -26.43 4.00
C SER M 24 7.76 -26.11 5.38
N SER M 25 7.63 -24.81 5.66
CA SER M 25 7.13 -24.32 6.95
C SER M 25 5.64 -24.06 6.87
N PHE M 26 4.84 -24.82 7.61
CA PHE M 26 3.41 -24.61 7.56
C PHE M 26 3.08 -23.23 8.05
N THR M 27 3.80 -22.82 9.09
CA THR M 27 3.65 -21.51 9.69
C THR M 27 3.83 -20.40 8.65
N ASP M 28 4.99 -20.41 8.00
CA ASP M 28 5.37 -19.45 6.95
C ASP M 28 4.33 -19.36 5.80
N TYR M 29 3.56 -20.43 5.62
CA TYR M 29 2.53 -20.42 4.59
C TYR M 29 1.49 -19.45 5.10
N LEU M 30 1.09 -19.60 6.36
CA LEU M 30 0.11 -18.72 6.97
C LEU M 30 0.66 -17.31 6.96
N ARG M 31 1.91 -17.17 7.40
CA ARG M 31 2.60 -15.88 7.42
C ARG M 31 2.22 -15.10 6.17
N GLY M 32 2.31 -15.77 5.03
CA GLY M 32 1.97 -15.15 3.78
C GLY M 32 0.57 -15.33 3.21
N HIS M 33 -0.19 -16.33 3.61
CA HIS M 33 -1.53 -16.53 3.02
C HIS M 33 -2.75 -16.46 3.95
N ALA M 34 -2.48 -16.37 5.25
CA ALA M 34 -3.54 -16.28 6.23
C ALA M 34 -2.90 -15.88 7.54
N PRO M 35 -2.47 -14.61 7.63
CA PRO M 35 -1.82 -14.02 8.81
C PRO M 35 -2.68 -13.91 10.05
N GLU M 36 -3.99 -14.08 9.90
CA GLU M 36 -4.89 -14.02 11.05
C GLU M 36 -4.75 -15.27 11.93
N LEU M 37 -3.64 -16.00 11.81
CA LEU M 37 -3.44 -17.21 12.59
C LEU M 37 -2.10 -17.25 13.32
N LEU M 38 -1.56 -16.08 13.62
CA LEU M 38 -0.28 -15.97 14.32
C LEU M 38 -0.40 -15.11 15.60
N ASP M 60 -5.16 -11.36 35.56
CA ASP M 60 -5.69 -12.64 35.11
C ASP M 60 -7.09 -12.59 34.51
N LEU M 61 -7.15 -12.11 33.28
CA LEU M 61 -8.40 -12.08 32.56
C LEU M 61 -8.73 -13.45 31.97
N ALA M 62 -7.75 -14.32 31.87
CA ALA M 62 -8.04 -15.59 31.22
C ALA M 62 -7.13 -16.68 31.71
N PRO M 63 -7.76 -17.84 32.06
CA PRO M 63 -7.33 -19.20 32.66
C PRO M 63 -5.90 -19.71 32.51
N HIS M 64 -5.15 -19.41 33.56
CA HIS M 64 -3.76 -19.56 33.75
C HIS M 64 -3.10 -20.93 33.77
N GLY M 65 -1.84 -20.80 34.16
CA GLY M 65 -0.98 -21.95 34.26
C GLY M 65 -0.82 -22.41 35.70
N THR M 66 0.42 -23.51 35.51
CA THR M 66 0.71 -24.73 36.27
C THR M 66 2.15 -25.23 36.04
N THR M 67 2.60 -26.15 36.88
CA THR M 67 3.95 -26.70 36.79
C THR M 67 4.15 -27.92 35.88
N ILE M 68 5.32 -27.97 35.25
CA ILE M 68 5.70 -29.08 34.35
C ILE M 68 7.17 -29.48 34.55
N VAL M 69 7.40 -30.77 34.69
CA VAL M 69 8.74 -31.28 34.94
C VAL M 69 9.30 -32.13 33.80
N ALA M 70 10.62 -32.13 33.67
CA ALA M 70 11.30 -32.91 32.64
C ALA M 70 12.51 -33.60 33.19
N LEU M 71 12.58 -34.91 32.91
CA LEU M 71 13.68 -35.77 33.35
C LEU M 71 14.31 -36.59 32.22
N THR M 72 15.63 -36.70 32.27
CA THR M 72 16.44 -37.46 31.33
C THR M 72 16.87 -38.78 31.96
N TYR M 73 17.01 -39.83 31.14
CA TYR M 73 17.42 -41.14 31.67
C TYR M 73 17.99 -42.10 30.65
N LYS M 74 18.32 -43.30 31.12
CA LYS M 74 18.91 -44.34 30.29
C LYS M 74 18.22 -44.48 28.94
N GLY M 75 16.96 -44.92 28.98
CA GLY M 75 16.20 -45.09 27.75
C GLY M 75 16.12 -43.78 26.98
N GLY M 76 15.20 -42.90 27.41
CA GLY M 76 15.05 -41.63 26.75
C GLY M 76 14.75 -40.53 27.74
N VAL M 77 13.56 -39.93 27.61
CA VAL M 77 13.11 -38.83 28.46
C VAL M 77 11.59 -38.80 28.65
N LEU M 78 11.14 -37.93 29.53
CA LEU M 78 9.73 -37.81 29.78
C LEU M 78 9.32 -36.46 30.32
N LEU M 79 8.01 -36.24 30.31
CA LEU M 79 7.38 -35.03 30.77
C LEU M 79 6.21 -35.41 31.65
N ALA M 80 6.03 -34.63 32.70
CA ALA M 80 4.95 -34.83 33.64
C ALA M 80 4.55 -33.43 34.07
N GLY M 81 3.26 -33.15 34.03
CA GLY M 81 2.81 -31.84 34.43
C GLY M 81 1.50 -31.88 35.19
N ASP M 82 1.27 -30.87 36.02
CA ASP M 82 0.04 -30.77 36.80
C ASP M 82 -1.13 -30.66 35.84
N ARG M 83 -2.35 -30.56 36.38
CA ARG M 83 -3.56 -30.44 35.55
C ARG M 83 -4.53 -29.40 36.10
N ARG M 84 -4.04 -28.53 36.97
CA ARG M 84 -4.87 -27.49 37.55
C ARG M 84 -4.68 -26.15 36.87
N ALA M 85 -5.76 -25.65 36.26
CA ALA M 85 -5.79 -24.39 35.55
C ALA M 85 -6.47 -23.40 36.49
N THR M 86 -5.74 -22.35 36.83
CA THR M 86 -6.23 -21.36 37.78
C THR M 86 -6.24 -19.90 37.31
N GLN M 87 -7.44 -19.35 37.15
CA GLN M 87 -7.58 -17.95 36.76
C GLN M 87 -7.87 -17.14 38.03
N GLY M 88 -6.82 -16.53 38.58
CA GLY M 88 -6.92 -15.74 39.79
C GLY M 88 -6.37 -16.60 40.91
N ASN M 89 -7.20 -16.84 41.92
CA ASN M 89 -6.83 -17.69 43.04
C ASN M 89 -7.85 -18.83 42.94
N LEU M 90 -8.85 -18.58 42.08
CA LEU M 90 -9.94 -19.49 41.80
C LEU M 90 -9.52 -20.63 40.86
N ILE M 91 -9.95 -21.85 41.17
CA ILE M 91 -9.61 -22.98 40.32
C ILE M 91 -10.60 -23.05 39.20
N ALA M 92 -10.10 -23.10 37.97
CA ALA M 92 -10.94 -23.14 36.78
C ALA M 92 -11.17 -24.52 36.22
N SER M 93 -10.19 -25.40 36.39
CA SER M 93 -10.31 -26.76 35.87
C SER M 93 -9.22 -27.52 36.55
N ARG M 94 -9.41 -28.83 36.70
CA ARG M 94 -8.44 -29.70 37.36
C ARG M 94 -8.09 -30.94 36.53
N ASP M 95 -8.44 -30.92 35.25
CA ASP M 95 -8.16 -32.05 34.36
C ASP M 95 -7.57 -31.60 33.03
N VAL M 96 -6.99 -30.41 33.02
CA VAL M 96 -6.38 -29.85 31.80
C VAL M 96 -5.01 -30.49 31.50
N GLU M 97 -4.84 -31.01 30.29
CA GLU M 97 -3.59 -31.65 29.88
C GLU M 97 -2.61 -30.57 29.47
N LYS M 98 -1.44 -30.57 30.09
CA LYS M 98 -0.41 -29.58 29.79
C LYS M 98 0.76 -30.07 28.93
N VAL M 99 0.90 -31.39 28.78
CA VAL M 99 1.96 -31.99 27.95
C VAL M 99 1.36 -32.70 26.74
N TYR M 100 1.91 -32.41 25.56
CA TYR M 100 1.43 -33.00 24.31
C TYR M 100 2.58 -33.58 23.56
N VAL M 101 2.27 -34.61 22.77
CA VAL M 101 3.27 -35.27 21.95
C VAL M 101 3.30 -34.52 20.65
N THR M 102 4.42 -33.88 20.37
CA THR M 102 4.54 -33.10 19.16
C THR M 102 4.65 -33.98 17.91
N ASP M 103 5.47 -35.01 18.01
CA ASP M 103 5.65 -35.95 16.90
C ASP M 103 6.20 -37.28 17.41
N GLU M 104 6.43 -38.20 16.48
CA GLU M 104 6.92 -39.55 16.76
C GLU M 104 7.99 -39.60 17.81
N TYR M 105 8.96 -38.72 17.72
CA TYR M 105 10.04 -38.74 18.68
C TYR M 105 10.25 -37.49 19.53
N SER M 106 9.15 -36.84 19.91
CA SER M 106 9.21 -35.65 20.75
C SER M 106 7.85 -35.14 21.29
N ALA M 107 7.94 -34.36 22.35
CA ALA M 107 6.76 -33.79 22.96
C ALA M 107 7.21 -32.62 23.78
N ALA M 108 6.24 -31.83 24.21
CA ALA M 108 6.56 -30.68 25.01
C ALA M 108 5.37 -30.24 25.86
N GLY M 109 5.66 -29.54 26.96
CA GLY M 109 4.64 -29.00 27.85
C GLY M 109 4.81 -27.48 27.77
N ILE M 110 3.70 -26.76 27.83
CA ILE M 110 3.74 -25.30 27.77
C ILE M 110 3.13 -24.70 29.01
N ALA M 111 3.79 -23.70 29.60
CA ALA M 111 3.26 -23.07 30.81
C ALA M 111 2.93 -21.60 30.55
N GLY M 112 1.73 -21.19 30.91
CA GLY M 112 1.32 -19.82 30.70
C GLY M 112 -0.17 -19.71 30.42
N THR M 113 -0.59 -18.65 29.75
CA THR M 113 -2.01 -18.49 29.44
C THR M 113 -2.46 -19.71 28.68
N ALA M 114 -3.41 -20.47 29.23
CA ALA M 114 -3.88 -21.70 28.56
C ALA M 114 -4.31 -21.51 27.09
N GLY M 115 -5.19 -20.54 26.85
CA GLY M 115 -5.62 -20.29 25.49
C GLY M 115 -4.45 -20.26 24.53
N ILE M 116 -3.57 -19.27 24.66
CA ILE M 116 -2.38 -19.10 23.83
C ILE M 116 -1.41 -20.31 23.85
N ALA M 117 -1.26 -20.98 24.97
CA ALA M 117 -0.35 -22.10 25.00
C ALA M 117 -0.88 -23.26 24.17
N ILE M 118 -2.20 -23.44 24.17
CA ILE M 118 -2.85 -24.51 23.41
C ILE M 118 -2.57 -24.35 21.92
N GLU M 119 -3.30 -23.43 21.30
CA GLU M 119 -3.11 -23.17 19.90
C GLU M 119 -1.63 -23.23 19.56
N LEU M 120 -0.76 -22.63 20.38
CA LEU M 120 0.67 -22.69 20.06
C LEU M 120 1.27 -24.06 19.96
N VAL M 121 0.81 -25.02 20.75
CA VAL M 121 1.42 -26.36 20.65
C VAL M 121 0.83 -27.14 19.47
N ARG M 122 -0.44 -26.89 19.20
CA ARG M 122 -1.14 -27.55 18.11
C ARG M 122 -0.52 -27.16 16.77
N LEU M 123 -0.13 -25.90 16.69
CA LEU M 123 0.48 -25.39 15.49
C LEU M 123 1.86 -26.01 15.38
N PHE M 124 2.58 -26.09 16.49
CA PHE M 124 3.92 -26.67 16.46
C PHE M 124 3.88 -28.10 15.99
N ALA M 125 2.85 -28.81 16.39
CA ALA M 125 2.71 -30.19 15.97
C ALA M 125 2.62 -30.17 14.45
N VAL M 126 1.62 -29.46 13.94
CA VAL M 126 1.40 -29.36 12.51
C VAL M 126 2.66 -28.89 11.78
N GLU M 127 3.30 -27.84 12.27
CA GLU M 127 4.50 -27.36 11.63
C GLU M 127 5.39 -28.54 11.42
N LEU M 128 5.53 -29.36 12.44
CA LEU M 128 6.38 -30.54 12.34
C LEU M 128 5.87 -31.56 11.32
N GLU M 129 4.63 -31.99 11.45
CA GLU M 129 4.09 -32.99 10.53
C GLU M 129 4.12 -32.59 9.05
N HIS M 130 3.69 -31.37 8.78
CA HIS M 130 3.69 -30.86 7.42
C HIS M 130 5.13 -30.88 6.85
N TYR M 131 6.12 -30.48 7.64
CA TYR M 131 7.47 -30.46 7.12
C TYR M 131 7.92 -31.81 6.74
N GLU M 132 7.31 -32.83 7.32
CA GLU M 132 7.70 -34.19 6.98
C GLU M 132 7.02 -34.58 5.67
N LYS M 133 5.71 -34.50 5.62
CA LYS M 133 4.98 -34.82 4.40
C LYS M 133 5.52 -34.09 3.16
N ILE M 134 6.21 -32.98 3.37
CA ILE M 134 6.77 -32.23 2.25
C ILE M 134 8.19 -32.68 1.95
N GLU M 135 9.04 -32.61 2.95
CA GLU M 135 10.41 -33.01 2.76
C GLU M 135 10.61 -34.52 2.65
N GLY M 136 9.64 -35.29 3.13
CA GLY M 136 9.80 -36.74 3.07
C GLY M 136 10.38 -37.25 4.38
N VAL M 137 11.36 -36.53 4.92
CA VAL M 137 11.96 -36.93 6.17
C VAL M 137 11.49 -35.94 7.24
N PRO M 138 11.78 -36.23 8.50
CA PRO M 138 11.36 -35.32 9.57
C PRO M 138 12.50 -34.32 9.89
N LEU M 139 12.19 -33.32 10.73
CA LEU M 139 13.18 -32.31 11.10
C LEU M 139 14.13 -32.81 12.16
N THR M 140 15.35 -32.28 12.17
CA THR M 140 16.32 -32.65 13.20
C THR M 140 15.63 -32.28 14.49
N PHE M 141 16.16 -32.70 15.63
CA PHE M 141 15.51 -32.30 16.87
C PHE M 141 15.84 -30.80 16.95
N ASP M 142 17.13 -30.49 16.77
CA ASP M 142 17.63 -29.12 16.81
C ASP M 142 16.84 -28.23 15.91
N GLY M 143 16.08 -28.84 15.01
CA GLY M 143 15.25 -28.07 14.11
C GLY M 143 13.93 -27.78 14.80
N LYS M 144 13.27 -28.85 15.19
CA LYS M 144 11.98 -28.73 15.86
C LYS M 144 12.16 -27.67 16.93
N ALA M 145 13.28 -27.74 17.63
CA ALA M 145 13.54 -26.77 18.68
C ALA M 145 13.55 -25.33 18.13
N ASN M 146 14.42 -25.09 17.14
CA ASN M 146 14.53 -23.78 16.51
C ASN M 146 13.21 -23.29 15.98
N ARG M 147 12.36 -24.21 15.56
CA ARG M 147 11.06 -23.81 15.07
C ARG M 147 10.24 -23.36 16.27
N LEU M 148 10.10 -24.24 17.25
CA LEU M 148 9.32 -23.91 18.41
C LEU M 148 9.71 -22.53 18.94
N ALA M 149 11.02 -22.25 18.95
CA ALA M 149 11.56 -20.98 19.46
C ALA M 149 11.06 -19.77 18.69
N SER M 150 11.02 -19.93 17.37
CA SER M 150 10.54 -18.84 16.54
C SER M 150 9.09 -18.58 16.87
N MET M 151 8.31 -19.64 17.06
CA MET M 151 6.90 -19.49 17.39
C MET M 151 6.69 -18.76 18.70
N VAL M 152 7.60 -18.97 19.64
CA VAL M 152 7.53 -18.30 20.95
C VAL M 152 7.93 -16.86 20.73
N ARG M 153 9.02 -16.66 19.98
CA ARG M 153 9.46 -15.30 19.70
C ARG M 153 8.29 -14.51 19.10
N GLY M 154 7.39 -15.22 18.46
CA GLY M 154 6.25 -14.56 17.86
C GLY M 154 5.22 -14.14 18.89
N ASN M 155 5.19 -14.81 20.04
CA ASN M 155 4.18 -14.42 21.02
C ASN M 155 4.71 -13.32 21.94
N LEU M 156 5.99 -12.97 21.78
CA LEU M 156 6.60 -11.92 22.60
C LEU M 156 5.68 -10.70 22.74
N GLY M 157 4.91 -10.41 21.69
CA GLY M 157 4.03 -9.27 21.74
C GLY M 157 3.01 -9.41 22.84
N ALA M 158 2.26 -10.52 22.81
CA ALA M 158 1.24 -10.80 23.80
C ALA M 158 1.89 -11.08 25.15
N ALA M 159 3.17 -11.40 25.11
CA ALA M 159 3.89 -11.69 26.34
C ALA M 159 3.99 -10.44 27.18
N MET M 160 4.53 -9.38 26.59
CA MET M 160 4.69 -8.12 27.30
C MET M 160 3.37 -7.49 27.66
N GLN M 161 2.30 -8.22 27.44
CA GLN M 161 0.97 -7.73 27.80
C GLN M 161 0.28 -8.71 28.76
N GLY M 162 1.12 -9.45 29.50
CA GLY M 162 0.63 -10.42 30.46
C GLY M 162 0.32 -11.82 29.94
N LEU M 163 -0.20 -11.90 28.71
CA LEU M 163 -0.58 -13.16 28.08
C LEU M 163 0.63 -13.94 27.59
N ALA M 164 1.59 -14.16 28.47
CA ALA M 164 2.80 -14.88 28.09
C ALA M 164 2.68 -16.37 28.24
N VAL M 165 3.57 -17.10 27.58
CA VAL M 165 3.65 -18.56 27.65
C VAL M 165 5.06 -18.97 27.36
N VAL M 166 5.43 -20.07 28.00
CA VAL M 166 6.76 -20.65 27.88
C VAL M 166 6.65 -22.19 27.85
N PRO M 167 7.31 -22.81 26.86
CA PRO M 167 7.25 -24.26 26.76
C PRO M 167 8.51 -24.97 27.23
N LEU M 168 8.35 -26.28 27.43
CA LEU M 168 9.45 -27.13 27.79
C LEU M 168 9.41 -28.22 26.73
N LEU M 169 10.52 -28.44 26.03
CA LEU M 169 10.55 -29.41 24.95
C LEU M 169 11.51 -30.53 25.21
N VAL M 170 11.04 -31.74 24.92
CA VAL M 170 11.84 -32.95 25.09
C VAL M 170 11.69 -33.82 23.86
N GLY M 171 12.65 -34.73 23.69
CA GLY M 171 12.63 -35.66 22.57
C GLY M 171 13.84 -36.57 22.47
N TYR M 172 13.67 -37.67 21.74
CA TYR M 172 14.74 -38.64 21.53
C TYR M 172 15.45 -38.25 20.23
N ASP M 173 16.65 -37.70 20.37
CA ASP M 173 17.45 -37.27 19.22
C ASP M 173 17.95 -38.45 18.40
N LEU M 174 17.16 -38.79 17.40
CA LEU M 174 17.50 -39.89 16.51
C LEU M 174 18.87 -39.74 15.85
N ASP M 175 19.47 -38.58 16.02
CA ASP M 175 20.75 -38.35 15.40
C ASP M 175 21.87 -38.20 16.39
N ALA M 176 21.59 -38.50 17.64
CA ALA M 176 22.61 -38.39 18.66
C ALA M 176 23.62 -39.54 18.54
N ASP M 177 24.91 -39.23 18.66
CA ASP M 177 25.92 -40.28 18.57
C ASP M 177 25.67 -41.41 19.57
N ASP M 178 25.72 -41.09 20.88
CA ASP M 178 25.52 -42.09 21.93
C ASP M 178 24.06 -42.22 22.33
N GLU M 179 23.36 -43.14 21.67
CA GLU M 179 21.94 -43.40 21.93
C GLU M 179 21.63 -43.68 23.41
N SER M 180 22.64 -43.49 24.26
CA SER M 180 22.51 -43.70 25.71
C SER M 180 21.97 -42.41 26.34
N ARG M 181 22.59 -41.28 25.99
CA ARG M 181 22.19 -39.96 26.48
C ARG M 181 21.43 -39.21 25.37
N ALA M 182 20.70 -39.96 24.55
CA ALA M 182 19.94 -39.42 23.45
C ALA M 182 18.72 -38.62 23.91
N GLY M 183 18.38 -38.63 25.19
CA GLY M 183 17.24 -37.84 25.59
C GLY M 183 17.66 -36.39 25.69
N ARG M 184 16.78 -35.46 25.32
CA ARG M 184 17.12 -34.04 25.40
C ARG M 184 16.04 -33.11 25.96
N ILE M 185 16.49 -32.08 26.68
CA ILE M 185 15.58 -31.12 27.27
C ILE M 185 15.92 -29.71 26.82
N VAL M 186 14.93 -29.00 26.28
CA VAL M 186 15.13 -27.63 25.80
C VAL M 186 14.18 -26.68 26.52
N SER M 187 14.73 -25.63 27.09
CA SER M 187 13.87 -24.68 27.80
C SER M 187 13.75 -23.40 27.00
N TYR M 188 12.73 -22.60 27.28
CA TYR M 188 12.57 -21.37 26.53
C TYR M 188 12.47 -20.05 27.29
N ASP M 189 12.77 -18.96 26.58
CA ASP M 189 12.70 -17.58 27.09
C ASP M 189 11.30 -17.13 26.78
N VAL M 190 11.13 -15.82 26.74
CA VAL M 190 9.86 -15.25 26.41
C VAL M 190 10.14 -14.48 25.14
N VAL M 191 11.41 -14.10 24.99
CA VAL M 191 11.88 -13.40 23.82
C VAL M 191 12.28 -14.45 22.79
N GLY M 192 11.98 -15.70 23.13
CA GLY M 192 12.24 -16.82 22.24
C GLY M 192 13.61 -17.44 22.29
N GLY M 193 14.27 -17.43 23.45
CA GLY M 193 15.58 -18.04 23.51
C GLY M 193 15.46 -19.55 23.57
N ARG M 194 16.46 -20.27 23.07
CA ARG M 194 16.43 -21.74 23.08
C ARG M 194 17.58 -22.18 24.02
N TYR M 195 17.28 -23.05 24.99
CA TYR M 195 18.30 -23.53 25.95
C TYR M 195 18.37 -25.04 26.19
N GLU M 196 19.60 -25.55 26.26
CA GLU M 196 19.81 -26.97 26.50
C GLU M 196 19.85 -27.30 27.98
N GLU M 197 19.17 -28.39 28.35
CA GLU M 197 19.11 -28.86 29.72
C GLU M 197 20.49 -29.07 30.34
N ARG M 198 21.15 -30.12 29.89
CA ARG M 198 22.50 -30.50 30.35
C ARG M 198 22.59 -30.69 31.88
N ALA M 199 21.50 -31.18 32.46
CA ALA M 199 21.41 -31.42 33.90
C ALA M 199 20.32 -32.44 34.17
N GLY M 200 20.01 -33.24 33.16
CA GLY M 200 19.01 -34.28 33.31
C GLY M 200 17.58 -33.89 33.63
N TYR M 201 17.37 -32.69 34.15
CA TYR M 201 16.01 -32.32 34.46
C TYR M 201 15.75 -30.84 34.40
N HIS M 202 14.48 -30.50 34.30
CA HIS M 202 14.09 -29.12 34.28
C HIS M 202 12.59 -29.05 34.47
N ALA M 203 12.10 -27.84 34.72
CA ALA M 203 10.68 -27.64 34.91
C ALA M 203 10.32 -26.24 34.49
N VAL M 204 9.02 -25.96 34.47
CA VAL M 204 8.53 -24.64 34.13
C VAL M 204 7.17 -24.50 34.74
N GLY M 205 6.87 -23.29 35.20
CA GLY M 205 5.59 -23.02 35.81
C GLY M 205 5.75 -22.44 37.20
N SER M 206 4.62 -22.20 37.86
CA SER M 206 4.64 -21.60 39.20
C SER M 206 5.46 -22.37 40.23
N GLY M 207 5.21 -23.68 40.33
CA GLY M 207 5.93 -24.52 41.29
C GLY M 207 7.20 -25.11 40.73
N SER M 208 7.75 -24.46 39.70
CA SER M 208 8.96 -24.92 39.04
C SER M 208 10.16 -24.83 39.95
N LEU M 209 10.32 -23.69 40.60
CA LEU M 209 11.43 -23.49 41.51
C LEU M 209 11.42 -24.65 42.52
N ALA M 210 10.22 -24.91 43.05
CA ALA M 210 9.98 -25.98 44.02
C ALA M 210 10.48 -27.31 43.51
N ALA M 211 9.77 -27.79 42.51
CA ALA M 211 10.07 -29.04 41.86
C ALA M 211 11.58 -29.18 41.50
N LYS M 212 12.16 -28.16 40.86
CA LYS M 212 13.57 -28.16 40.45
C LYS M 212 14.47 -28.49 41.61
N SER M 213 14.09 -27.98 42.78
CA SER M 213 14.84 -28.21 44.01
C SER M 213 14.64 -29.63 44.52
N ALA M 214 13.38 -30.10 44.48
CA ALA M 214 13.05 -31.47 44.90
C ALA M 214 13.95 -32.38 44.08
N LEU M 215 13.91 -32.21 42.76
CA LEU M 215 14.76 -33.01 41.88
C LEU M 215 16.26 -32.83 42.24
N LYS M 216 16.67 -31.62 42.58
CA LYS M 216 18.07 -31.42 42.89
C LYS M 216 18.50 -32.47 43.91
N LYS M 217 17.52 -33.04 44.62
CA LYS M 217 17.80 -34.06 45.64
C LYS M 217 17.40 -35.48 45.23
N ILE M 218 16.13 -35.64 44.89
CA ILE M 218 15.56 -36.92 44.50
C ILE M 218 15.84 -37.42 43.08
N TYR M 219 16.81 -36.83 42.40
CA TYR M 219 17.10 -37.28 41.06
C TYR M 219 18.56 -37.65 40.83
N SER M 220 18.73 -38.76 40.13
CA SER M 220 20.04 -39.29 39.81
C SER M 220 20.07 -39.70 38.34
N PRO M 221 21.22 -39.46 37.67
CA PRO M 221 21.46 -39.76 36.26
C PRO M 221 20.90 -41.10 35.82
N ASP M 222 21.45 -41.63 34.73
CA ASP M 222 21.01 -42.89 34.15
C ASP M 222 20.17 -43.69 35.13
N SER M 223 18.85 -43.71 34.90
CA SER M 223 17.93 -44.45 35.76
C SER M 223 16.82 -45.14 34.99
N ASP M 224 15.91 -45.79 35.72
CA ASP M 224 14.79 -46.52 35.12
C ASP M 224 13.73 -45.60 34.58
N GLU M 225 12.95 -46.09 33.64
CA GLU M 225 11.88 -45.29 33.10
C GLU M 225 10.75 -45.49 34.11
N GLU M 226 11.13 -45.93 35.30
CA GLU M 226 10.15 -46.15 36.35
C GLU M 226 10.63 -45.27 37.49
N THR M 227 11.96 -45.21 37.63
CA THR M 227 12.60 -44.42 38.65
C THR M 227 12.27 -42.96 38.40
N ALA M 228 12.60 -42.52 37.18
CA ALA M 228 12.37 -41.16 36.74
C ALA M 228 10.89 -40.81 36.75
N LEU M 229 10.03 -41.68 36.25
CA LEU M 229 8.62 -41.34 36.28
C LEU M 229 8.22 -41.21 37.74
N ARG M 230 9.03 -41.79 38.62
CA ARG M 230 8.80 -41.74 40.06
C ARG M 230 9.20 -40.37 40.63
N ALA M 231 10.46 -40.00 40.43
CA ALA M 231 10.98 -38.72 40.90
C ALA M 231 10.12 -37.61 40.39
N ALA M 232 9.56 -37.81 39.20
CA ALA M 232 8.72 -36.82 38.55
C ALA M 232 7.42 -36.62 39.30
N ILE M 233 6.72 -37.70 39.62
CA ILE M 233 5.48 -37.53 40.34
C ILE M 233 5.84 -36.97 41.71
N GLU M 234 7.10 -37.18 42.11
CA GLU M 234 7.62 -36.69 43.37
C GLU M 234 7.71 -35.18 43.39
N SER M 235 8.65 -34.63 42.63
CA SER M 235 8.86 -33.19 42.54
C SER M 235 7.60 -32.42 42.20
N LEU M 236 6.68 -33.09 41.52
CA LEU M 236 5.39 -32.52 41.15
C LEU M 236 4.45 -32.49 42.39
N TYR M 237 4.89 -33.17 43.45
CA TYR M 237 4.12 -33.22 44.68
C TYR M 237 4.58 -32.06 45.54
N ASP M 238 5.90 -31.93 45.67
CA ASP M 238 6.53 -30.87 46.44
C ASP M 238 6.16 -29.52 45.87
N ALA M 239 6.14 -29.42 44.54
CA ALA M 239 5.77 -28.18 43.88
C ALA M 239 4.38 -27.78 44.34
N ALA M 240 3.55 -28.79 44.54
CA ALA M 240 2.19 -28.56 44.97
C ALA M 240 2.16 -28.16 46.42
N ASP M 241 3.18 -28.57 47.16
CA ASP M 241 3.24 -28.25 48.57
C ASP M 241 3.43 -26.75 48.77
N ASP M 242 4.46 -26.19 48.14
CA ASP M 242 4.77 -24.76 48.26
C ASP M 242 4.25 -23.92 47.09
N ASP M 243 3.00 -24.14 46.67
CA ASP M 243 2.44 -23.38 45.55
C ASP M 243 0.98 -23.70 45.31
N SER M 244 0.09 -22.75 45.62
CA SER M 244 -1.34 -22.94 45.46
C SER M 244 -1.79 -22.86 44.01
N ALA M 245 -0.88 -22.51 43.12
CA ALA M 245 -1.20 -22.42 41.70
C ALA M 245 -1.16 -23.80 41.03
N THR M 246 -0.34 -24.69 41.58
CA THR M 246 -0.16 -26.06 41.12
C THR M 246 -1.11 -26.98 41.92
N GLY M 247 -0.57 -27.87 42.72
CA GLY M 247 -1.43 -28.79 43.45
C GLY M 247 -1.45 -30.14 42.73
N GLY M 248 -0.30 -30.81 42.79
CA GLY M 248 -0.12 -32.11 42.16
C GLY M 248 -1.13 -33.20 42.47
N PRO M 249 -0.64 -34.44 42.65
CA PRO M 249 -1.41 -35.66 42.95
C PRO M 249 -2.42 -35.57 44.08
N ASP M 250 -3.70 -35.61 43.72
CA ASP M 250 -4.78 -35.57 44.70
C ASP M 250 -5.53 -36.91 44.75
N LEU M 251 -5.06 -37.79 45.64
CA LEU M 251 -5.61 -39.14 45.83
C LEU M 251 -7.11 -39.17 46.08
N THR M 252 -7.58 -38.23 46.88
CA THR M 252 -9.00 -38.15 47.22
C THR M 252 -9.93 -37.81 46.04
N ARG M 253 -9.49 -36.96 45.13
CA ARG M 253 -10.33 -36.56 44.01
C ARG M 253 -10.18 -37.40 42.74
N GLY M 254 -8.98 -37.96 42.54
CA GLY M 254 -8.75 -38.79 41.36
C GLY M 254 -7.95 -38.04 40.34
N ILE M 255 -7.41 -36.91 40.78
CA ILE M 255 -6.61 -36.03 39.97
C ILE M 255 -5.13 -36.48 39.96
N TYR M 256 -4.70 -37.11 38.86
CA TYR M 256 -3.32 -37.56 38.73
C TYR M 256 -2.53 -36.87 37.62
N PRO M 257 -1.24 -36.61 37.86
CA PRO M 257 -0.31 -35.95 36.93
C PRO M 257 -0.33 -36.59 35.55
N THR M 258 -0.12 -35.79 34.51
CA THR M 258 -0.08 -36.32 33.17
C THR M 258 1.39 -36.48 32.79
N ALA M 259 1.73 -37.61 32.18
CA ALA M 259 3.11 -37.88 31.78
C ALA M 259 3.18 -38.39 30.37
N VAL M 260 4.39 -38.46 29.85
CA VAL M 260 4.63 -38.95 28.50
C VAL M 260 6.10 -39.28 28.44
N THR M 261 6.43 -40.47 27.93
CA THR M 261 7.81 -40.90 27.84
C THR M 261 8.22 -41.12 26.41
N ILE M 262 9.45 -40.72 26.11
CA ILE M 262 10.00 -40.83 24.77
C ILE M 262 11.28 -41.64 24.87
N THR M 263 11.47 -42.48 23.85
CA THR M 263 12.62 -43.37 23.77
C THR M 263 12.91 -43.73 22.31
N GLN M 264 13.80 -44.69 22.10
CA GLN M 264 14.16 -45.14 20.76
C GLN M 264 12.98 -45.74 20.01
N ALA M 265 11.85 -45.89 20.69
CA ALA M 265 10.65 -46.46 20.09
C ALA M 265 9.67 -45.36 19.80
N GLY M 266 9.92 -44.19 20.35
CA GLY M 266 9.01 -43.09 20.10
C GLY M 266 8.36 -42.66 21.38
N ALA M 267 7.43 -41.71 21.27
CA ALA M 267 6.76 -41.19 22.46
C ALA M 267 5.42 -41.84 22.71
N VAL M 268 5.17 -42.13 23.99
CA VAL M 268 3.91 -42.73 24.42
C VAL M 268 3.46 -42.12 25.75
N HIS M 269 2.15 -41.86 25.82
CA HIS M 269 1.50 -41.26 26.98
C HIS M 269 1.21 -42.36 27.99
N VAL M 270 1.82 -42.20 29.16
CA VAL M 270 1.67 -43.12 30.27
C VAL M 270 0.18 -43.25 30.66
N SER M 271 -0.20 -44.45 31.09
CA SER M 271 -1.58 -44.75 31.47
C SER M 271 -1.97 -44.18 32.83
N GLU M 272 -3.28 -43.96 33.00
CA GLU M 272 -3.78 -43.43 34.27
C GLU M 272 -3.45 -44.36 35.45
N GLU M 273 -3.29 -45.65 35.16
CA GLU M 273 -2.97 -46.64 36.18
C GLU M 273 -1.51 -46.55 36.58
N THR M 274 -0.62 -46.49 35.61
CA THR M 274 0.81 -46.41 35.89
C THR M 274 1.14 -45.17 36.70
N THR M 275 0.18 -44.25 36.81
CA THR M 275 0.38 -43.01 37.55
C THR M 275 -0.19 -43.04 38.98
N SER M 276 -1.48 -43.37 39.10
CA SER M 276 -2.11 -43.43 40.42
C SER M 276 -1.43 -44.45 41.35
N GLU M 277 -1.22 -45.66 40.86
CA GLU M 277 -0.57 -46.73 41.65
C GLU M 277 0.92 -46.39 41.77
N LEU M 278 1.30 -45.25 41.20
CA LEU M 278 2.67 -44.79 41.23
C LEU M 278 2.76 -43.65 42.23
N ALA M 279 1.71 -42.83 42.34
CA ALA M 279 1.69 -41.72 43.27
C ALA M 279 1.36 -42.19 44.68
N ARG M 280 0.62 -43.30 44.75
CA ARG M 280 0.23 -43.89 46.02
C ARG M 280 1.50 -44.40 46.70
N ARG M 281 2.42 -44.91 45.88
CA ARG M 281 3.71 -45.43 46.31
C ARG M 281 4.53 -44.26 46.87
N ILE M 282 4.55 -43.16 46.13
CA ILE M 282 5.28 -41.97 46.55
C ILE M 282 4.85 -41.52 47.95
N VAL M 283 3.54 -41.40 48.17
CA VAL M 283 3.00 -40.96 49.45
C VAL M 283 3.56 -41.79 50.61
N ALA M 284 4.47 -41.20 51.38
CA ALA M 284 5.13 -41.85 52.51
C ALA M 284 5.93 -43.08 52.06
N ASN N 22 -13.38 -19.66 0.59
CA ASN N 22 -12.41 -20.39 -0.31
C ASN N 22 -11.69 -21.53 0.43
N LEU N 23 -12.22 -21.81 1.61
CA LEU N 23 -11.79 -22.88 2.50
C LEU N 23 -13.10 -23.25 3.19
N SER N 24 -14.19 -22.86 2.53
CA SER N 24 -15.56 -23.09 2.95
C SER N 24 -15.93 -22.31 4.20
N SER N 25 -15.07 -21.38 4.59
CA SER N 25 -15.31 -20.53 5.76
C SER N 25 -16.09 -19.27 5.34
N PHE N 26 -17.32 -19.11 5.80
CA PHE N 26 -18.04 -17.90 5.41
C PHE N 26 -17.29 -16.68 5.93
N THR N 27 -16.85 -16.78 7.17
CA THR N 27 -16.08 -15.76 7.87
C THR N 27 -14.90 -15.30 7.01
N ASP N 28 -14.01 -16.25 6.74
CA ASP N 28 -12.81 -16.05 5.93
C ASP N 28 -13.17 -15.34 4.62
N TYR N 29 -14.40 -15.53 4.14
CA TYR N 29 -14.78 -14.88 2.90
C TYR N 29 -14.87 -13.40 3.21
N LEU N 30 -15.45 -13.06 4.36
CA LEU N 30 -15.56 -11.65 4.77
C LEU N 30 -14.15 -11.13 5.05
N ARG N 31 -13.37 -11.94 5.76
CA ARG N 31 -11.99 -11.60 6.08
C ARG N 31 -11.34 -10.93 4.88
N GLY N 32 -11.58 -11.48 3.70
CA GLY N 32 -10.99 -10.93 2.50
C GLY N 32 -11.85 -10.15 1.52
N HIS N 33 -13.17 -10.14 1.70
CA HIS N 33 -14.05 -9.43 0.76
C HIS N 33 -14.96 -8.41 1.45
N ALA N 34 -14.97 -8.41 2.77
CA ALA N 34 -15.81 -7.50 3.51
C ALA N 34 -15.42 -7.49 4.98
N PRO N 35 -14.19 -7.03 5.28
CA PRO N 35 -13.63 -6.94 6.64
C PRO N 35 -14.48 -6.17 7.64
N GLU N 36 -15.27 -5.22 7.15
CA GLU N 36 -16.11 -4.41 8.01
C GLU N 36 -17.18 -5.23 8.73
N LEU N 37 -16.96 -6.53 8.87
CA LEU N 37 -17.93 -7.41 9.52
C LEU N 37 -17.33 -8.36 10.55
N LEU N 38 -16.18 -7.96 11.10
CA LEU N 38 -15.49 -8.77 12.11
C LEU N 38 -15.28 -7.99 13.43
N ASP N 60 -20.16 0.14 31.90
CA ASP N 60 -21.34 -0.36 31.22
C ASP N 60 -22.03 0.67 30.31
N LEU N 61 -21.43 0.89 29.16
CA LEU N 61 -22.02 1.77 28.19
C LEU N 61 -23.10 1.04 27.38
N ALA N 62 -23.11 -0.27 27.43
CA ALA N 62 -24.09 -0.95 26.59
C ALA N 62 -24.45 -2.30 27.17
N PRO N 63 -25.79 -2.55 27.22
CA PRO N 63 -26.68 -3.71 27.75
C PRO N 63 -26.14 -5.13 27.89
N HIS N 64 -25.69 -5.37 29.10
CA HIS N 64 -24.97 -6.50 29.60
C HIS N 64 -25.59 -7.89 29.63
N GLY N 65 -24.79 -8.69 30.31
CA GLY N 65 -25.13 -10.08 30.50
C GLY N 65 -25.72 -10.35 31.87
N THR N 66 -25.80 -11.95 31.76
CA THR N 66 -26.70 -12.89 32.44
C THR N 66 -26.12 -14.31 32.48
N THR N 67 -26.66 -15.16 33.36
CA THR N 67 -26.16 -16.54 33.52
C THR N 67 -26.77 -17.58 32.58
N ILE N 68 -25.94 -18.55 32.19
CA ILE N 68 -26.38 -19.63 31.30
C ILE N 68 -25.80 -20.95 31.81
N VAL N 69 -26.65 -21.98 31.83
CA VAL N 69 -26.26 -23.30 32.32
C VAL N 69 -26.27 -24.37 31.26
N ALA N 70 -25.42 -25.38 31.46
CA ALA N 70 -25.33 -26.51 30.53
C ALA N 70 -25.25 -27.87 31.23
N LEU N 71 -26.12 -28.79 30.81
CA LEU N 71 -26.16 -30.14 31.37
C LEU N 71 -26.10 -31.27 30.34
N THR N 72 -25.50 -32.36 30.76
CA THR N 72 -25.33 -33.56 29.97
C THR N 72 -26.25 -34.63 30.56
N TYR N 73 -26.62 -35.62 29.76
CA TYR N 73 -27.49 -36.68 30.26
C TYR N 73 -27.60 -37.86 29.31
N LYS N 74 -28.39 -38.85 29.68
CA LYS N 74 -28.57 -40.04 28.85
C LYS N 74 -28.80 -39.68 27.37
N GLY N 75 -29.95 -39.05 27.08
CA GLY N 75 -30.28 -38.67 25.72
C GLY N 75 -29.18 -37.88 25.03
N GLY N 76 -29.11 -36.58 25.33
CA GLY N 76 -28.09 -35.71 24.75
C GLY N 76 -27.63 -34.65 25.74
N VAL N 77 -27.85 -33.38 25.41
CA VAL N 77 -27.49 -32.24 26.28
C VAL N 77 -28.47 -31.09 26.14
N LEU N 78 -28.29 -30.05 26.95
CA LEU N 78 -29.18 -28.90 26.88
C LEU N 78 -28.58 -27.64 27.44
N LEU N 79 -29.24 -26.53 27.11
CA LEU N 79 -28.86 -25.20 27.56
C LEU N 79 -30.07 -24.50 28.11
N ALA N 80 -29.84 -23.70 29.15
CA ALA N 80 -30.90 -22.93 29.77
C ALA N 80 -30.19 -21.72 30.33
N GLY N 81 -30.72 -20.53 30.03
CA GLY N 81 -30.12 -19.31 30.53
C GLY N 81 -31.16 -18.27 30.93
N ASP N 82 -30.76 -17.37 31.83
CA ASP N 82 -31.66 -16.32 32.28
C ASP N 82 -32.19 -15.52 31.10
N ARG N 83 -32.90 -14.42 31.36
CA ARG N 83 -33.40 -13.58 30.27
C ARG N 83 -33.34 -12.10 30.65
N ARG N 84 -32.55 -11.79 31.67
CA ARG N 84 -32.43 -10.42 32.10
C ARG N 84 -31.16 -9.77 31.59
N ALA N 85 -31.33 -8.66 30.89
CA ALA N 85 -30.22 -7.89 30.34
C ALA N 85 -30.13 -6.66 31.22
N THR N 86 -28.96 -6.49 31.84
CA THR N 86 -28.72 -5.40 32.76
C THR N 86 -27.54 -4.49 32.43
N GLN N 87 -27.82 -3.23 32.13
CA GLN N 87 -26.77 -2.26 31.84
C GLN N 87 -26.61 -1.38 33.06
N GLY N 88 -25.69 -1.77 33.94
CA GLY N 88 -25.45 -1.04 35.16
C GLY N 88 -26.07 -1.86 36.27
N ASN N 89 -26.97 -1.24 37.04
CA ASN N 89 -27.67 -1.92 38.12
C ASN N 89 -29.11 -1.92 37.64
N LEU N 90 -29.29 -1.20 36.53
CA LEU N 90 -30.58 -1.04 35.88
C LEU N 90 -30.93 -2.22 34.98
N ILE N 91 -32.20 -2.58 35.00
CA ILE N 91 -32.68 -3.67 34.16
C ILE N 91 -33.12 -3.06 32.83
N ALA N 92 -32.52 -3.56 31.75
CA ALA N 92 -32.79 -3.07 30.40
C ALA N 92 -33.83 -3.88 29.63
N SER N 93 -33.87 -5.18 29.89
CA SER N 93 -34.80 -6.08 29.22
C SER N 93 -34.92 -7.35 30.08
N ARG N 94 -36.10 -7.94 30.13
CA ARG N 94 -36.31 -9.16 30.90
C ARG N 94 -36.82 -10.32 30.01
N ASP N 95 -36.67 -10.17 28.70
CA ASP N 95 -37.12 -11.18 27.74
C ASP N 95 -36.10 -11.47 26.63
N VAL N 96 -34.83 -11.23 26.89
CA VAL N 96 -33.79 -11.47 25.89
C VAL N 96 -33.32 -12.94 25.88
N GLU N 97 -33.40 -13.59 24.72
CA GLU N 97 -32.99 -14.99 24.59
C GLU N 97 -31.48 -15.02 24.53
N LYS N 98 -30.86 -15.85 25.35
CA LYS N 98 -29.39 -15.92 25.39
C LYS N 98 -28.82 -17.19 24.76
N VAL N 99 -29.69 -18.17 24.55
CA VAL N 99 -29.25 -19.41 23.94
C VAL N 99 -29.86 -19.53 22.55
N TYR N 100 -29.04 -19.94 21.59
CA TYR N 100 -29.52 -20.10 20.22
C TYR N 100 -29.11 -21.44 19.66
N VAL N 101 -29.88 -21.93 18.69
CA VAL N 101 -29.60 -23.20 18.03
C VAL N 101 -28.67 -22.89 16.86
N THR N 102 -27.41 -23.27 16.98
CA THR N 102 -26.46 -23.00 15.91
C THR N 102 -26.76 -23.82 14.67
N ASP N 103 -27.05 -25.11 14.84
CA ASP N 103 -27.37 -25.96 13.71
C ASP N 103 -28.18 -27.17 14.15
N GLU N 104 -28.48 -28.05 13.20
CA GLU N 104 -29.25 -29.26 13.45
C GLU N 104 -28.90 -29.98 14.74
N TYR N 105 -27.61 -30.22 14.95
CA TYR N 105 -27.17 -30.94 16.14
C TYR N 105 -26.30 -30.20 17.17
N SER N 106 -26.61 -28.93 17.40
CA SER N 106 -25.88 -28.13 18.38
C SER N 106 -26.48 -26.73 18.60
N ALA N 107 -25.98 -26.09 19.65
CA ALA N 107 -26.41 -24.77 20.00
C ALA N 107 -25.43 -24.23 21.03
N ALA N 108 -25.62 -22.99 21.43
CA ALA N 108 -24.72 -22.40 22.39
C ALA N 108 -25.37 -21.16 22.93
N GLY N 109 -24.91 -20.75 24.12
CA GLY N 109 -25.38 -19.54 24.77
C GLY N 109 -24.17 -18.63 24.99
N ILE N 110 -24.36 -17.33 24.81
CA ILE N 110 -23.26 -16.38 25.00
C ILE N 110 -23.53 -15.37 26.10
N ALA N 111 -22.52 -15.14 26.93
CA ALA N 111 -22.60 -14.21 28.05
C ALA N 111 -21.63 -13.05 27.83
N GLY N 112 -22.11 -11.85 28.03
CA GLY N 112 -21.26 -10.70 27.84
C GLY N 112 -22.06 -9.60 27.16
N THR N 113 -21.37 -8.62 26.61
CA THR N 113 -22.02 -7.52 25.94
C THR N 113 -23.07 -8.03 24.94
N ALA N 114 -24.34 -7.82 25.24
CA ALA N 114 -25.40 -8.29 24.37
C ALA N 114 -25.10 -8.03 22.90
N GLY N 115 -24.83 -6.76 22.59
CA GLY N 115 -24.54 -6.38 21.23
C GLY N 115 -23.56 -7.32 20.56
N ILE N 116 -22.33 -7.34 21.05
CA ILE N 116 -21.30 -8.19 20.48
C ILE N 116 -21.61 -9.70 20.49
N ALA N 117 -22.36 -10.16 21.48
CA ALA N 117 -22.70 -11.58 21.59
C ALA N 117 -23.72 -12.05 20.56
N ILE N 118 -24.66 -11.17 20.25
CA ILE N 118 -25.69 -11.49 19.27
C ILE N 118 -25.01 -11.71 17.92
N GLU N 119 -24.50 -10.62 17.33
CA GLU N 119 -23.84 -10.69 16.05
C GLU N 119 -22.84 -11.82 16.00
N LEU N 120 -22.16 -12.10 17.11
CA LEU N 120 -21.21 -13.22 17.11
C LEU N 120 -21.81 -14.64 16.95
N VAL N 121 -23.00 -14.88 17.49
CA VAL N 121 -23.61 -16.21 17.35
C VAL N 121 -24.24 -16.40 15.97
N ARG N 122 -24.94 -15.36 15.52
CA ARG N 122 -25.59 -15.33 14.22
C ARG N 122 -24.54 -15.70 13.18
N LEU N 123 -23.40 -15.04 13.27
CA LEU N 123 -22.34 -15.33 12.34
C LEU N 123 -21.91 -16.79 12.48
N PHE N 124 -21.75 -17.28 13.71
CA PHE N 124 -21.34 -18.66 13.93
C PHE N 124 -22.31 -19.61 13.29
N ALA N 125 -23.58 -19.27 13.40
CA ALA N 125 -24.61 -20.08 12.81
C ALA N 125 -24.35 -20.17 11.30
N VAL N 126 -24.28 -19.01 10.65
CA VAL N 126 -24.02 -18.96 9.22
C VAL N 126 -22.73 -19.71 8.90
N GLU N 127 -21.66 -19.41 9.60
CA GLU N 127 -20.39 -20.09 9.34
C GLU N 127 -20.63 -21.57 9.19
N LEU N 128 -21.44 -22.13 10.07
CA LEU N 128 -21.71 -23.57 10.00
C LEU N 128 -22.54 -23.97 8.76
N GLU N 129 -23.72 -23.38 8.63
CA GLU N 129 -24.60 -23.70 7.51
C GLU N 129 -23.86 -23.61 6.19
N HIS N 130 -23.20 -22.47 5.98
CA HIS N 130 -22.45 -22.26 4.76
C HIS N 130 -21.46 -23.40 4.51
N TYR N 131 -20.64 -23.74 5.50
CA TYR N 131 -19.67 -24.80 5.29
C TYR N 131 -20.36 -26.07 4.85
N GLU N 132 -21.62 -26.23 5.23
CA GLU N 132 -22.34 -27.43 4.85
C GLU N 132 -22.71 -27.36 3.35
N LYS N 133 -23.48 -26.34 2.98
CA LYS N 133 -23.90 -26.14 1.59
C LYS N 133 -22.75 -26.22 0.60
N ILE N 134 -21.53 -25.92 1.04
CA ILE N 134 -20.41 -25.97 0.13
C ILE N 134 -19.76 -27.32 0.13
N GLU N 135 -19.53 -27.88 1.31
CA GLU N 135 -18.88 -29.18 1.39
C GLU N 135 -19.83 -30.35 1.20
N GLY N 136 -21.12 -30.08 1.35
CA GLY N 136 -22.11 -31.12 1.21
C GLY N 136 -22.42 -31.79 2.55
N VAL N 137 -21.44 -31.82 3.44
CA VAL N 137 -21.62 -32.43 4.74
C VAL N 137 -21.51 -31.33 5.80
N PRO N 138 -21.76 -31.66 7.07
CA PRO N 138 -21.63 -30.64 8.11
C PRO N 138 -20.24 -30.80 8.77
N LEU N 139 -19.90 -29.85 9.62
CA LEU N 139 -18.61 -29.89 10.30
C LEU N 139 -18.60 -30.84 11.49
N THR N 140 -17.41 -31.35 11.84
CA THR N 140 -17.28 -32.22 12.99
C THR N 140 -17.76 -31.36 14.14
N PHE N 141 -17.99 -31.93 15.32
CA PHE N 141 -18.39 -31.07 16.42
C PHE N 141 -17.12 -30.31 16.76
N ASP N 142 -16.01 -31.05 16.84
CA ASP N 142 -14.70 -30.49 17.13
C ASP N 142 -14.35 -29.39 16.14
N GLY N 143 -15.08 -29.35 15.03
CA GLY N 143 -14.84 -28.32 14.04
C GLY N 143 -15.62 -27.11 14.49
N LYS N 144 -16.95 -27.25 14.59
CA LYS N 144 -17.83 -26.17 15.02
C LYS N 144 -17.26 -25.40 16.20
N ALA N 145 -16.64 -26.13 17.11
CA ALA N 145 -16.07 -25.50 18.27
C ALA N 145 -14.84 -24.71 17.90
N ASN N 146 -13.85 -25.36 17.27
CA ASN N 146 -12.60 -24.69 16.88
C ASN N 146 -12.87 -23.40 16.11
N ARG N 147 -13.95 -23.40 15.33
CA ARG N 147 -14.37 -22.23 14.56
C ARG N 147 -14.88 -21.20 15.56
N LEU N 148 -15.83 -21.60 16.39
CA LEU N 148 -16.40 -20.71 17.37
C LEU N 148 -15.29 -20.04 18.13
N ALA N 149 -14.28 -20.82 18.50
CA ALA N 149 -13.15 -20.29 19.24
C ALA N 149 -12.44 -19.24 18.47
N SER N 150 -12.19 -19.53 17.20
CA SER N 150 -11.52 -18.57 16.35
C SER N 150 -12.31 -17.25 16.32
N MET N 151 -13.65 -17.34 16.32
CA MET N 151 -14.48 -16.14 16.31
C MET N 151 -14.36 -15.39 17.63
N VAL N 152 -14.15 -16.13 18.71
CA VAL N 152 -13.96 -15.50 20.01
C VAL N 152 -12.61 -14.81 20.01
N ARG N 153 -11.57 -15.55 19.71
CA ARG N 153 -10.22 -14.98 19.68
C ARG N 153 -10.21 -13.70 18.89
N GLY N 154 -11.14 -13.57 17.95
CA GLY N 154 -11.21 -12.39 17.11
C GLY N 154 -11.79 -11.17 17.81
N ASN N 155 -12.50 -11.38 18.92
CA ASN N 155 -13.09 -10.28 19.68
C ASN N 155 -12.16 -9.84 20.78
N LEU N 156 -11.18 -10.69 21.09
CA LEU N 156 -10.20 -10.41 22.12
C LEU N 156 -9.85 -8.93 22.21
N GLY N 157 -9.75 -8.29 21.06
CA GLY N 157 -9.42 -6.89 21.05
C GLY N 157 -10.47 -6.10 21.81
N ALA N 158 -11.72 -6.27 21.42
CA ALA N 158 -12.81 -5.58 22.06
C ALA N 158 -12.98 -6.07 23.50
N ALA N 159 -12.51 -7.29 23.76
CA ALA N 159 -12.57 -7.91 25.08
C ALA N 159 -11.82 -7.08 26.10
N MET N 160 -10.53 -6.88 25.82
CA MET N 160 -9.65 -6.10 26.68
C MET N 160 -10.09 -4.66 26.82
N GLN N 161 -11.18 -4.29 26.16
CA GLN N 161 -11.69 -2.93 26.29
C GLN N 161 -13.03 -2.91 26.97
N GLY N 162 -13.32 -4.00 27.70
CA GLY N 162 -14.58 -4.12 28.43
C GLY N 162 -15.66 -4.88 27.69
N LEU N 163 -15.79 -4.61 26.39
CA LEU N 163 -16.82 -5.25 25.56
C LEU N 163 -16.60 -6.72 25.27
N ALA N 164 -16.30 -7.49 26.31
CA ALA N 164 -16.05 -8.90 26.13
C ALA N 164 -17.31 -9.76 26.11
N VAL N 165 -17.13 -10.99 25.63
CA VAL N 165 -18.21 -11.97 25.54
C VAL N 165 -17.58 -13.35 25.56
N VAL N 166 -18.29 -14.31 26.14
CA VAL N 166 -17.80 -15.68 26.20
C VAL N 166 -18.97 -16.64 26.05
N PRO N 167 -18.83 -17.62 25.15
CA PRO N 167 -19.92 -18.55 24.94
C PRO N 167 -19.79 -19.89 25.63
N LEU N 168 -20.86 -20.65 25.52
CA LEU N 168 -20.93 -21.98 26.06
C LEU N 168 -21.53 -22.81 24.94
N LEU N 169 -20.76 -23.76 24.42
CA LEU N 169 -21.20 -24.58 23.29
C LEU N 169 -21.57 -26.00 23.67
N VAL N 170 -22.74 -26.43 23.19
CA VAL N 170 -23.24 -27.79 23.44
C VAL N 170 -23.70 -28.44 22.12
N GLY N 171 -23.71 -29.78 22.10
CA GLY N 171 -24.12 -30.49 20.91
C GLY N 171 -24.03 -32.02 20.97
N TYR N 172 -24.80 -32.66 20.09
CA TYR N 172 -24.80 -34.11 20.00
C TYR N 172 -23.77 -34.52 18.95
N ASP N 173 -22.65 -35.06 19.40
CA ASP N 173 -21.55 -35.49 18.53
C ASP N 173 -21.87 -36.70 17.66
N LEU N 174 -22.50 -36.46 16.52
CA LEU N 174 -22.86 -37.53 15.59
C LEU N 174 -21.70 -38.44 15.25
N ASP N 175 -20.54 -38.19 15.83
CA ASP N 175 -19.39 -39.03 15.54
C ASP N 175 -18.78 -39.63 16.80
N ALA N 176 -19.53 -39.56 17.88
CA ALA N 176 -19.05 -40.12 19.14
C ALA N 176 -19.33 -41.62 19.13
N ASP N 177 -18.34 -42.40 19.56
CA ASP N 177 -18.45 -43.86 19.63
C ASP N 177 -19.67 -44.33 20.41
N ASP N 178 -19.70 -44.01 21.71
CA ASP N 178 -20.82 -44.39 22.57
C ASP N 178 -21.92 -43.33 22.58
N GLU N 179 -22.90 -43.49 21.68
CA GLU N 179 -24.01 -42.55 21.57
C GLU N 179 -24.77 -42.38 22.88
N SER N 180 -24.19 -42.89 23.97
CA SER N 180 -24.78 -42.78 25.30
C SER N 180 -24.31 -41.46 25.91
N ARG N 181 -23.01 -41.21 25.85
CA ARG N 181 -22.42 -39.98 26.37
C ARG N 181 -22.09 -39.07 25.19
N ALA N 182 -22.91 -39.13 24.14
CA ALA N 182 -22.69 -38.33 22.95
C ALA N 182 -22.93 -36.84 23.14
N GLY N 183 -23.41 -36.46 24.33
CA GLY N 183 -23.63 -35.05 24.57
C GLY N 183 -22.31 -34.44 24.97
N ARG N 184 -22.05 -33.20 24.55
CA ARG N 184 -20.81 -32.52 24.91
C ARG N 184 -21.00 -31.06 25.30
N ILE N 185 -20.07 -30.54 26.09
CA ILE N 185 -20.10 -29.15 26.52
C ILE N 185 -18.73 -28.52 26.39
N VAL N 186 -18.65 -27.43 25.63
CA VAL N 186 -17.39 -26.74 25.45
C VAL N 186 -17.50 -25.33 26.02
N SER N 187 -16.48 -24.94 26.76
CA SER N 187 -16.43 -23.62 27.38
C SER N 187 -15.31 -22.82 26.74
N TYR N 188 -15.36 -21.49 26.85
CA TYR N 188 -14.34 -20.65 26.25
C TYR N 188 -13.65 -19.60 27.09
N ASP N 189 -12.45 -19.24 26.64
CA ASP N 189 -11.61 -18.22 27.25
C ASP N 189 -12.11 -16.92 26.69
N VAL N 190 -11.23 -15.93 26.72
CA VAL N 190 -11.54 -14.62 26.16
C VAL N 190 -10.49 -14.45 25.07
N VAL N 191 -9.36 -15.09 25.29
CA VAL N 191 -8.25 -15.08 24.33
C VAL N 191 -8.54 -16.19 23.30
N GLY N 192 -9.74 -16.74 23.40
CA GLY N 192 -10.18 -17.79 22.49
C GLY N 192 -9.81 -19.24 22.80
N GLY N 193 -9.79 -19.62 24.08
CA GLY N 193 -9.46 -21.00 24.41
C GLY N 193 -10.68 -21.91 24.28
N ARG N 194 -10.43 -23.18 24.00
CA ARG N 194 -11.49 -24.17 23.84
C ARG N 194 -11.32 -25.22 24.95
N TYR N 195 -12.38 -25.44 25.74
CA TYR N 195 -12.29 -26.40 26.83
C TYR N 195 -13.44 -27.40 26.90
N GLU N 196 -13.10 -28.66 27.21
CA GLU N 196 -14.11 -29.70 27.33
C GLU N 196 -14.71 -29.75 28.71
N GLU N 197 -16.02 -29.93 28.80
CA GLU N 197 -16.72 -30.01 30.07
C GLU N 197 -16.16 -31.14 30.94
N ARG N 198 -16.44 -32.37 30.53
CA ARG N 198 -15.98 -33.57 31.23
C ARG N 198 -16.44 -33.67 32.67
N ALA N 199 -17.66 -33.21 32.92
CA ALA N 199 -18.27 -33.21 34.25
C ALA N 199 -19.76 -32.97 34.14
N GLY N 200 -20.34 -33.29 32.99
CA GLY N 200 -21.77 -33.14 32.80
C GLY N 200 -22.46 -31.77 32.88
N TYR N 201 -21.79 -30.78 33.45
CA TYR N 201 -22.44 -29.50 33.52
C TYR N 201 -21.47 -28.36 33.57
N HIS N 202 -22.00 -27.18 33.29
CA HIS N 202 -21.18 -26.00 33.30
C HIS N 202 -22.07 -24.79 33.15
N ALA N 203 -21.49 -23.63 33.38
CA ALA N 203 -22.23 -22.40 33.28
C ALA N 203 -21.31 -21.21 33.05
N VAL N 204 -21.89 -20.12 32.55
CA VAL N 204 -21.16 -18.90 32.28
C VAL N 204 -22.09 -17.75 32.56
N GLY N 205 -21.51 -16.66 33.06
CA GLY N 205 -22.30 -15.50 33.37
C GLY N 205 -22.03 -15.05 34.79
N SER N 206 -22.72 -14.02 35.22
CA SER N 206 -22.55 -13.50 36.57
C SER N 206 -22.84 -14.54 37.68
N GLY N 207 -24.00 -15.18 37.61
CA GLY N 207 -24.37 -16.16 38.62
C GLY N 207 -23.90 -17.56 38.30
N SER N 208 -22.90 -17.68 37.43
CA SER N 208 -22.37 -18.98 37.06
C SER N 208 -21.71 -19.66 38.27
N LEU N 209 -20.99 -18.90 39.08
CA LEU N 209 -20.34 -19.51 40.25
C LEU N 209 -21.43 -20.10 41.13
N ALA N 210 -22.54 -19.40 41.20
CA ALA N 210 -23.66 -19.85 42.00
C ALA N 210 -24.23 -21.13 41.41
N ALA N 211 -24.73 -20.99 40.19
CA ALA N 211 -25.31 -22.11 39.49
C ALA N 211 -24.40 -23.32 39.52
N LYS N 212 -23.14 -23.14 39.16
CA LYS N 212 -22.17 -24.25 39.17
C LYS N 212 -22.12 -25.01 40.50
N SER N 213 -22.29 -24.29 41.61
CA SER N 213 -22.27 -24.90 42.93
C SER N 213 -23.56 -25.63 43.22
N ALA N 214 -24.67 -25.00 42.82
CA ALA N 214 -25.98 -25.61 43.02
C ALA N 214 -26.01 -26.96 42.28
N LEU N 215 -25.48 -27.00 41.07
CA LEU N 215 -25.42 -28.26 40.35
C LEU N 215 -24.43 -29.25 41.00
N LYS N 216 -23.41 -28.73 41.66
CA LYS N 216 -22.43 -29.61 42.29
C LYS N 216 -23.14 -30.50 43.31
N LYS N 217 -24.39 -30.17 43.60
CA LYS N 217 -25.20 -30.94 44.54
C LYS N 217 -26.42 -31.57 43.84
N ILE N 218 -27.27 -30.71 43.29
CA ILE N 218 -28.51 -31.11 42.61
C ILE N 218 -28.39 -31.78 41.25
N TYR N 219 -27.20 -32.26 40.92
CA TYR N 219 -27.03 -32.90 39.63
C TYR N 219 -26.33 -34.24 39.71
N SER N 220 -26.86 -35.20 38.94
CA SER N 220 -26.34 -36.55 38.88
C SER N 220 -26.29 -37.01 37.42
N PRO N 221 -25.23 -37.73 37.04
CA PRO N 221 -25.00 -38.27 35.70
C PRO N 221 -26.26 -38.77 34.98
N ASP N 222 -26.04 -39.63 33.98
CA ASP N 222 -27.10 -40.20 33.16
C ASP N 222 -28.48 -40.03 33.79
N SER N 223 -29.26 -39.13 33.22
CA SER N 223 -30.61 -38.85 33.71
C SER N 223 -31.63 -38.40 32.63
N ASP N 224 -32.89 -38.27 33.06
CA ASP N 224 -33.97 -37.87 32.17
C ASP N 224 -33.71 -36.53 31.54
N GLU N 225 -34.35 -36.29 30.41
CA GLU N 225 -34.23 -35.02 29.76
C GLU N 225 -35.32 -34.19 30.42
N GLU N 226 -35.75 -34.65 31.60
CA GLU N 226 -36.77 -33.98 32.38
C GLU N 226 -36.12 -33.64 33.71
N THR N 227 -35.27 -34.56 34.17
CA THR N 227 -34.53 -34.40 35.42
C THR N 227 -33.52 -33.28 35.26
N ALA N 228 -32.76 -33.35 34.17
CA ALA N 228 -31.74 -32.36 33.89
C ALA N 228 -32.42 -31.01 33.59
N LEU N 229 -33.48 -31.00 32.80
CA LEU N 229 -34.13 -29.73 32.52
C LEU N 229 -34.63 -29.19 33.85
N ARG N 230 -34.76 -30.09 34.83
CA ARG N 230 -35.20 -29.71 36.16
C ARG N 230 -34.04 -29.07 36.90
N ALA N 231 -32.94 -29.80 37.04
CA ALA N 231 -31.75 -29.31 37.72
C ALA N 231 -31.29 -27.96 37.16
N ALA N 232 -31.51 -27.75 35.88
CA ALA N 232 -31.11 -26.53 35.24
C ALA N 232 -31.95 -25.37 35.74
N ILE N 233 -33.27 -25.49 35.67
CA ILE N 233 -34.13 -24.41 36.14
C ILE N 233 -33.88 -24.15 37.60
N GLU N 234 -33.23 -25.12 38.25
CA GLU N 234 -32.91 -25.04 39.67
C GLU N 234 -31.70 -24.13 39.92
N SER N 235 -30.54 -24.55 39.45
CA SER N 235 -29.34 -23.76 39.64
C SER N 235 -29.54 -22.37 39.07
N LEU N 236 -30.41 -22.27 38.06
CA LEU N 236 -30.72 -21.01 37.43
C LEU N 236 -31.55 -20.18 38.39
N TYR N 237 -32.03 -20.82 39.45
CA TYR N 237 -32.83 -20.13 40.46
C TYR N 237 -31.88 -19.67 41.55
N ASP N 238 -30.98 -20.57 41.94
CA ASP N 238 -30.00 -20.26 42.97
C ASP N 238 -29.04 -19.16 42.49
N ALA N 239 -28.70 -19.17 41.21
CA ALA N 239 -27.80 -18.15 40.69
C ALA N 239 -28.50 -16.82 40.90
N ALA N 240 -29.80 -16.82 40.69
CA ALA N 240 -30.63 -15.61 40.83
C ALA N 240 -30.74 -15.11 42.25
N ASP N 241 -30.53 -16.03 43.19
CA ASP N 241 -30.57 -15.71 44.63
C ASP N 241 -29.34 -14.89 45.05
N ASP N 242 -28.16 -15.39 44.70
CA ASP N 242 -26.89 -14.72 45.01
C ASP N 242 -26.31 -13.91 43.83
N ASP N 243 -27.15 -13.12 43.16
CA ASP N 243 -26.70 -12.30 42.04
C ASP N 243 -27.81 -11.47 41.39
N SER N 244 -27.82 -10.17 41.67
CA SER N 244 -28.83 -9.25 41.13
C SER N 244 -28.76 -9.10 39.63
N ALA N 245 -27.66 -9.58 39.03
CA ALA N 245 -27.44 -9.47 37.59
C ALA N 245 -28.22 -10.52 36.85
N THR N 246 -28.50 -11.63 37.53
CA THR N 246 -29.28 -12.69 36.92
C THR N 246 -30.75 -12.44 37.27
N GLY N 247 -31.32 -13.29 38.11
CA GLY N 247 -32.72 -13.13 38.46
C GLY N 247 -33.55 -14.08 37.63
N GLY N 248 -33.35 -15.38 37.87
CA GLY N 248 -34.05 -16.42 37.15
C GLY N 248 -35.57 -16.39 37.08
N PRO N 249 -36.21 -17.55 37.33
CA PRO N 249 -37.66 -17.69 37.28
C PRO N 249 -38.46 -16.76 38.18
N ASP N 250 -39.24 -15.89 37.55
CA ASP N 250 -40.09 -14.94 38.26
C ASP N 250 -41.55 -15.30 37.95
N LEU N 251 -42.13 -16.13 38.80
CA LEU N 251 -43.50 -16.60 38.64
C LEU N 251 -44.52 -15.45 38.51
N THR N 252 -44.34 -14.41 39.33
CA THR N 252 -45.23 -13.25 39.33
C THR N 252 -45.31 -12.49 38.00
N ARG N 253 -44.17 -12.34 37.33
CA ARG N 253 -44.13 -11.59 36.07
C ARG N 253 -44.33 -12.44 34.83
N GLY N 254 -44.05 -13.73 34.95
CA GLY N 254 -44.20 -14.61 33.81
C GLY N 254 -42.90 -14.72 33.03
N ILE N 255 -41.80 -14.36 33.68
CA ILE N 255 -40.48 -14.42 33.08
C ILE N 255 -39.86 -15.80 33.35
N TYR N 256 -39.77 -16.63 32.31
CA TYR N 256 -39.19 -17.94 32.51
C TYR N 256 -37.95 -18.20 31.66
N PRO N 257 -36.97 -18.91 32.23
CA PRO N 257 -35.69 -19.27 31.62
C PRO N 257 -35.89 -19.90 30.25
N THR N 258 -34.98 -19.61 29.34
CA THR N 258 -35.07 -20.18 28.00
C THR N 258 -34.21 -21.43 27.94
N ALA N 259 -34.75 -22.48 27.34
CA ALA N 259 -34.02 -23.72 27.27
C ALA N 259 -34.05 -24.35 25.89
N VAL N 260 -33.09 -25.25 25.68
CA VAL N 260 -32.92 -25.99 24.43
C VAL N 260 -32.26 -27.35 24.71
N THR N 261 -32.78 -28.39 24.06
CA THR N 261 -32.25 -29.73 24.22
C THR N 261 -31.86 -30.28 22.87
N ILE N 262 -30.71 -30.95 22.86
CA ILE N 262 -30.16 -31.55 21.65
C ILE N 262 -30.00 -33.02 21.94
N THR N 263 -30.37 -33.86 20.98
CA THR N 263 -30.27 -35.31 21.12
C THR N 263 -29.96 -35.96 19.78
N GLN N 264 -30.23 -37.26 19.65
CA GLN N 264 -29.98 -37.97 18.41
C GLN N 264 -30.99 -37.57 17.33
N ALA N 265 -32.00 -36.79 17.74
CA ALA N 265 -33.04 -36.32 16.83
C ALA N 265 -32.74 -34.91 16.36
N GLY N 266 -31.93 -34.21 17.13
CA GLY N 266 -31.57 -32.85 16.80
C GLY N 266 -31.89 -31.93 17.95
N ALA N 267 -31.59 -30.64 17.76
CA ALA N 267 -31.84 -29.67 18.80
C ALA N 267 -33.22 -29.04 18.64
N VAL N 268 -33.94 -28.94 19.76
CA VAL N 268 -35.25 -28.32 19.76
C VAL N 268 -35.40 -27.43 20.99
N HIS N 269 -36.07 -26.30 20.77
CA HIS N 269 -36.32 -25.31 21.81
C HIS N 269 -37.51 -25.70 22.66
N VAL N 270 -37.26 -25.90 23.94
CA VAL N 270 -38.30 -26.29 24.87
C VAL N 270 -39.43 -25.27 24.88
N SER N 271 -40.66 -25.73 25.13
CA SER N 271 -41.84 -24.85 25.14
C SER N 271 -42.01 -24.00 26.40
N GLU N 272 -42.71 -22.89 26.26
CA GLU N 272 -42.94 -21.99 27.37
C GLU N 272 -43.70 -22.70 28.48
N GLU N 273 -44.48 -23.71 28.10
CA GLU N 273 -45.24 -24.47 29.09
C GLU N 273 -44.34 -25.42 29.87
N THR N 274 -43.59 -26.25 29.14
CA THR N 274 -42.69 -27.23 29.75
C THR N 274 -41.73 -26.55 30.74
N THR N 275 -41.63 -25.23 30.70
CA THR N 275 -40.73 -24.52 31.60
C THR N 275 -41.45 -24.00 32.83
N SER N 276 -42.53 -23.25 32.64
CA SER N 276 -43.28 -22.70 33.76
C SER N 276 -43.87 -23.76 34.71
N GLU N 277 -44.58 -24.73 34.15
CA GLU N 277 -45.17 -25.79 34.98
C GLU N 277 -44.01 -26.64 35.52
N LEU N 278 -42.79 -26.24 35.19
CA LEU N 278 -41.59 -26.95 35.61
C LEU N 278 -40.90 -26.19 36.73
N ALA N 279 -40.94 -24.86 36.64
CA ALA N 279 -40.32 -23.99 37.64
C ALA N 279 -41.24 -23.89 38.84
N ARG N 280 -42.54 -24.11 38.60
CA ARG N 280 -43.54 -24.08 39.65
C ARG N 280 -43.27 -25.30 40.56
N ARG N 281 -42.89 -26.40 39.92
CA ARG N 281 -42.58 -27.66 40.59
C ARG N 281 -41.34 -27.45 41.44
N ILE N 282 -40.36 -26.77 40.87
CA ILE N 282 -39.10 -26.47 41.54
C ILE N 282 -39.35 -25.71 42.86
N VAL N 283 -40.13 -24.64 42.78
CA VAL N 283 -40.44 -23.81 43.94
C VAL N 283 -41.00 -24.67 45.10
N ALA N 284 -40.17 -24.85 46.12
CA ALA N 284 -40.54 -25.64 47.30
C ALA N 284 -40.87 -27.09 46.93
#